data_8R04
#
_entry.id   8R04
#
_cell.length_a   96.970
_cell.length_b   154.350
_cell.length_c   109.710
_cell.angle_alpha   90.00
_cell.angle_beta   91.64
_cell.angle_gamma   90.00
#
_symmetry.space_group_name_H-M   'P 1 21 1'
#
loop_
_entity.id
_entity.type
_entity.pdbx_description
1 polymer 'ATP-dependent Clp protease proteolytic subunit'
2 non-polymer 'Cystargolide A (bound)'
3 water water
#
_entity_poly.entity_id   1
_entity_poly.type   'polypeptide(L)'
_entity_poly.pdbx_seq_one_letter_code
;GSNHKEILDQLVPIVIEQTPRGERAYDIYSRLLQDRIVLLGSPIDDHVANLIVAQLLFLESQDPDKDIYLYINSPGGSVT
AGLAIYDTMQYIKPDVVTICMGQAASMGAILLAAGAPGKRYALPHSRIMIHQPLGGIQGQATDIIIHAEEIKRIKEMLID
ILAKHTGQPKDKIANDIERDYFMSPYEAKDYGLIDKVIEKRE
;
_entity_poly.pdbx_strand_id   A,B,C,D,E,F,G,H,I,J,K,L,M,N
#
loop_
_chem_comp.id
_chem_comp.type
_chem_comp.name
_chem_comp.formula
VSZ non-polymer 'Cystargolide A (bound)' 'C18 H32 N2 O6'
#
# COMPACT_ATOMS: atom_id res chain seq x y z
N VAL A 12 23.93 -17.38 -14.87
CA VAL A 12 24.94 -18.34 -14.32
C VAL A 12 25.43 -19.24 -15.47
N PRO A 13 26.59 -18.92 -16.09
CA PRO A 13 27.08 -19.67 -17.27
C PRO A 13 27.39 -21.15 -17.03
N ILE A 14 27.59 -21.89 -18.11
CA ILE A 14 27.78 -23.36 -17.96
C ILE A 14 28.99 -23.80 -18.80
N VAL A 15 29.71 -24.79 -18.29
CA VAL A 15 30.94 -25.38 -18.89
C VAL A 15 30.72 -26.88 -19.08
N TYR A 26 28.19 -28.48 -15.82
CA TYR A 26 28.72 -27.64 -14.73
C TYR A 26 28.35 -26.17 -14.98
N ASP A 27 27.82 -25.48 -13.96
CA ASP A 27 27.78 -24.00 -13.90
C ASP A 27 29.17 -23.49 -13.44
N ILE A 28 29.44 -22.19 -13.58
CA ILE A 28 30.80 -21.59 -13.38
C ILE A 28 31.25 -21.85 -11.93
N TYR A 29 30.36 -21.68 -10.94
CA TYR A 29 30.67 -21.88 -9.50
C TYR A 29 31.01 -23.35 -9.26
N SER A 30 30.26 -24.27 -9.87
CA SER A 30 30.47 -25.74 -9.74
C SER A 30 31.81 -26.13 -10.37
N ARG A 31 32.19 -25.45 -11.46
CA ARG A 31 33.50 -25.68 -12.14
C ARG A 31 34.64 -25.22 -11.20
N LEU A 32 34.52 -24.05 -10.59
CA LEU A 32 35.55 -23.51 -9.66
C LEU A 32 35.61 -24.41 -8.41
N LEU A 33 34.49 -25.01 -8.00
CA LEU A 33 34.43 -25.92 -6.83
C LEU A 33 35.34 -27.14 -7.07
N GLN A 34 35.51 -27.57 -8.33
CA GLN A 34 36.44 -28.68 -8.69
C GLN A 34 37.88 -28.30 -8.31
N ASP A 35 38.24 -27.02 -8.39
CA ASP A 35 39.58 -26.48 -8.01
C ASP A 35 39.58 -26.08 -6.53
N ARG A 36 38.54 -26.46 -5.78
CA ARG A 36 38.43 -26.24 -4.32
C ARG A 36 38.28 -24.74 -4.04
N ILE A 37 37.68 -24.00 -4.96
CA ILE A 37 37.35 -22.54 -4.80
C ILE A 37 35.88 -22.42 -4.36
N VAL A 38 35.66 -21.74 -3.23
CA VAL A 38 34.32 -21.39 -2.66
C VAL A 38 34.20 -19.86 -2.62
N LEU A 39 33.08 -19.32 -3.12
CA LEU A 39 32.78 -17.87 -3.15
C LEU A 39 31.74 -17.54 -2.08
N LEU A 40 32.12 -16.75 -1.07
CA LEU A 40 31.18 -16.08 -0.14
C LEU A 40 31.09 -14.61 -0.57
N GLY A 41 30.09 -14.31 -1.41
CA GLY A 41 29.93 -13.02 -2.09
C GLY A 41 28.57 -12.40 -1.83
N SER A 42 28.04 -12.54 -0.62
CA SER A 42 26.71 -12.00 -0.27
C SER A 42 26.64 -11.72 1.23
N PRO A 43 25.59 -11.01 1.70
CA PRO A 43 25.27 -10.96 3.11
C PRO A 43 25.14 -12.38 3.67
N ILE A 44 25.49 -12.60 4.94
CA ILE A 44 25.49 -13.94 5.59
C ILE A 44 24.17 -14.10 6.34
N ASP A 45 23.30 -14.99 5.84
CA ASP A 45 22.08 -15.46 6.56
C ASP A 45 22.17 -16.99 6.68
N ASP A 46 21.17 -17.63 7.27
CA ASP A 46 21.18 -19.10 7.51
C ASP A 46 21.32 -19.84 6.16
N HIS A 47 20.63 -19.38 5.11
CA HIS A 47 20.68 -19.98 3.76
C HIS A 47 22.12 -19.98 3.22
N VAL A 48 22.80 -18.84 3.28
CA VAL A 48 24.21 -18.70 2.82
C VAL A 48 25.13 -19.60 3.65
N ALA A 49 24.94 -19.64 4.97
CA ALA A 49 25.78 -20.45 5.86
C ALA A 49 25.63 -21.93 5.49
N ASN A 50 24.41 -22.37 5.22
CA ASN A 50 24.19 -23.78 4.82
C ASN A 50 24.96 -24.08 3.54
N LEU A 51 24.91 -23.18 2.59
CA LEU A 51 25.60 -23.39 1.30
C LEU A 51 27.11 -23.44 1.50
N ILE A 52 27.66 -22.51 2.28
CA ILE A 52 29.13 -22.48 2.54
C ILE A 52 29.55 -23.72 3.32
N VAL A 53 28.81 -24.06 4.37
CA VAL A 53 29.12 -25.24 5.21
C VAL A 53 29.07 -26.50 4.34
N ALA A 54 28.05 -26.63 3.50
CA ALA A 54 27.90 -27.77 2.58
C ALA A 54 29.14 -27.89 1.69
N GLN A 55 29.62 -26.79 1.10
CA GLN A 55 30.81 -26.80 0.19
C GLN A 55 32.07 -27.19 0.98
N LEU A 56 32.24 -26.68 2.21
CA LEU A 56 33.43 -27.02 3.04
C LEU A 56 33.42 -28.52 3.36
N LEU A 57 32.29 -29.07 3.82
CA LEU A 57 32.20 -30.52 4.18
C LEU A 57 32.44 -31.38 2.93
N PHE A 58 31.86 -31.00 1.78
CA PHE A 58 32.04 -31.72 0.50
C PHE A 58 33.53 -31.75 0.12
N LEU A 59 34.23 -30.62 0.20
CA LEU A 59 35.65 -30.53 -0.21
C LEU A 59 36.52 -31.33 0.77
N GLU A 60 36.18 -31.35 2.05
CA GLU A 60 36.89 -32.17 3.07
C GLU A 60 36.76 -33.65 2.72
N SER A 61 35.57 -34.10 2.33
CA SER A 61 35.26 -35.53 2.02
C SER A 61 35.92 -35.94 0.69
N GLN A 62 36.07 -35.01 -0.26
CA GLN A 62 36.82 -35.25 -1.52
C GLN A 62 38.30 -35.47 -1.20
N ASP A 63 38.89 -34.63 -0.34
CA ASP A 63 40.33 -34.67 -0.01
C ASP A 63 40.58 -33.88 1.28
N PRO A 64 40.76 -34.57 2.42
CA PRO A 64 40.92 -33.89 3.72
C PRO A 64 42.27 -33.18 3.93
N ASP A 65 43.22 -33.31 3.00
CA ASP A 65 44.62 -32.81 3.15
C ASP A 65 44.84 -31.54 2.32
N LYS A 66 44.06 -31.30 1.27
CA LYS A 66 44.30 -30.19 0.30
C LYS A 66 43.59 -28.90 0.77
N ASP A 67 44.25 -27.77 0.54
CA ASP A 67 43.77 -26.41 0.88
C ASP A 67 42.43 -26.14 0.16
N ILE A 68 41.53 -25.46 0.86
CA ILE A 68 40.30 -24.84 0.29
C ILE A 68 40.56 -23.33 0.18
N TYR A 69 40.13 -22.71 -0.93
CA TYR A 69 40.26 -21.25 -1.18
C TYR A 69 38.87 -20.61 -1.03
N LEU A 70 38.67 -19.86 0.05
CA LEU A 70 37.42 -19.16 0.37
C LEU A 70 37.59 -17.67 0.05
N TYR A 71 37.04 -17.22 -1.08
CA TYR A 71 36.98 -15.79 -1.46
C TYR A 71 35.85 -15.16 -0.65
N ILE A 72 36.10 -14.00 -0.04
CA ILE A 72 35.13 -13.30 0.83
C ILE A 72 34.92 -11.89 0.26
N ASN A 73 33.69 -11.62 -0.15
CA ASN A 73 33.15 -10.27 -0.44
C ASN A 73 31.80 -10.15 0.24
N SER A 74 31.76 -9.70 1.49
CA SER A 74 30.56 -9.73 2.34
C SER A 74 30.54 -8.54 3.28
N PRO A 75 29.37 -7.88 3.47
CA PRO A 75 29.19 -6.87 4.52
C PRO A 75 28.87 -7.51 5.89
N GLY A 76 28.80 -8.83 5.93
CA GLY A 76 28.45 -9.60 7.14
C GLY A 76 26.98 -9.92 7.16
N GLY A 77 26.36 -9.92 8.34
CA GLY A 77 24.95 -10.32 8.52
C GLY A 77 24.75 -11.01 9.86
N SER A 78 24.08 -12.16 9.86
CA SER A 78 23.67 -12.90 11.08
C SER A 78 24.91 -13.41 11.82
N VAL A 79 25.02 -13.09 13.10
CA VAL A 79 26.14 -13.55 13.97
C VAL A 79 26.13 -15.08 14.03
N THR A 80 24.98 -15.72 14.27
CA THR A 80 24.90 -17.19 14.46
C THR A 80 25.18 -17.89 13.11
N ALA A 81 24.71 -17.36 11.99
CA ALA A 81 24.98 -17.93 10.65
C ALA A 81 26.49 -17.86 10.39
N GLY A 82 27.10 -16.71 10.73
CA GLY A 82 28.54 -16.46 10.65
C GLY A 82 29.33 -17.47 11.47
N LEU A 83 28.89 -17.76 12.70
CA LEU A 83 29.62 -18.66 13.63
C LEU A 83 29.45 -20.13 13.23
N ALA A 84 28.35 -20.48 12.53
CA ALA A 84 28.21 -21.81 11.88
C ALA A 84 29.34 -22.00 10.86
N ILE A 85 29.65 -20.97 10.05
CA ILE A 85 30.75 -21.00 9.04
C ILE A 85 32.10 -21.06 9.78
N TYR A 86 32.28 -20.16 10.74
CA TYR A 86 33.55 -20.08 11.52
C TYR A 86 33.92 -21.45 12.10
N ASP A 87 33.00 -22.08 12.81
CA ASP A 87 33.26 -23.36 13.54
C ASP A 87 33.56 -24.46 12.53
N THR A 88 32.85 -24.49 11.39
CA THR A 88 33.08 -25.46 10.29
C THR A 88 34.50 -25.26 9.74
N MET A 89 34.93 -24.00 9.53
CA MET A 89 36.29 -23.65 9.03
C MET A 89 37.36 -24.21 9.98
N GLN A 90 37.12 -24.14 11.30
CA GLN A 90 38.10 -24.60 12.32
C GLN A 90 38.05 -26.13 12.44
N TYR A 91 36.87 -26.74 12.27
CA TYR A 91 36.61 -28.17 12.58
C TYR A 91 37.20 -29.08 11.49
N ILE A 92 37.01 -28.74 10.21
CA ILE A 92 37.42 -29.59 9.05
C ILE A 92 38.95 -29.72 9.02
N LYS A 93 39.48 -30.81 8.45
CA LYS A 93 40.94 -31.08 8.39
C LYS A 93 41.64 -30.09 7.47
N PRO A 94 41.11 -29.80 6.25
CA PRO A 94 41.79 -28.89 5.34
C PRO A 94 42.03 -27.49 5.94
N ASP A 95 43.18 -26.90 5.62
CA ASP A 95 43.45 -25.45 5.81
C ASP A 95 42.48 -24.68 4.91
N VAL A 96 41.80 -23.67 5.45
CA VAL A 96 40.97 -22.75 4.65
C VAL A 96 41.76 -21.47 4.42
N VAL A 97 42.17 -21.26 3.17
CA VAL A 97 42.82 -20.01 2.69
C VAL A 97 41.68 -19.01 2.50
N THR A 98 41.82 -17.80 3.07
CA THR A 98 40.81 -16.72 2.95
C THR A 98 41.40 -15.62 2.07
N ILE A 99 40.62 -15.13 1.11
CA ILE A 99 40.99 -14.03 0.19
C ILE A 99 39.87 -12.99 0.21
N CYS A 100 40.17 -11.80 0.74
CA CYS A 100 39.26 -10.64 0.75
C CYS A 100 39.31 -9.96 -0.62
N MET A 101 38.16 -9.89 -1.31
CA MET A 101 38.00 -9.05 -2.52
C MET A 101 36.78 -8.16 -2.33
N GLY A 102 36.89 -6.87 -2.63
CA GLY A 102 35.82 -5.88 -2.41
C GLY A 102 35.78 -5.46 -0.95
N GLN A 103 35.13 -6.25 -0.10
CA GLN A 103 35.14 -5.97 1.36
C GLN A 103 34.89 -7.23 2.18
N ALA A 104 35.33 -7.15 3.42
CA ALA A 104 35.09 -8.15 4.49
C ALA A 104 34.76 -7.31 5.73
N ALA A 105 33.47 -7.08 5.95
CA ALA A 105 33.02 -6.28 7.09
C ALA A 105 32.23 -7.12 8.08
N SER A 106 32.25 -6.72 9.35
CA SER A 106 31.56 -7.34 10.43
C SER A 106 31.89 -8.82 10.47
N MET A 107 30.90 -9.69 10.31
CA MET A 107 31.14 -11.17 10.30
C MET A 107 32.06 -11.56 9.13
N GLY A 108 31.99 -10.87 8.00
CA GLY A 108 32.93 -11.12 6.88
C GLY A 108 34.38 -10.99 7.35
N ALA A 109 34.69 -9.97 8.14
CA ALA A 109 36.06 -9.74 8.67
C ALA A 109 36.46 -10.88 9.60
N ILE A 110 35.55 -11.35 10.44
CA ILE A 110 35.85 -12.46 11.38
C ILE A 110 36.20 -13.73 10.58
N LEU A 111 35.46 -14.02 9.53
CA LEU A 111 35.72 -15.22 8.68
C LEU A 111 37.07 -15.06 7.94
N LEU A 112 37.37 -13.87 7.42
CA LEU A 112 38.70 -13.56 6.81
C LEU A 112 39.82 -13.84 7.82
N ALA A 113 39.67 -13.36 9.06
CA ALA A 113 40.68 -13.46 10.14
C ALA A 113 40.80 -14.91 10.62
N ALA A 114 39.76 -15.71 10.38
CA ALA A 114 39.66 -17.12 10.85
C ALA A 114 40.35 -18.07 9.88
N GLY A 115 40.89 -17.58 8.75
CA GLY A 115 41.63 -18.42 7.79
C GLY A 115 42.84 -19.07 8.45
N ALA A 116 43.38 -20.13 7.84
CA ALA A 116 44.58 -20.85 8.31
C ALA A 116 45.71 -19.83 8.54
N PRO A 117 46.46 -19.91 9.67
CA PRO A 117 47.55 -18.96 9.93
C PRO A 117 48.53 -18.91 8.75
N GLY A 118 48.92 -17.71 8.32
CA GLY A 118 49.85 -17.50 7.18
C GLY A 118 49.17 -17.59 5.82
N LYS A 119 47.87 -17.88 5.77
CA LYS A 119 47.13 -18.07 4.49
C LYS A 119 45.88 -17.17 4.45
N ARG A 120 45.96 -15.98 5.05
CA ARG A 120 44.87 -14.97 5.00
C ARG A 120 45.32 -13.81 4.10
N TYR A 121 44.62 -13.60 2.99
CA TYR A 121 45.03 -12.65 1.91
C TYR A 121 43.94 -11.59 1.73
N ALA A 122 44.33 -10.39 1.28
CA ALA A 122 43.41 -9.33 0.78
C ALA A 122 43.99 -8.76 -0.52
N LEU A 123 43.13 -8.48 -1.48
CA LEU A 123 43.51 -7.74 -2.71
C LEU A 123 43.70 -6.27 -2.33
N PRO A 124 44.52 -5.49 -3.06
CA PRO A 124 45.01 -4.20 -2.56
C PRO A 124 43.98 -3.07 -2.40
N HIS A 125 42.84 -3.10 -3.09
CA HIS A 125 41.80 -2.05 -3.00
C HIS A 125 40.56 -2.58 -2.28
N SER A 126 40.68 -3.71 -1.58
CA SER A 126 39.60 -4.27 -0.73
C SER A 126 39.56 -3.46 0.57
N ARG A 127 38.50 -3.55 1.34
CA ARG A 127 38.47 -2.90 2.67
C ARG A 127 37.94 -3.87 3.70
N ILE A 128 38.44 -3.75 4.92
CA ILE A 128 38.13 -4.65 6.05
C ILE A 128 37.54 -3.75 7.15
N MET A 129 36.47 -4.20 7.80
CA MET A 129 35.83 -3.41 8.89
C MET A 129 35.41 -4.38 9.99
N ILE A 130 35.71 -4.03 11.25
CA ILE A 130 35.22 -4.77 12.45
C ILE A 130 34.34 -3.81 13.26
N HIS A 131 33.30 -4.34 13.89
CA HIS A 131 32.42 -3.60 14.85
C HIS A 131 31.66 -4.58 15.75
N GLN A 132 31.15 -4.05 16.86
CA GLN A 132 30.39 -4.83 17.87
C GLN A 132 29.06 -5.24 17.26
N PRO A 133 28.42 -6.30 17.77
CA PRO A 133 27.14 -6.75 17.24
C PRO A 133 26.04 -5.72 17.53
N LEU A 134 25.01 -5.74 16.67
CA LEU A 134 23.74 -4.99 16.83
C LEU A 134 22.65 -5.99 17.19
N GLY A 135 21.59 -5.51 17.83
CA GLY A 135 20.46 -6.35 18.24
C GLY A 135 19.15 -5.59 18.24
N GLY A 136 18.07 -6.31 18.48
CA GLY A 136 16.72 -5.77 18.64
C GLY A 136 15.96 -6.64 19.61
N ILE A 137 15.36 -6.03 20.62
CA ILE A 137 14.53 -6.74 21.63
C ILE A 137 13.36 -5.82 21.98
N GLN A 138 12.16 -6.38 21.99
CA GLN A 138 10.91 -5.73 22.49
C GLN A 138 10.25 -6.70 23.47
N GLY A 139 9.65 -6.17 24.53
CA GLY A 139 8.82 -6.96 25.46
C GLY A 139 9.01 -6.51 26.90
N GLN A 140 8.76 -7.40 27.85
CA GLN A 140 8.81 -7.12 29.30
C GLN A 140 10.25 -6.78 29.67
N ALA A 141 10.42 -5.92 30.67
CA ALA A 141 11.73 -5.55 31.27
C ALA A 141 12.54 -6.81 31.55
N THR A 142 11.93 -7.85 32.13
CA THR A 142 12.60 -9.14 32.44
C THR A 142 13.24 -9.70 31.15
N ASP A 143 12.48 -9.74 30.06
CA ASP A 143 12.92 -10.31 28.76
C ASP A 143 14.02 -9.44 28.16
N ILE A 144 13.89 -8.11 28.23
CA ILE A 144 14.91 -7.15 27.71
C ILE A 144 16.25 -7.42 28.41
N ILE A 145 16.23 -7.58 29.73
CA ILE A 145 17.46 -7.79 30.55
C ILE A 145 18.11 -9.13 30.18
N ILE A 146 17.31 -10.20 30.02
CA ILE A 146 17.81 -11.54 29.61
C ILE A 146 18.53 -11.42 28.26
N HIS A 147 17.92 -10.72 27.30
CA HIS A 147 18.47 -10.59 25.92
C HIS A 147 19.68 -9.64 25.91
N ALA A 148 19.69 -8.60 26.75
CA ALA A 148 20.89 -7.74 26.96
C ALA A 148 22.07 -8.58 27.49
N GLU A 149 21.78 -9.52 28.39
CA GLU A 149 22.77 -10.47 28.97
C GLU A 149 23.32 -11.37 27.85
N GLU A 150 22.46 -11.83 26.94
CA GLU A 150 22.86 -12.73 25.83
C GLU A 150 23.69 -11.94 24.82
N ILE A 151 23.30 -10.71 24.44
CA ILE A 151 24.10 -9.95 23.44
C ILE A 151 25.47 -9.61 24.06
N LYS A 152 25.54 -9.35 25.37
CA LYS A 152 26.83 -9.11 26.08
C LYS A 152 27.71 -10.36 25.97
N ARG A 153 27.14 -11.56 26.18
CA ARG A 153 27.86 -12.86 26.03
C ARG A 153 28.36 -13.01 24.58
N ILE A 154 27.52 -12.70 23.58
CA ILE A 154 27.88 -12.84 22.13
C ILE A 154 29.03 -11.88 21.81
N LYS A 155 28.94 -10.64 22.27
CA LYS A 155 29.98 -9.60 22.04
C LYS A 155 31.31 -10.08 22.63
N GLU A 156 31.31 -10.59 23.87
CA GLU A 156 32.54 -11.09 24.55
C GLU A 156 33.14 -12.25 23.72
N MET A 157 32.29 -13.09 23.13
CA MET A 157 32.72 -14.26 22.33
C MET A 157 33.37 -13.77 21.03
N LEU A 158 32.81 -12.76 20.36
CA LEU A 158 33.41 -12.20 19.11
C LEU A 158 34.76 -11.54 19.45
N ILE A 159 34.86 -10.85 20.59
CA ILE A 159 36.14 -10.25 21.08
C ILE A 159 37.17 -11.39 21.24
N ASP A 160 36.78 -12.49 21.89
CA ASP A 160 37.67 -13.66 22.11
C ASP A 160 38.15 -14.23 20.78
N ILE A 161 37.27 -14.37 19.78
CA ILE A 161 37.65 -14.95 18.46
C ILE A 161 38.64 -14.00 17.78
N LEU A 162 38.33 -12.71 17.72
CA LEU A 162 39.24 -11.71 17.10
C LEU A 162 40.60 -11.71 17.81
N ALA A 163 40.64 -11.78 19.15
CA ALA A 163 41.89 -11.83 19.94
C ALA A 163 42.73 -13.05 19.52
N LYS A 164 42.10 -14.22 19.46
CA LYS A 164 42.79 -15.50 19.17
C LYS A 164 43.45 -15.42 17.78
N HIS A 165 42.75 -14.89 16.77
CA HIS A 165 43.22 -14.97 15.36
C HIS A 165 44.15 -13.80 15.03
N THR A 166 44.00 -12.64 15.67
CA THR A 166 44.86 -11.44 15.42
C THR A 166 46.11 -11.46 16.30
N GLY A 167 46.02 -12.06 17.50
CA GLY A 167 47.08 -12.00 18.52
C GLY A 167 47.02 -10.73 19.35
N GLN A 168 46.03 -9.85 19.13
CA GLN A 168 45.85 -8.61 19.93
C GLN A 168 45.22 -8.97 21.28
N PRO A 169 45.48 -8.19 22.35
CA PRO A 169 44.82 -8.40 23.64
C PRO A 169 43.32 -8.06 23.55
N LYS A 170 42.50 -8.71 24.37
CA LYS A 170 41.02 -8.55 24.38
C LYS A 170 40.62 -7.09 24.63
N ASP A 171 41.35 -6.37 25.49
CA ASP A 171 40.99 -4.98 25.86
C ASP A 171 41.16 -4.06 24.64
N LYS A 172 42.15 -4.32 23.77
CA LYS A 172 42.36 -3.50 22.55
C LYS A 172 41.23 -3.78 21.56
N ILE A 173 40.90 -5.06 21.33
CA ILE A 173 39.78 -5.48 20.43
C ILE A 173 38.50 -4.78 20.92
N ALA A 174 38.18 -4.91 22.22
CA ALA A 174 36.94 -4.37 22.83
C ALA A 174 36.85 -2.87 22.52
N ASN A 175 37.94 -2.14 22.73
CA ASN A 175 38.00 -0.66 22.51
C ASN A 175 37.74 -0.37 21.02
N ASP A 176 38.40 -1.09 20.12
CA ASP A 176 38.41 -0.80 18.66
C ASP A 176 37.03 -1.04 18.03
N ILE A 177 36.26 -2.03 18.51
CA ILE A 177 34.98 -2.43 17.85
C ILE A 177 33.79 -1.62 18.39
N GLU A 178 33.99 -0.70 19.33
CA GLU A 178 32.88 0.11 19.92
C GLU A 178 32.15 0.87 18.80
N ARG A 179 32.89 1.37 17.80
CA ARG A 179 32.35 2.02 16.58
C ARG A 179 32.95 1.34 15.35
N ASP A 180 32.37 1.56 14.18
CA ASP A 180 32.87 1.04 12.88
C ASP A 180 34.36 1.38 12.75
N TYR A 181 35.18 0.35 12.59
CA TYR A 181 36.66 0.44 12.51
C TYR A 181 37.08 -0.05 11.13
N PHE A 182 37.18 0.88 10.17
CA PHE A 182 37.53 0.61 8.75
C PHE A 182 39.04 0.51 8.63
N MET A 183 39.54 -0.44 7.84
CA MET A 183 40.99 -0.63 7.59
C MET A 183 41.24 -0.86 6.10
N SER A 184 42.33 -0.31 5.57
CA SER A 184 42.93 -0.73 4.29
C SER A 184 43.54 -2.11 4.49
N PRO A 185 43.86 -2.86 3.40
CA PRO A 185 44.54 -4.15 3.57
C PRO A 185 45.83 -4.10 4.40
N TYR A 186 46.63 -3.04 4.25
CA TYR A 186 47.93 -2.90 4.96
C TYR A 186 47.65 -2.60 6.43
N GLU A 187 46.59 -1.85 6.75
CA GLU A 187 46.16 -1.62 8.16
C GLU A 187 45.70 -2.96 8.76
N ALA A 188 44.93 -3.77 8.02
CA ALA A 188 44.43 -5.10 8.48
C ALA A 188 45.62 -6.06 8.72
N LYS A 189 46.65 -6.02 7.86
CA LYS A 189 47.89 -6.81 8.04
C LYS A 189 48.61 -6.39 9.34
N ASP A 190 48.80 -5.09 9.57
CA ASP A 190 49.39 -4.53 10.81
C ASP A 190 48.60 -5.00 12.04
N TYR A 191 47.27 -5.06 11.94
CA TYR A 191 46.35 -5.41 13.06
C TYR A 191 46.43 -6.90 13.37
N GLY A 192 46.66 -7.75 12.36
CA GLY A 192 46.72 -9.22 12.50
C GLY A 192 45.49 -9.91 11.93
N LEU A 193 44.64 -9.19 11.18
CA LEU A 193 43.40 -9.77 10.56
C LEU A 193 43.76 -10.58 9.31
N ILE A 194 44.85 -10.23 8.63
CA ILE A 194 45.37 -10.96 7.43
C ILE A 194 46.89 -11.09 7.57
N ASP A 195 47.50 -11.92 6.71
CA ASP A 195 48.96 -12.18 6.68
C ASP A 195 49.62 -11.46 5.48
N LYS A 196 48.93 -11.35 4.34
CA LYS A 196 49.55 -10.86 3.08
C LYS A 196 48.56 -10.03 2.26
N VAL A 197 49.03 -8.90 1.73
CA VAL A 197 48.36 -8.10 0.67
C VAL A 197 48.89 -8.60 -0.68
N ILE A 198 48.02 -9.10 -1.54
CA ILE A 198 48.41 -9.74 -2.85
C ILE A 198 47.96 -8.81 -3.98
N GLU A 199 48.88 -8.48 -4.89
CA GLU A 199 48.69 -7.49 -6.00
C GLU A 199 48.72 -8.22 -7.35
N LYS A 200 49.79 -8.95 -7.66
CA LYS A 200 49.86 -9.58 -9.01
C LYS A 200 49.82 -11.11 -8.92
N VAL B 12 22.70 -22.97 -5.91
CA VAL B 12 23.01 -24.35 -5.41
C VAL B 12 23.97 -25.06 -6.37
N PRO B 13 25.27 -25.24 -6.01
CA PRO B 13 26.25 -25.84 -6.91
C PRO B 13 25.98 -27.31 -7.28
N ILE B 14 26.63 -27.75 -8.36
CA ILE B 14 26.41 -29.08 -9.02
C ILE B 14 27.72 -29.90 -8.90
N VAL B 15 27.60 -31.23 -8.81
CA VAL B 15 28.74 -32.20 -8.78
C VAL B 15 28.38 -33.39 -9.67
N TYR B 26 24.34 -34.06 -9.55
CA TYR B 26 24.03 -33.90 -8.11
C TYR B 26 24.22 -32.44 -7.68
N ASP B 27 23.19 -31.84 -7.07
CA ASP B 27 23.35 -30.57 -6.30
C ASP B 27 24.15 -30.89 -5.02
N ILE B 28 24.72 -29.89 -4.37
CA ILE B 28 25.67 -30.08 -3.23
C ILE B 28 24.96 -30.84 -2.09
N TYR B 29 23.70 -30.54 -1.80
CA TYR B 29 22.91 -31.15 -0.69
C TYR B 29 22.65 -32.63 -1.00
N SER B 30 22.29 -32.94 -2.24
CA SER B 30 22.06 -34.32 -2.74
C SER B 30 23.35 -35.13 -2.61
N ARG B 31 24.50 -34.50 -2.89
CA ARG B 31 25.83 -35.15 -2.81
C ARG B 31 26.13 -35.49 -1.34
N LEU B 32 25.89 -34.56 -0.40
CA LEU B 32 26.13 -34.82 1.05
C LEU B 32 25.14 -35.88 1.56
N LEU B 33 23.93 -35.91 0.99
CA LEU B 33 22.88 -36.90 1.33
C LEU B 33 23.38 -38.32 1.02
N GLN B 34 24.24 -38.50 0.01
CA GLN B 34 24.87 -39.81 -0.29
C GLN B 34 25.78 -40.25 0.87
N ASP B 35 26.38 -39.30 1.61
CA ASP B 35 27.17 -39.58 2.83
C ASP B 35 26.27 -39.58 4.08
N ARG B 36 24.95 -39.56 3.91
CA ARG B 36 23.94 -39.66 5.00
C ARG B 36 24.01 -38.39 5.87
N ILE B 37 24.32 -37.25 5.25
CA ILE B 37 24.32 -35.92 5.94
C ILE B 37 23.02 -35.21 5.56
N VAL B 38 22.26 -34.75 6.57
CA VAL B 38 21.01 -33.96 6.41
C VAL B 38 21.22 -32.61 7.10
N LEU B 39 20.90 -31.52 6.40
CA LEU B 39 21.01 -30.12 6.91
C LEU B 39 19.62 -29.59 7.27
N LEU B 40 19.36 -29.37 8.56
CA LEU B 40 18.25 -28.51 9.05
C LEU B 40 18.83 -27.13 9.36
N GLY B 41 18.79 -26.22 8.38
CA GLY B 41 19.41 -24.89 8.46
C GLY B 41 18.41 -23.78 8.24
N SER B 42 17.18 -23.93 8.74
CA SER B 42 16.13 -22.89 8.56
C SER B 42 15.14 -22.94 9.73
N PRO B 43 14.25 -21.93 9.84
CA PRO B 43 13.08 -22.04 10.71
C PRO B 43 12.29 -23.29 10.34
N ILE B 44 11.64 -23.92 11.31
CA ILE B 44 10.89 -25.20 11.12
C ILE B 44 9.42 -24.85 10.86
N ASP B 45 8.97 -25.08 9.62
CA ASP B 45 7.54 -25.06 9.25
C ASP B 45 7.20 -26.44 8.65
N ASP B 46 5.96 -26.65 8.26
CA ASP B 46 5.48 -27.95 7.73
C ASP B 46 6.30 -28.32 6.48
N HIS B 47 6.64 -27.36 5.61
CA HIS B 47 7.41 -27.59 4.36
C HIS B 47 8.80 -28.15 4.70
N VAL B 48 9.48 -27.53 5.67
CA VAL B 48 10.83 -27.95 6.14
C VAL B 48 10.72 -29.34 6.76
N ALA B 49 9.71 -29.57 7.62
CA ALA B 49 9.48 -30.84 8.33
C ALA B 49 9.30 -31.99 7.33
N ASN B 50 8.50 -31.80 6.28
CA ASN B 50 8.30 -32.81 5.20
C ASN B 50 9.64 -33.13 4.52
N LEU B 51 10.44 -32.12 4.23
CA LEU B 51 11.73 -32.30 3.53
C LEU B 51 12.66 -33.13 4.42
N ILE B 52 12.74 -32.80 5.71
CA ILE B 52 13.62 -33.51 6.70
C ILE B 52 13.12 -34.96 6.87
N VAL B 53 11.81 -35.15 7.07
CA VAL B 53 11.21 -36.50 7.24
C VAL B 53 11.51 -37.34 5.99
N ALA B 54 11.30 -36.78 4.79
CA ALA B 54 11.51 -37.49 3.52
C ALA B 54 12.95 -37.98 3.44
N GLN B 55 13.92 -37.14 3.82
CA GLN B 55 15.37 -37.47 3.77
C GLN B 55 15.69 -38.57 4.79
N LEU B 56 15.11 -38.51 5.99
CA LEU B 56 15.30 -39.53 7.05
C LEU B 56 14.72 -40.88 6.59
N LEU B 57 13.52 -40.88 6.01
CA LEU B 57 12.84 -42.12 5.51
C LEU B 57 13.62 -42.69 4.32
N PHE B 58 14.09 -41.82 3.42
CA PHE B 58 14.98 -42.19 2.28
C PHE B 58 16.24 -42.89 2.81
N LEU B 59 16.95 -42.28 3.76
CA LEU B 59 18.25 -42.80 4.27
C LEU B 59 18.04 -44.14 5.00
N GLU B 60 16.92 -44.26 5.73
CA GLU B 60 16.54 -45.54 6.38
C GLU B 60 16.39 -46.65 5.33
N SER B 61 15.71 -46.36 4.20
CA SER B 61 15.36 -47.36 3.16
C SER B 61 16.60 -47.71 2.32
N GLN B 62 17.60 -46.82 2.25
CA GLN B 62 18.92 -47.09 1.62
C GLN B 62 19.71 -48.05 2.52
N ASP B 63 19.78 -47.76 3.81
CA ASP B 63 20.50 -48.59 4.81
C ASP B 63 19.92 -48.31 6.19
N PRO B 64 19.12 -49.23 6.77
CA PRO B 64 18.54 -49.02 8.09
C PRO B 64 19.52 -49.07 9.26
N ASP B 65 20.76 -49.53 9.04
CA ASP B 65 21.79 -49.78 10.10
C ASP B 65 22.75 -48.60 10.27
N LYS B 66 23.07 -47.86 9.20
CA LYS B 66 24.13 -46.81 9.26
C LYS B 66 23.58 -45.51 9.86
N ASP B 67 24.38 -44.89 10.74
CA ASP B 67 24.08 -43.60 11.40
C ASP B 67 23.72 -42.56 10.34
N ILE B 68 22.81 -41.65 10.70
CA ILE B 68 22.47 -40.42 9.93
C ILE B 68 23.04 -39.23 10.71
N TYR B 69 23.63 -38.26 10.01
CA TYR B 69 24.23 -37.02 10.59
C TYR B 69 23.31 -35.84 10.27
N LEU B 70 22.62 -35.34 11.30
CA LEU B 70 21.65 -34.21 11.20
C LEU B 70 22.31 -32.97 11.78
N TYR B 71 22.75 -32.06 10.91
CA TYR B 71 23.30 -30.73 11.29
C TYR B 71 22.12 -29.81 11.55
N ILE B 72 22.11 -29.17 12.72
CA ILE B 72 21.00 -28.27 13.15
C ILE B 72 21.55 -26.84 13.29
N ASN B 73 21.04 -25.93 12.45
CA ASN B 73 21.15 -24.46 12.63
C ASN B 73 19.75 -23.87 12.46
N SER B 74 19.01 -23.69 13.56
CA SER B 74 17.57 -23.35 13.51
C SER B 74 17.18 -22.53 14.74
N PRO B 75 16.39 -21.45 14.55
CA PRO B 75 15.77 -20.75 15.67
C PRO B 75 14.50 -21.47 16.16
N GLY B 76 14.13 -22.58 15.52
CA GLY B 76 12.92 -23.35 15.83
C GLY B 76 11.78 -22.97 14.90
N GLY B 77 10.55 -22.93 15.41
CA GLY B 77 9.35 -22.61 14.60
C GLY B 77 8.13 -23.37 15.08
N SER B 78 7.36 -23.95 14.16
CA SER B 78 6.09 -24.65 14.49
C SER B 78 6.39 -25.87 15.36
N VAL B 79 5.67 -26.00 16.48
CA VAL B 79 5.81 -27.12 17.46
C VAL B 79 5.42 -28.43 16.78
N THR B 80 4.28 -28.47 16.08
CA THR B 80 3.76 -29.72 15.47
C THR B 80 4.71 -30.15 14.35
N ALA B 81 5.24 -29.21 13.56
CA ALA B 81 6.21 -29.50 12.49
C ALA B 81 7.46 -30.12 13.13
N GLY B 82 7.93 -29.53 14.24
CA GLY B 82 9.10 -29.99 15.00
C GLY B 82 8.89 -31.39 15.57
N LEU B 83 7.66 -31.70 15.99
CA LEU B 83 7.34 -33.01 16.61
C LEU B 83 7.14 -34.07 15.51
N ALA B 84 6.82 -33.70 14.28
CA ALA B 84 6.86 -34.65 13.13
C ALA B 84 8.30 -35.13 12.93
N ILE B 85 9.28 -34.22 12.99
CA ILE B 85 10.73 -34.55 12.86
C ILE B 85 11.17 -35.35 14.08
N TYR B 86 10.81 -34.89 15.28
CA TYR B 86 11.16 -35.56 16.57
C TYR B 86 10.77 -37.05 16.51
N ASP B 87 9.49 -37.34 16.22
CA ASP B 87 8.95 -38.72 16.26
C ASP B 87 9.62 -39.54 15.14
N THR B 88 9.79 -38.98 13.94
CA THR B 88 10.51 -39.66 12.83
C THR B 88 11.92 -40.04 13.33
N MET B 89 12.66 -39.12 13.94
CA MET B 89 14.04 -39.36 14.46
C MET B 89 14.04 -40.54 15.45
N GLN B 90 13.00 -40.65 16.28
CA GLN B 90 12.93 -41.69 17.35
C GLN B 90 12.64 -43.06 16.74
N TYR B 91 11.80 -43.15 15.69
CA TYR B 91 11.15 -44.43 15.28
C TYR B 91 11.74 -45.00 13.98
N ILE B 92 12.61 -44.29 13.26
CA ILE B 92 13.47 -44.93 12.21
C ILE B 92 14.51 -45.81 12.93
N LYS B 93 15.04 -46.82 12.24
CA LYS B 93 16.03 -47.77 12.80
C LYS B 93 17.37 -47.05 13.01
N PRO B 94 17.90 -46.29 12.02
CA PRO B 94 19.22 -45.66 12.15
C PRO B 94 19.29 -44.72 13.36
N ASP B 95 20.40 -44.76 14.09
CA ASP B 95 20.80 -43.70 15.06
C ASP B 95 20.93 -42.37 14.31
N VAL B 96 20.33 -41.31 14.86
CA VAL B 96 20.48 -39.92 14.34
C VAL B 96 21.48 -39.19 15.25
N VAL B 97 22.67 -38.94 14.72
CA VAL B 97 23.71 -38.05 15.30
C VAL B 97 23.22 -36.61 15.06
N THR B 98 23.18 -35.78 16.10
CA THR B 98 22.81 -34.34 16.00
C THR B 98 24.07 -33.49 16.22
N ILE B 99 24.25 -32.46 15.39
CA ILE B 99 25.41 -31.53 15.50
C ILE B 99 24.85 -30.11 15.44
N CYS B 100 24.95 -29.38 16.54
CA CYS B 100 24.57 -27.95 16.62
C CYS B 100 25.69 -27.10 15.98
N MET B 101 25.38 -26.38 14.90
CA MET B 101 26.24 -25.30 14.36
C MET B 101 25.39 -24.02 14.30
N GLY B 102 25.97 -22.90 14.75
CA GLY B 102 25.28 -21.60 14.81
C GLY B 102 24.38 -21.53 16.02
N GLN B 103 23.17 -22.11 15.93
CA GLN B 103 22.24 -22.17 17.08
C GLN B 103 21.26 -23.34 16.95
N ALA B 104 20.80 -23.80 18.09
CA ALA B 104 19.64 -24.69 18.26
C ALA B 104 18.78 -24.07 19.35
N ALA B 105 17.75 -23.35 18.95
CA ALA B 105 16.87 -22.64 19.88
C ALA B 105 15.44 -23.15 19.72
N SER B 106 14.69 -23.09 20.82
CA SER B 106 13.32 -23.52 20.89
C SER B 106 13.20 -24.99 20.44
N MET B 107 12.45 -25.24 19.36
CA MET B 107 12.29 -26.60 18.81
C MET B 107 13.63 -27.14 18.28
N GLY B 108 14.52 -26.27 17.79
CA GLY B 108 15.85 -26.71 17.36
C GLY B 108 16.60 -27.40 18.48
N ALA B 109 16.48 -26.90 19.71
CA ALA B 109 17.17 -27.44 20.91
C ALA B 109 16.58 -28.80 21.28
N ILE B 110 15.27 -28.96 21.09
CA ILE B 110 14.57 -30.24 21.35
C ILE B 110 15.08 -31.29 20.36
N LEU B 111 15.19 -30.95 19.08
CA LEU B 111 15.70 -31.90 18.06
C LEU B 111 17.18 -32.21 18.34
N LEU B 112 17.98 -31.23 18.76
CA LEU B 112 19.41 -31.43 19.13
C LEU B 112 19.49 -32.46 20.26
N ALA B 113 18.70 -32.27 21.31
CA ALA B 113 18.65 -33.11 22.53
C ALA B 113 18.10 -34.50 22.19
N ALA B 114 17.35 -34.65 21.09
CA ALA B 114 16.60 -35.87 20.74
C ALA B 114 17.47 -36.85 19.94
N GLY B 115 18.73 -36.48 19.63
CA GLY B 115 19.68 -37.37 18.94
C GLY B 115 19.96 -38.65 19.72
N ALA B 116 20.49 -39.67 19.04
CA ALA B 116 20.86 -40.97 19.67
C ALA B 116 21.73 -40.67 20.89
N PRO B 117 21.45 -41.31 22.05
CA PRO B 117 22.24 -41.07 23.26
C PRO B 117 23.76 -41.25 23.05
N GLY B 118 24.56 -40.29 23.51
CA GLY B 118 26.03 -40.29 23.34
C GLY B 118 26.47 -39.68 22.02
N LYS B 119 25.54 -39.38 21.11
CA LYS B 119 25.85 -38.93 19.72
C LYS B 119 25.22 -37.55 19.46
N ARG B 120 25.18 -36.69 20.48
CA ARG B 120 24.64 -35.31 20.37
C ARG B 120 25.79 -34.33 20.60
N TYR B 121 26.13 -33.53 19.58
CA TYR B 121 27.34 -32.69 19.56
C TYR B 121 26.94 -31.22 19.32
N ALA B 122 27.76 -30.31 19.83
CA ALA B 122 27.71 -28.86 19.52
C ALA B 122 29.11 -28.38 19.18
N LEU B 123 29.23 -27.56 18.15
CA LEU B 123 30.49 -26.84 17.83
C LEU B 123 30.66 -25.72 18.86
N PRO B 124 31.91 -25.30 19.16
CA PRO B 124 32.20 -24.56 20.39
C PRO B 124 31.64 -23.12 20.47
N HIS B 125 31.27 -22.49 19.35
CA HIS B 125 30.73 -21.11 19.35
C HIS B 125 29.26 -21.11 18.95
N SER B 126 28.61 -22.28 19.00
CA SER B 126 27.15 -22.42 18.79
C SER B 126 26.45 -21.95 20.07
N ARG B 127 25.16 -21.66 20.01
CA ARG B 127 24.39 -21.41 21.25
C ARG B 127 23.14 -22.27 21.21
N ILE B 128 22.72 -22.73 22.39
CA ILE B 128 21.50 -23.56 22.59
C ILE B 128 20.56 -22.72 23.44
N MET B 129 19.26 -22.74 23.14
CA MET B 129 18.26 -21.98 23.91
C MET B 129 16.97 -22.81 24.02
N ILE B 130 16.43 -22.92 25.23
CA ILE B 130 15.12 -23.55 25.50
C ILE B 130 14.17 -22.49 26.06
N HIS B 131 12.90 -22.55 25.65
CA HIS B 131 11.81 -21.75 26.25
C HIS B 131 10.46 -22.44 26.04
N GLN B 132 9.48 -21.97 26.80
CA GLN B 132 8.08 -22.46 26.72
C GLN B 132 7.49 -22.07 25.37
N PRO B 133 6.47 -22.80 24.89
CA PRO B 133 5.84 -22.47 23.61
C PRO B 133 5.09 -21.14 23.69
N LEU B 134 4.85 -20.57 22.52
CA LEU B 134 4.08 -19.31 22.34
C LEU B 134 2.86 -19.62 21.49
N GLY B 135 1.81 -18.81 21.63
CA GLY B 135 0.53 -19.01 20.96
C GLY B 135 -0.10 -17.69 20.56
N GLY B 136 -1.11 -17.77 19.72
CA GLY B 136 -1.99 -16.67 19.30
C GLY B 136 -3.38 -17.23 19.10
N ILE B 137 -4.39 -16.61 19.71
CA ILE B 137 -5.81 -17.06 19.67
C ILE B 137 -6.71 -15.83 19.78
N GLN B 138 -7.58 -15.64 18.79
CA GLN B 138 -8.63 -14.60 18.78
C GLN B 138 -9.98 -15.31 18.66
N GLY B 139 -11.01 -14.73 19.27
CA GLY B 139 -12.40 -15.19 19.08
C GLY B 139 -13.13 -15.28 20.40
N GLN B 140 -14.14 -16.16 20.46
CA GLN B 140 -15.07 -16.28 21.61
C GLN B 140 -14.29 -16.77 22.83
N ALA B 141 -14.70 -16.33 24.01
CA ALA B 141 -14.16 -16.79 25.31
C ALA B 141 -14.04 -18.32 25.30
N THR B 142 -15.06 -19.05 24.83
CA THR B 142 -15.06 -20.55 24.86
C THR B 142 -13.84 -21.06 24.08
N ASP B 143 -13.56 -20.48 22.90
CA ASP B 143 -12.48 -20.89 21.98
C ASP B 143 -11.12 -20.54 22.58
N ILE B 144 -11.00 -19.37 23.22
CA ILE B 144 -9.74 -18.91 23.87
C ILE B 144 -9.38 -19.92 24.98
N ILE B 145 -10.35 -20.36 25.77
CA ILE B 145 -10.13 -21.28 26.92
C ILE B 145 -9.72 -22.67 26.39
N ILE B 146 -10.33 -23.12 25.29
CA ILE B 146 -10.00 -24.44 24.66
C ILE B 146 -8.54 -24.39 24.19
N HIS B 147 -8.13 -23.31 23.53
CA HIS B 147 -6.76 -23.16 22.97
C HIS B 147 -5.76 -22.93 24.11
N ALA B 148 -6.15 -22.28 25.21
CA ALA B 148 -5.32 -22.17 26.43
C ALA B 148 -5.05 -23.57 27.00
N GLU B 149 -6.08 -24.41 27.05
CA GLU B 149 -5.98 -25.83 27.51
C GLU B 149 -4.99 -26.58 26.61
N GLU B 150 -5.05 -26.36 25.29
CA GLU B 150 -4.21 -27.11 24.31
C GLU B 150 -2.75 -26.67 24.49
N ILE B 151 -2.46 -25.36 24.62
CA ILE B 151 -1.06 -24.89 24.77
C ILE B 151 -0.49 -25.38 26.11
N LYS B 152 -1.32 -25.47 27.16
CA LYS B 152 -0.96 -26.09 28.46
C LYS B 152 -0.51 -27.54 28.23
N ARG B 153 -1.32 -28.33 27.50
CA ARG B 153 -1.01 -29.74 27.16
C ARG B 153 0.31 -29.78 26.37
N ILE B 154 0.48 -28.91 25.36
CA ILE B 154 1.71 -28.91 24.50
C ILE B 154 2.93 -28.61 25.38
N LYS B 155 2.82 -27.61 26.26
CA LYS B 155 3.91 -27.18 27.17
C LYS B 155 4.33 -28.36 28.07
N GLU B 156 3.38 -29.06 28.69
CA GLU B 156 3.64 -30.23 29.57
C GLU B 156 4.36 -31.31 28.76
N MET B 157 3.96 -31.54 27.51
CA MET B 157 4.58 -32.56 26.61
C MET B 157 6.04 -32.18 26.30
N LEU B 158 6.32 -30.91 26.02
CA LEU B 158 7.69 -30.41 25.73
C LEU B 158 8.57 -30.57 26.97
N ILE B 159 8.04 -30.28 28.16
CA ILE B 159 8.74 -30.49 29.46
C ILE B 159 9.09 -31.99 29.58
N ASP B 160 8.15 -32.89 29.30
CA ASP B 160 8.35 -34.36 29.38
C ASP B 160 9.46 -34.79 28.40
N ILE B 161 9.49 -34.26 27.18
CA ILE B 161 10.50 -34.67 26.15
C ILE B 161 11.89 -34.23 26.63
N LEU B 162 12.01 -32.99 27.10
CA LEU B 162 13.30 -32.40 27.58
C LEU B 162 13.80 -33.19 28.79
N ALA B 163 12.93 -33.53 29.75
CA ALA B 163 13.29 -34.31 30.96
C ALA B 163 13.84 -35.67 30.56
N LYS B 164 13.14 -36.36 29.64
CA LYS B 164 13.52 -37.69 29.10
C LYS B 164 14.96 -37.65 28.54
N HIS B 165 15.26 -36.69 27.66
CA HIS B 165 16.54 -36.66 26.90
C HIS B 165 17.68 -36.04 27.72
N THR B 166 17.38 -35.18 28.70
CA THR B 166 18.42 -34.50 29.52
C THR B 166 18.66 -35.23 30.85
N GLY B 167 17.68 -35.98 31.34
CA GLY B 167 17.73 -36.63 32.66
C GLY B 167 17.45 -35.65 33.79
N GLN B 168 17.11 -34.39 33.48
CA GLN B 168 16.75 -33.37 34.49
C GLN B 168 15.36 -33.66 35.04
N PRO B 169 15.08 -33.35 36.32
CA PRO B 169 13.70 -33.43 36.83
C PRO B 169 12.78 -32.43 36.12
N LYS B 170 11.51 -32.82 35.95
CA LYS B 170 10.48 -32.07 35.17
C LYS B 170 10.27 -30.67 35.78
N ASP B 171 10.34 -30.54 37.11
CA ASP B 171 10.08 -29.25 37.81
C ASP B 171 11.25 -28.29 37.58
N LYS B 172 12.47 -28.81 37.37
CA LYS B 172 13.64 -27.95 37.01
C LYS B 172 13.47 -27.47 35.57
N ILE B 173 13.08 -28.37 34.66
CA ILE B 173 12.80 -28.02 33.23
C ILE B 173 11.73 -26.92 33.24
N ALA B 174 10.61 -27.14 33.94
CA ALA B 174 9.43 -26.24 33.97
C ALA B 174 9.86 -24.84 34.42
N ASN B 175 10.61 -24.75 35.53
CA ASN B 175 11.16 -23.46 36.05
C ASN B 175 12.01 -22.79 34.96
N ASP B 176 12.91 -23.54 34.32
CA ASP B 176 13.99 -22.98 33.46
C ASP B 176 13.40 -22.41 32.16
N ILE B 177 12.34 -23.02 31.60
CA ILE B 177 11.79 -22.62 30.27
C ILE B 177 10.75 -21.50 30.39
N GLU B 178 10.49 -20.95 31.59
CA GLU B 178 9.50 -19.86 31.78
C GLU B 178 9.95 -18.63 30.98
N ARG B 179 11.26 -18.37 30.92
CA ARG B 179 11.84 -17.30 30.06
C ARG B 179 12.93 -17.90 29.18
N ASP B 180 13.36 -17.17 28.15
CA ASP B 180 14.46 -17.57 27.23
C ASP B 180 15.68 -17.94 28.09
N TYR B 181 16.12 -19.19 27.99
CA TYR B 181 17.24 -19.80 28.75
C TYR B 181 18.37 -20.11 27.75
N PHE B 182 19.32 -19.19 27.61
CA PHE B 182 20.46 -19.29 26.65
C PHE B 182 21.63 -20.03 27.32
N MET B 183 22.29 -20.89 26.56
CA MET B 183 23.41 -21.72 27.05
C MET B 183 24.54 -21.73 26.02
N SER B 184 25.78 -21.67 26.49
CA SER B 184 27.00 -22.02 25.72
C SER B 184 26.98 -23.53 25.52
N PRO B 185 27.79 -24.08 24.58
CA PRO B 185 27.86 -25.53 24.39
C PRO B 185 28.23 -26.29 25.69
N TYR B 186 29.13 -25.75 26.49
CA TYR B 186 29.59 -26.37 27.77
C TYR B 186 28.45 -26.36 28.81
N GLU B 187 27.64 -25.31 28.86
CA GLU B 187 26.46 -25.28 29.77
C GLU B 187 25.44 -26.33 29.29
N ALA B 188 25.17 -26.38 27.99
CA ALA B 188 24.22 -27.34 27.37
C ALA B 188 24.68 -28.79 27.65
N LYS B 189 25.98 -29.04 27.72
CA LYS B 189 26.52 -30.38 28.06
C LYS B 189 26.23 -30.68 29.53
N ASP B 190 26.53 -29.73 30.43
CA ASP B 190 26.24 -29.84 31.88
C ASP B 190 24.74 -30.04 32.10
N TYR B 191 23.88 -29.41 31.29
CA TYR B 191 22.40 -29.50 31.40
C TYR B 191 21.91 -30.88 30.93
N GLY B 192 22.64 -31.53 30.02
CA GLY B 192 22.28 -32.85 29.46
C GLY B 192 21.63 -32.73 28.08
N LEU B 193 21.70 -31.56 27.44
CA LEU B 193 21.09 -31.33 26.09
C LEU B 193 22.00 -31.88 25.00
N ILE B 194 23.31 -31.98 25.27
CA ILE B 194 24.31 -32.59 24.34
C ILE B 194 25.26 -33.47 25.19
N ASP B 195 26.02 -34.32 24.51
CA ASP B 195 26.98 -35.26 25.14
C ASP B 195 28.39 -34.68 25.01
N LYS B 196 28.72 -33.97 23.93
CA LYS B 196 30.12 -33.57 23.63
C LYS B 196 30.16 -32.23 22.90
N VAL B 197 31.09 -31.36 23.31
CA VAL B 197 31.51 -30.15 22.57
C VAL B 197 32.71 -30.55 21.70
N ILE B 198 32.60 -30.41 20.38
CA ILE B 198 33.61 -30.88 19.40
C ILE B 198 34.28 -29.65 18.79
N GLU B 199 35.61 -29.68 18.66
CA GLU B 199 36.48 -28.54 18.30
C GLU B 199 37.11 -28.79 16.93
N LYS B 200 37.82 -29.91 16.77
CA LYS B 200 38.54 -30.30 15.52
C LYS B 200 37.80 -31.45 14.81
N VAL C 12 14.85 -29.39 -3.08
CA VAL C 12 14.33 -30.78 -3.21
C VAL C 12 15.47 -31.69 -3.70
N PRO C 13 16.08 -32.50 -2.82
CA PRO C 13 17.25 -33.31 -3.19
C PRO C 13 16.97 -34.42 -4.23
N ILE C 14 18.03 -34.90 -4.90
CA ILE C 14 17.99 -35.80 -6.10
C ILE C 14 18.67 -37.13 -5.77
N VAL C 15 18.17 -38.23 -6.34
CA VAL C 15 18.79 -39.60 -6.29
C VAL C 15 18.72 -40.21 -7.70
N TYR C 26 15.68 -39.08 -9.97
CA TYR C 26 14.56 -39.10 -8.99
C TYR C 26 14.80 -38.03 -7.91
N ASP C 27 13.88 -37.07 -7.76
CA ASP C 27 13.77 -36.23 -6.53
C ASP C 27 13.33 -37.13 -5.38
N ILE C 28 13.46 -36.65 -4.14
CA ILE C 28 13.35 -37.50 -2.91
C ILE C 28 11.91 -38.04 -2.79
N TYR C 29 10.90 -37.23 -3.10
CA TYR C 29 9.46 -37.60 -3.04
C TYR C 29 9.15 -38.69 -4.08
N SER C 30 9.68 -38.54 -5.29
CA SER C 30 9.57 -39.53 -6.40
C SER C 30 10.18 -40.87 -5.98
N ARG C 31 11.30 -40.82 -5.26
CA ARG C 31 12.03 -42.03 -4.80
C ARG C 31 11.17 -42.76 -3.75
N LEU C 32 10.56 -42.02 -2.81
CA LEU C 32 9.67 -42.61 -1.77
C LEU C 32 8.39 -43.15 -2.42
N LEU C 33 7.96 -42.56 -3.54
CA LEU C 33 6.76 -42.99 -4.31
C LEU C 33 6.98 -44.40 -4.87
N GLN C 34 8.23 -44.77 -5.17
CA GLN C 34 8.61 -46.15 -5.60
C GLN C 34 8.34 -47.14 -4.47
N ASP C 35 8.45 -46.72 -3.21
CA ASP C 35 8.10 -47.55 -2.02
C ASP C 35 6.62 -47.37 -1.65
N ARG C 36 5.84 -46.73 -2.54
CA ARG C 36 4.37 -46.52 -2.36
C ARG C 36 4.12 -45.63 -1.13
N ILE C 37 5.02 -44.66 -0.88
CA ILE C 37 4.88 -43.63 0.19
C ILE C 37 4.41 -42.31 -0.44
N VAL C 38 3.31 -41.78 0.08
CA VAL C 38 2.73 -40.46 -0.33
C VAL C 38 2.73 -39.55 0.91
N LEU C 39 3.23 -38.32 0.76
CA LEU C 39 3.31 -37.30 1.83
C LEU C 39 2.19 -36.27 1.59
N LEU C 40 1.26 -36.19 2.53
CA LEU C 40 0.33 -35.04 2.63
C LEU C 40 0.83 -34.16 3.79
N GLY C 41 1.66 -33.18 3.47
CA GLY C 41 2.38 -32.36 4.47
C GLY C 41 2.07 -30.87 4.33
N SER C 42 0.86 -30.51 3.93
CA SER C 42 0.50 -29.09 3.69
C SER C 42 -0.99 -28.86 3.94
N PRO C 43 -1.44 -27.59 4.05
CA PRO C 43 -2.86 -27.28 4.00
C PRO C 43 -3.47 -27.90 2.72
N ILE C 44 -4.71 -28.37 2.79
CA ILE C 44 -5.39 -29.06 1.65
C ILE C 44 -6.16 -28.01 0.85
N ASP C 45 -5.75 -27.77 -0.39
CA ASP C 45 -6.48 -26.97 -1.41
C ASP C 45 -6.63 -27.85 -2.66
N ASP C 46 -7.21 -27.32 -3.73
CA ASP C 46 -7.51 -28.08 -4.97
C ASP C 46 -6.18 -28.60 -5.55
N HIS C 47 -5.11 -27.80 -5.52
CA HIS C 47 -3.78 -28.15 -6.07
C HIS C 47 -3.20 -29.38 -5.34
N VAL C 48 -3.23 -29.36 -4.01
CA VAL C 48 -2.72 -30.47 -3.15
C VAL C 48 -3.55 -31.74 -3.40
N ALA C 49 -4.88 -31.62 -3.51
CA ALA C 49 -5.80 -32.74 -3.78
C ALA C 49 -5.47 -33.39 -5.13
N ASN C 50 -5.30 -32.59 -6.18
CA ASN C 50 -4.93 -33.10 -7.54
C ASN C 50 -3.69 -33.97 -7.42
N LEU C 51 -2.68 -33.46 -6.71
CA LEU C 51 -1.36 -34.13 -6.54
C LEU C 51 -1.55 -35.44 -5.79
N ILE C 52 -2.30 -35.43 -4.67
CA ILE C 52 -2.55 -36.64 -3.84
C ILE C 52 -3.36 -37.65 -4.66
N VAL C 53 -4.41 -37.21 -5.36
CA VAL C 53 -5.26 -38.09 -6.20
C VAL C 53 -4.39 -38.72 -7.31
N ALA C 54 -3.58 -37.92 -8.01
CA ALA C 54 -2.66 -38.38 -9.06
C ALA C 54 -1.74 -39.50 -8.53
N GLN C 55 -1.18 -39.30 -7.34
CA GLN C 55 -0.23 -40.27 -6.72
C GLN C 55 -0.99 -41.57 -6.39
N LEU C 56 -2.20 -41.48 -5.85
CA LEU C 56 -3.04 -42.66 -5.50
C LEU C 56 -3.43 -43.42 -6.77
N LEU C 57 -3.89 -42.72 -7.81
CA LEU C 57 -4.30 -43.35 -9.10
C LEU C 57 -3.07 -44.00 -9.75
N PHE C 58 -1.91 -43.34 -9.69
CA PHE C 58 -0.65 -43.85 -10.28
C PHE C 58 -0.25 -45.16 -9.60
N LEU C 59 -0.24 -45.17 -8.27
CA LEU C 59 0.17 -46.34 -7.45
C LEU C 59 -0.81 -47.51 -7.69
N GLU C 60 -2.10 -47.22 -7.82
CA GLU C 60 -3.13 -48.26 -8.08
C GLU C 60 -2.85 -48.93 -9.43
N SER C 61 -2.46 -48.14 -10.44
CA SER C 61 -2.18 -48.64 -11.82
C SER C 61 -0.88 -49.45 -11.83
N GLN C 62 0.10 -49.10 -10.97
CA GLN C 62 1.36 -49.87 -10.79
C GLN C 62 1.04 -51.25 -10.19
N ASP C 63 0.23 -51.30 -9.12
CA ASP C 63 -0.12 -52.54 -8.38
C ASP C 63 -1.40 -52.32 -7.57
N PRO C 64 -2.55 -52.88 -8.00
CA PRO C 64 -3.82 -52.67 -7.30
C PRO C 64 -3.98 -53.43 -5.97
N ASP C 65 -3.00 -54.29 -5.63
CA ASP C 65 -3.09 -55.23 -4.48
C ASP C 65 -2.23 -54.76 -3.30
N LYS C 66 -1.18 -53.98 -3.55
CA LYS C 66 -0.17 -53.60 -2.52
C LYS C 66 -0.62 -52.34 -1.79
N ASP C 67 -0.43 -52.32 -0.47
CA ASP C 67 -0.76 -51.19 0.43
C ASP C 67 -0.09 -49.90 -0.06
N ILE C 68 -0.76 -48.77 0.15
CA ILE C 68 -0.20 -47.40 0.00
C ILE C 68 -0.08 -46.79 1.39
N TYR C 69 1.04 -46.10 1.67
CA TYR C 69 1.35 -45.45 2.96
C TYR C 69 1.20 -43.93 2.81
N LEU C 70 0.09 -43.39 3.32
CA LEU C 70 -0.20 -41.93 3.29
C LEU C 70 0.17 -41.34 4.65
N TYR C 71 1.30 -40.62 4.69
CA TYR C 71 1.75 -39.83 5.85
C TYR C 71 0.98 -38.50 5.85
N ILE C 72 0.39 -38.14 6.99
CA ILE C 72 -0.47 -36.93 7.10
C ILE C 72 0.12 -36.00 8.18
N ASN C 73 0.55 -34.83 7.75
CA ASN C 73 0.87 -33.66 8.59
C ASN C 73 0.16 -32.45 7.98
N SER C 74 -1.09 -32.20 8.38
CA SER C 74 -1.96 -31.16 7.75
C SER C 74 -2.86 -30.53 8.79
N PRO C 75 -3.03 -29.18 8.75
CA PRO C 75 -4.03 -28.49 9.55
C PRO C 75 -5.41 -28.52 8.88
N GLY C 76 -5.51 -29.19 7.74
CA GLY C 76 -6.74 -29.31 6.93
C GLY C 76 -6.80 -28.24 5.86
N GLY C 77 -8.00 -27.79 5.50
CA GLY C 77 -8.22 -26.78 4.46
C GLY C 77 -9.58 -26.89 3.80
N SER C 78 -9.62 -26.95 2.48
CA SER C 78 -10.89 -26.97 1.70
C SER C 78 -11.59 -28.31 1.93
N VAL C 79 -12.88 -28.26 2.27
CA VAL C 79 -13.72 -29.46 2.50
C VAL C 79 -13.84 -30.22 1.18
N THR C 80 -14.15 -29.55 0.07
CA THR C 80 -14.38 -30.23 -1.22
C THR C 80 -13.06 -30.85 -1.72
N ALA C 81 -11.94 -30.16 -1.56
CA ALA C 81 -10.59 -30.70 -1.88
C ALA C 81 -10.31 -31.95 -1.03
N GLY C 82 -10.58 -31.87 0.27
CA GLY C 82 -10.45 -33.00 1.21
C GLY C 82 -11.31 -34.19 0.80
N LEU C 83 -12.55 -33.94 0.37
CA LEU C 83 -13.50 -35.02 0.01
C LEU C 83 -13.14 -35.64 -1.33
N ALA C 84 -12.43 -34.93 -2.22
CA ALA C 84 -11.85 -35.51 -3.46
C ALA C 84 -10.82 -36.58 -3.06
N ILE C 85 -10.01 -36.30 -2.04
CA ILE C 85 -8.97 -37.25 -1.56
C ILE C 85 -9.68 -38.42 -0.86
N TYR C 86 -10.62 -38.11 0.04
CA TYR C 86 -11.40 -39.10 0.81
C TYR C 86 -12.03 -40.13 -0.14
N ASP C 87 -12.78 -39.68 -1.15
CA ASP C 87 -13.50 -40.57 -2.08
C ASP C 87 -12.48 -41.39 -2.89
N THR C 88 -11.37 -40.78 -3.31
CA THR C 88 -10.31 -41.49 -4.06
C THR C 88 -9.73 -42.58 -3.17
N MET C 89 -9.49 -42.27 -1.88
CA MET C 89 -8.94 -43.24 -0.90
C MET C 89 -9.89 -44.45 -0.79
N GLN C 90 -11.21 -44.24 -0.81
CA GLN C 90 -12.20 -45.35 -0.66
C GLN C 90 -12.36 -46.10 -2.00
N TYR C 91 -12.26 -45.40 -3.13
CA TYR C 91 -12.58 -45.92 -4.49
C TYR C 91 -11.48 -46.86 -5.01
N ILE C 92 -10.20 -46.56 -4.78
CA ILE C 92 -9.07 -47.37 -5.34
C ILE C 92 -9.05 -48.74 -4.66
N LYS C 93 -8.46 -49.74 -5.32
CA LYS C 93 -8.39 -51.14 -4.82
C LYS C 93 -7.42 -51.24 -3.64
N PRO C 94 -6.18 -50.68 -3.71
CA PRO C 94 -5.23 -50.80 -2.61
C PRO C 94 -5.80 -50.24 -1.31
N ASP C 95 -5.50 -50.92 -0.19
CA ASP C 95 -5.66 -50.35 1.18
C ASP C 95 -4.75 -49.12 1.27
N VAL C 96 -5.28 -48.03 1.83
CA VAL C 96 -4.47 -46.83 2.19
C VAL C 96 -4.23 -46.86 3.72
N VAL C 97 -2.99 -47.16 4.11
CA VAL C 97 -2.48 -47.04 5.49
C VAL C 97 -2.28 -45.54 5.76
N THR C 98 -2.82 -45.01 6.86
CA THR C 98 -2.65 -43.58 7.23
C THR C 98 -1.74 -43.49 8.45
N ILE C 99 -0.76 -42.58 8.41
CA ILE C 99 0.18 -42.32 9.54
C ILE C 99 0.15 -40.83 9.84
N CYS C 100 -0.32 -40.48 11.02
CA CYS C 100 -0.29 -39.09 11.56
C CYS C 100 1.11 -38.79 12.09
N MET C 101 1.74 -37.74 11.56
CA MET C 101 2.99 -37.14 12.12
C MET C 101 2.80 -35.63 12.24
N GLY C 102 3.17 -35.07 13.40
CA GLY C 102 2.94 -33.66 13.73
C GLY C 102 1.48 -33.43 14.08
N GLN C 103 0.62 -33.27 13.08
CA GLN C 103 -0.84 -33.11 13.36
C GLN C 103 -1.69 -33.55 12.18
N ALA C 104 -2.90 -33.96 12.51
CA ALA C 104 -3.99 -34.29 11.58
C ALA C 104 -5.19 -33.51 12.12
N ALA C 105 -5.38 -32.29 11.64
CA ALA C 105 -6.47 -31.45 12.14
C ALA C 105 -7.52 -31.21 11.04
N SER C 106 -8.75 -30.98 11.47
CA SER C 106 -9.88 -30.70 10.60
C SER C 106 -10.02 -31.78 9.50
N MET C 107 -9.86 -31.40 8.23
CA MET C 107 -9.96 -32.38 7.11
C MET C 107 -8.84 -33.44 7.20
N GLY C 108 -7.67 -33.07 7.71
CA GLY C 108 -6.54 -34.00 7.92
C GLY C 108 -6.94 -35.14 8.84
N ALA C 109 -7.69 -34.84 9.90
CA ALA C 109 -8.20 -35.85 10.84
C ALA C 109 -9.20 -36.77 10.12
N ILE C 110 -10.01 -36.21 9.24
CA ILE C 110 -11.00 -37.05 8.50
C ILE C 110 -10.25 -38.02 7.59
N LEU C 111 -9.22 -37.57 6.91
CA LEU C 111 -8.43 -38.43 5.99
C LEU C 111 -7.66 -39.49 6.81
N LEU C 112 -7.10 -39.11 7.96
CA LEU C 112 -6.42 -40.06 8.90
C LEU C 112 -7.39 -41.20 9.27
N ALA C 113 -8.64 -40.85 9.63
CA ALA C 113 -9.69 -41.78 10.10
C ALA C 113 -10.22 -42.62 8.93
N ALA C 114 -10.01 -42.19 7.68
CA ALA C 114 -10.57 -42.82 6.47
C ALA C 114 -9.61 -43.91 5.92
N GLY C 115 -8.43 -44.08 6.54
CA GLY C 115 -7.50 -45.17 6.20
C GLY C 115 -8.17 -46.53 6.33
N ALA C 116 -7.56 -47.56 5.73
CA ALA C 116 -8.04 -48.96 5.76
C ALA C 116 -8.24 -49.37 7.21
N PRO C 117 -9.39 -50.02 7.55
CA PRO C 117 -9.63 -50.45 8.93
C PRO C 117 -8.43 -51.27 9.45
N GLY C 118 -8.01 -50.99 10.69
CA GLY C 118 -6.88 -51.68 11.34
C GLY C 118 -5.52 -51.17 10.90
N LYS C 119 -5.45 -50.21 9.96
CA LYS C 119 -4.17 -49.69 9.41
C LYS C 119 -4.13 -48.15 9.49
N ARG C 120 -4.65 -47.60 10.58
CA ARG C 120 -4.63 -46.15 10.88
C ARG C 120 -3.74 -45.93 12.10
N TYR C 121 -2.65 -45.19 11.92
CA TYR C 121 -1.56 -45.03 12.90
C TYR C 121 -1.36 -43.55 13.21
N ALA C 122 -0.91 -43.25 14.42
CA ALA C 122 -0.36 -41.93 14.81
C ALA C 122 0.98 -42.15 15.50
N LEU C 123 1.96 -41.28 15.24
CA LEU C 123 3.22 -41.25 16.03
C LEU C 123 2.89 -40.64 17.38
N PRO C 124 3.61 -41.01 18.46
CA PRO C 124 3.13 -40.78 19.82
C PRO C 124 3.08 -39.32 20.31
N HIS C 125 3.73 -38.37 19.63
CA HIS C 125 3.73 -36.92 20.02
C HIS C 125 2.98 -36.10 18.96
N SER C 126 2.25 -36.75 18.05
CA SER C 126 1.37 -36.09 17.07
C SER C 126 0.11 -35.61 17.80
N ARG C 127 -0.72 -34.80 17.17
CA ARG C 127 -2.03 -34.44 17.74
C ARG C 127 -3.10 -34.50 16.64
N ILE C 128 -4.31 -34.86 17.04
CA ILE C 128 -5.49 -35.03 16.13
C ILE C 128 -6.54 -34.04 16.62
N MET C 129 -7.18 -33.31 15.71
CA MET C 129 -8.23 -32.34 16.08
C MET C 129 -9.38 -32.47 15.08
N ILE C 130 -10.62 -32.56 15.58
CA ILE C 130 -11.84 -32.57 14.74
C ILE C 130 -12.67 -31.32 15.09
N HIS C 131 -13.31 -30.71 14.10
CA HIS C 131 -14.25 -29.58 14.30
C HIS C 131 -15.20 -29.44 13.11
N GLN C 132 -16.28 -28.71 13.33
CA GLN C 132 -17.31 -28.43 12.30
C GLN C 132 -16.70 -27.55 11.22
N PRO C 133 -17.24 -27.58 9.99
CA PRO C 133 -16.74 -26.73 8.92
C PRO C 133 -17.00 -25.24 9.18
N LEU C 134 -16.18 -24.39 8.54
CA LEU C 134 -16.34 -22.92 8.53
C LEU C 134 -16.71 -22.48 7.11
N GLY C 135 -17.30 -21.29 6.99
CA GLY C 135 -17.78 -20.75 5.71
C GLY C 135 -17.82 -19.23 5.74
N GLY C 136 -17.88 -18.64 4.55
CA GLY C 136 -18.12 -17.21 4.32
C GLY C 136 -19.10 -17.05 3.17
N ILE C 137 -20.16 -16.28 3.39
CA ILE C 137 -21.22 -16.01 2.37
C ILE C 137 -21.65 -14.55 2.51
N GLN C 138 -21.77 -13.85 1.38
CA GLN C 138 -22.23 -12.45 1.28
C GLN C 138 -23.28 -12.37 0.19
N GLY C 139 -24.29 -11.51 0.35
CA GLY C 139 -25.23 -11.18 -0.73
C GLY C 139 -26.65 -11.09 -0.22
N GLN C 140 -27.61 -11.30 -1.12
CA GLN C 140 -29.06 -11.21 -0.83
C GLN C 140 -29.42 -12.30 0.19
N ALA C 141 -30.43 -12.03 1.01
CA ALA C 141 -30.95 -12.96 2.04
C ALA C 141 -31.24 -14.33 1.40
N THR C 142 -31.85 -14.36 0.22
CA THR C 142 -32.21 -15.64 -0.48
C THR C 142 -30.95 -16.49 -0.68
N ASP C 143 -29.87 -15.86 -1.17
CA ASP C 143 -28.58 -16.53 -1.47
C ASP C 143 -27.94 -16.99 -0.16
N ILE C 144 -27.97 -16.15 0.88
CA ILE C 144 -27.42 -16.50 2.22
C ILE C 144 -28.12 -17.77 2.74
N ILE C 145 -29.44 -17.86 2.61
CA ILE C 145 -30.25 -19.01 3.12
C ILE C 145 -29.89 -20.26 2.32
N ILE C 146 -29.77 -20.15 0.99
CA ILE C 146 -29.35 -21.27 0.11
C ILE C 146 -27.97 -21.79 0.54
N HIS C 147 -27.00 -20.90 0.78
CA HIS C 147 -25.62 -21.31 1.18
C HIS C 147 -25.61 -21.81 2.63
N ALA C 148 -26.49 -21.30 3.51
CA ALA C 148 -26.63 -21.80 4.90
C ALA C 148 -27.14 -23.26 4.87
N GLU C 149 -28.04 -23.57 3.93
CA GLU C 149 -28.62 -24.92 3.74
C GLU C 149 -27.51 -25.88 3.27
N GLU C 150 -26.69 -25.43 2.31
CA GLU C 150 -25.58 -26.25 1.75
C GLU C 150 -24.55 -26.52 2.85
N ILE C 151 -24.20 -25.53 3.66
CA ILE C 151 -23.19 -25.70 4.75
C ILE C 151 -23.75 -26.71 5.76
N LYS C 152 -25.03 -26.63 6.10
CA LYS C 152 -25.73 -27.60 6.99
C LYS C 152 -25.58 -29.02 6.41
N ARG C 153 -25.84 -29.19 5.11
CA ARG C 153 -25.74 -30.49 4.39
C ARG C 153 -24.30 -31.02 4.46
N ILE C 154 -23.30 -30.15 4.23
CA ILE C 154 -21.85 -30.53 4.28
C ILE C 154 -21.48 -31.00 5.69
N LYS C 155 -21.93 -30.27 6.72
CA LYS C 155 -21.66 -30.60 8.14
C LYS C 155 -22.21 -31.99 8.46
N GLU C 156 -23.46 -32.26 8.04
CA GLU C 156 -24.14 -33.55 8.30
C GLU C 156 -23.33 -34.68 7.64
N MET C 157 -22.81 -34.43 6.44
CA MET C 157 -21.98 -35.39 5.65
C MET C 157 -20.68 -35.72 6.41
N LEU C 158 -19.99 -34.71 6.95
CA LEU C 158 -18.71 -34.93 7.69
C LEU C 158 -19.01 -35.69 8.99
N ILE C 159 -20.12 -35.37 9.66
CA ILE C 159 -20.59 -36.14 10.86
C ILE C 159 -20.78 -37.60 10.44
N ASP C 160 -21.45 -37.87 9.31
CA ASP C 160 -21.77 -39.24 8.85
C ASP C 160 -20.46 -39.99 8.53
N ILE C 161 -19.48 -39.31 7.93
CA ILE C 161 -18.16 -39.92 7.59
C ILE C 161 -17.44 -40.29 8.88
N LEU C 162 -17.42 -39.39 9.87
CA LEU C 162 -16.73 -39.61 11.16
C LEU C 162 -17.41 -40.75 11.93
N ALA C 163 -18.74 -40.83 11.94
CA ALA C 163 -19.50 -41.91 12.63
C ALA C 163 -19.14 -43.25 12.00
N LYS C 164 -19.13 -43.33 10.66
CA LYS C 164 -18.79 -44.55 9.89
C LYS C 164 -17.40 -45.07 10.31
N HIS C 165 -16.36 -44.25 10.31
CA HIS C 165 -14.95 -44.71 10.47
C HIS C 165 -14.59 -44.92 11.94
N THR C 166 -15.23 -44.19 12.86
CA THR C 166 -14.91 -44.24 14.32
C THR C 166 -15.79 -45.25 15.05
N GLY C 167 -16.97 -45.55 14.53
CA GLY C 167 -17.99 -46.37 15.23
C GLY C 167 -18.73 -45.57 16.29
N GLN C 168 -18.49 -44.26 16.40
CA GLN C 168 -19.19 -43.40 17.40
C GLN C 168 -20.60 -43.10 16.92
N PRO C 169 -21.57 -42.91 17.84
CA PRO C 169 -22.91 -42.47 17.43
C PRO C 169 -22.85 -41.04 16.88
N LYS C 170 -23.72 -40.75 15.92
CA LYS C 170 -23.80 -39.46 15.18
C LYS C 170 -23.99 -38.31 16.17
N ASP C 171 -24.84 -38.47 17.19
CA ASP C 171 -25.16 -37.37 18.15
C ASP C 171 -23.93 -37.04 19.02
N LYS C 172 -23.06 -38.03 19.29
CA LYS C 172 -21.79 -37.79 20.05
C LYS C 172 -20.82 -36.98 19.17
N ILE C 173 -20.60 -37.40 17.92
CA ILE C 173 -19.75 -36.69 16.93
C ILE C 173 -20.24 -35.24 16.81
N ALA C 174 -21.54 -35.03 16.59
CA ALA C 174 -22.17 -33.70 16.40
C ALA C 174 -21.84 -32.80 17.58
N ASN C 175 -22.04 -33.31 18.80
CA ASN C 175 -21.73 -32.58 20.06
C ASN C 175 -20.22 -32.24 20.10
N ASP C 176 -19.34 -33.20 19.81
CA ASP C 176 -17.87 -33.06 20.01
C ASP C 176 -17.27 -32.03 19.02
N ILE C 177 -17.78 -31.90 17.80
CA ILE C 177 -17.17 -31.04 16.73
C ILE C 177 -17.74 -29.62 16.77
N GLU C 178 -18.65 -29.29 17.69
CA GLU C 178 -19.20 -27.91 17.81
C GLU C 178 -18.05 -26.92 18.06
N ARG C 179 -17.02 -27.32 18.80
CA ARG C 179 -15.80 -26.51 19.05
C ARG C 179 -14.57 -27.36 18.72
N ASP C 180 -13.40 -26.72 18.60
CA ASP C 180 -12.10 -27.40 18.41
C ASP C 180 -11.93 -28.50 19.46
N TYR C 181 -11.87 -29.76 19.03
CA TYR C 181 -11.74 -30.96 19.89
C TYR C 181 -10.36 -31.58 19.67
N PHE C 182 -9.39 -31.22 20.51
CA PHE C 182 -7.97 -31.67 20.42
C PHE C 182 -7.79 -32.99 21.19
N MET C 183 -6.99 -33.89 20.62
CA MET C 183 -6.74 -35.24 21.19
C MET C 183 -5.26 -35.61 21.02
N SER C 184 -4.66 -36.16 22.08
CA SER C 184 -3.41 -36.96 21.99
C SER C 184 -3.66 -38.19 21.13
N PRO C 185 -2.61 -38.88 20.63
CA PRO C 185 -2.80 -40.12 19.88
C PRO C 185 -3.58 -41.21 20.64
N TYR C 186 -3.39 -41.32 21.95
CA TYR C 186 -4.11 -42.29 22.82
C TYR C 186 -5.60 -41.98 22.91
N GLU C 187 -5.95 -40.70 23.05
CA GLU C 187 -7.36 -40.24 23.08
C GLU C 187 -8.00 -40.51 21.70
N ALA C 188 -7.28 -40.24 20.60
CA ALA C 188 -7.73 -40.49 19.21
C ALA C 188 -8.02 -41.99 19.02
N LYS C 189 -7.17 -42.87 19.58
CA LYS C 189 -7.33 -44.34 19.47
C LYS C 189 -8.62 -44.74 20.19
N ASP C 190 -8.80 -44.29 21.43
CA ASP C 190 -10.02 -44.52 22.26
C ASP C 190 -11.26 -43.95 21.53
N TYR C 191 -11.12 -42.86 20.79
CA TYR C 191 -12.23 -42.20 20.05
C TYR C 191 -12.61 -43.04 18.82
N GLY C 192 -11.65 -43.79 18.26
CA GLY C 192 -11.83 -44.63 17.06
C GLY C 192 -11.33 -43.98 15.78
N LEU C 193 -10.53 -42.91 15.87
CA LEU C 193 -9.98 -42.14 14.72
C LEU C 193 -8.73 -42.85 14.17
N ILE C 194 -7.98 -43.53 15.04
CA ILE C 194 -6.82 -44.38 14.65
C ILE C 194 -6.98 -45.74 15.34
N ASP C 195 -6.22 -46.74 14.89
CA ASP C 195 -6.22 -48.12 15.44
C ASP C 195 -5.02 -48.31 16.37
N LYS C 196 -3.87 -47.68 16.08
CA LYS C 196 -2.60 -47.95 16.80
C LYS C 196 -1.76 -46.68 16.92
N VAL C 197 -1.28 -46.42 18.14
CA VAL C 197 -0.18 -45.48 18.44
C VAL C 197 1.14 -46.24 18.23
N ILE C 198 1.97 -45.73 17.35
CA ILE C 198 3.31 -46.32 17.05
C ILE C 198 4.22 -46.01 18.22
N GLU C 199 4.67 -47.03 18.95
CA GLU C 199 5.63 -46.82 20.07
C GLU C 199 6.56 -48.03 20.21
N LYS C 200 7.61 -47.90 21.02
CA LYS C 200 8.62 -48.99 21.20
C LYS C 200 8.55 -49.58 22.60
N VAL D 12 5.94 -31.53 -7.97
CA VAL D 12 5.37 -32.41 -9.04
C VAL D 12 6.28 -33.63 -9.21
N PRO D 13 5.97 -34.78 -8.58
CA PRO D 13 6.87 -35.94 -8.61
C PRO D 13 7.13 -36.52 -10.00
N ILE D 14 8.20 -37.33 -10.11
CA ILE D 14 8.82 -37.84 -11.37
C ILE D 14 8.76 -39.38 -11.39
N VAL D 15 8.53 -39.97 -12.57
CA VAL D 15 8.58 -41.45 -12.82
C VAL D 15 9.43 -41.70 -14.07
N TYR D 26 9.02 -38.50 -16.90
CA TYR D 26 7.56 -38.26 -16.76
C TYR D 26 7.23 -37.73 -15.36
N ASP D 27 6.72 -36.50 -15.27
CA ASP D 27 6.01 -36.01 -14.05
C ASP D 27 4.72 -36.83 -13.90
N ILE D 28 4.07 -36.77 -12.73
CA ILE D 28 2.94 -37.68 -12.36
C ILE D 28 1.76 -37.47 -13.34
N TYR D 29 1.49 -36.22 -13.73
CA TYR D 29 0.36 -35.86 -14.65
C TYR D 29 0.64 -36.46 -16.04
N SER D 30 1.89 -36.33 -16.52
CA SER D 30 2.37 -36.88 -17.82
C SER D 30 2.25 -38.40 -17.82
N ARG D 31 2.54 -39.04 -16.68
CA ARG D 31 2.42 -40.52 -16.52
C ARG D 31 0.94 -40.92 -16.64
N LEU D 32 0.02 -40.22 -15.98
CA LEU D 32 -1.43 -40.56 -16.05
C LEU D 32 -1.97 -40.28 -17.45
N LEU D 33 -1.42 -39.29 -18.14
CA LEU D 33 -1.80 -38.93 -19.55
C LEU D 33 -1.51 -40.13 -20.47
N GLN D 34 -0.52 -40.96 -20.16
CA GLN D 34 -0.26 -42.23 -20.90
C GLN D 34 -1.45 -43.19 -20.76
N ASP D 35 -2.14 -43.19 -19.62
CA ASP D 35 -3.38 -43.99 -19.40
C ASP D 35 -4.62 -43.17 -19.78
N ARG D 36 -4.44 -42.07 -20.51
CA ARG D 36 -5.53 -41.25 -21.11
C ARG D 36 -6.35 -40.59 -19.99
N ILE D 37 -5.71 -40.28 -18.86
CA ILE D 37 -6.32 -39.56 -17.70
C ILE D 37 -5.91 -38.09 -17.79
N VAL D 38 -6.90 -37.20 -17.78
CA VAL D 38 -6.74 -35.72 -17.72
C VAL D 38 -7.38 -35.23 -16.42
N LEU D 39 -6.67 -34.39 -15.66
CA LEU D 39 -7.14 -33.77 -14.39
C LEU D 39 -7.49 -32.30 -14.63
N LEU D 40 -8.76 -31.94 -14.49
CA LEU D 40 -9.24 -30.55 -14.36
C LEU D 40 -9.52 -30.29 -12.87
N GLY D 41 -8.54 -29.76 -12.16
CA GLY D 41 -8.59 -29.58 -10.69
C GLY D 41 -8.27 -28.16 -10.28
N SER D 42 -8.75 -27.16 -11.01
CA SER D 42 -8.54 -25.73 -10.69
C SER D 42 -9.69 -24.89 -11.25
N PRO D 43 -9.80 -23.60 -10.85
CA PRO D 43 -10.72 -22.68 -11.52
C PRO D 43 -10.35 -22.64 -13.02
N ILE D 44 -11.34 -22.40 -13.88
CA ILE D 44 -11.17 -22.41 -15.35
C ILE D 44 -10.89 -20.98 -15.82
N ASP D 45 -9.67 -20.72 -16.30
CA ASP D 45 -9.30 -19.48 -17.03
C ASP D 45 -8.76 -19.91 -18.40
N ASP D 46 -8.35 -18.95 -19.24
CA ASP D 46 -7.86 -19.23 -20.61
C ASP D 46 -6.64 -20.16 -20.54
N HIS D 47 -5.73 -19.98 -19.56
CA HIS D 47 -4.51 -20.82 -19.39
C HIS D 47 -4.90 -22.29 -19.19
N VAL D 48 -5.82 -22.55 -18.26
CA VAL D 48 -6.31 -23.92 -17.93
C VAL D 48 -7.02 -24.50 -19.15
N ALA D 49 -7.90 -23.72 -19.79
CA ALA D 49 -8.64 -24.14 -21.01
C ALA D 49 -7.63 -24.63 -22.07
N ASN D 50 -6.59 -23.85 -22.34
CA ASN D 50 -5.57 -24.19 -23.36
C ASN D 50 -4.90 -25.53 -23.00
N LEU D 51 -4.58 -25.75 -21.72
CA LEU D 51 -3.89 -26.98 -21.24
C LEU D 51 -4.81 -28.19 -21.40
N ILE D 52 -6.10 -28.04 -21.07
CA ILE D 52 -7.09 -29.15 -21.19
C ILE D 52 -7.31 -29.45 -22.67
N VAL D 53 -7.53 -28.41 -23.50
CA VAL D 53 -7.75 -28.59 -24.96
C VAL D 53 -6.54 -29.31 -25.56
N ALA D 54 -5.32 -28.89 -25.21
CA ALA D 54 -4.06 -29.46 -25.74
C ALA D 54 -4.02 -30.95 -25.41
N GLN D 55 -4.35 -31.32 -24.17
CA GLN D 55 -4.33 -32.74 -23.71
C GLN D 55 -5.38 -33.55 -24.48
N LEU D 56 -6.58 -33.00 -24.69
CA LEU D 56 -7.67 -33.67 -25.45
C LEU D 56 -7.25 -33.88 -26.91
N LEU D 57 -6.67 -32.86 -27.56
CA LEU D 57 -6.21 -32.96 -28.98
C LEU D 57 -5.06 -33.97 -29.08
N PHE D 58 -4.13 -33.97 -28.12
CA PHE D 58 -3.01 -34.93 -28.08
C PHE D 58 -3.53 -36.35 -27.98
N LEU D 59 -4.44 -36.62 -27.03
CA LEU D 59 -4.98 -37.99 -26.79
C LEU D 59 -5.76 -38.46 -28.04
N GLU D 60 -6.48 -37.56 -28.72
CA GLU D 60 -7.23 -37.90 -29.96
C GLU D 60 -6.23 -38.35 -31.05
N SER D 61 -5.12 -37.63 -31.22
CA SER D 61 -4.09 -37.91 -32.25
C SER D 61 -3.35 -39.21 -31.91
N GLN D 62 -3.17 -39.53 -30.62
CA GLN D 62 -2.55 -40.81 -30.16
C GLN D 62 -3.48 -41.98 -30.48
N ASP D 63 -4.80 -41.81 -30.27
CA ASP D 63 -5.81 -42.88 -30.51
C ASP D 63 -7.21 -42.27 -30.54
N PRO D 64 -7.79 -42.05 -31.75
CA PRO D 64 -9.11 -41.42 -31.86
C PRO D 64 -10.31 -42.28 -31.43
N ASP D 65 -10.10 -43.57 -31.11
CA ASP D 65 -11.18 -44.54 -30.77
C ASP D 65 -11.28 -44.77 -29.26
N LYS D 66 -10.19 -44.68 -28.50
CA LYS D 66 -10.16 -45.06 -27.06
C LYS D 66 -10.72 -43.94 -26.19
N ASP D 67 -11.45 -44.29 -25.13
CA ASP D 67 -12.06 -43.33 -24.16
C ASP D 67 -10.94 -42.50 -23.51
N ILE D 68 -11.26 -41.23 -23.22
CA ILE D 68 -10.46 -40.29 -22.39
C ILE D 68 -11.18 -40.15 -21.04
N TYR D 69 -10.41 -40.12 -19.94
CA TYR D 69 -10.94 -39.96 -18.57
C TYR D 69 -10.62 -38.54 -18.07
N LEU D 70 -11.65 -37.70 -18.00
CA LEU D 70 -11.55 -36.30 -17.48
C LEU D 70 -12.10 -36.26 -16.06
N TYR D 71 -11.20 -36.19 -15.07
CA TYR D 71 -11.55 -35.97 -13.64
C TYR D 71 -11.79 -34.47 -13.46
N ILE D 72 -12.90 -34.10 -12.82
CA ILE D 72 -13.31 -32.68 -12.63
C ILE D 72 -13.44 -32.39 -11.14
N ASN D 73 -12.61 -31.48 -10.66
CA ASN D 73 -12.72 -30.83 -9.34
C ASN D 73 -12.54 -29.32 -9.57
N SER D 74 -13.62 -28.60 -9.83
CA SER D 74 -13.57 -27.19 -10.28
C SER D 74 -14.77 -26.41 -9.76
N PRO D 75 -14.53 -25.18 -9.25
CA PRO D 75 -15.63 -24.23 -8.97
C PRO D 75 -16.13 -23.50 -10.22
N GLY D 76 -15.50 -23.74 -11.37
CA GLY D 76 -15.83 -23.08 -12.65
C GLY D 76 -14.88 -21.91 -12.90
N GLY D 77 -15.38 -20.84 -13.50
CA GLY D 77 -14.56 -19.67 -13.89
C GLY D 77 -15.07 -19.04 -15.16
N SER D 78 -14.19 -18.73 -16.10
CA SER D 78 -14.52 -17.99 -17.35
C SER D 78 -15.46 -18.85 -18.21
N VAL D 79 -16.60 -18.29 -18.61
CA VAL D 79 -17.57 -18.96 -19.52
C VAL D 79 -16.87 -19.30 -20.85
N THR D 80 -16.19 -18.35 -21.50
CA THR D 80 -15.59 -18.57 -22.85
C THR D 80 -14.49 -19.63 -22.75
N ALA D 81 -13.71 -19.64 -21.67
CA ALA D 81 -12.67 -20.67 -21.40
C ALA D 81 -13.35 -22.05 -21.25
N GLY D 82 -14.43 -22.10 -20.48
CA GLY D 82 -15.24 -23.32 -20.30
C GLY D 82 -15.80 -23.85 -21.62
N LEU D 83 -16.25 -22.95 -22.50
CA LEU D 83 -16.88 -23.33 -23.78
C LEU D 83 -15.82 -23.79 -24.79
N ALA D 84 -14.57 -23.30 -24.68
CA ALA D 84 -13.42 -23.82 -25.46
C ALA D 84 -13.22 -25.31 -25.14
N ILE D 85 -13.25 -25.68 -23.86
CA ILE D 85 -13.14 -27.11 -23.41
C ILE D 85 -14.39 -27.85 -23.87
N TYR D 86 -15.57 -27.30 -23.62
CA TYR D 86 -16.87 -27.93 -23.96
C TYR D 86 -16.85 -28.35 -25.44
N ASP D 87 -16.56 -27.41 -26.33
CA ASP D 87 -16.66 -27.65 -27.79
C ASP D 87 -15.60 -28.68 -28.24
N THR D 88 -14.42 -28.65 -27.62
CA THR D 88 -13.33 -29.61 -27.91
C THR D 88 -13.80 -31.01 -27.50
N MET D 89 -14.40 -31.15 -26.31
CA MET D 89 -14.93 -32.44 -25.79
C MET D 89 -15.92 -33.03 -26.80
N GLN D 90 -16.77 -32.19 -27.40
CA GLN D 90 -17.83 -32.64 -28.36
C GLN D 90 -17.20 -32.92 -29.73
N TYR D 91 -16.18 -32.16 -30.14
CA TYR D 91 -15.63 -32.17 -31.51
C TYR D 91 -14.72 -33.40 -31.73
N ILE D 92 -13.88 -33.76 -30.75
CA ILE D 92 -12.91 -34.87 -30.92
C ILE D 92 -13.68 -36.20 -31.09
N LYS D 93 -13.07 -37.19 -31.73
CA LYS D 93 -13.67 -38.53 -31.98
C LYS D 93 -13.83 -39.29 -30.67
N PRO D 94 -12.81 -39.40 -29.79
CA PRO D 94 -12.94 -40.20 -28.57
C PRO D 94 -14.12 -39.74 -27.69
N ASP D 95 -14.77 -40.70 -27.05
CA ASP D 95 -15.71 -40.44 -25.92
C ASP D 95 -14.88 -39.86 -24.76
N VAL D 96 -15.40 -38.84 -24.11
CA VAL D 96 -14.80 -38.25 -22.87
C VAL D 96 -15.67 -38.69 -21.70
N VAL D 97 -15.15 -39.63 -20.92
CA VAL D 97 -15.73 -40.04 -19.61
C VAL D 97 -15.46 -38.89 -18.66
N THR D 98 -16.48 -38.43 -17.93
CA THR D 98 -16.32 -37.36 -16.90
C THR D 98 -16.50 -37.98 -15.52
N ILE D 99 -15.63 -37.61 -14.57
CA ILE D 99 -15.68 -38.09 -13.16
C ILE D 99 -15.58 -36.88 -12.23
N CYS D 100 -16.66 -36.60 -11.50
CA CYS D 100 -16.72 -35.54 -10.47
C CYS D 100 -16.07 -36.06 -9.18
N MET D 101 -15.03 -35.38 -8.73
CA MET D 101 -14.43 -35.57 -7.38
C MET D 101 -14.35 -34.19 -6.70
N GLY D 102 -14.75 -34.11 -5.44
CA GLY D 102 -14.84 -32.84 -4.70
C GLY D 102 -16.05 -32.05 -5.16
N GLN D 103 -15.92 -31.27 -6.22
CA GLN D 103 -17.09 -30.51 -6.75
C GLN D 103 -16.97 -30.29 -8.26
N ALA D 104 -18.13 -30.08 -8.87
CA ALA D 104 -18.30 -29.67 -10.28
C ALA D 104 -19.37 -28.59 -10.23
N ALA D 105 -18.93 -27.36 -10.09
CA ALA D 105 -19.84 -26.22 -9.93
C ALA D 105 -19.70 -25.26 -11.10
N SER D 106 -20.78 -24.54 -11.41
CA SER D 106 -20.84 -23.54 -12.44
C SER D 106 -20.39 -24.15 -13.77
N MET D 107 -19.33 -23.66 -14.38
CA MET D 107 -18.82 -24.22 -15.67
C MET D 107 -18.32 -25.66 -15.47
N GLY D 108 -17.81 -25.99 -14.29
CA GLY D 108 -17.40 -27.37 -13.96
C GLY D 108 -18.56 -28.33 -14.12
N ALA D 109 -19.76 -27.95 -13.69
CA ALA D 109 -20.96 -28.79 -13.81
C ALA D 109 -21.34 -28.99 -15.28
N ILE D 110 -21.23 -27.94 -16.10
CA ILE D 110 -21.55 -28.02 -17.56
C ILE D 110 -20.60 -29.04 -18.21
N LEU D 111 -19.30 -29.01 -17.88
CA LEU D 111 -18.30 -29.95 -18.45
C LEU D 111 -18.58 -31.38 -17.96
N LEU D 112 -18.94 -31.54 -16.68
CA LEU D 112 -19.34 -32.87 -16.11
C LEU D 112 -20.51 -33.44 -16.92
N ALA D 113 -21.56 -32.63 -17.13
CA ALA D 113 -22.81 -33.03 -17.82
C ALA D 113 -22.54 -33.30 -19.30
N ALA D 114 -21.44 -32.76 -19.85
CA ALA D 114 -21.08 -32.78 -21.29
C ALA D 114 -20.33 -34.07 -21.67
N GLY D 115 -20.02 -34.93 -20.70
CA GLY D 115 -19.36 -36.23 -20.98
C GLY D 115 -20.21 -37.09 -21.90
N ALA D 116 -19.59 -38.12 -22.50
CA ALA D 116 -20.27 -39.10 -23.39
C ALA D 116 -21.51 -39.63 -22.67
N PRO D 117 -22.67 -39.76 -23.37
CA PRO D 117 -23.87 -40.36 -22.77
C PRO D 117 -23.57 -41.72 -22.12
N GLY D 118 -24.02 -41.92 -20.88
CA GLY D 118 -23.82 -43.16 -20.11
C GLY D 118 -22.47 -43.21 -19.39
N LYS D 119 -21.57 -42.26 -19.63
CA LYS D 119 -20.18 -42.32 -19.10
C LYS D 119 -19.87 -41.06 -18.28
N ARG D 120 -20.86 -40.53 -17.57
CA ARG D 120 -20.73 -39.37 -16.66
C ARG D 120 -20.88 -39.86 -15.22
N TYR D 121 -19.84 -39.71 -14.40
CA TYR D 121 -19.76 -40.31 -13.05
C TYR D 121 -19.51 -39.21 -12.01
N ALA D 122 -19.98 -39.44 -10.78
CA ALA D 122 -19.63 -38.63 -9.59
C ALA D 122 -19.25 -39.58 -8.44
N LEU D 123 -18.21 -39.25 -7.69
CA LEU D 123 -17.89 -39.97 -6.42
C LEU D 123 -18.94 -39.56 -5.38
N PRO D 124 -19.20 -40.41 -4.37
CA PRO D 124 -20.41 -40.28 -3.54
C PRO D 124 -20.49 -39.04 -2.61
N HIS D 125 -19.37 -38.41 -2.28
CA HIS D 125 -19.31 -37.23 -1.37
C HIS D 125 -18.96 -35.97 -2.15
N SER D 126 -19.01 -36.04 -3.49
CA SER D 126 -18.81 -34.86 -4.38
C SER D 126 -20.08 -34.01 -4.34
N ARG D 127 -20.01 -32.76 -4.77
CA ARG D 127 -21.22 -31.93 -4.94
C ARG D 127 -21.20 -31.29 -6.33
N ILE D 128 -22.39 -31.10 -6.88
CA ILE D 128 -22.62 -30.51 -8.23
C ILE D 128 -23.49 -29.27 -7.99
N MET D 129 -23.16 -28.16 -8.63
CA MET D 129 -23.96 -26.92 -8.52
C MET D 129 -24.05 -26.27 -9.89
N ILE D 130 -25.26 -25.88 -10.29
CA ILE D 130 -25.50 -25.11 -11.54
C ILE D 130 -26.03 -23.73 -11.15
N HIS D 131 -25.65 -22.70 -11.90
CA HIS D 131 -26.17 -21.33 -11.74
C HIS D 131 -25.98 -20.53 -13.02
N GLN D 132 -26.79 -19.49 -13.16
CA GLN D 132 -26.70 -18.53 -14.29
C GLN D 132 -25.34 -17.85 -14.25
N PRO D 133 -24.86 -17.33 -15.40
CA PRO D 133 -23.59 -16.62 -15.44
C PRO D 133 -23.64 -15.26 -14.73
N LEU D 134 -22.45 -14.78 -14.33
CA LEU D 134 -22.24 -13.44 -13.72
C LEU D 134 -21.46 -12.59 -14.71
N GLY D 135 -21.58 -11.28 -14.58
CA GLY D 135 -20.96 -10.31 -15.49
C GLY D 135 -20.64 -9.02 -14.77
N GLY D 136 -20.02 -8.11 -15.50
CA GLY D 136 -19.60 -6.78 -15.02
C GLY D 136 -19.36 -5.91 -16.22
N ILE D 137 -19.95 -4.72 -16.23
CA ILE D 137 -19.88 -3.76 -17.37
C ILE D 137 -19.94 -2.35 -16.80
N GLN D 138 -18.98 -1.51 -17.20
CA GLN D 138 -18.93 -0.06 -16.90
C GLN D 138 -18.88 0.68 -18.23
N GLY D 139 -19.52 1.85 -18.32
CA GLY D 139 -19.41 2.76 -19.48
C GLY D 139 -20.74 3.41 -19.81
N GLN D 140 -20.90 3.84 -21.05
CA GLN D 140 -22.10 4.53 -21.55
C GLN D 140 -23.29 3.57 -21.50
N ALA D 141 -24.50 4.10 -21.32
CA ALA D 141 -25.78 3.36 -21.38
C ALA D 141 -25.78 2.45 -22.60
N THR D 142 -25.40 2.97 -23.77
CA THR D 142 -25.39 2.20 -25.05
C THR D 142 -24.53 0.94 -24.89
N ASP D 143 -23.34 1.07 -24.30
CA ASP D 143 -22.39 -0.06 -24.09
C ASP D 143 -22.97 -1.05 -23.08
N ILE D 144 -23.54 -0.55 -21.98
CA ILE D 144 -24.15 -1.40 -20.91
C ILE D 144 -25.25 -2.27 -21.55
N ILE D 145 -26.08 -1.66 -22.40
CA ILE D 145 -27.22 -2.35 -23.06
C ILE D 145 -26.67 -3.42 -24.01
N ILE D 146 -25.63 -3.09 -24.78
CA ILE D 146 -24.98 -4.07 -25.70
C ILE D 146 -24.50 -5.27 -24.88
N HIS D 147 -23.90 -5.03 -23.70
CA HIS D 147 -23.27 -6.11 -22.90
C HIS D 147 -24.34 -6.90 -22.13
N ALA D 148 -25.47 -6.26 -21.77
CA ALA D 148 -26.66 -6.93 -21.19
C ALA D 148 -27.24 -7.91 -22.20
N GLU D 149 -27.31 -7.51 -23.47
CA GLU D 149 -27.78 -8.36 -24.61
C GLU D 149 -26.85 -9.56 -24.78
N GLU D 150 -25.54 -9.35 -24.69
CA GLU D 150 -24.52 -10.40 -24.88
C GLU D 150 -24.61 -11.39 -23.71
N ILE D 151 -24.76 -10.91 -22.47
CA ILE D 151 -24.84 -11.82 -21.29
C ILE D 151 -26.13 -12.63 -21.40
N LYS D 152 -27.24 -12.01 -21.83
CA LYS D 152 -28.52 -12.72 -22.13
C LYS D 152 -28.26 -13.84 -23.15
N ARG D 153 -27.60 -13.54 -24.27
CA ARG D 153 -27.31 -14.53 -25.34
C ARG D 153 -26.47 -15.68 -24.76
N ILE D 154 -25.46 -15.39 -23.93
CA ILE D 154 -24.54 -16.41 -23.33
C ILE D 154 -25.37 -17.31 -22.38
N LYS D 155 -26.20 -16.69 -21.54
CA LYS D 155 -27.08 -17.39 -20.57
C LYS D 155 -27.99 -18.37 -21.33
N GLU D 156 -28.65 -17.92 -22.39
CA GLU D 156 -29.52 -18.77 -23.24
C GLU D 156 -28.71 -19.95 -23.79
N MET D 157 -27.47 -19.72 -24.23
CA MET D 157 -26.60 -20.78 -24.78
C MET D 157 -26.25 -21.80 -23.69
N LEU D 158 -25.96 -21.36 -22.46
CA LEU D 158 -25.67 -22.29 -21.33
C LEU D 158 -26.91 -23.10 -20.97
N ILE D 159 -28.09 -22.46 -20.97
CA ILE D 159 -29.39 -23.16 -20.79
C ILE D 159 -29.55 -24.24 -21.87
N ASP D 160 -29.32 -23.92 -23.14
CA ASP D 160 -29.45 -24.87 -24.28
C ASP D 160 -28.53 -26.07 -24.06
N ILE D 161 -27.28 -25.84 -23.63
CA ILE D 161 -26.28 -26.93 -23.42
C ILE D 161 -26.75 -27.83 -22.27
N LEU D 162 -27.20 -27.26 -21.16
CA LEU D 162 -27.69 -28.05 -19.98
C LEU D 162 -28.93 -28.87 -20.38
N ALA D 163 -29.85 -28.28 -21.14
CA ALA D 163 -31.09 -28.95 -21.61
C ALA D 163 -30.74 -30.15 -22.50
N LYS D 164 -29.80 -29.97 -23.43
CA LYS D 164 -29.36 -31.00 -24.40
C LYS D 164 -28.78 -32.20 -23.65
N HIS D 165 -27.91 -32.00 -22.65
CA HIS D 165 -27.17 -33.11 -21.98
C HIS D 165 -27.99 -33.71 -20.83
N THR D 166 -28.90 -32.96 -20.21
CA THR D 166 -29.73 -33.48 -19.08
C THR D 166 -31.02 -34.12 -19.58
N GLY D 167 -31.54 -33.72 -20.75
CA GLY D 167 -32.88 -34.12 -21.21
C GLY D 167 -33.99 -33.29 -20.57
N GLN D 168 -33.66 -32.33 -19.70
CA GLN D 168 -34.65 -31.39 -19.10
C GLN D 168 -35.09 -30.37 -20.16
N PRO D 169 -36.33 -29.85 -20.10
CA PRO D 169 -36.75 -28.76 -20.98
C PRO D 169 -36.01 -27.46 -20.60
N LYS D 170 -35.70 -26.62 -21.60
CA LYS D 170 -34.98 -25.33 -21.42
C LYS D 170 -35.65 -24.46 -20.33
N ASP D 171 -36.98 -24.38 -20.28
CA ASP D 171 -37.70 -23.51 -19.31
C ASP D 171 -37.47 -24.02 -17.88
N LYS D 172 -37.35 -25.33 -17.67
CA LYS D 172 -37.07 -25.89 -16.31
C LYS D 172 -35.64 -25.52 -15.92
N ILE D 173 -34.67 -25.75 -16.81
CA ILE D 173 -33.25 -25.34 -16.58
C ILE D 173 -33.23 -23.85 -16.23
N ALA D 174 -33.90 -23.00 -17.02
CA ALA D 174 -33.87 -21.53 -16.87
C ALA D 174 -34.31 -21.15 -15.45
N ASN D 175 -35.45 -21.68 -15.00
CA ASN D 175 -35.98 -21.44 -13.63
C ASN D 175 -34.98 -21.97 -12.58
N ASP D 176 -34.39 -23.16 -12.78
CA ASP D 176 -33.55 -23.82 -11.74
C ASP D 176 -32.22 -23.07 -11.54
N ILE D 177 -31.71 -22.36 -12.55
CA ILE D 177 -30.35 -21.75 -12.46
C ILE D 177 -30.42 -20.28 -12.01
N GLU D 178 -31.60 -19.72 -11.74
CA GLU D 178 -31.73 -18.29 -11.33
C GLU D 178 -30.91 -18.08 -10.06
N ARG D 179 -30.90 -19.07 -9.16
CA ARG D 179 -30.08 -19.04 -7.91
C ARG D 179 -29.19 -20.29 -7.90
N ASP D 180 -28.21 -20.30 -6.99
CA ASP D 180 -27.27 -21.43 -6.81
C ASP D 180 -28.09 -22.68 -6.47
N TYR D 181 -28.01 -23.68 -7.33
CA TYR D 181 -28.74 -24.97 -7.24
C TYR D 181 -27.73 -26.08 -6.93
N PHE D 182 -27.53 -26.38 -5.64
CA PHE D 182 -26.61 -27.42 -5.13
C PHE D 182 -27.29 -28.79 -5.19
N MET D 183 -26.56 -29.83 -5.58
CA MET D 183 -27.07 -31.23 -5.66
C MET D 183 -26.02 -32.20 -5.11
N SER D 184 -26.49 -33.20 -4.35
CA SER D 184 -25.73 -34.42 -4.04
C SER D 184 -25.60 -35.22 -5.34
N PRO D 185 -24.64 -36.17 -5.42
CA PRO D 185 -24.50 -37.02 -6.61
C PRO D 185 -25.80 -37.72 -7.04
N TYR D 186 -26.62 -38.22 -6.10
CA TYR D 186 -27.89 -38.93 -6.38
C TYR D 186 -28.95 -37.95 -6.93
N GLU D 187 -28.96 -36.71 -6.44
CA GLU D 187 -29.83 -35.63 -6.97
C GLU D 187 -29.38 -35.27 -8.40
N ALA D 188 -28.07 -35.15 -8.63
CA ALA D 188 -27.49 -34.84 -9.95
C ALA D 188 -27.87 -35.94 -10.96
N LYS D 189 -27.84 -37.21 -10.53
CA LYS D 189 -28.22 -38.37 -11.38
C LYS D 189 -29.69 -38.26 -11.79
N ASP D 190 -30.57 -38.04 -10.82
CA ASP D 190 -32.02 -37.83 -11.05
C ASP D 190 -32.23 -36.64 -12.00
N TYR D 191 -31.42 -35.58 -11.86
CA TYR D 191 -31.54 -34.35 -12.69
C TYR D 191 -31.10 -34.62 -14.14
N GLY D 192 -30.21 -35.60 -14.35
CA GLY D 192 -29.65 -35.93 -15.69
C GLY D 192 -28.30 -35.28 -15.94
N LEU D 193 -27.61 -34.79 -14.90
CA LEU D 193 -26.26 -34.17 -15.05
C LEU D 193 -25.16 -35.24 -15.06
N ILE D 194 -25.43 -36.41 -14.44
CA ILE D 194 -24.54 -37.59 -14.47
C ILE D 194 -25.40 -38.84 -14.70
N ASP D 195 -24.75 -39.97 -15.00
CA ASP D 195 -25.41 -41.27 -15.29
C ASP D 195 -25.23 -42.21 -14.10
N LYS D 196 -24.13 -42.13 -13.35
CA LYS D 196 -23.82 -43.11 -12.27
C LYS D 196 -23.08 -42.43 -11.11
N VAL D 197 -23.44 -42.80 -9.89
CA VAL D 197 -22.66 -42.54 -8.64
C VAL D 197 -21.80 -43.77 -8.40
N ILE D 198 -20.48 -43.59 -8.29
CA ILE D 198 -19.50 -44.70 -8.14
C ILE D 198 -18.90 -44.63 -6.74
N GLU D 199 -18.68 -45.78 -6.09
CA GLU D 199 -18.29 -45.89 -4.66
C GLU D 199 -16.97 -46.64 -4.51
N LYS D 200 -16.80 -47.81 -5.15
CA LYS D 200 -15.58 -48.66 -5.02
C LYS D 200 -14.98 -48.94 -6.40
N VAL E 12 2.54 -27.91 -17.32
CA VAL E 12 2.78 -28.17 -18.77
C VAL E 12 3.27 -29.61 -18.93
N PRO E 13 2.38 -30.58 -19.23
CA PRO E 13 2.75 -32.00 -19.24
C PRO E 13 3.77 -32.37 -20.32
N ILE E 14 4.46 -33.50 -20.12
CA ILE E 14 5.63 -33.99 -20.92
C ILE E 14 5.21 -35.25 -21.70
N VAL E 15 5.69 -35.41 -22.93
CA VAL E 15 5.49 -36.61 -23.80
C VAL E 15 6.87 -37.05 -24.33
N TYR E 26 9.30 -33.80 -25.01
CA TYR E 26 8.37 -32.80 -25.58
C TYR E 26 7.31 -32.43 -24.53
N ASP E 27 7.12 -31.13 -24.27
CA ASP E 27 5.92 -30.59 -23.55
C ASP E 27 4.74 -30.69 -24.52
N ILE E 28 3.51 -30.62 -24.02
CA ILE E 28 2.27 -30.93 -24.80
C ILE E 28 2.17 -29.99 -26.02
N TYR E 29 2.52 -28.71 -25.86
CA TYR E 29 2.45 -27.68 -26.93
C TYR E 29 3.45 -28.02 -28.03
N SER E 30 4.68 -28.36 -27.64
CA SER E 30 5.77 -28.76 -28.56
C SER E 30 5.37 -30.02 -29.33
N ARG E 31 4.70 -30.96 -28.69
CA ARG E 31 4.18 -32.20 -29.34
C ARG E 31 3.11 -31.82 -30.38
N LEU E 32 2.22 -30.88 -30.07
CA LEU E 32 1.18 -30.42 -31.04
C LEU E 32 1.86 -29.64 -32.17
N LEU E 33 2.94 -28.91 -31.88
CA LEU E 33 3.69 -28.12 -32.89
C LEU E 33 4.22 -29.05 -33.99
N GLN E 34 4.55 -30.31 -33.66
CA GLN E 34 4.98 -31.36 -34.62
C GLN E 34 3.89 -31.62 -35.67
N ASP E 35 2.61 -31.55 -35.29
CA ASP E 35 1.46 -31.73 -36.21
C ASP E 35 1.08 -30.38 -36.84
N ARG E 36 1.94 -29.37 -36.68
CA ARG E 36 1.77 -28.01 -37.29
C ARG E 36 0.57 -27.32 -36.64
N ILE E 37 0.31 -27.59 -35.36
CA ILE E 37 -0.76 -26.94 -34.55
C ILE E 37 -0.10 -25.85 -33.69
N VAL E 38 -0.60 -24.61 -33.80
CA VAL E 38 -0.17 -23.42 -33.01
C VAL E 38 -1.38 -22.94 -32.19
N LEU E 39 -1.19 -22.71 -30.89
CA LEU E 39 -2.24 -22.22 -29.97
C LEU E 39 -2.00 -20.75 -29.67
N LEU E 40 -2.90 -19.87 -30.10
CA LEU E 40 -3.01 -18.48 -29.61
C LEU E 40 -4.16 -18.44 -28.58
N GLY E 41 -3.83 -18.62 -27.30
CA GLY E 41 -4.79 -18.82 -26.20
C GLY E 41 -4.60 -17.79 -25.09
N SER E 42 -4.20 -16.58 -25.41
CA SER E 42 -3.95 -15.52 -24.40
C SER E 42 -4.21 -14.14 -25.00
N PRO E 43 -4.25 -13.08 -24.16
CA PRO E 43 -4.22 -11.70 -24.67
C PRO E 43 -2.98 -11.49 -25.55
N ILE E 44 -3.10 -10.68 -26.59
CA ILE E 44 -1.99 -10.42 -27.55
C ILE E 44 -1.16 -9.24 -27.04
N ASP E 45 0.10 -9.52 -26.69
CA ASP E 45 1.15 -8.51 -26.43
C ASP E 45 2.36 -8.86 -27.32
N ASP E 46 3.43 -8.07 -27.23
CA ASP E 46 4.67 -8.25 -28.03
C ASP E 46 5.28 -9.63 -27.75
N HIS E 47 5.30 -10.07 -26.49
CA HIS E 47 5.82 -11.41 -26.08
C HIS E 47 5.06 -12.51 -26.84
N VAL E 48 3.72 -12.47 -26.80
CA VAL E 48 2.85 -13.48 -27.48
C VAL E 48 3.06 -13.41 -29.00
N ALA E 49 3.14 -12.21 -29.59
CA ALA E 49 3.33 -12.02 -31.05
C ALA E 49 4.63 -12.70 -31.48
N ASN E 50 5.73 -12.45 -30.75
CA ASN E 50 7.05 -13.06 -31.01
C ASN E 50 6.95 -14.59 -31.00
N LEU E 51 6.20 -15.17 -30.06
CA LEU E 51 6.09 -16.64 -29.92
C LEU E 51 5.31 -17.21 -31.11
N ILE E 52 4.22 -16.55 -31.52
CA ILE E 52 3.35 -16.97 -32.64
C ILE E 52 4.15 -16.84 -33.96
N VAL E 53 4.83 -15.70 -34.17
CA VAL E 53 5.63 -15.45 -35.40
C VAL E 53 6.74 -16.52 -35.51
N ALA E 54 7.45 -16.79 -34.41
CA ALA E 54 8.54 -17.79 -34.34
C ALA E 54 8.02 -19.18 -34.75
N GLN E 55 6.83 -19.55 -34.29
CA GLN E 55 6.20 -20.86 -34.63
C GLN E 55 5.82 -20.88 -36.12
N LEU E 56 5.24 -19.79 -36.63
CA LEU E 56 4.82 -19.70 -38.05
C LEU E 56 6.07 -19.79 -38.96
N LEU E 57 7.12 -19.05 -38.64
CA LEU E 57 8.39 -19.05 -39.43
C LEU E 57 9.04 -20.43 -39.37
N PHE E 58 9.08 -21.05 -38.19
CA PHE E 58 9.65 -22.40 -37.98
C PHE E 58 8.90 -23.42 -38.85
N LEU E 59 7.57 -23.42 -38.80
CA LEU E 59 6.74 -24.41 -39.53
C LEU E 59 6.91 -24.19 -41.04
N GLU E 60 7.00 -22.93 -41.50
CA GLU E 60 7.26 -22.61 -42.93
C GLU E 60 8.58 -23.24 -43.38
N SER E 61 9.64 -23.16 -42.56
CA SER E 61 10.99 -23.67 -42.87
C SER E 61 11.01 -25.20 -42.82
N GLN E 62 10.17 -25.83 -41.98
CA GLN E 62 10.02 -27.30 -41.91
C GLN E 62 9.39 -27.80 -43.22
N ASP E 63 8.36 -27.11 -43.71
CA ASP E 63 7.61 -27.49 -44.93
C ASP E 63 6.82 -26.29 -45.42
N PRO E 64 7.24 -25.59 -46.51
CA PRO E 64 6.52 -24.40 -46.98
C PRO E 64 5.16 -24.65 -47.65
N ASP E 65 4.77 -25.92 -47.84
CA ASP E 65 3.60 -26.32 -48.66
C ASP E 65 2.44 -26.84 -47.80
N LYS E 66 2.72 -27.32 -46.58
CA LYS E 66 1.71 -27.94 -45.68
C LYS E 66 0.99 -26.86 -44.86
N ASP E 67 -0.33 -27.01 -44.70
CA ASP E 67 -1.21 -26.12 -43.91
C ASP E 67 -0.69 -26.02 -42.48
N ILE E 68 -0.84 -24.83 -41.88
CA ILE E 68 -0.63 -24.58 -40.42
C ILE E 68 -2.01 -24.42 -39.80
N TYR E 69 -2.20 -24.95 -38.59
CA TYR E 69 -3.48 -24.91 -37.84
C TYR E 69 -3.31 -23.98 -36.64
N LEU E 70 -3.93 -22.79 -36.72
CA LEU E 70 -3.87 -21.74 -35.67
C LEU E 70 -5.22 -21.71 -34.93
N TYR E 71 -5.24 -22.31 -33.74
CA TYR E 71 -6.37 -22.24 -32.79
C TYR E 71 -6.34 -20.89 -32.10
N ILE E 72 -7.46 -20.18 -32.10
CA ILE E 72 -7.55 -18.82 -31.50
C ILE E 72 -8.56 -18.84 -30.35
N ASN E 73 -8.08 -18.58 -29.13
CA ASN E 73 -8.89 -18.23 -27.95
C ASN E 73 -8.27 -16.98 -27.34
N SER E 74 -8.73 -15.79 -27.73
CA SER E 74 -8.08 -14.51 -27.36
C SER E 74 -9.11 -13.38 -27.28
N PRO E 75 -9.05 -12.55 -26.21
CA PRO E 75 -9.85 -11.32 -26.15
C PRO E 75 -9.21 -10.19 -26.98
N GLY E 76 -8.04 -10.44 -27.56
CA GLY E 76 -7.27 -9.45 -28.34
C GLY E 76 -6.14 -8.86 -27.50
N GLY E 77 -5.82 -7.58 -27.72
CA GLY E 77 -4.75 -6.87 -27.02
C GLY E 77 -4.16 -5.78 -27.88
N SER E 78 -2.83 -5.74 -27.99
CA SER E 78 -2.09 -4.68 -28.72
C SER E 78 -2.36 -4.79 -30.22
N VAL E 79 -2.73 -3.67 -30.85
CA VAL E 79 -2.98 -3.60 -32.31
C VAL E 79 -1.68 -3.92 -33.06
N THR E 80 -0.55 -3.33 -32.67
CA THR E 80 0.72 -3.50 -33.42
C THR E 80 1.21 -4.94 -33.26
N ALA E 81 1.11 -5.53 -32.07
CA ALA E 81 1.43 -6.95 -31.81
C ALA E 81 0.56 -7.84 -32.70
N GLY E 82 -0.74 -7.55 -32.75
CA GLY E 82 -1.71 -8.25 -33.61
C GLY E 82 -1.32 -8.19 -35.07
N LEU E 83 -0.91 -7.00 -35.55
CA LEU E 83 -0.57 -6.77 -36.97
C LEU E 83 0.79 -7.41 -37.32
N ALA E 84 1.70 -7.63 -36.35
CA ALA E 84 2.92 -8.45 -36.57
C ALA E 84 2.49 -9.87 -36.97
N ILE E 85 1.54 -10.46 -36.23
CA ILE E 85 1.03 -11.83 -36.52
C ILE E 85 0.31 -11.79 -37.87
N TYR E 86 -0.60 -10.83 -38.07
CA TYR E 86 -1.41 -10.73 -39.31
C TYR E 86 -0.49 -10.76 -40.54
N ASP E 87 0.47 -9.84 -40.61
CA ASP E 87 1.39 -9.70 -41.77
C ASP E 87 2.20 -10.99 -41.95
N THR E 88 2.63 -11.63 -40.86
CA THR E 88 3.40 -12.90 -40.91
C THR E 88 2.50 -13.98 -41.52
N MET E 89 1.22 -14.03 -41.13
CA MET E 89 0.23 -15.02 -41.63
C MET E 89 0.05 -14.86 -43.14
N GLN E 90 0.04 -13.63 -43.65
CA GLN E 90 -0.14 -13.32 -45.10
C GLN E 90 1.16 -13.55 -45.88
N TYR E 91 2.32 -13.40 -45.24
CA TYR E 91 3.66 -13.38 -45.90
C TYR E 91 4.17 -14.82 -46.15
N ILE E 92 4.02 -15.73 -45.17
CA ILE E 92 4.56 -17.11 -45.25
C ILE E 92 3.87 -17.87 -46.39
N LYS E 93 4.54 -18.89 -46.94
CA LYS E 93 4.02 -19.69 -48.09
C LYS E 93 2.82 -20.53 -47.65
N PRO E 94 2.87 -21.25 -46.51
CA PRO E 94 1.77 -22.13 -46.11
C PRO E 94 0.46 -21.38 -45.87
N ASP E 95 -0.66 -21.99 -46.26
CA ASP E 95 -2.02 -21.58 -45.85
C ASP E 95 -2.11 -21.72 -44.33
N VAL E 96 -2.64 -20.70 -43.66
CA VAL E 96 -2.94 -20.75 -42.19
C VAL E 96 -4.43 -20.97 -42.02
N VAL E 97 -4.80 -22.17 -41.58
CA VAL E 97 -6.19 -22.54 -41.17
C VAL E 97 -6.42 -21.90 -39.81
N THR E 98 -7.50 -21.14 -39.63
CA THR E 98 -7.85 -20.52 -38.33
C THR E 98 -9.05 -21.28 -37.74
N ILE E 99 -8.99 -21.56 -36.43
CA ILE E 99 -10.08 -22.24 -35.67
C ILE E 99 -10.36 -21.43 -34.40
N CYS E 100 -11.55 -20.83 -34.33
CA CYS E 100 -12.03 -20.09 -33.14
C CYS E 100 -12.57 -21.09 -32.12
N MET E 101 -12.00 -21.10 -30.91
CA MET E 101 -12.54 -21.83 -29.74
C MET E 101 -12.60 -20.85 -28.55
N GLY E 102 -13.70 -20.90 -27.79
CA GLY E 102 -13.97 -19.92 -26.71
C GLY E 102 -14.37 -18.59 -27.30
N GLN E 103 -13.40 -17.75 -27.69
CA GLN E 103 -13.69 -16.45 -28.33
C GLN E 103 -12.54 -15.98 -29.21
N ALA E 104 -12.88 -15.19 -30.22
CA ALA E 104 -11.97 -14.37 -31.04
C ALA E 104 -12.53 -12.95 -31.02
N ALA E 105 -12.02 -12.12 -30.11
CA ALA E 105 -12.51 -10.73 -29.91
C ALA E 105 -11.42 -9.77 -30.33
N SER E 106 -11.83 -8.61 -30.86
CA SER E 106 -10.90 -7.58 -31.22
C SER E 106 -9.83 -8.07 -32.20
N MET E 107 -8.55 -7.94 -31.85
CA MET E 107 -7.49 -8.37 -32.75
C MET E 107 -7.56 -9.89 -32.98
N GLY E 108 -8.08 -10.64 -32.01
CA GLY E 108 -8.40 -12.07 -32.18
C GLY E 108 -9.32 -12.30 -33.38
N ALA E 109 -10.37 -11.49 -33.53
CA ALA E 109 -11.37 -11.62 -34.64
C ALA E 109 -10.68 -11.31 -35.97
N ILE E 110 -9.83 -10.28 -36.02
CA ILE E 110 -9.05 -9.92 -37.23
C ILE E 110 -8.15 -11.11 -37.66
N LEU E 111 -7.45 -11.75 -36.72
CA LEU E 111 -6.57 -12.91 -37.06
C LEU E 111 -7.41 -14.10 -37.54
N LEU E 112 -8.57 -14.37 -36.93
CA LEU E 112 -9.50 -15.44 -37.36
C LEU E 112 -9.93 -15.20 -38.82
N ALA E 113 -10.34 -13.97 -39.14
CA ALA E 113 -10.81 -13.56 -40.48
C ALA E 113 -9.66 -13.62 -41.49
N ALA E 114 -8.39 -13.57 -41.03
CA ALA E 114 -7.19 -13.42 -41.88
C ALA E 114 -6.66 -14.79 -42.35
N GLY E 115 -7.25 -15.88 -41.87
CA GLY E 115 -6.92 -17.25 -42.33
C GLY E 115 -7.12 -17.40 -43.83
N ALA E 116 -6.52 -18.44 -44.42
CA ALA E 116 -6.61 -18.76 -45.87
C ALA E 116 -8.07 -18.84 -46.27
N PRO E 117 -8.47 -18.20 -47.40
CA PRO E 117 -9.86 -18.25 -47.87
C PRO E 117 -10.38 -19.71 -47.90
N GLY E 118 -11.56 -19.94 -47.31
CA GLY E 118 -12.20 -21.27 -47.25
C GLY E 118 -11.77 -22.10 -46.04
N LYS E 119 -10.74 -21.69 -45.31
CA LYS E 119 -10.16 -22.49 -44.19
C LYS E 119 -10.23 -21.70 -42.89
N ARG E 120 -11.32 -20.96 -42.68
CA ARG E 120 -11.57 -20.22 -41.42
C ARG E 120 -12.78 -20.86 -40.75
N TYR E 121 -12.58 -21.36 -39.54
CA TYR E 121 -13.52 -22.25 -38.81
C TYR E 121 -13.82 -21.64 -37.44
N ALA E 122 -15.02 -21.92 -36.92
CA ALA E 122 -15.37 -21.65 -35.51
C ALA E 122 -16.12 -22.86 -34.95
N LEU E 123 -15.81 -23.21 -33.70
CA LEU E 123 -16.58 -24.22 -32.95
C LEU E 123 -17.91 -23.58 -32.58
N PRO E 124 -18.98 -24.37 -32.39
CA PRO E 124 -20.35 -23.84 -32.42
C PRO E 124 -20.78 -23.02 -31.20
N HIS E 125 -20.04 -23.04 -30.09
CA HIS E 125 -20.37 -22.24 -28.88
C HIS E 125 -19.28 -21.20 -28.62
N SER E 126 -18.44 -20.96 -29.62
CA SER E 126 -17.43 -19.86 -29.59
C SER E 126 -18.17 -18.55 -29.81
N ARG E 127 -17.51 -17.43 -29.57
CA ARG E 127 -18.10 -16.11 -29.92
C ARG E 127 -17.03 -15.23 -30.55
N ILE E 128 -17.46 -14.40 -31.48
CA ILE E 128 -16.61 -13.49 -32.28
C ILE E 128 -17.12 -12.08 -31.99
N MET E 129 -16.21 -11.13 -31.82
CA MET E 129 -16.54 -9.72 -31.53
C MET E 129 -15.52 -8.85 -32.25
N ILE E 130 -16.01 -7.87 -32.99
CA ILE E 130 -15.18 -6.82 -33.64
C ILE E 130 -15.54 -5.49 -32.97
N HIS E 131 -14.56 -4.62 -32.77
CA HIS E 131 -14.78 -3.23 -32.33
C HIS E 131 -13.60 -2.35 -32.77
N GLN E 132 -13.82 -1.04 -32.75
CA GLN E 132 -12.79 -0.04 -33.14
C GLN E 132 -11.70 -0.07 -32.08
N PRO E 133 -10.48 0.38 -32.42
CA PRO E 133 -9.40 0.44 -31.43
C PRO E 133 -9.65 1.44 -30.29
N LEU E 134 -8.94 1.23 -29.19
CA LEU E 134 -8.89 2.10 -27.99
C LEU E 134 -7.46 2.61 -27.84
N GLY E 135 -7.30 3.77 -27.20
CA GLY E 135 -6.00 4.40 -27.00
C GLY E 135 -5.99 5.25 -25.75
N GLY E 136 -4.82 5.76 -25.40
CA GLY E 136 -4.58 6.68 -24.29
C GLY E 136 -3.44 7.60 -24.64
N ILE E 137 -3.64 8.91 -24.48
CA ILE E 137 -2.61 9.95 -24.79
C ILE E 137 -2.75 11.05 -23.74
N GLN E 138 -1.62 11.42 -23.14
CA GLN E 138 -1.49 12.58 -22.22
C GLN E 138 -0.42 13.51 -22.78
N GLY E 139 -0.61 14.82 -22.64
CA GLY E 139 0.43 15.83 -22.91
C GLY E 139 -0.11 17.06 -23.58
N GLN E 140 0.76 17.77 -24.31
CA GLN E 140 0.44 19.04 -25.01
C GLN E 140 -0.64 18.79 -26.07
N ALA E 141 -1.51 19.77 -26.31
CA ALA E 141 -2.54 19.72 -27.36
C ALA E 141 -1.91 19.27 -28.68
N THR E 142 -0.74 19.82 -29.07
CA THR E 142 -0.07 19.45 -30.34
C THR E 142 0.15 17.93 -30.40
N ASP E 143 0.56 17.31 -29.29
CA ASP E 143 0.87 15.86 -29.22
C ASP E 143 -0.43 15.05 -29.24
N ILE E 144 -1.48 15.52 -28.56
CA ILE E 144 -2.80 14.84 -28.52
C ILE E 144 -3.34 14.73 -29.94
N ILE E 145 -3.22 15.78 -30.74
CA ILE E 145 -3.74 15.86 -32.14
C ILE E 145 -2.95 14.88 -33.01
N ILE E 146 -1.62 14.83 -32.85
CA ILE E 146 -0.74 13.92 -33.64
C ILE E 146 -1.15 12.47 -33.39
N HIS E 147 -1.42 12.12 -32.12
CA HIS E 147 -1.78 10.73 -31.71
C HIS E 147 -3.23 10.44 -32.11
N ALA E 148 -4.13 11.44 -32.10
CA ALA E 148 -5.53 11.30 -32.58
C ALA E 148 -5.52 10.98 -34.08
N GLU E 149 -4.63 11.64 -34.83
CA GLU E 149 -4.40 11.40 -36.28
C GLU E 149 -3.88 9.97 -36.47
N GLU E 150 -2.94 9.53 -35.63
CA GLU E 150 -2.36 8.16 -35.73
C GLU E 150 -3.45 7.12 -35.43
N ILE E 151 -4.30 7.31 -34.42
CA ILE E 151 -5.34 6.29 -34.09
C ILE E 151 -6.41 6.29 -35.18
N LYS E 152 -6.67 7.45 -35.81
CA LYS E 152 -7.58 7.54 -36.98
C LYS E 152 -7.03 6.66 -38.11
N ARG E 153 -5.74 6.77 -38.41
CA ARG E 153 -5.07 6.00 -39.50
C ARG E 153 -5.15 4.51 -39.17
N ILE E 154 -4.89 4.11 -37.92
CA ILE E 154 -4.92 2.69 -37.45
C ILE E 154 -6.35 2.14 -37.60
N LYS E 155 -7.37 2.90 -37.19
CA LYS E 155 -8.80 2.48 -37.27
C LYS E 155 -9.17 2.20 -38.75
N GLU E 156 -8.81 3.11 -39.64
CA GLU E 156 -9.08 3.03 -41.11
C GLU E 156 -8.39 1.81 -41.72
N MET E 157 -7.18 1.49 -41.24
CA MET E 157 -6.40 0.30 -41.68
C MET E 157 -7.11 -0.98 -41.19
N LEU E 158 -7.62 -1.02 -39.95
CA LEU E 158 -8.35 -2.20 -39.43
C LEU E 158 -9.65 -2.40 -40.22
N ILE E 159 -10.35 -1.31 -40.56
CA ILE E 159 -11.56 -1.36 -41.43
C ILE E 159 -11.17 -1.96 -42.80
N ASP E 160 -10.06 -1.51 -43.39
CA ASP E 160 -9.57 -2.01 -44.71
C ASP E 160 -9.36 -3.53 -44.61
N ILE E 161 -8.67 -4.00 -43.58
CA ILE E 161 -8.32 -5.43 -43.39
C ILE E 161 -9.61 -6.26 -43.26
N LEU E 162 -10.56 -5.80 -42.44
CA LEU E 162 -11.86 -6.49 -42.22
C LEU E 162 -12.64 -6.57 -43.53
N ALA E 163 -12.69 -5.48 -44.31
CA ALA E 163 -13.39 -5.40 -45.62
C ALA E 163 -12.81 -6.43 -46.59
N LYS E 164 -11.47 -6.47 -46.70
CA LYS E 164 -10.72 -7.38 -47.58
C LYS E 164 -11.09 -8.84 -47.27
N HIS E 165 -11.10 -9.25 -46.01
CA HIS E 165 -11.26 -10.69 -45.64
C HIS E 165 -12.74 -11.08 -45.55
N THR E 166 -13.64 -10.13 -45.31
CA THR E 166 -15.09 -10.39 -45.20
C THR E 166 -15.80 -10.19 -46.55
N GLY E 167 -15.30 -9.26 -47.39
CA GLY E 167 -16.01 -8.81 -48.59
C GLY E 167 -17.10 -7.81 -48.26
N GLN E 168 -17.26 -7.40 -47.00
CA GLN E 168 -18.24 -6.37 -46.59
C GLN E 168 -17.77 -5.02 -47.11
N PRO E 169 -18.69 -4.10 -47.46
CA PRO E 169 -18.30 -2.72 -47.76
C PRO E 169 -17.72 -2.01 -46.54
N LYS E 170 -16.73 -1.14 -46.79
CA LYS E 170 -15.94 -0.42 -45.74
C LYS E 170 -16.90 0.33 -44.82
N ASP E 171 -17.93 0.99 -45.37
CA ASP E 171 -18.86 1.84 -44.58
C ASP E 171 -19.68 0.96 -43.63
N LYS E 172 -20.03 -0.27 -44.02
CA LYS E 172 -20.78 -1.22 -43.13
C LYS E 172 -19.87 -1.64 -41.96
N ILE E 173 -18.61 -2.00 -42.25
CA ILE E 173 -17.61 -2.36 -41.19
C ILE E 173 -17.53 -1.17 -40.23
N ALA E 174 -17.27 0.03 -40.76
CA ALA E 174 -17.06 1.27 -39.99
C ALA E 174 -18.25 1.46 -39.03
N ASN E 175 -19.47 1.33 -39.55
CA ASN E 175 -20.69 1.52 -38.72
C ASN E 175 -20.74 0.44 -37.63
N ASP E 176 -20.45 -0.81 -37.96
CA ASP E 176 -20.63 -1.98 -37.05
C ASP E 176 -19.59 -1.97 -35.92
N ILE E 177 -18.37 -1.44 -36.13
CA ILE E 177 -17.28 -1.51 -35.10
C ILE E 177 -17.30 -0.27 -34.18
N GLU E 178 -18.19 0.70 -34.37
CA GLU E 178 -18.32 1.88 -33.49
C GLU E 178 -18.55 1.43 -32.04
N ARG E 179 -19.32 0.35 -31.84
CA ARG E 179 -19.56 -0.27 -30.51
C ARG E 179 -19.26 -1.77 -30.60
N ASP E 180 -19.04 -2.42 -29.46
CA ASP E 180 -18.78 -3.88 -29.38
C ASP E 180 -19.87 -4.59 -30.20
N TYR E 181 -19.45 -5.32 -31.23
CA TYR E 181 -20.33 -6.05 -32.17
C TYR E 181 -20.11 -7.56 -31.98
N PHE E 182 -20.96 -8.19 -31.16
CA PHE E 182 -20.85 -9.63 -30.78
C PHE E 182 -21.61 -10.48 -31.81
N MET E 183 -21.03 -11.62 -32.18
CA MET E 183 -21.64 -12.56 -33.16
C MET E 183 -21.50 -13.99 -32.66
N SER E 184 -22.56 -14.77 -32.80
CA SER E 184 -22.53 -16.25 -32.78
C SER E 184 -21.70 -16.71 -33.96
N PRO E 185 -21.22 -17.97 -33.98
CA PRO E 185 -20.48 -18.49 -35.13
C PRO E 185 -21.27 -18.40 -36.46
N TYR E 186 -22.58 -18.61 -36.45
CA TYR E 186 -23.43 -18.58 -37.66
C TYR E 186 -23.56 -17.13 -38.15
N GLU E 187 -23.65 -16.16 -37.24
CA GLU E 187 -23.67 -14.71 -37.60
C GLU E 187 -22.30 -14.32 -38.20
N ALA E 188 -21.20 -14.83 -37.63
CA ALA E 188 -19.82 -14.55 -38.11
C ALA E 188 -19.64 -15.10 -39.54
N LYS E 189 -20.24 -16.26 -39.83
CA LYS E 189 -20.18 -16.92 -41.16
C LYS E 189 -20.94 -16.06 -42.19
N ASP E 190 -22.15 -15.59 -41.86
CA ASP E 190 -22.97 -14.66 -42.69
C ASP E 190 -22.22 -13.34 -42.92
N TYR E 191 -21.45 -12.88 -41.94
CA TYR E 191 -20.70 -11.60 -42.00
C TYR E 191 -19.49 -11.74 -42.93
N GLY E 192 -18.95 -12.96 -43.08
CA GLY E 192 -17.76 -13.25 -43.91
C GLY E 192 -16.47 -13.31 -43.10
N LEU E 193 -16.56 -13.42 -41.77
CA LEU E 193 -15.39 -13.51 -40.84
C LEU E 193 -14.87 -14.96 -40.77
N ILE E 194 -15.75 -15.94 -40.97
CA ILE E 194 -15.37 -17.39 -41.09
C ILE E 194 -16.09 -18.00 -42.28
N ASP E 195 -15.67 -19.20 -42.69
CA ASP E 195 -16.25 -19.96 -43.84
C ASP E 195 -17.18 -21.07 -43.35
N LYS E 196 -16.89 -21.69 -42.20
CA LYS E 196 -17.62 -22.89 -41.73
C LYS E 196 -17.68 -22.89 -40.20
N VAL E 197 -18.85 -23.25 -39.66
CA VAL E 197 -19.06 -23.63 -38.22
C VAL E 197 -18.90 -25.16 -38.17
N ILE E 198 -17.97 -25.65 -37.34
CA ILE E 198 -17.64 -27.10 -37.24
C ILE E 198 -18.12 -27.61 -35.89
N GLU E 199 -18.75 -28.78 -35.84
CA GLU E 199 -19.29 -29.38 -34.59
C GLU E 199 -18.51 -30.65 -34.20
N LYS E 200 -18.29 -31.59 -35.14
CA LYS E 200 -17.73 -32.94 -34.82
C LYS E 200 -16.42 -33.18 -35.60
N VAL F 12 7.75 -21.53 -23.86
CA VAL F 12 8.71 -21.45 -25.01
C VAL F 12 8.89 -22.86 -25.60
N PRO F 13 8.29 -23.15 -26.78
CA PRO F 13 8.28 -24.51 -27.32
C PRO F 13 9.65 -25.10 -27.68
N ILE F 14 9.72 -26.43 -27.75
CA ILE F 14 10.97 -27.25 -27.88
C ILE F 14 10.94 -28.02 -29.21
N VAL F 15 12.08 -28.08 -29.91
CA VAL F 15 12.33 -28.92 -31.13
C VAL F 15 13.60 -29.75 -30.87
N TYR F 26 16.43 -28.02 -28.49
CA TYR F 26 16.39 -26.62 -29.00
C TYR F 26 15.02 -26.00 -28.69
N ASP F 27 15.02 -24.86 -27.98
CA ASP F 27 13.83 -23.97 -27.90
C ASP F 27 13.64 -23.34 -29.28
N ILE F 28 12.45 -22.79 -29.57
CA ILE F 28 12.05 -22.29 -30.91
C ILE F 28 13.02 -21.19 -31.37
N TYR F 29 13.42 -20.28 -30.47
CA TYR F 29 14.29 -19.13 -30.81
C TYR F 29 15.68 -19.64 -31.20
N SER F 30 16.22 -20.60 -30.43
CA SER F 30 17.53 -21.25 -30.69
C SER F 30 17.52 -21.90 -32.07
N ARG F 31 16.40 -22.53 -32.43
CA ARG F 31 16.21 -23.23 -33.72
C ARG F 31 16.24 -22.20 -34.86
N LEU F 32 15.55 -21.07 -34.70
CA LEU F 32 15.56 -19.97 -35.70
C LEU F 32 16.96 -19.34 -35.77
N LEU F 33 17.69 -19.29 -34.66
CA LEU F 33 19.08 -18.78 -34.59
C LEU F 33 19.98 -19.61 -35.51
N GLN F 34 19.72 -20.92 -35.65
CA GLN F 34 20.44 -21.80 -36.61
C GLN F 34 20.29 -21.27 -38.04
N ASP F 35 19.13 -20.68 -38.36
CA ASP F 35 18.82 -20.05 -39.68
C ASP F 35 19.27 -18.58 -39.70
N ARG F 36 20.05 -18.14 -38.72
CA ARG F 36 20.60 -16.75 -38.62
C ARG F 36 19.44 -15.75 -38.51
N ILE F 37 18.35 -16.15 -37.83
CA ILE F 37 17.19 -15.28 -37.50
C ILE F 37 17.32 -14.85 -36.03
N VAL F 38 17.32 -13.54 -35.79
CA VAL F 38 17.33 -12.92 -34.44
C VAL F 38 16.04 -12.09 -34.30
N LEU F 39 15.31 -12.27 -33.20
CA LEU F 39 14.06 -11.54 -32.91
C LEU F 39 14.34 -10.45 -31.87
N LEU F 40 14.17 -9.19 -32.24
CA LEU F 40 14.09 -8.05 -31.29
C LEU F 40 12.60 -7.65 -31.17
N GLY F 41 11.90 -8.24 -30.20
CA GLY F 41 10.46 -8.13 -30.03
C GLY F 41 10.07 -7.59 -28.66
N SER F 42 10.83 -6.63 -28.13
CA SER F 42 10.55 -6.04 -26.80
C SER F 42 11.08 -4.62 -26.73
N PRO F 43 10.68 -3.85 -25.69
CA PRO F 43 11.33 -2.59 -25.38
C PRO F 43 12.83 -2.86 -25.21
N ILE F 44 13.68 -1.90 -25.58
CA ILE F 44 15.16 -2.07 -25.55
C ILE F 44 15.69 -1.53 -24.22
N ASP F 45 16.18 -2.42 -23.36
CA ASP F 45 16.95 -2.08 -22.13
C ASP F 45 18.29 -2.80 -22.23
N ASP F 46 19.15 -2.65 -21.22
CA ASP F 46 20.54 -3.19 -21.23
C ASP F 46 20.47 -4.72 -21.38
N HIS F 47 19.49 -5.38 -20.74
CA HIS F 47 19.33 -6.85 -20.74
C HIS F 47 19.07 -7.34 -22.17
N VAL F 48 18.17 -6.68 -22.89
CA VAL F 48 17.80 -7.02 -24.29
C VAL F 48 19.03 -6.77 -25.20
N ALA F 49 19.68 -5.62 -25.06
CA ALA F 49 20.87 -5.24 -25.85
C ALA F 49 21.96 -6.32 -25.72
N ASN F 50 22.24 -6.78 -24.50
CA ASN F 50 23.26 -7.84 -24.23
C ASN F 50 22.90 -9.12 -25.00
N LEU F 51 21.62 -9.49 -24.99
CA LEU F 51 21.10 -10.71 -25.64
C LEU F 51 21.22 -10.59 -27.16
N ILE F 52 20.89 -9.42 -27.71
CA ILE F 52 20.93 -9.18 -29.19
C ILE F 52 22.40 -9.17 -29.62
N VAL F 53 23.26 -8.46 -28.89
CA VAL F 53 24.71 -8.34 -29.23
C VAL F 53 25.31 -9.75 -29.20
N ALA F 54 25.04 -10.53 -28.15
CA ALA F 54 25.52 -11.92 -27.98
C ALA F 54 25.15 -12.77 -29.20
N GLN F 55 23.90 -12.66 -29.68
CA GLN F 55 23.41 -13.40 -30.87
C GLN F 55 24.17 -12.93 -32.12
N LEU F 56 24.39 -11.63 -32.28
CA LEU F 56 25.11 -11.06 -33.46
C LEU F 56 26.57 -11.54 -33.46
N LEU F 57 27.25 -11.50 -32.31
CA LEU F 57 28.67 -11.94 -32.16
C LEU F 57 28.80 -13.46 -32.38
N PHE F 58 27.84 -14.24 -31.88
CA PHE F 58 27.81 -15.71 -32.06
C PHE F 58 27.65 -16.03 -33.55
N LEU F 59 26.68 -15.41 -34.23
CA LEU F 59 26.37 -15.68 -35.66
C LEU F 59 27.59 -15.29 -36.52
N GLU F 60 28.24 -14.17 -36.21
CA GLU F 60 29.45 -13.72 -36.94
C GLU F 60 30.54 -14.79 -36.87
N SER F 61 30.77 -15.35 -35.67
CA SER F 61 31.83 -16.37 -35.39
C SER F 61 31.47 -17.70 -36.07
N GLN F 62 30.18 -18.00 -36.28
CA GLN F 62 29.72 -19.21 -37.01
C GLN F 62 30.01 -19.06 -38.51
N ASP F 63 29.83 -17.86 -39.07
CA ASP F 63 30.04 -17.58 -40.51
C ASP F 63 30.05 -16.07 -40.73
N PRO F 64 31.25 -15.45 -40.89
CA PRO F 64 31.35 -14.01 -41.03
C PRO F 64 30.84 -13.43 -42.36
N ASP F 65 30.44 -14.28 -43.32
CA ASP F 65 30.10 -13.86 -44.71
C ASP F 65 28.59 -13.94 -44.98
N LYS F 66 27.82 -14.71 -44.20
CA LYS F 66 26.37 -14.94 -44.45
C LYS F 66 25.54 -13.86 -43.75
N ASP F 67 24.50 -13.36 -44.43
CA ASP F 67 23.54 -12.36 -43.90
C ASP F 67 22.96 -12.85 -42.57
N ILE F 68 22.67 -11.90 -41.68
CA ILE F 68 21.86 -12.11 -40.45
C ILE F 68 20.52 -11.42 -40.68
N TYR F 69 19.42 -12.04 -40.21
CA TYR F 69 18.03 -11.55 -40.37
C TYR F 69 17.52 -11.07 -39.00
N LEU F 70 17.48 -9.74 -38.81
CA LEU F 70 17.01 -9.09 -37.55
C LEU F 70 15.57 -8.60 -37.74
N TYR F 71 14.62 -9.34 -37.16
CA TYR F 71 13.19 -8.98 -37.09
C TYR F 71 13.04 -7.97 -35.96
N ILE F 72 12.36 -6.85 -36.24
CA ILE F 72 12.20 -5.74 -35.26
C ILE F 72 10.71 -5.48 -35.04
N ASN F 73 10.27 -5.70 -33.81
CA ASN F 73 8.95 -5.26 -33.28
C ASN F 73 9.18 -4.62 -31.90
N SER F 74 9.44 -3.31 -31.85
CA SER F 74 9.92 -2.60 -30.64
C SER F 74 9.42 -1.17 -30.59
N PRO F 75 8.93 -0.71 -29.41
CA PRO F 75 8.58 0.70 -29.22
C PRO F 75 9.81 1.57 -28.94
N GLY F 76 10.99 0.94 -28.85
CA GLY F 76 12.27 1.57 -28.49
C GLY F 76 12.61 1.31 -27.04
N GLY F 77 13.28 2.27 -26.40
CA GLY F 77 13.68 2.23 -24.98
C GLY F 77 14.94 3.03 -24.74
N SER F 78 15.92 2.44 -24.04
CA SER F 78 17.17 3.12 -23.62
C SER F 78 17.99 3.49 -24.85
N VAL F 79 18.40 4.76 -24.96
CA VAL F 79 19.23 5.24 -26.10
C VAL F 79 20.57 4.49 -26.09
N THR F 80 21.22 4.34 -24.92
CA THR F 80 22.57 3.74 -24.84
C THR F 80 22.48 2.24 -25.13
N ALA F 81 21.42 1.56 -24.70
CA ALA F 81 21.19 0.13 -25.02
C ALA F 81 20.99 -0.02 -26.54
N GLY F 82 20.17 0.84 -27.14
CA GLY F 82 19.96 0.89 -28.60
C GLY F 82 21.27 1.07 -29.36
N LEU F 83 22.17 1.92 -28.87
CA LEU F 83 23.42 2.25 -29.59
C LEU F 83 24.45 1.13 -29.40
N ALA F 84 24.38 0.34 -28.32
CA ALA F 84 25.14 -0.92 -28.17
C ALA F 84 24.81 -1.85 -29.34
N ILE F 85 23.52 -2.03 -29.65
CA ILE F 85 23.06 -2.89 -30.77
C ILE F 85 23.49 -2.23 -32.10
N TYR F 86 23.18 -0.95 -32.28
CA TYR F 86 23.53 -0.17 -33.50
C TYR F 86 25.01 -0.38 -33.84
N ASP F 87 25.90 -0.11 -32.89
CA ASP F 87 27.38 -0.18 -33.11
C ASP F 87 27.81 -1.62 -33.42
N THR F 88 27.21 -2.60 -32.75
CA THR F 88 27.50 -4.04 -32.99
C THR F 88 27.05 -4.44 -34.40
N MET F 89 25.89 -3.95 -34.84
CA MET F 89 25.35 -4.19 -36.21
C MET F 89 26.36 -3.71 -37.25
N GLN F 90 26.93 -2.51 -37.05
CA GLN F 90 27.86 -1.85 -37.99
C GLN F 90 29.22 -2.54 -37.94
N TYR F 91 29.62 -3.05 -36.76
CA TYR F 91 30.99 -3.52 -36.46
C TYR F 91 31.24 -4.89 -37.09
N ILE F 92 30.28 -5.82 -37.01
CA ILE F 92 30.43 -7.24 -37.46
C ILE F 92 30.51 -7.29 -38.99
N LYS F 93 31.14 -8.35 -39.52
CA LYS F 93 31.38 -8.52 -40.98
C LYS F 93 30.06 -8.82 -41.70
N PRO F 94 29.20 -9.74 -41.20
CA PRO F 94 27.96 -10.07 -41.90
C PRO F 94 27.06 -8.85 -42.09
N ASP F 95 26.44 -8.72 -43.27
CA ASP F 95 25.30 -7.81 -43.52
C ASP F 95 24.18 -8.17 -42.54
N VAL F 96 23.60 -7.17 -41.87
CA VAL F 96 22.39 -7.37 -41.02
C VAL F 96 21.17 -6.89 -41.80
N VAL F 97 20.34 -7.85 -42.25
CA VAL F 97 19.01 -7.61 -42.89
C VAL F 97 18.03 -7.22 -41.77
N THR F 98 17.36 -6.08 -41.89
CA THR F 98 16.33 -5.63 -40.91
C THR F 98 14.94 -5.83 -41.53
N ILE F 99 14.02 -6.40 -40.75
CA ILE F 99 12.60 -6.62 -41.15
C ILE F 99 11.71 -6.06 -40.03
N CYS F 100 10.94 -5.03 -40.35
CA CYS F 100 9.95 -4.41 -39.43
C CYS F 100 8.65 -5.22 -39.51
N MET F 101 8.18 -5.72 -38.36
CA MET F 101 6.82 -6.29 -38.18
C MET F 101 6.16 -5.64 -36.95
N GLY F 102 4.88 -5.31 -37.04
CA GLY F 102 4.16 -4.60 -35.97
C GLY F 102 4.59 -3.15 -35.93
N GLN F 103 5.70 -2.83 -35.25
CA GLN F 103 6.25 -1.44 -35.27
C GLN F 103 7.75 -1.40 -35.04
N ALA F 104 8.37 -0.33 -35.54
CA ALA F 104 9.74 0.13 -35.22
C ALA F 104 9.64 1.63 -34.92
N ALA F 105 9.59 1.94 -33.64
CA ALA F 105 9.45 3.31 -33.14
C ALA F 105 10.68 3.67 -32.30
N SER F 106 11.03 4.96 -32.30
CA SER F 106 12.14 5.51 -31.53
C SER F 106 13.45 4.79 -31.92
N MET F 107 14.12 4.12 -30.97
CA MET F 107 15.38 3.40 -31.25
C MET F 107 15.14 2.20 -32.17
N GLY F 108 13.94 1.62 -32.14
CA GLY F 108 13.57 0.56 -33.07
C GLY F 108 13.66 1.05 -34.50
N ALA F 109 13.22 2.27 -34.77
CA ALA F 109 13.29 2.89 -36.11
C ALA F 109 14.76 3.11 -36.51
N ILE F 110 15.62 3.48 -35.57
CA ILE F 110 17.06 3.70 -35.86
C ILE F 110 17.70 2.36 -36.25
N LEU F 111 17.41 1.29 -35.52
CA LEU F 111 17.99 -0.07 -35.79
C LEU F 111 17.48 -0.58 -37.14
N LEU F 112 16.19 -0.40 -37.43
CA LEU F 112 15.59 -0.72 -38.75
C LEU F 112 16.39 -0.01 -39.84
N ALA F 113 16.50 1.32 -39.73
CA ALA F 113 17.19 2.20 -40.72
C ALA F 113 18.68 1.83 -40.84
N ALA F 114 19.27 1.15 -39.85
CA ALA F 114 20.72 0.85 -39.78
C ALA F 114 21.07 -0.48 -40.44
N GLY F 115 20.10 -1.23 -40.97
CA GLY F 115 20.34 -2.48 -41.70
C GLY F 115 21.21 -2.25 -42.93
N ALA F 116 21.82 -3.32 -43.46
CA ALA F 116 22.67 -3.27 -44.67
C ALA F 116 21.94 -2.54 -45.78
N PRO F 117 22.58 -1.56 -46.46
CA PRO F 117 21.94 -0.83 -47.56
C PRO F 117 21.30 -1.78 -48.60
N GLY F 118 20.03 -1.52 -48.94
CA GLY F 118 19.24 -2.34 -49.88
C GLY F 118 18.57 -3.52 -49.22
N LYS F 119 18.84 -3.81 -47.95
CA LYS F 119 18.28 -5.02 -47.24
C LYS F 119 17.51 -4.58 -45.99
N ARG F 120 16.77 -3.47 -46.08
CA ARG F 120 15.90 -2.97 -44.99
C ARG F 120 14.45 -3.10 -45.44
N TYR F 121 13.68 -3.96 -44.77
CA TYR F 121 12.31 -4.36 -45.15
C TYR F 121 11.31 -3.96 -44.06
N ALA F 122 10.07 -3.76 -44.48
CA ALA F 122 8.90 -3.58 -43.59
C ALA F 122 7.74 -4.39 -44.16
N LEU F 123 6.99 -5.05 -43.29
CA LEU F 123 5.71 -5.71 -43.67
C LEU F 123 4.64 -4.63 -43.81
N PRO F 124 3.60 -4.85 -44.65
CA PRO F 124 2.77 -3.75 -45.16
C PRO F 124 1.85 -3.04 -44.14
N HIS F 125 1.57 -3.63 -42.98
CA HIS F 125 0.69 -3.03 -41.94
C HIS F 125 1.49 -2.69 -40.68
N SER F 126 2.82 -2.73 -40.78
CA SER F 126 3.74 -2.28 -39.71
C SER F 126 3.69 -0.75 -39.67
N ARG F 127 4.14 -0.14 -38.58
CA ARG F 127 4.31 1.33 -38.55
C ARG F 127 5.71 1.68 -38.04
N ILE F 128 6.23 2.79 -38.52
CA ILE F 128 7.58 3.29 -38.19
C ILE F 128 7.39 4.70 -37.61
N MET F 129 8.08 4.99 -36.51
CA MET F 129 8.00 6.32 -35.85
C MET F 129 9.39 6.74 -35.38
N ILE F 130 9.74 8.00 -35.64
CA ILE F 130 10.99 8.65 -35.16
C ILE F 130 10.58 9.86 -34.30
N HIS F 131 11.36 10.12 -33.26
CA HIS F 131 11.21 11.32 -32.40
C HIS F 131 12.51 11.56 -31.64
N GLN F 132 12.67 12.79 -31.18
CA GLN F 132 13.83 13.25 -30.38
C GLN F 132 13.83 12.45 -29.08
N PRO F 133 14.99 12.36 -28.38
CA PRO F 133 15.06 11.59 -27.15
C PRO F 133 14.37 12.33 -25.99
N LEU F 134 14.07 11.58 -24.94
CA LEU F 134 13.45 12.08 -23.69
C LEU F 134 14.44 11.83 -22.55
N GLY F 135 14.31 12.62 -21.49
CA GLY F 135 15.19 12.54 -20.32
C GLY F 135 14.45 12.93 -19.06
N GLY F 136 15.13 12.77 -17.94
CA GLY F 136 14.67 13.15 -16.59
C GLY F 136 15.88 13.46 -15.75
N ILE F 137 15.92 14.63 -15.12
CA ILE F 137 17.08 15.09 -14.30
C ILE F 137 16.54 15.87 -13.10
N GLN F 138 17.02 15.53 -11.91
CA GLN F 138 16.70 16.19 -10.63
C GLN F 138 18.02 16.60 -9.98
N GLY F 139 18.05 17.77 -9.36
CA GLY F 139 19.14 18.18 -8.48
C GLY F 139 19.50 19.63 -8.68
N GLN F 140 20.77 19.96 -8.43
CA GLN F 140 21.31 21.34 -8.45
C GLN F 140 21.28 21.87 -9.88
N ALA F 141 21.07 23.18 -10.05
CA ALA F 141 21.10 23.87 -11.36
C ALA F 141 22.32 23.38 -12.15
N THR F 142 23.51 23.38 -11.56
CA THR F 142 24.77 22.97 -12.25
C THR F 142 24.61 21.56 -12.86
N ASP F 143 24.04 20.60 -12.13
CA ASP F 143 23.87 19.20 -12.62
C ASP F 143 22.79 19.17 -13.71
N ILE F 144 21.69 19.93 -13.54
CA ILE F 144 20.60 20.02 -14.56
C ILE F 144 21.21 20.49 -15.90
N ILE F 145 22.02 21.53 -15.87
CA ILE F 145 22.68 22.13 -17.07
C ILE F 145 23.63 21.09 -17.70
N ILE F 146 24.43 20.40 -16.89
CA ILE F 146 25.34 19.33 -17.39
C ILE F 146 24.53 18.26 -18.15
N HIS F 147 23.40 17.82 -17.59
CA HIS F 147 22.58 16.74 -18.19
C HIS F 147 21.82 17.25 -19.43
N ALA F 148 21.46 18.54 -19.48
CA ALA F 148 20.85 19.22 -20.65
C ALA F 148 21.86 19.23 -21.81
N GLU F 149 23.12 19.55 -21.54
CA GLU F 149 24.25 19.49 -22.50
C GLU F 149 24.35 18.06 -23.05
N GLU F 150 24.27 17.05 -22.18
CA GLU F 150 24.43 15.63 -22.58
C GLU F 150 23.26 15.22 -23.49
N ILE F 151 22.01 15.56 -23.15
CA ILE F 151 20.84 15.15 -23.98
C ILE F 151 20.89 15.88 -25.33
N LYS F 152 21.35 17.14 -25.35
CA LYS F 152 21.61 17.89 -26.61
C LYS F 152 22.60 17.11 -27.48
N ARG F 153 23.75 16.70 -26.92
CA ARG F 153 24.79 15.92 -27.63
C ARG F 153 24.15 14.64 -28.20
N ILE F 154 23.34 13.94 -27.41
CA ILE F 154 22.71 12.64 -27.79
C ILE F 154 21.73 12.90 -28.94
N LYS F 155 20.94 13.96 -28.85
CA LYS F 155 19.95 14.34 -29.88
C LYS F 155 20.68 14.58 -31.20
N GLU F 156 21.77 15.36 -31.18
CA GLU F 156 22.57 15.69 -32.39
C GLU F 156 23.15 14.40 -32.99
N MET F 157 23.61 13.47 -32.15
CA MET F 157 24.14 12.16 -32.61
C MET F 157 23.03 11.35 -33.30
N LEU F 158 21.82 11.28 -32.73
CA LEU F 158 20.70 10.49 -33.32
C LEU F 158 20.31 11.10 -34.67
N ILE F 159 20.28 12.43 -34.78
CA ILE F 159 20.02 13.16 -36.06
C ILE F 159 21.08 12.74 -37.09
N ASP F 160 22.36 12.69 -36.69
CA ASP F 160 23.50 12.33 -37.58
C ASP F 160 23.30 10.91 -38.11
N ILE F 161 22.98 9.95 -37.23
CA ILE F 161 22.78 8.52 -37.59
C ILE F 161 21.61 8.43 -38.59
N LEU F 162 20.47 9.08 -38.31
CA LEU F 162 19.28 9.05 -39.19
C LEU F 162 19.62 9.64 -40.56
N ALA F 163 20.36 10.76 -40.60
CA ALA F 163 20.74 11.47 -41.85
C ALA F 163 21.62 10.55 -42.69
N LYS F 164 22.61 9.92 -42.05
CA LYS F 164 23.53 8.94 -42.68
C LYS F 164 22.72 7.83 -43.36
N HIS F 165 21.83 7.13 -42.64
CA HIS F 165 21.18 5.90 -43.19
C HIS F 165 20.02 6.25 -44.14
N THR F 166 19.41 7.43 -44.01
CA THR F 166 18.25 7.86 -44.86
C THR F 166 18.72 8.67 -46.06
N GLY F 167 19.86 9.36 -45.98
CA GLY F 167 20.31 10.31 -47.02
C GLY F 167 19.58 11.64 -46.94
N GLN F 168 18.75 11.83 -45.92
CA GLN F 168 18.02 13.10 -45.67
C GLN F 168 19.02 14.12 -45.12
N PRO F 169 18.88 15.43 -45.45
CA PRO F 169 19.71 16.45 -44.82
C PRO F 169 19.43 16.53 -43.31
N LYS F 170 20.47 16.81 -42.52
CA LYS F 170 20.40 16.87 -41.04
C LYS F 170 19.27 17.80 -40.59
N ASP F 171 19.07 18.94 -41.28
CA ASP F 171 18.10 19.99 -40.89
C ASP F 171 16.67 19.48 -41.09
N LYS F 172 16.43 18.60 -42.07
CA LYS F 172 15.09 18.00 -42.29
C LYS F 172 14.77 17.00 -41.17
N ILE F 173 15.72 16.11 -40.86
CA ILE F 173 15.60 15.14 -39.73
C ILE F 173 15.27 15.92 -38.44
N ALA F 174 16.08 16.94 -38.12
CA ALA F 174 15.96 17.74 -36.87
C ALA F 174 14.54 18.31 -36.77
N ASN F 175 14.04 18.88 -37.86
CA ASN F 175 12.68 19.45 -37.92
C ASN F 175 11.65 18.35 -37.63
N ASP F 176 11.79 17.19 -38.27
CA ASP F 176 10.79 16.10 -38.28
C ASP F 176 10.69 15.39 -36.93
N ILE F 177 11.78 15.32 -36.13
CA ILE F 177 11.78 14.53 -34.86
C ILE F 177 11.40 15.40 -33.65
N GLU F 178 11.05 16.67 -33.85
CA GLU F 178 10.67 17.57 -32.72
C GLU F 178 9.43 17.00 -32.02
N ARG F 179 8.52 16.42 -32.81
CA ARG F 179 7.31 15.69 -32.31
C ARG F 179 7.28 14.30 -32.95
N ASP F 180 6.49 13.40 -32.36
CA ASP F 180 6.26 12.02 -32.86
C ASP F 180 5.91 12.08 -34.34
N TYR F 181 6.73 11.42 -35.16
CA TYR F 181 6.62 11.41 -36.64
C TYR F 181 6.29 9.97 -37.08
N PHE F 182 5.00 9.65 -37.16
CA PHE F 182 4.48 8.31 -37.56
C PHE F 182 4.45 8.21 -39.09
N MET F 183 4.85 7.06 -39.62
CA MET F 183 4.87 6.75 -41.08
C MET F 183 4.32 5.34 -41.32
N SER F 184 3.56 5.17 -42.39
CA SER F 184 3.27 3.85 -43.01
C SER F 184 4.56 3.30 -43.60
N PRO F 185 4.64 1.99 -43.91
CA PRO F 185 5.82 1.44 -44.57
C PRO F 185 6.16 2.18 -45.87
N TYR F 186 5.15 2.61 -46.63
CA TYR F 186 5.35 3.29 -47.95
C TYR F 186 5.95 4.68 -47.71
N GLU F 187 5.50 5.40 -46.68
CA GLU F 187 6.08 6.72 -46.29
C GLU F 187 7.51 6.51 -45.79
N ALA F 188 7.76 5.43 -45.03
CA ALA F 188 9.10 5.10 -44.48
C ALA F 188 10.08 4.82 -45.62
N LYS F 189 9.62 4.18 -46.71
CA LYS F 189 10.45 3.90 -47.91
C LYS F 189 10.80 5.22 -48.60
N ASP F 190 9.81 6.09 -48.81
CA ASP F 190 9.98 7.46 -49.38
C ASP F 190 10.96 8.27 -48.53
N TYR F 191 10.92 8.10 -47.21
CA TYR F 191 11.79 8.84 -46.26
C TYR F 191 13.23 8.31 -46.34
N GLY F 192 13.44 7.05 -46.75
CA GLY F 192 14.76 6.40 -46.82
C GLY F 192 15.09 5.58 -45.57
N LEU F 193 14.10 5.30 -44.72
CA LEU F 193 14.29 4.46 -43.50
C LEU F 193 14.31 2.98 -43.87
N ILE F 194 13.62 2.59 -44.95
CA ILE F 194 13.64 1.20 -45.50
C ILE F 194 13.83 1.25 -47.02
N ASP F 195 14.13 0.10 -47.63
CA ASP F 195 14.41 -0.05 -49.08
C ASP F 195 13.21 -0.68 -49.80
N LYS F 196 12.45 -1.56 -49.14
CA LYS F 196 11.30 -2.29 -49.76
C LYS F 196 10.23 -2.62 -48.72
N VAL F 197 8.97 -2.41 -49.10
CA VAL F 197 7.78 -2.98 -48.42
C VAL F 197 7.55 -4.37 -49.01
N ILE F 198 7.56 -5.42 -48.18
CA ILE F 198 7.42 -6.84 -48.63
C ILE F 198 6.06 -7.35 -48.18
N GLU F 199 5.37 -8.11 -49.03
CA GLU F 199 3.97 -8.57 -48.82
C GLU F 199 3.90 -10.10 -48.73
N LYS F 200 4.60 -10.82 -49.62
CA LYS F 200 4.42 -12.29 -49.79
C LYS F 200 5.79 -12.99 -49.78
N VAL G 12 17.15 -16.81 -22.85
CA VAL G 12 18.61 -17.07 -23.02
C VAL G 12 18.80 -18.26 -23.96
N PRO G 13 19.08 -18.04 -25.26
CA PRO G 13 19.13 -19.12 -26.26
C PRO G 13 20.23 -20.18 -26.07
N ILE G 14 20.10 -21.30 -26.77
CA ILE G 14 20.88 -22.57 -26.60
C ILE G 14 21.61 -22.91 -27.90
N VAL G 15 22.83 -23.45 -27.81
CA VAL G 15 23.66 -23.94 -28.98
C VAL G 15 24.21 -25.34 -28.62
N TYR G 26 24.95 -25.57 -24.48
CA TYR G 26 25.58 -24.27 -24.16
C TYR G 26 24.58 -23.14 -24.38
N ASP G 27 24.34 -22.30 -23.36
CA ASP G 27 23.62 -21.01 -23.54
C ASP G 27 24.53 -20.07 -24.34
N ILE G 28 23.98 -18.99 -24.89
CA ILE G 28 24.71 -18.06 -25.81
C ILE G 28 25.93 -17.47 -25.08
N TYR G 29 25.80 -17.14 -23.80
CA TYR G 29 26.89 -16.53 -22.98
C TYR G 29 27.99 -17.57 -22.71
N SER G 30 27.60 -18.80 -22.34
CA SER G 30 28.53 -19.94 -22.14
C SER G 30 29.32 -20.19 -23.43
N ARG G 31 28.66 -20.13 -24.59
CA ARG G 31 29.32 -20.34 -25.91
C ARG G 31 30.36 -19.25 -26.15
N LEU G 32 30.02 -17.98 -25.87
CA LEU G 32 30.96 -16.84 -26.02
C LEU G 32 32.12 -17.00 -25.02
N LEU G 33 31.85 -17.54 -23.83
CA LEU G 33 32.88 -17.79 -22.79
C LEU G 33 33.95 -18.74 -23.35
N GLN G 34 33.60 -19.64 -24.26
CA GLN G 34 34.58 -20.56 -24.91
C GLN G 34 35.56 -19.78 -25.79
N ASP G 35 35.16 -18.60 -26.29
CA ASP G 35 36.04 -17.67 -27.05
C ASP G 35 36.64 -16.62 -26.10
N ARG G 36 36.54 -16.84 -24.79
CA ARG G 36 37.16 -15.99 -23.74
C ARG G 36 36.52 -14.61 -23.77
N ILE G 37 35.23 -14.53 -24.16
CA ILE G 37 34.41 -13.30 -24.10
C ILE G 37 33.58 -13.34 -22.80
N VAL G 38 33.66 -12.26 -22.02
CA VAL G 38 32.87 -12.02 -20.79
C VAL G 38 32.03 -10.76 -21.00
N LEU G 39 30.73 -10.81 -20.66
CA LEU G 39 29.79 -9.68 -20.78
C LEU G 39 29.52 -9.09 -19.40
N LEU G 40 29.91 -7.84 -19.17
CA LEU G 40 29.45 -7.01 -18.03
C LEU G 40 28.40 -6.04 -18.57
N GLY G 41 27.13 -6.45 -18.55
CA GLY G 41 26.01 -5.76 -19.21
C GLY G 41 24.90 -5.38 -18.24
N SER G 42 25.23 -5.03 -16.99
CA SER G 42 24.24 -4.71 -15.94
C SER G 42 24.85 -3.74 -14.92
N PRO G 43 24.02 -3.15 -14.02
CA PRO G 43 24.54 -2.45 -12.85
C PRO G 43 25.44 -3.41 -12.06
N ILE G 44 26.49 -2.87 -11.44
CA ILE G 44 27.49 -3.67 -10.67
C ILE G 44 27.03 -3.77 -9.22
N ASP G 45 26.61 -4.96 -8.79
CA ASP G 45 26.36 -5.31 -7.37
C ASP G 45 27.24 -6.52 -7.03
N ASP G 46 27.16 -7.00 -5.79
CA ASP G 46 28.01 -8.11 -5.30
C ASP G 46 27.74 -9.36 -6.16
N HIS G 47 26.47 -9.61 -6.52
CA HIS G 47 26.07 -10.77 -7.36
C HIS G 47 26.79 -10.70 -8.73
N VAL G 48 26.84 -9.52 -9.34
CA VAL G 48 27.45 -9.35 -10.70
C VAL G 48 28.97 -9.48 -10.58
N ALA G 49 29.56 -8.87 -9.55
CA ALA G 49 31.02 -8.95 -9.26
C ALA G 49 31.42 -10.43 -9.13
N ASN G 50 30.68 -11.20 -8.33
CA ASN G 50 30.98 -12.65 -8.11
C ASN G 50 31.01 -13.38 -9.45
N LEU G 51 30.05 -13.10 -10.33
CA LEU G 51 29.89 -13.76 -11.65
C LEU G 51 31.05 -13.38 -12.56
N ILE G 52 31.47 -12.10 -12.55
CA ILE G 52 32.57 -11.58 -13.40
C ILE G 52 33.91 -12.17 -12.90
N VAL G 53 34.16 -12.10 -11.58
CA VAL G 53 35.39 -12.67 -10.97
C VAL G 53 35.46 -14.18 -11.30
N ALA G 54 34.36 -14.92 -11.12
CA ALA G 54 34.30 -16.38 -11.36
C ALA G 54 34.74 -16.67 -12.80
N GLN G 55 34.24 -15.90 -13.78
CA GLN G 55 34.54 -16.08 -15.21
C GLN G 55 36.02 -15.77 -15.48
N LEU G 56 36.55 -14.68 -14.92
CA LEU G 56 37.99 -14.31 -15.07
C LEU G 56 38.88 -15.40 -14.46
N LEU G 57 38.54 -15.89 -13.27
CA LEU G 57 39.35 -16.96 -12.61
C LEU G 57 39.26 -18.23 -13.45
N PHE G 58 38.07 -18.59 -13.93
CA PHE G 58 37.88 -19.79 -14.78
C PHE G 58 38.76 -19.67 -16.02
N LEU G 59 38.72 -18.53 -16.71
CA LEU G 59 39.44 -18.32 -17.99
C LEU G 59 40.95 -18.36 -17.75
N GLU G 60 41.42 -17.83 -16.62
CA GLU G 60 42.85 -17.86 -16.23
C GLU G 60 43.31 -19.31 -16.03
N SER G 61 42.48 -20.14 -15.39
CA SER G 61 42.82 -21.57 -15.08
C SER G 61 42.83 -22.39 -16.38
N GLN G 62 42.00 -22.04 -17.37
CA GLN G 62 41.94 -22.70 -18.72
C GLN G 62 43.23 -22.39 -19.49
N ASP G 63 43.61 -21.11 -19.54
CA ASP G 63 44.84 -20.66 -20.25
C ASP G 63 45.29 -19.32 -19.65
N PRO G 64 46.36 -19.31 -18.83
CA PRO G 64 46.82 -18.07 -18.20
C PRO G 64 47.48 -17.05 -19.15
N ASP G 65 47.72 -17.43 -20.41
CA ASP G 65 48.48 -16.61 -21.38
C ASP G 65 47.55 -15.91 -22.38
N LYS G 66 46.36 -16.44 -22.64
CA LYS G 66 45.49 -15.93 -23.73
C LYS G 66 44.67 -14.74 -23.23
N ASP G 67 44.52 -13.71 -24.07
CA ASP G 67 43.74 -12.49 -23.77
C ASP G 67 42.31 -12.88 -23.42
N ILE G 68 41.71 -12.13 -22.50
CA ILE G 68 40.26 -12.18 -22.16
C ILE G 68 39.62 -10.90 -22.72
N TYR G 69 38.42 -11.02 -23.29
CA TYR G 69 37.65 -9.89 -23.87
C TYR G 69 36.46 -9.57 -22.96
N LEU G 70 36.55 -8.48 -22.20
CA LEU G 70 35.49 -8.00 -21.28
C LEU G 70 34.73 -6.86 -21.99
N TYR G 71 33.54 -7.16 -22.50
CA TYR G 71 32.59 -6.16 -23.05
C TYR G 71 31.89 -5.47 -21.88
N ILE G 72 31.84 -4.14 -21.91
CA ILE G 72 31.28 -3.31 -20.82
C ILE G 72 30.12 -2.46 -21.36
N ASN G 73 28.92 -2.74 -20.85
CA ASN G 73 27.72 -1.87 -20.97
C ASN G 73 27.08 -1.77 -19.59
N SER G 74 27.52 -0.81 -18.77
CA SER G 74 27.14 -0.66 -17.34
C SER G 74 27.03 0.81 -16.95
N PRO G 75 25.98 1.20 -16.20
CA PRO G 75 25.88 2.52 -15.60
C PRO G 75 26.68 2.62 -14.30
N GLY G 76 27.32 1.52 -13.87
CA GLY G 76 28.11 1.45 -12.63
C GLY G 76 27.33 0.76 -11.52
N GLY G 77 27.60 1.10 -10.27
CA GLY G 77 26.92 0.51 -9.10
C GLY G 77 27.78 0.57 -7.85
N SER G 78 27.87 -0.54 -7.11
CA SER G 78 28.58 -0.62 -5.80
C SER G 78 30.08 -0.44 -6.04
N VAL G 79 30.71 0.48 -5.32
CA VAL G 79 32.17 0.74 -5.43
C VAL G 79 32.93 -0.51 -5.00
N THR G 80 32.55 -1.15 -3.89
CA THR G 80 33.30 -2.33 -3.36
C THR G 80 33.18 -3.49 -4.36
N ALA G 81 32.00 -3.71 -4.94
CA ALA G 81 31.76 -4.74 -5.99
C ALA G 81 32.64 -4.45 -7.21
N GLY G 82 32.68 -3.19 -7.63
CA GLY G 82 33.53 -2.71 -8.74
C GLY G 82 35.00 -3.00 -8.48
N LEU G 83 35.47 -2.79 -7.25
CA LEU G 83 36.90 -2.94 -6.88
C LEU G 83 37.25 -4.43 -6.71
N ALA G 84 36.29 -5.31 -6.42
CA ALA G 84 36.47 -6.77 -6.48
C ALA G 84 36.84 -7.16 -7.92
N ILE G 85 36.10 -6.65 -8.90
CA ILE G 85 36.36 -6.92 -10.34
C ILE G 85 37.70 -6.27 -10.72
N TYR G 86 37.93 -5.02 -10.33
CA TYR G 86 39.18 -4.27 -10.66
C TYR G 86 40.39 -5.07 -10.19
N ASP G 87 40.43 -5.47 -8.90
CA ASP G 87 41.63 -6.15 -8.33
C ASP G 87 41.84 -7.51 -9.02
N THR G 88 40.76 -8.21 -9.35
CA THR G 88 40.81 -9.51 -10.09
C THR G 88 41.41 -9.29 -11.49
N MET G 89 40.99 -8.24 -12.20
CA MET G 89 41.51 -7.87 -13.55
C MET G 89 43.03 -7.63 -13.48
N GLN G 90 43.51 -6.97 -12.44
CA GLN G 90 44.96 -6.64 -12.27
C GLN G 90 45.74 -7.88 -11.82
N TYR G 91 45.13 -8.77 -11.04
CA TYR G 91 45.81 -9.89 -10.34
C TYR G 91 46.05 -11.08 -11.29
N ILE G 92 45.08 -11.42 -12.14
CA ILE G 92 45.17 -12.60 -13.05
C ILE G 92 46.30 -12.36 -14.07
N LYS G 93 46.84 -13.45 -14.61
CA LYS G 93 47.98 -13.40 -15.57
C LYS G 93 47.50 -12.85 -16.92
N PRO G 94 46.38 -13.35 -17.50
CA PRO G 94 45.95 -12.89 -18.82
C PRO G 94 45.75 -11.37 -18.90
N ASP G 95 46.06 -10.78 -20.06
CA ASP G 95 45.64 -9.39 -20.40
C ASP G 95 44.12 -9.37 -20.50
N VAL G 96 43.47 -8.39 -19.87
CA VAL G 96 42.00 -8.18 -20.02
C VAL G 96 41.80 -7.03 -21.00
N VAL G 97 41.32 -7.35 -22.21
CA VAL G 97 40.89 -6.37 -23.25
C VAL G 97 39.51 -5.85 -22.81
N THR G 98 39.35 -4.53 -22.74
CA THR G 98 38.06 -3.88 -22.41
C THR G 98 37.47 -3.29 -23.69
N ILE G 99 36.17 -3.49 -23.90
CA ILE G 99 35.39 -2.94 -25.06
C ILE G 99 34.12 -2.29 -24.52
N CYS G 100 34.03 -0.97 -24.63
CA CYS G 100 32.82 -0.21 -24.25
C CYS G 100 31.80 -0.26 -25.39
N MET G 101 30.61 -0.78 -25.12
CA MET G 101 29.41 -0.65 -26.00
C MET G 101 28.26 -0.07 -25.18
N GLY G 102 27.50 0.85 -25.76
CA GLY G 102 26.42 1.57 -25.07
C GLY G 102 27.01 2.61 -24.14
N GLN G 103 27.39 2.21 -22.93
CA GLN G 103 28.04 3.15 -21.98
C GLN G 103 28.92 2.40 -20.97
N ALA G 104 29.95 3.10 -20.51
CA ALA G 104 30.76 2.76 -19.33
C ALA G 104 30.73 4.00 -18.43
N ALA G 105 29.88 3.97 -17.41
CA ALA G 105 29.72 5.11 -16.50
C ALA G 105 30.13 4.72 -15.08
N SER G 106 30.61 5.71 -14.31
CA SER G 106 30.98 5.55 -12.95
C SER G 106 31.97 4.38 -12.79
N MET G 107 31.60 3.32 -12.07
CA MET G 107 32.51 2.14 -11.90
C MET G 107 32.77 1.46 -13.23
N GLY G 108 31.80 1.45 -14.14
CA GLY G 108 31.99 0.92 -15.50
C GLY G 108 33.15 1.59 -16.19
N ALA G 109 33.25 2.91 -16.09
CA ALA G 109 34.34 3.71 -16.68
C ALA G 109 35.70 3.32 -16.07
N ILE G 110 35.75 3.08 -14.76
CA ILE G 110 37.00 2.66 -14.06
C ILE G 110 37.44 1.30 -14.59
N LEU G 111 36.51 0.36 -14.80
CA LEU G 111 36.83 -1.01 -15.28
C LEU G 111 37.28 -0.94 -16.74
N LEU G 112 36.65 -0.10 -17.57
CA LEU G 112 37.08 0.16 -18.98
C LEU G 112 38.53 0.64 -18.98
N ALA G 113 38.83 1.67 -18.18
CA ALA G 113 40.17 2.32 -18.12
C ALA G 113 41.22 1.34 -17.60
N ALA G 114 40.81 0.32 -16.83
CA ALA G 114 41.69 -0.62 -16.11
C ALA G 114 42.12 -1.80 -16.99
N GLY G 115 41.66 -1.85 -18.25
CA GLY G 115 42.07 -2.89 -19.21
C GLY G 115 43.56 -2.82 -19.48
N ALA G 116 44.12 -3.88 -20.06
CA ALA G 116 45.56 -3.98 -20.43
C ALA G 116 45.95 -2.73 -21.22
N PRO G 117 47.09 -2.07 -20.93
CA PRO G 117 47.53 -0.92 -21.71
C PRO G 117 47.54 -1.22 -23.21
N GLY G 118 46.93 -0.34 -24.00
CA GLY G 118 46.86 -0.47 -25.48
C GLY G 118 45.67 -1.29 -25.95
N LYS G 119 44.97 -1.98 -25.05
CA LYS G 119 43.88 -2.93 -25.40
C LYS G 119 42.55 -2.47 -24.78
N ARG G 120 42.31 -1.17 -24.72
CA ARG G 120 41.04 -0.59 -24.18
C ARG G 120 40.35 0.12 -25.35
N TYR G 121 39.17 -0.40 -25.72
CA TYR G 121 38.44 -0.03 -26.96
C TYR G 121 37.06 0.52 -26.58
N ALA G 122 36.51 1.37 -27.43
CA ALA G 122 35.11 1.84 -27.37
C ALA G 122 34.51 1.81 -28.78
N LEU G 123 33.25 1.42 -28.89
CA LEU G 123 32.52 1.51 -30.18
C LEU G 123 32.14 2.97 -30.40
N PRO G 124 31.92 3.42 -31.65
CA PRO G 124 31.92 4.85 -31.97
C PRO G 124 30.75 5.70 -31.42
N HIS G 125 29.64 5.07 -30.99
CA HIS G 125 28.47 5.80 -30.43
C HIS G 125 28.22 5.36 -28.99
N SER G 126 29.24 4.78 -28.33
CA SER G 126 29.22 4.53 -26.87
C SER G 126 29.49 5.85 -26.14
N ARG G 127 29.20 5.91 -24.85
CA ARG G 127 29.59 7.09 -24.04
C ARG G 127 30.24 6.59 -22.75
N ILE G 128 31.18 7.38 -22.27
CA ILE G 128 31.96 7.12 -21.04
C ILE G 128 31.67 8.29 -20.09
N MET G 129 31.44 8.00 -18.83
CA MET G 129 31.18 9.04 -17.81
C MET G 129 31.95 8.69 -16.53
N ILE G 130 32.67 9.66 -15.98
CA ILE G 130 33.35 9.52 -14.67
C ILE G 130 32.71 10.52 -13.70
N HIS G 131 32.58 10.14 -12.44
CA HIS G 131 32.13 11.03 -11.35
C HIS G 131 32.58 10.50 -9.99
N GLN G 132 32.52 11.36 -8.98
CA GLN G 132 32.89 11.00 -7.60
C GLN G 132 31.85 10.02 -7.04
N PRO G 133 32.21 9.26 -6.00
CA PRO G 133 31.25 8.35 -5.39
C PRO G 133 30.14 9.11 -4.63
N LEU G 134 29.02 8.42 -4.44
CA LEU G 134 27.85 8.86 -3.65
C LEU G 134 27.73 7.91 -2.46
N GLY G 135 27.12 8.38 -1.38
CA GLY G 135 26.94 7.62 -0.14
C GLY G 135 25.67 8.04 0.57
N GLY G 136 25.28 7.26 1.56
CA GLY G 136 24.20 7.58 2.50
C GLY G 136 24.61 7.10 3.88
N ILE G 137 24.43 7.93 4.91
CA ILE G 137 24.77 7.57 6.31
C ILE G 137 23.76 8.26 7.24
N GLN G 138 23.21 7.48 8.17
CA GLN G 138 22.30 7.96 9.24
C GLN G 138 22.89 7.54 10.57
N GLY G 139 22.70 8.33 11.61
CA GLY G 139 22.98 7.90 12.99
C GLY G 139 23.60 9.02 13.81
N GLN G 140 24.35 8.65 14.85
CA GLN G 140 25.00 9.61 15.77
C GLN G 140 26.06 10.37 14.99
N ALA G 141 26.32 11.63 15.40
CA ALA G 141 27.32 12.51 14.77
C ALA G 141 28.65 11.74 14.67
N THR G 142 29.06 11.05 15.73
CA THR G 142 30.35 10.30 15.77
C THR G 142 30.39 9.32 14.59
N ASP G 143 29.31 8.57 14.35
CA ASP G 143 29.22 7.56 13.27
C ASP G 143 29.20 8.25 11.90
N ILE G 144 28.47 9.35 11.76
CA ILE G 144 28.42 10.12 10.48
C ILE G 144 29.85 10.52 10.11
N ILE G 145 30.64 10.99 11.10
CA ILE G 145 32.02 11.50 10.86
C ILE G 145 32.93 10.33 10.47
N ILE G 146 32.78 9.17 11.14
CA ILE G 146 33.54 7.93 10.79
C ILE G 146 33.28 7.56 9.33
N HIS G 147 32.01 7.56 8.89
CA HIS G 147 31.62 7.16 7.51
C HIS G 147 32.03 8.25 6.50
N ALA G 148 31.97 9.53 6.87
CA ALA G 148 32.44 10.65 6.01
C ALA G 148 33.94 10.45 5.72
N GLU G 149 34.72 10.07 6.74
CA GLU G 149 36.17 9.77 6.64
C GLU G 149 36.41 8.61 5.66
N GLU G 150 35.59 7.56 5.75
CA GLU G 150 35.71 6.36 4.91
C GLU G 150 35.36 6.71 3.45
N ILE G 151 34.31 7.51 3.20
CA ILE G 151 33.95 7.88 1.79
C ILE G 151 35.06 8.79 1.22
N LYS G 152 35.68 9.63 2.03
CA LYS G 152 36.84 10.47 1.62
C LYS G 152 37.99 9.57 1.16
N ARG G 153 38.32 8.54 1.94
CA ARG G 153 39.42 7.58 1.65
C ARG G 153 39.09 6.85 0.33
N ILE G 154 37.83 6.44 0.13
CA ILE G 154 37.39 5.71 -1.09
C ILE G 154 37.51 6.64 -2.31
N LYS G 155 37.11 7.90 -2.17
CA LYS G 155 37.17 8.90 -3.25
C LYS G 155 38.63 9.08 -3.71
N GLU G 156 39.56 9.27 -2.77
CA GLU G 156 41.01 9.45 -3.05
C GLU G 156 41.55 8.22 -3.77
N MET G 157 41.12 7.03 -3.36
CA MET G 157 41.48 5.73 -3.99
C MET G 157 41.04 5.71 -5.46
N LEU G 158 39.79 6.11 -5.74
CA LEU G 158 39.25 6.06 -7.12
C LEU G 158 40.00 7.08 -7.99
N ILE G 159 40.32 8.25 -7.43
CA ILE G 159 41.14 9.30 -8.12
C ILE G 159 42.50 8.68 -8.48
N ASP G 160 43.15 8.02 -7.52
CA ASP G 160 44.46 7.34 -7.68
C ASP G 160 44.40 6.30 -8.82
N ILE G 161 43.34 5.49 -8.86
CA ILE G 161 43.19 4.44 -9.90
C ILE G 161 43.04 5.10 -11.27
N LEU G 162 42.18 6.12 -11.38
CA LEU G 162 41.93 6.85 -12.65
C LEU G 162 43.22 7.50 -13.15
N ALA G 163 44.01 8.11 -12.25
CA ALA G 163 45.31 8.78 -12.57
C ALA G 163 46.30 7.74 -13.14
N LYS G 164 46.41 6.58 -12.50
CA LYS G 164 47.33 5.48 -12.88
C LYS G 164 47.03 5.01 -14.32
N HIS G 165 45.76 4.79 -14.64
CA HIS G 165 45.34 4.18 -15.93
C HIS G 165 45.27 5.22 -17.05
N THR G 166 44.92 6.48 -16.75
CA THR G 166 44.75 7.55 -17.77
C THR G 166 46.09 8.27 -18.01
N GLY G 167 46.94 8.38 -17.00
CA GLY G 167 48.17 9.20 -17.06
C GLY G 167 47.88 10.67 -16.76
N GLN G 168 46.66 11.02 -16.38
CA GLN G 168 46.27 12.40 -15.99
C GLN G 168 46.77 12.67 -14.57
N PRO G 169 47.16 13.92 -14.24
CA PRO G 169 47.54 14.25 -12.87
C PRO G 169 46.33 14.13 -11.95
N LYS G 170 46.57 13.75 -10.69
CA LYS G 170 45.55 13.50 -9.65
C LYS G 170 44.65 14.74 -9.50
N ASP G 171 45.23 15.94 -9.52
CA ASP G 171 44.47 17.21 -9.29
C ASP G 171 43.52 17.46 -10.47
N LYS G 172 43.86 17.02 -11.70
CA LYS G 172 42.94 17.18 -12.86
C LYS G 172 41.78 16.18 -12.70
N ILE G 173 42.07 14.92 -12.37
CA ILE G 173 41.02 13.88 -12.14
C ILE G 173 40.06 14.40 -11.06
N ALA G 174 40.59 14.80 -9.91
CA ALA G 174 39.81 15.27 -8.74
C ALA G 174 38.87 16.40 -9.17
N ASN G 175 39.36 17.36 -9.96
CA ASN G 175 38.52 18.50 -10.43
C ASN G 175 37.43 17.98 -11.38
N ASP G 176 37.77 17.06 -12.28
CA ASP G 176 36.84 16.63 -13.37
C ASP G 176 35.71 15.75 -12.83
N ILE G 177 35.89 15.03 -11.73
CA ILE G 177 34.86 14.06 -11.24
C ILE G 177 33.92 14.69 -10.20
N GLU G 178 34.13 15.95 -9.82
CA GLU G 178 33.25 16.65 -8.84
C GLU G 178 31.80 16.61 -9.33
N ARG G 179 31.59 16.75 -10.64
CA ARG G 179 30.25 16.65 -11.29
C ARG G 179 30.32 15.59 -12.39
N ASP G 180 29.17 15.12 -12.87
CA ASP G 180 29.09 14.13 -13.96
C ASP G 180 29.85 14.66 -15.18
N TYR G 181 30.85 13.90 -15.62
CA TYR G 181 31.76 14.27 -16.72
C TYR G 181 31.55 13.26 -17.86
N PHE G 182 30.69 13.62 -18.82
CA PHE G 182 30.33 12.77 -19.99
C PHE G 182 31.33 13.00 -21.13
N MET G 183 31.71 11.92 -21.80
CA MET G 183 32.67 11.94 -22.92
C MET G 183 32.18 10.99 -24.01
N SER G 184 32.22 11.47 -25.26
CA SER G 184 32.22 10.63 -26.48
C SER G 184 33.45 9.72 -26.45
N PRO G 185 33.49 8.66 -27.28
CA PRO G 185 34.67 7.80 -27.37
C PRO G 185 35.96 8.55 -27.77
N TYR G 186 35.82 9.58 -28.62
CA TYR G 186 36.96 10.39 -29.13
C TYR G 186 37.51 11.23 -27.97
N GLU G 187 36.63 11.79 -27.13
CA GLU G 187 36.99 12.57 -25.91
C GLU G 187 37.62 11.62 -24.87
N ALA G 188 37.07 10.42 -24.67
CA ALA G 188 37.59 9.39 -23.74
C ALA G 188 39.01 8.97 -24.16
N LYS G 189 39.25 8.81 -25.46
CA LYS G 189 40.58 8.48 -26.02
C LYS G 189 41.58 9.60 -25.69
N ASP G 190 41.21 10.86 -25.95
CA ASP G 190 42.05 12.06 -25.66
C ASP G 190 42.33 12.13 -24.15
N TYR G 191 41.39 11.69 -23.31
CA TYR G 191 41.48 11.73 -21.83
C TYR G 191 42.43 10.64 -21.33
N GLY G 192 42.52 9.53 -22.06
CA GLY G 192 43.36 8.37 -21.70
C GLY G 192 42.58 7.24 -21.06
N LEU G 193 41.24 7.26 -21.15
CA LEU G 193 40.36 6.21 -20.56
C LEU G 193 40.34 4.98 -21.48
N ILE G 194 40.56 5.20 -22.78
CA ILE G 194 40.68 4.13 -23.82
C ILE G 194 41.88 4.44 -24.72
N ASP G 195 42.29 3.45 -25.52
CA ASP G 195 43.43 3.54 -26.46
C ASP G 195 42.92 3.72 -27.89
N LYS G 196 41.76 3.17 -28.23
CA LYS G 196 41.27 3.17 -29.64
C LYS G 196 39.74 3.19 -29.66
N VAL G 197 39.18 3.92 -30.63
CA VAL G 197 37.76 3.84 -31.08
C VAL G 197 37.72 2.91 -32.31
N ILE G 198 36.99 1.80 -32.21
CA ILE G 198 36.85 0.77 -33.28
C ILE G 198 35.45 0.89 -33.88
N GLU G 199 35.35 0.92 -35.21
CA GLU G 199 34.08 0.99 -35.98
C GLU G 199 33.78 -0.36 -36.64
N LYS G 200 34.76 -0.94 -37.36
CA LYS G 200 34.62 -2.17 -38.20
C LYS G 200 35.67 -3.21 -37.80
N ARG G 201 35.29 -4.48 -37.72
CA ARG G 201 36.25 -5.61 -37.59
C ARG G 201 36.91 -5.84 -38.95
N VAL H 12 -3.37 26.28 19.52
CA VAL H 12 -3.01 27.70 19.26
C VAL H 12 -3.70 28.57 20.33
N PRO H 13 -2.99 29.02 21.39
CA PRO H 13 -3.63 29.64 22.55
C PRO H 13 -4.34 30.98 22.26
N ILE H 14 -5.24 31.39 23.16
CA ILE H 14 -6.18 32.54 22.99
C ILE H 14 -5.81 33.62 24.02
N VAL H 15 -5.99 34.90 23.65
CA VAL H 15 -5.80 36.10 24.51
C VAL H 15 -7.01 37.03 24.33
N TYR H 26 -8.51 36.62 20.18
CA TYR H 26 -7.16 36.75 19.57
C TYR H 26 -6.33 35.50 19.86
N ASP H 27 -5.88 34.80 18.82
CA ASP H 27 -4.92 33.68 18.98
C ASP H 27 -3.52 34.28 19.25
N ILE H 28 -2.55 33.48 19.68
CA ILE H 28 -1.23 34.05 20.06
C ILE H 28 -0.60 34.81 18.89
N TYR H 29 -0.67 34.28 17.69
CA TYR H 29 -0.09 34.91 16.49
C TYR H 29 -0.75 36.25 16.20
N SER H 30 -2.07 36.33 16.31
CA SER H 30 -2.78 37.61 16.05
C SER H 30 -2.38 38.64 17.09
N ARG H 31 -2.24 38.21 18.34
CA ARG H 31 -1.86 39.13 19.44
C ARG H 31 -0.48 39.74 19.14
N LEU H 32 0.46 38.94 18.62
CA LEU H 32 1.82 39.43 18.25
C LEU H 32 1.74 40.33 17.01
N LEU H 33 0.80 40.06 16.11
CA LEU H 33 0.56 40.85 14.87
C LEU H 33 0.15 42.29 15.23
N GLN H 34 -0.50 42.51 16.38
CA GLN H 34 -0.84 43.86 16.91
C GLN H 34 0.43 44.65 17.21
N ASP H 35 1.51 43.97 17.60
CA ASP H 35 2.84 44.58 17.89
C ASP H 35 3.70 44.57 16.61
N ARG H 36 3.11 44.23 15.45
CA ARG H 36 3.77 44.26 14.13
C ARG H 36 4.85 43.18 14.08
N ILE H 37 4.60 42.05 14.73
CA ILE H 37 5.46 40.83 14.70
C ILE H 37 4.83 39.81 13.74
N VAL H 38 5.62 39.36 12.78
CA VAL H 38 5.24 38.33 11.77
C VAL H 38 6.25 37.17 11.94
N LEU H 39 5.73 35.95 12.04
CA LEU H 39 6.54 34.71 12.21
C LEU H 39 6.56 33.95 10.89
N LEU H 40 7.73 33.75 10.29
CA LEU H 40 7.95 32.81 9.17
C LEU H 40 8.73 31.62 9.75
N GLY H 41 8.00 30.59 10.17
CA GLY H 41 8.51 29.45 10.97
C GLY H 41 8.19 28.12 10.31
N SER H 42 8.25 28.05 8.99
CA SER H 42 7.97 26.82 8.23
C SER H 42 8.72 26.84 6.90
N PRO H 43 8.77 25.70 6.19
CA PRO H 43 9.20 25.70 4.79
C PRO H 43 8.31 26.68 4.01
N ILE H 44 8.86 27.30 2.97
CA ILE H 44 8.16 28.31 2.14
C ILE H 44 7.51 27.58 0.95
N ASP H 45 6.18 27.55 0.91
CA ASP H 45 5.37 27.17 -0.28
C ASP H 45 4.45 28.36 -0.58
N ASP H 46 3.61 28.24 -1.61
CA ASP H 46 2.67 29.30 -2.06
C ASP H 46 1.75 29.68 -0.88
N HIS H 47 1.27 28.70 -0.11
CA HIS H 47 0.33 28.92 1.04
C HIS H 47 1.00 29.85 2.06
N VAL H 48 2.26 29.56 2.42
CA VAL H 48 3.03 30.34 3.43
C VAL H 48 3.29 31.76 2.89
N ALA H 49 3.73 31.87 1.63
CA ALA H 49 3.99 33.18 0.97
C ALA H 49 2.72 34.03 1.03
N ASN H 50 1.57 33.48 0.68
CA ASN H 50 0.27 34.22 0.70
C ASN H 50 0.03 34.76 2.12
N LEU H 51 0.26 33.92 3.14
CA LEU H 51 0.03 34.28 4.56
C LEU H 51 0.99 35.42 4.95
N ILE H 52 2.27 35.32 4.58
CA ILE H 52 3.29 36.33 4.94
C ILE H 52 2.98 37.64 4.21
N VAL H 53 2.69 37.57 2.90
CA VAL H 53 2.39 38.76 2.07
C VAL H 53 1.17 39.50 2.64
N ALA H 54 0.13 38.75 3.03
CA ALA H 54 -1.14 39.30 3.55
C ALA H 54 -0.87 40.08 4.83
N GLN H 55 -0.03 39.52 5.72
CA GLN H 55 0.35 40.17 7.00
C GLN H 55 1.15 41.43 6.72
N LEU H 56 2.08 41.39 5.76
CA LEU H 56 2.91 42.55 5.37
C LEU H 56 2.01 43.67 4.79
N LEU H 57 1.12 43.33 3.86
CA LEU H 57 0.18 44.30 3.24
C LEU H 57 -0.74 44.88 4.32
N PHE H 58 -1.24 44.04 5.23
CA PHE H 58 -2.13 44.47 6.35
C PHE H 58 -1.40 45.48 7.24
N LEU H 59 -0.17 45.17 7.67
CA LEU H 59 0.57 46.04 8.62
C LEU H 59 0.87 47.39 7.96
N GLU H 60 1.19 47.40 6.66
CA GLU H 60 1.46 48.64 5.87
C GLU H 60 0.20 49.51 5.88
N SER H 61 -0.97 48.91 5.68
CA SER H 61 -2.27 49.62 5.61
C SER H 61 -2.65 50.15 7.00
N GLN H 62 -2.25 49.46 8.07
CA GLN H 62 -2.45 49.90 9.48
C GLN H 62 -1.55 51.12 9.77
N ASP H 63 -0.29 51.08 9.36
CA ASP H 63 0.68 52.18 9.58
C ASP H 63 1.85 52.03 8.62
N PRO H 64 1.93 52.85 7.55
CA PRO H 64 3.00 52.72 6.56
C PRO H 64 4.41 53.10 7.05
N ASP H 65 4.51 53.75 8.22
CA ASP H 65 5.78 54.36 8.71
C ASP H 65 6.46 53.51 9.80
N LYS H 66 5.73 52.63 10.49
CA LYS H 66 6.27 51.86 11.65
C LYS H 66 6.92 50.55 11.19
N ASP H 67 8.08 50.22 11.74
CA ASP H 67 8.86 48.99 11.42
C ASP H 67 7.97 47.75 11.55
N ILE H 68 8.22 46.75 10.72
CA ILE H 68 7.66 45.38 10.82
C ILE H 68 8.79 44.45 11.25
N TYR H 69 8.50 43.53 12.17
CA TYR H 69 9.47 42.57 12.76
C TYR H 69 9.17 41.19 12.18
N LEU H 70 10.01 40.72 11.25
CA LEU H 70 9.86 39.39 10.58
C LEU H 70 10.87 38.43 11.20
N TYR H 71 10.40 37.55 12.09
CA TYR H 71 11.18 36.43 12.67
C TYR H 71 11.23 35.31 11.64
N ILE H 72 12.43 34.80 11.35
CA ILE H 72 12.65 33.75 10.30
C ILE H 72 13.28 32.54 10.95
N ASN H 73 12.57 31.42 10.87
CA ASN H 73 13.05 30.05 11.15
C ASN H 73 12.53 29.16 10.02
N SER H 74 13.31 28.98 8.96
CA SER H 74 12.86 28.31 7.73
C SER H 74 14.05 27.65 7.04
N PRO H 75 13.88 26.40 6.55
CA PRO H 75 14.87 25.75 5.70
C PRO H 75 14.76 26.19 4.23
N GLY H 76 13.85 27.11 3.92
CA GLY H 76 13.58 27.57 2.55
C GLY H 76 12.40 26.83 1.95
N GLY H 77 12.43 26.60 0.63
CA GLY H 77 11.35 25.93 -0.10
C GLY H 77 11.25 26.47 -1.51
N SER H 78 10.04 26.80 -1.98
CA SER H 78 9.80 27.26 -3.37
C SER H 78 10.50 28.60 -3.61
N VAL H 79 11.26 28.71 -4.71
CA VAL H 79 11.93 29.98 -5.10
C VAL H 79 10.87 31.04 -5.41
N THR H 80 9.85 30.76 -6.23
CA THR H 80 8.87 31.78 -6.67
C THR H 80 8.06 32.24 -5.45
N ALA H 81 7.67 31.33 -4.56
CA ALA H 81 6.98 31.68 -3.28
C ALA H 81 7.87 32.62 -2.45
N GLY H 82 9.16 32.30 -2.32
CA GLY H 82 10.15 33.13 -1.61
C GLY H 82 10.29 34.52 -2.23
N LEU H 83 10.27 34.61 -3.56
CA LEU H 83 10.43 35.91 -4.29
C LEU H 83 9.14 36.73 -4.21
N ALA H 84 7.97 36.11 -4.04
CA ALA H 84 6.70 36.82 -3.73
C ALA H 84 6.88 37.58 -2.41
N ILE H 85 7.43 36.92 -1.39
CA ILE H 85 7.72 37.57 -0.07
C ILE H 85 8.80 38.63 -0.26
N TYR H 86 9.92 38.29 -0.92
CA TYR H 86 11.08 39.19 -1.12
C TYR H 86 10.62 40.53 -1.73
N ASP H 87 9.89 40.48 -2.84
CA ASP H 87 9.45 41.69 -3.59
C ASP H 87 8.50 42.52 -2.71
N THR H 88 7.62 41.86 -1.94
CA THR H 88 6.66 42.53 -1.02
C THR H 88 7.44 43.26 0.07
N MET H 89 8.45 42.60 0.66
CA MET H 89 9.36 43.23 1.66
C MET H 89 10.01 44.49 1.07
N GLN H 90 10.42 44.49 -0.21
CA GLN H 90 11.10 45.63 -0.85
C GLN H 90 10.07 46.71 -1.22
N TYR H 91 8.88 46.30 -1.68
CA TYR H 91 7.83 47.21 -2.24
C TYR H 91 7.16 48.03 -1.13
N ILE H 92 6.78 47.43 0.01
CA ILE H 92 5.96 48.14 1.04
C ILE H 92 6.79 49.28 1.67
N LYS H 93 6.13 50.29 2.23
CA LYS H 93 6.80 51.51 2.79
C LYS H 93 7.53 51.19 4.09
N PRO H 94 6.93 50.43 5.04
CA PRO H 94 7.61 50.10 6.28
C PRO H 94 8.93 49.34 6.06
N ASP H 95 9.96 49.71 6.84
CA ASP H 95 11.19 48.90 7.02
C ASP H 95 10.76 47.53 7.55
N VAL H 96 11.32 46.46 6.99
CA VAL H 96 11.14 45.08 7.51
C VAL H 96 12.44 44.68 8.23
N VAL H 97 12.38 44.69 9.56
CA VAL H 97 13.43 44.15 10.46
C VAL H 97 13.36 42.62 10.35
N THR H 98 14.48 41.97 10.06
CA THR H 98 14.57 40.48 10.00
C THR H 98 15.38 39.98 11.19
N ILE H 99 14.90 38.90 11.83
CA ILE H 99 15.58 38.23 12.96
C ILE H 99 15.59 36.74 12.67
N CYS H 100 16.79 36.18 12.53
CA CYS H 100 17.01 34.73 12.37
C CYS H 100 17.01 34.04 13.74
N MET H 101 16.12 33.08 13.94
CA MET H 101 16.15 32.15 15.11
C MET H 101 16.10 30.72 14.57
N GLY H 102 16.90 29.82 15.13
CA GLY H 102 16.99 28.43 14.64
C GLY H 102 17.79 28.37 13.36
N GLN H 103 17.18 28.65 12.21
CA GLN H 103 17.92 28.69 10.92
C GLN H 103 17.25 29.60 9.91
N ALA H 104 18.06 30.11 8.99
CA ALA H 104 17.66 30.78 7.74
C ALA H 104 18.48 30.17 6.62
N ALA H 105 17.91 29.18 5.94
CA ALA H 105 18.62 28.45 4.87
C ALA H 105 17.91 28.64 3.53
N SER H 106 18.68 28.57 2.45
CA SER H 106 18.20 28.69 1.10
C SER H 106 17.41 30.00 0.97
N MET H 107 16.13 29.93 0.59
CA MET H 107 15.29 31.14 0.46
C MET H 107 15.15 31.88 1.80
N GLY H 108 15.13 31.16 2.93
CA GLY H 108 15.14 31.79 4.26
C GLY H 108 16.31 32.75 4.40
N ALA H 109 17.51 32.34 3.99
CA ALA H 109 18.71 33.19 4.07
C ALA H 109 18.54 34.44 3.19
N ILE H 110 17.97 34.27 2.01
CA ILE H 110 17.73 35.40 1.08
C ILE H 110 16.77 36.42 1.73
N LEU H 111 15.69 35.97 2.36
CA LEU H 111 14.72 36.84 3.06
C LEU H 111 15.39 37.53 4.27
N LEU H 112 16.19 36.83 5.06
CA LEU H 112 17.00 37.41 6.18
C LEU H 112 17.86 38.57 5.66
N ALA H 113 18.63 38.33 4.59
CA ALA H 113 19.54 39.30 3.95
C ALA H 113 18.77 40.48 3.34
N ALA H 114 17.47 40.30 3.05
CA ALA H 114 16.63 41.27 2.31
C ALA H 114 15.96 42.26 3.28
N GLY H 115 16.22 42.17 4.58
CA GLY H 115 15.72 43.15 5.57
C GLY H 115 16.28 44.54 5.32
N ALA H 116 15.63 45.57 5.85
CA ALA H 116 16.08 46.98 5.78
C ALA H 116 17.55 47.03 6.17
N PRO H 117 18.41 47.74 5.40
CA PRO H 117 19.82 47.87 5.76
C PRO H 117 19.99 48.34 7.21
N GLY H 118 20.87 47.68 7.96
CA GLY H 118 21.16 47.99 9.38
C GLY H 118 20.20 47.32 10.36
N LYS H 119 19.13 46.65 9.90
CA LYS H 119 18.09 46.07 10.78
C LYS H 119 17.91 44.57 10.49
N ARG H 120 18.98 43.88 10.14
CA ARG H 120 19.02 42.41 9.89
C ARG H 120 19.79 41.77 11.06
N TYR H 121 19.11 40.90 11.82
CA TYR H 121 19.62 40.33 13.09
C TYR H 121 19.61 38.81 13.04
N ALA H 122 20.48 38.17 13.81
CA ALA H 122 20.43 36.71 14.09
C ALA H 122 20.71 36.49 15.56
N LEU H 123 20.00 35.56 16.17
CA LEU H 123 20.29 35.08 17.55
C LEU H 123 21.55 34.22 17.48
N PRO H 124 22.33 34.13 18.60
CA PRO H 124 23.72 33.67 18.53
C PRO H 124 23.91 32.19 18.19
N HIS H 125 22.90 31.33 18.35
CA HIS H 125 23.02 29.87 18.07
C HIS H 125 22.16 29.48 16.86
N SER H 126 21.78 30.46 16.03
CA SER H 126 21.06 30.20 14.76
C SER H 126 22.09 29.83 13.70
N ARG H 127 21.67 29.24 12.59
CA ARG H 127 22.61 28.99 11.48
C ARG H 127 22.00 29.50 10.18
N ILE H 128 22.86 29.96 9.29
CA ILE H 128 22.48 30.57 8.00
C ILE H 128 23.17 29.73 6.94
N MET H 129 22.48 29.47 5.84
CA MET H 129 23.03 28.64 4.75
C MET H 129 22.51 29.19 3.43
N ILE H 130 23.41 29.42 2.49
CA ILE H 130 23.06 29.82 1.10
C ILE H 130 23.50 28.69 0.17
N HIS H 131 22.72 28.44 -0.88
CA HIS H 131 23.09 27.48 -1.95
C HIS H 131 22.31 27.81 -3.21
N GLN H 132 22.78 27.24 -4.33
CA GLN H 132 22.16 27.42 -5.66
C GLN H 132 20.80 26.73 -5.67
N PRO H 133 19.89 27.14 -6.58
CA PRO H 133 18.58 26.52 -6.67
C PRO H 133 18.68 25.08 -7.18
N LEU H 134 17.68 24.28 -6.85
CA LEU H 134 17.49 22.89 -7.33
C LEU H 134 16.23 22.87 -8.18
N GLY H 135 16.09 21.86 -9.04
CA GLY H 135 14.93 21.66 -9.93
C GLY H 135 14.76 20.21 -10.28
N GLY H 136 13.60 19.88 -10.87
CA GLY H 136 13.32 18.59 -11.54
C GLY H 136 12.59 18.82 -12.84
N ILE H 137 13.03 18.19 -13.93
CA ILE H 137 12.38 18.32 -15.27
C ILE H 137 12.45 16.94 -15.96
N GLN H 138 11.31 16.49 -16.48
CA GLN H 138 11.17 15.27 -17.31
C GLN H 138 10.54 15.64 -18.63
N GLY H 139 10.93 14.97 -19.72
CA GLY H 139 10.25 15.07 -21.01
C GLY H 139 11.24 15.21 -22.15
N GLN H 140 10.79 15.79 -23.25
CA GLN H 140 11.55 15.88 -24.52
C GLN H 140 12.82 16.71 -24.29
N ALA H 141 13.89 16.41 -25.02
CA ALA H 141 15.17 17.15 -24.97
C ALA H 141 14.90 18.66 -25.12
N THR H 142 14.05 19.07 -26.06
CA THR H 142 13.69 20.50 -26.28
C THR H 142 13.17 21.12 -24.98
N ASP H 143 12.28 20.44 -24.26
CA ASP H 143 11.68 20.97 -23.00
C ASP H 143 12.75 20.97 -21.90
N ILE H 144 13.63 19.96 -21.85
CA ILE H 144 14.70 19.90 -20.81
C ILE H 144 15.61 21.12 -20.98
N ILE H 145 15.96 21.48 -22.22
CA ILE H 145 16.87 22.62 -22.54
C ILE H 145 16.18 23.94 -22.18
N ILE H 146 14.89 24.11 -22.50
CA ILE H 146 14.09 25.32 -22.14
C ILE H 146 14.12 25.50 -20.61
N HIS H 147 13.91 24.43 -19.84
CA HIS H 147 13.84 24.50 -18.35
C HIS H 147 15.25 24.69 -17.78
N ALA H 148 16.28 24.13 -18.41
CA ALA H 148 17.70 24.36 -18.03
C ALA H 148 18.02 25.86 -18.15
N GLU H 149 17.56 26.48 -19.24
CA GLU H 149 17.71 27.93 -19.51
C GLU H 149 17.00 28.71 -18.41
N GLU H 150 15.81 28.27 -18.03
CA GLU H 150 15.01 28.97 -16.99
C GLU H 150 15.76 28.85 -15.65
N ILE H 151 16.22 27.67 -15.25
CA ILE H 151 16.86 27.54 -13.90
C ILE H 151 18.17 28.34 -13.89
N LYS H 152 18.88 28.42 -15.03
CA LYS H 152 20.07 29.28 -15.22
C LYS H 152 19.70 30.74 -14.94
N ARG H 153 18.62 31.23 -15.54
CA ARG H 153 18.11 32.62 -15.34
C ARG H 153 17.77 32.84 -13.86
N ILE H 154 17.11 31.87 -13.22
CA ILE H 154 16.69 32.00 -11.79
C ILE H 154 17.94 32.06 -10.91
N LYS H 155 18.91 31.19 -11.18
CA LYS H 155 20.21 31.15 -10.44
C LYS H 155 20.90 32.52 -10.53
N GLU H 156 21.01 33.08 -11.73
CA GLU H 156 21.67 34.40 -11.97
C GLU H 156 20.94 35.49 -11.17
N MET H 157 19.61 35.43 -11.12
CA MET H 157 18.77 36.41 -10.37
C MET H 157 19.05 36.30 -8.87
N LEU H 158 19.17 35.09 -8.34
CA LEU H 158 19.44 34.88 -6.88
C LEU H 158 20.84 35.39 -6.54
N ILE H 159 21.82 35.18 -7.43
CA ILE H 159 23.21 35.69 -7.25
C ILE H 159 23.14 37.22 -7.21
N ASP H 160 22.39 37.85 -8.11
CA ASP H 160 22.23 39.33 -8.18
C ASP H 160 21.62 39.84 -6.87
N ILE H 161 20.56 39.20 -6.37
CA ILE H 161 19.86 39.61 -5.12
C ILE H 161 20.84 39.53 -3.94
N LEU H 162 21.59 38.43 -3.83
CA LEU H 162 22.57 38.23 -2.71
C LEU H 162 23.70 39.26 -2.83
N ALA H 163 24.19 39.54 -4.05
CA ALA H 163 25.26 40.54 -4.31
C ALA H 163 24.81 41.93 -3.83
N LYS H 164 23.60 42.33 -4.20
CA LYS H 164 22.98 43.63 -3.84
C LYS H 164 22.93 43.79 -2.32
N HIS H 165 22.42 42.80 -1.60
CA HIS H 165 22.11 42.94 -0.15
C HIS H 165 23.37 42.74 0.69
N THR H 166 24.34 41.95 0.23
CA THR H 166 25.57 41.62 1.00
C THR H 166 26.71 42.59 0.66
N GLY H 167 26.68 43.20 -0.53
CA GLY H 167 27.80 44.02 -1.03
C GLY H 167 28.97 43.16 -1.50
N GLN H 168 28.80 41.83 -1.56
CA GLN H 168 29.83 40.90 -2.12
C GLN H 168 29.82 41.01 -3.64
N PRO H 169 30.96 40.76 -4.33
CA PRO H 169 30.96 40.66 -5.79
C PRO H 169 30.20 39.40 -6.25
N LYS H 170 29.59 39.50 -7.43
CA LYS H 170 28.74 38.42 -8.03
C LYS H 170 29.57 37.14 -8.18
N ASP H 171 30.82 37.24 -8.60
CA ASP H 171 31.67 36.04 -8.85
C ASP H 171 31.97 35.32 -7.53
N LYS H 172 32.10 36.05 -6.40
CA LYS H 172 32.32 35.41 -5.08
C LYS H 172 31.04 34.67 -4.67
N ILE H 173 29.88 35.32 -4.76
CA ILE H 173 28.56 34.69 -4.45
C ILE H 173 28.43 33.40 -5.28
N ALA H 174 28.64 33.50 -6.60
CA ALA H 174 28.48 32.40 -7.57
C ALA H 174 29.33 31.20 -7.14
N ASN H 175 30.59 31.43 -6.82
CA ASN H 175 31.54 30.39 -6.33
C ASN H 175 31.00 29.76 -5.04
N ASP H 176 30.55 30.59 -4.10
CA ASP H 176 30.22 30.16 -2.71
C ASP H 176 28.95 29.28 -2.71
N ILE H 177 27.97 29.53 -3.58
CA ILE H 177 26.64 28.85 -3.52
C ILE H 177 26.63 27.55 -4.33
N GLU H 178 27.73 27.16 -4.98
CA GLU H 178 27.80 25.94 -5.82
C GLU H 178 27.46 24.71 -4.95
N ARG H 179 27.89 24.71 -3.69
CA ARG H 179 27.55 23.67 -2.69
C ARG H 179 26.99 24.35 -1.44
N ASP H 180 26.37 23.58 -0.55
CA ASP H 180 25.78 24.09 0.71
C ASP H 180 26.84 24.87 1.47
N TYR H 181 26.59 26.16 1.72
CA TYR H 181 27.50 27.12 2.38
C TYR H 181 26.90 27.54 3.73
N PHE H 182 27.26 26.82 4.79
CA PHE H 182 26.77 27.02 6.18
C PHE H 182 27.62 28.06 6.90
N MET H 183 26.96 28.94 7.67
CA MET H 183 27.65 30.01 8.43
C MET H 183 27.05 30.11 9.83
N SER H 184 27.90 30.31 10.83
CA SER H 184 27.54 30.86 12.16
C SER H 184 27.01 32.27 11.98
N PRO H 185 26.30 32.83 12.97
CA PRO H 185 25.84 34.23 12.90
C PRO H 185 26.99 35.23 12.70
N TYR H 186 28.15 35.01 13.32
CA TYR H 186 29.34 35.89 13.18
C TYR H 186 29.92 35.79 11.76
N GLU H 187 29.96 34.60 11.16
CA GLU H 187 30.40 34.44 9.74
C GLU H 187 29.39 35.13 8.80
N ALA H 188 28.09 35.03 9.11
CA ALA H 188 27.00 35.64 8.30
C ALA H 188 27.12 37.17 8.36
N LYS H 189 27.48 37.72 9.52
CA LYS H 189 27.72 39.18 9.69
C LYS H 189 28.92 39.62 8.82
N ASP H 190 30.02 38.89 8.88
CA ASP H 190 31.25 39.15 8.06
C ASP H 190 30.91 39.06 6.57
N TYR H 191 30.04 38.15 6.17
CA TYR H 191 29.62 37.92 4.76
C TYR H 191 28.72 39.08 4.29
N GLY H 192 28.01 39.75 5.21
CA GLY H 192 27.10 40.87 4.90
C GLY H 192 25.65 40.43 4.79
N LEU H 193 25.32 39.20 5.22
CA LEU H 193 23.93 38.66 5.17
C LEU H 193 23.11 39.25 6.32
N ILE H 194 23.75 39.56 7.46
CA ILE H 194 23.11 40.24 8.63
C ILE H 194 24.00 41.42 9.06
N ASP H 195 23.44 42.31 9.88
CA ASP H 195 24.14 43.54 10.37
C ASP H 195 24.60 43.32 11.82
N LYS H 196 23.84 42.55 12.60
CA LYS H 196 24.14 42.37 14.05
C LYS H 196 23.75 40.97 14.52
N VAL H 197 24.61 40.38 15.34
CA VAL H 197 24.29 39.21 16.19
C VAL H 197 23.81 39.76 17.54
N ILE H 198 22.60 39.38 17.97
CA ILE H 198 21.94 39.85 19.23
C ILE H 198 21.86 38.67 20.19
N GLU H 199 22.34 38.83 21.43
CA GLU H 199 22.17 37.84 22.53
C GLU H 199 21.00 38.27 23.44
N LYS H 200 21.01 39.52 23.91
CA LYS H 200 19.95 40.15 24.76
C LYS H 200 19.44 41.43 24.09
N VAL I 12 -4.40 30.71 9.99
CA VAL I 12 -4.81 32.02 9.42
C VAL I 12 -5.09 32.99 10.58
N PRO I 13 -4.36 34.11 10.70
CA PRO I 13 -4.50 35.03 11.83
C PRO I 13 -5.80 35.82 11.90
N ILE I 14 -6.16 36.24 13.11
CA ILE I 14 -7.42 36.98 13.40
C ILE I 14 -7.14 38.46 13.72
N VAL I 15 -7.91 39.36 13.09
CA VAL I 15 -7.80 40.81 13.37
C VAL I 15 -9.17 41.30 13.85
N TYR I 26 -12.44 39.12 12.10
CA TYR I 26 -11.89 39.00 10.71
C TYR I 26 -10.60 38.18 10.74
N ASP I 27 -10.52 37.12 9.92
CA ASP I 27 -9.24 36.51 9.47
C ASP I 27 -8.55 37.53 8.54
N ILE I 28 -7.24 37.36 8.30
CA ILE I 28 -6.38 38.35 7.57
C ILE I 28 -6.89 38.55 6.13
N TYR I 29 -7.36 37.50 5.46
CA TYR I 29 -7.87 37.55 4.07
C TYR I 29 -9.18 38.33 4.04
N SER I 30 -10.09 38.07 4.98
CA SER I 30 -11.38 38.80 5.13
C SER I 30 -11.11 40.27 5.39
N ARG I 31 -10.06 40.58 6.15
CA ARG I 31 -9.68 41.99 6.49
C ARG I 31 -9.19 42.69 5.22
N LEU I 32 -8.35 42.04 4.42
CA LEU I 32 -7.80 42.63 3.16
C LEU I 32 -8.92 42.78 2.13
N LEU I 33 -9.92 41.88 2.16
CA LEU I 33 -11.13 41.93 1.28
C LEU I 33 -11.89 43.24 1.52
N GLN I 34 -11.90 43.77 2.76
CA GLN I 34 -12.51 45.08 3.09
C GLN I 34 -11.84 46.20 2.27
N ASP I 35 -10.55 46.07 2.00
CA ASP I 35 -9.73 47.02 1.18
C ASP I 35 -9.76 46.60 -0.30
N ARG I 36 -10.66 45.68 -0.67
CA ARG I 36 -10.92 45.23 -2.07
C ARG I 36 -9.68 44.51 -2.61
N ILE I 37 -8.97 43.79 -1.73
CA ILE I 37 -7.79 42.95 -2.09
C ILE I 37 -8.26 41.49 -2.12
N VAL I 38 -8.02 40.83 -3.24
CA VAL I 38 -8.27 39.38 -3.48
C VAL I 38 -6.94 38.70 -3.80
N LEU I 39 -6.62 37.60 -3.12
CA LEU I 39 -5.38 36.80 -3.33
C LEU I 39 -5.73 35.52 -4.10
N LEU I 40 -5.23 35.40 -5.33
CA LEU I 40 -5.19 34.13 -6.09
C LEU I 40 -3.78 33.56 -5.91
N GLY I 41 -3.60 32.74 -4.86
CA GLY I 41 -2.27 32.26 -4.43
C GLY I 41 -2.17 30.75 -4.45
N SER I 42 -2.84 30.07 -5.37
CA SER I 42 -2.82 28.59 -5.46
C SER I 42 -3.03 28.13 -6.90
N PRO I 43 -2.79 26.84 -7.20
CA PRO I 43 -3.24 26.25 -8.47
C PRO I 43 -4.75 26.47 -8.61
N ILE I 44 -5.22 26.64 -9.85
CA ILE I 44 -6.63 26.98 -10.18
C ILE I 44 -7.41 25.68 -10.41
N ASP I 45 -8.34 25.37 -9.53
CA ASP I 45 -9.35 24.29 -9.70
C ASP I 45 -10.73 24.90 -9.52
N ASP I 46 -11.79 24.10 -9.62
CA ASP I 46 -13.18 24.61 -9.55
C ASP I 46 -13.40 25.31 -8.21
N HIS I 47 -12.89 24.72 -7.10
CA HIS I 47 -13.07 25.24 -5.72
C HIS I 47 -12.49 26.66 -5.63
N VAL I 48 -11.27 26.85 -6.12
CA VAL I 48 -10.53 28.15 -6.09
C VAL I 48 -11.28 29.16 -6.98
N ALA I 49 -11.74 28.76 -8.16
CA ALA I 49 -12.50 29.61 -9.10
C ALA I 49 -13.80 30.11 -8.44
N ASN I 50 -14.53 29.24 -7.75
CA ASN I 50 -15.77 29.62 -7.02
C ASN I 50 -15.45 30.67 -5.97
N LEU I 51 -14.32 30.53 -5.26
CA LEU I 51 -13.93 31.45 -4.16
C LEU I 51 -13.57 32.82 -4.77
N ILE I 52 -12.85 32.84 -5.89
CA ILE I 52 -12.42 34.11 -6.56
C ILE I 52 -13.68 34.81 -7.10
N VAL I 53 -14.53 34.08 -7.82
CA VAL I 53 -15.79 34.60 -8.44
C VAL I 53 -16.68 35.18 -7.33
N ALA I 54 -16.90 34.43 -6.25
CA ALA I 54 -17.69 34.89 -5.07
C ALA I 54 -17.13 36.23 -4.57
N GLN I 55 -15.81 36.34 -4.44
CA GLN I 55 -15.13 37.57 -3.91
C GLN I 55 -15.35 38.72 -4.90
N LEU I 56 -15.24 38.47 -6.21
CA LEU I 56 -15.43 39.52 -7.26
C LEU I 56 -16.89 39.99 -7.27
N LEU I 57 -17.85 39.07 -7.23
CA LEU I 57 -19.29 39.43 -7.23
C LEU I 57 -19.61 40.22 -5.95
N PHE I 58 -19.08 39.80 -4.81
CA PHE I 58 -19.29 40.48 -3.50
C PHE I 58 -18.80 41.92 -3.60
N LEU I 59 -17.57 42.12 -4.09
CA LEU I 59 -16.92 43.46 -4.13
C LEU I 59 -17.71 44.36 -5.08
N GLU I 60 -18.20 43.82 -6.19
CA GLU I 60 -19.06 44.56 -7.15
C GLU I 60 -20.32 45.06 -6.42
N SER I 61 -21.00 44.20 -5.66
CA SER I 61 -22.28 44.55 -4.99
C SER I 61 -22.02 45.62 -3.91
N GLN I 62 -20.90 45.52 -3.19
CA GLN I 62 -20.47 46.53 -2.17
C GLN I 62 -20.28 47.90 -2.83
N ASP I 63 -19.56 47.94 -3.96
CA ASP I 63 -19.25 49.19 -4.72
C ASP I 63 -18.90 48.83 -6.16
N PRO I 64 -19.81 49.10 -7.13
CA PRO I 64 -19.54 48.77 -8.54
C PRO I 64 -18.50 49.68 -9.23
N ASP I 65 -18.03 50.74 -8.56
CA ASP I 65 -17.16 51.79 -9.17
C ASP I 65 -15.70 51.58 -8.78
N LYS I 66 -15.42 51.15 -7.54
CA LYS I 66 -14.05 51.12 -6.97
C LYS I 66 -13.25 49.93 -7.52
N ASP I 67 -11.96 50.16 -7.79
CA ASP I 67 -11.04 49.13 -8.32
C ASP I 67 -10.98 47.95 -7.34
N ILE I 68 -10.81 46.76 -7.90
CA ILE I 68 -10.49 45.53 -7.16
C ILE I 68 -9.02 45.22 -7.44
N TYR I 69 -8.28 44.79 -6.43
CA TYR I 69 -6.84 44.43 -6.52
C TYR I 69 -6.70 42.92 -6.43
N LEU I 70 -6.47 42.27 -7.57
CA LEU I 70 -6.28 40.80 -7.70
C LEU I 70 -4.78 40.47 -7.78
N TYR I 71 -4.20 40.06 -6.65
CA TYR I 71 -2.81 39.55 -6.55
C TYR I 71 -2.78 38.10 -7.06
N ILE I 72 -1.87 37.81 -7.98
CA ILE I 72 -1.75 36.48 -8.65
C ILE I 72 -0.37 35.87 -8.35
N ASN I 73 -0.37 34.72 -7.68
CA ASN I 73 0.79 33.81 -7.52
C ASN I 73 0.25 32.41 -7.79
N SER I 74 0.27 31.97 -9.05
CA SER I 74 -0.37 30.70 -9.49
C SER I 74 0.44 30.06 -10.61
N PRO I 75 0.65 28.73 -10.54
CA PRO I 75 1.22 27.97 -11.67
C PRO I 75 0.18 27.65 -12.75
N GLY I 76 -1.08 28.04 -12.51
CA GLY I 76 -2.22 27.75 -13.39
C GLY I 76 -3.03 26.59 -12.85
N GLY I 77 -3.64 25.81 -13.74
CA GLY I 77 -4.49 24.66 -13.40
C GLY I 77 -5.55 24.46 -14.46
N SER I 78 -6.80 24.28 -14.05
CA SER I 78 -7.93 23.94 -14.95
C SER I 78 -8.28 25.12 -15.86
N VAL I 79 -8.33 24.87 -17.18
CA VAL I 79 -8.70 25.89 -18.20
C VAL I 79 -10.11 26.40 -17.91
N THR I 80 -11.10 25.52 -17.73
CA THR I 80 -12.51 25.93 -17.56
C THR I 80 -12.66 26.72 -16.24
N ALA I 81 -11.97 26.33 -15.18
CA ALA I 81 -11.97 27.07 -13.89
C ALA I 81 -11.38 28.46 -14.11
N GLY I 82 -10.25 28.54 -14.82
CA GLY I 82 -9.57 29.79 -15.17
C GLY I 82 -10.46 30.70 -16.02
N LEU I 83 -11.27 30.13 -16.92
CA LEU I 83 -12.14 30.94 -17.81
C LEU I 83 -13.38 31.44 -17.06
N ALA I 84 -13.84 30.73 -16.02
CA ALA I 84 -14.91 31.21 -15.10
C ALA I 84 -14.43 32.52 -14.45
N ILE I 85 -13.19 32.54 -13.94
CA ILE I 85 -12.58 33.75 -13.32
C ILE I 85 -12.42 34.81 -14.43
N TYR I 86 -11.89 34.42 -15.60
CA TYR I 86 -11.63 35.35 -16.73
C TYR I 86 -12.92 36.09 -17.08
N ASP I 87 -14.00 35.35 -17.35
CA ASP I 87 -15.28 35.96 -17.83
C ASP I 87 -15.88 36.82 -16.71
N THR I 88 -15.73 36.43 -15.45
CA THR I 88 -16.23 37.20 -14.29
C THR I 88 -15.49 38.54 -14.22
N MET I 89 -14.15 38.53 -14.38
CA MET I 89 -13.30 39.75 -14.42
C MET I 89 -13.81 40.71 -15.50
N GLN I 90 -14.10 40.22 -16.70
CA GLN I 90 -14.57 41.06 -17.85
C GLN I 90 -16.00 41.55 -17.61
N TYR I 91 -16.84 40.75 -16.95
CA TYR I 91 -18.32 40.95 -16.85
C TYR I 91 -18.65 42.03 -15.81
N ILE I 92 -17.98 42.04 -14.66
CA ILE I 92 -18.32 42.96 -13.52
C ILE I 92 -17.95 44.39 -13.92
N LYS I 93 -18.58 45.39 -13.28
CA LYS I 93 -18.41 46.83 -13.58
C LYS I 93 -17.06 47.34 -13.08
N PRO I 94 -16.59 47.00 -11.86
CA PRO I 94 -15.30 47.48 -11.38
C PRO I 94 -14.13 47.02 -12.28
N ASP I 95 -13.14 47.91 -12.47
CA ASP I 95 -11.82 47.55 -13.03
C ASP I 95 -11.14 46.54 -12.11
N VAL I 96 -10.60 45.46 -12.67
CA VAL I 96 -9.78 44.50 -11.88
C VAL I 96 -8.31 44.78 -12.17
N VAL I 97 -7.63 45.39 -11.21
CA VAL I 97 -6.16 45.58 -11.20
C VAL I 97 -5.53 44.21 -10.93
N THR I 98 -4.57 43.78 -11.74
CA THR I 98 -3.84 42.49 -11.57
C THR I 98 -2.39 42.80 -11.17
N ILE I 99 -1.88 42.06 -10.17
CA ILE I 99 -0.49 42.19 -9.65
C ILE I 99 0.11 40.79 -9.60
N CYS I 100 1.14 40.56 -10.39
CA CYS I 100 1.93 39.30 -10.37
C CYS I 100 2.97 39.38 -9.25
N MET I 101 2.91 38.44 -8.29
CA MET I 101 3.97 38.22 -7.27
C MET I 101 4.37 36.74 -7.33
N GLY I 102 5.67 36.45 -7.28
CA GLY I 102 6.18 35.08 -7.44
C GLY I 102 6.07 34.64 -8.89
N GLN I 103 4.91 34.14 -9.32
CA GLN I 103 4.71 33.71 -10.73
C GLN I 103 3.25 33.85 -11.14
N ALA I 104 3.05 34.05 -12.45
CA ALA I 104 1.79 33.90 -13.18
C ALA I 104 2.10 33.04 -14.41
N ALA I 105 1.82 31.75 -14.30
CA ALA I 105 2.11 30.79 -15.38
C ALA I 105 0.81 30.16 -15.87
N SER I 106 0.82 29.74 -17.13
CA SER I 106 -0.29 29.10 -17.77
C SER I 106 -1.55 29.95 -17.62
N MET I 107 -2.59 29.42 -16.97
CA MET I 107 -3.84 30.20 -16.78
C MET I 107 -3.61 31.41 -15.87
N GLY I 108 -2.66 31.35 -14.94
CA GLY I 108 -2.30 32.52 -14.14
C GLY I 108 -1.87 33.67 -15.04
N ALA I 109 -1.08 33.42 -16.06
CA ALA I 109 -0.61 34.44 -17.02
C ALA I 109 -1.78 35.05 -17.80
N ILE I 110 -2.74 34.25 -18.22
CA ILE I 110 -3.95 34.71 -18.95
C ILE I 110 -4.75 35.65 -18.03
N LEU I 111 -4.93 35.29 -16.76
CA LEU I 111 -5.67 36.12 -15.78
C LEU I 111 -4.89 37.42 -15.53
N LEU I 112 -3.56 37.35 -15.41
CA LEU I 112 -2.71 38.57 -15.26
C LEU I 112 -2.98 39.52 -16.43
N ALA I 113 -2.86 39.02 -17.67
CA ALA I 113 -3.00 39.79 -18.93
C ALA I 113 -4.44 40.31 -19.11
N ALA I 114 -5.42 39.73 -18.40
CA ALA I 114 -6.86 40.03 -18.56
C ALA I 114 -7.28 41.17 -17.63
N GLY I 115 -6.38 41.72 -16.82
CA GLY I 115 -6.70 42.87 -15.94
C GLY I 115 -7.08 44.09 -16.76
N ALA I 116 -7.69 45.09 -16.13
CA ALA I 116 -8.11 46.36 -16.76
C ALA I 116 -6.95 46.96 -17.54
N PRO I 117 -7.15 47.42 -18.79
CA PRO I 117 -6.05 47.98 -19.57
C PRO I 117 -5.30 49.09 -18.80
N GLY I 118 -3.98 49.06 -18.78
CA GLY I 118 -3.14 50.06 -18.06
C GLY I 118 -2.96 49.73 -16.59
N LYS I 119 -3.66 48.73 -16.04
CA LYS I 119 -3.62 48.41 -14.59
C LYS I 119 -3.20 46.95 -14.38
N ARG I 120 -2.26 46.47 -15.19
CA ARG I 120 -1.67 45.10 -15.06
C ARG I 120 -0.20 45.27 -14.68
N TYR I 121 0.17 44.78 -13.49
CA TYR I 121 1.48 45.05 -12.84
C TYR I 121 2.17 43.72 -12.53
N ALA I 122 3.51 43.73 -12.52
CA ALA I 122 4.34 42.62 -12.01
C ALA I 122 5.40 43.19 -11.08
N LEU I 123 5.62 42.54 -9.94
CA LEU I 123 6.77 42.82 -9.05
C LEU I 123 8.03 42.38 -9.78
N PRO I 124 9.19 43.01 -9.53
CA PRO I 124 10.36 42.90 -10.42
C PRO I 124 11.07 41.54 -10.46
N HIS I 125 10.85 40.64 -9.48
CA HIS I 125 11.50 39.30 -9.44
C HIS I 125 10.45 38.20 -9.62
N SER I 126 9.24 38.57 -10.03
CA SER I 126 8.19 37.60 -10.43
C SER I 126 8.57 37.02 -11.78
N ARG I 127 7.91 35.95 -12.21
CA ARG I 127 8.08 35.43 -13.59
C ARG I 127 6.72 35.12 -14.20
N ILE I 128 6.64 35.22 -15.52
CA ILE I 128 5.41 35.01 -16.30
C ILE I 128 5.73 33.93 -17.33
N MET I 129 4.84 32.96 -17.47
CA MET I 129 5.02 31.87 -18.46
C MET I 129 3.68 31.61 -19.16
N ILE I 130 3.71 31.52 -20.49
CA ILE I 130 2.54 31.13 -21.33
C ILE I 130 2.89 29.81 -22.01
N HIS I 131 1.90 28.92 -22.18
CA HIS I 131 2.07 27.69 -22.98
C HIS I 131 0.70 27.20 -23.44
N GLN I 132 0.71 26.34 -24.46
CA GLN I 132 -0.52 25.71 -25.00
C GLN I 132 -1.10 24.81 -23.91
N PRO I 133 -2.42 24.51 -23.97
CA PRO I 133 -3.04 23.63 -22.98
C PRO I 133 -2.57 22.18 -23.09
N LEU I 134 -2.73 21.44 -21.98
CA LEU I 134 -2.49 19.98 -21.90
C LEU I 134 -3.80 19.26 -21.65
N GLY I 135 -3.86 17.99 -22.02
CA GLY I 135 -5.05 17.15 -21.84
C GLY I 135 -4.67 15.71 -21.58
N GLY I 136 -5.66 14.92 -21.18
CA GLY I 136 -5.61 13.46 -21.11
C GLY I 136 -6.93 12.90 -21.58
N ILE I 137 -6.90 11.88 -22.42
CA ILE I 137 -8.11 11.19 -22.96
C ILE I 137 -7.77 9.72 -23.19
N GLN I 138 -8.58 8.84 -22.63
CA GLN I 138 -8.49 7.37 -22.81
C GLN I 138 -9.84 6.88 -23.32
N GLY I 139 -9.84 5.92 -24.23
CA GLY I 139 -11.07 5.23 -24.65
C GLY I 139 -11.07 4.94 -26.13
N GLN I 140 -12.27 4.85 -26.72
CA GLN I 140 -12.47 4.51 -28.14
C GLN I 140 -11.90 5.61 -29.04
N ALA I 141 -11.36 5.23 -30.20
CA ALA I 141 -10.82 6.17 -31.22
C ALA I 141 -11.80 7.33 -31.40
N THR I 142 -13.10 7.04 -31.57
CA THR I 142 -14.15 8.07 -31.80
C THR I 142 -14.08 9.13 -30.69
N ASP I 143 -14.01 8.71 -29.43
CA ASP I 143 -14.01 9.62 -28.25
C ASP I 143 -12.70 10.41 -28.23
N ILE I 144 -11.58 9.76 -28.53
CA ILE I 144 -10.25 10.42 -28.56
C ILE I 144 -10.30 11.56 -29.59
N ILE I 145 -10.84 11.29 -30.78
CA ILE I 145 -10.92 12.29 -31.88
C ILE I 145 -11.82 13.45 -31.45
N ILE I 146 -12.96 13.16 -30.81
CA ILE I 146 -13.89 14.20 -30.29
C ILE I 146 -13.14 15.12 -29.30
N HIS I 147 -12.36 14.55 -28.39
CA HIS I 147 -11.68 15.33 -27.32
C HIS I 147 -10.46 16.07 -27.90
N ALA I 148 -9.84 15.57 -28.98
CA ALA I 148 -8.76 16.27 -29.72
C ALA I 148 -9.33 17.52 -30.40
N GLU I 149 -10.51 17.40 -31.01
CA GLU I 149 -11.25 18.53 -31.63
C GLU I 149 -11.55 19.58 -30.56
N GLU I 150 -11.92 19.13 -29.34
CA GLU I 150 -12.30 20.06 -28.24
C GLU I 150 -11.03 20.77 -27.75
N ILE I 151 -9.90 20.07 -27.57
CA ILE I 151 -8.65 20.71 -27.07
C ILE I 151 -8.16 21.72 -28.13
N LYS I 152 -8.32 21.39 -29.41
CA LYS I 152 -7.99 22.31 -30.54
C LYS I 152 -8.82 23.59 -30.41
N ARG I 153 -10.14 23.46 -30.22
CA ARG I 153 -11.05 24.63 -30.05
C ARG I 153 -10.59 25.46 -28.83
N ILE I 154 -10.27 24.80 -27.70
CA ILE I 154 -9.85 25.51 -26.44
C ILE I 154 -8.53 26.26 -26.72
N LYS I 155 -7.59 25.61 -27.40
CA LYS I 155 -6.27 26.20 -27.76
C LYS I 155 -6.47 27.47 -28.60
N GLU I 156 -7.30 27.41 -29.64
CA GLU I 156 -7.58 28.58 -30.52
C GLU I 156 -8.19 29.71 -29.67
N MET I 157 -9.11 29.40 -28.76
CA MET I 157 -9.75 30.38 -27.83
C MET I 157 -8.69 31.07 -26.95
N LEU I 158 -7.75 30.30 -26.37
CA LEU I 158 -6.70 30.87 -25.48
C LEU I 158 -5.80 31.80 -26.32
N ILE I 159 -5.45 31.40 -27.54
CA ILE I 159 -4.65 32.25 -28.47
C ILE I 159 -5.41 33.56 -28.69
N ASP I 160 -6.71 33.48 -29.00
CA ASP I 160 -7.57 34.67 -29.26
C ASP I 160 -7.55 35.58 -28.01
N ILE I 161 -7.67 35.01 -26.81
CA ILE I 161 -7.69 35.82 -25.56
C ILE I 161 -6.35 36.54 -25.41
N LEU I 162 -5.23 35.83 -25.57
CA LEU I 162 -3.87 36.41 -25.42
C LEU I 162 -3.67 37.54 -26.46
N ALA I 163 -4.05 37.31 -27.72
CA ALA I 163 -3.96 38.28 -28.83
C ALA I 163 -4.71 39.55 -28.47
N LYS I 164 -5.95 39.41 -28.00
CA LYS I 164 -6.86 40.53 -27.62
C LYS I 164 -6.17 41.41 -26.56
N HIS I 165 -5.66 40.82 -25.47
CA HIS I 165 -5.15 41.58 -24.29
C HIS I 165 -3.70 42.03 -24.49
N THR I 166 -2.91 41.37 -25.36
CA THR I 166 -1.49 41.73 -25.62
C THR I 166 -1.36 42.67 -26.81
N GLY I 167 -2.26 42.60 -27.79
CA GLY I 167 -2.14 43.31 -29.08
C GLY I 167 -1.19 42.60 -30.03
N GLN I 168 -0.68 41.42 -29.66
CA GLN I 168 0.18 40.58 -30.53
C GLN I 168 -0.69 39.94 -31.61
N PRO I 169 -0.17 39.75 -32.84
CA PRO I 169 -0.89 39.00 -33.86
C PRO I 169 -1.07 37.54 -33.40
N LYS I 170 -2.14 36.88 -33.87
CA LYS I 170 -2.54 35.52 -33.42
C LYS I 170 -1.41 34.54 -33.78
N ASP I 171 -0.83 34.64 -34.98
CA ASP I 171 0.19 33.67 -35.46
C ASP I 171 1.46 33.74 -34.61
N LYS I 172 1.78 34.90 -34.02
CA LYS I 172 2.95 35.05 -33.11
C LYS I 172 2.65 34.35 -31.78
N ILE I 173 1.46 34.60 -31.21
CA ILE I 173 0.99 33.93 -29.97
C ILE I 173 1.09 32.41 -30.19
N ALA I 174 0.53 31.92 -31.31
CA ALA I 174 0.39 30.48 -31.62
C ALA I 174 1.79 29.84 -31.63
N ASN I 175 2.74 30.48 -32.33
CA ASN I 175 4.14 30.02 -32.45
C ASN I 175 4.79 29.96 -31.05
N ASP I 176 4.62 31.01 -30.25
CA ASP I 176 5.33 31.22 -28.96
C ASP I 176 4.85 30.24 -27.89
N ILE I 177 3.60 29.79 -27.91
CA ILE I 177 3.03 28.94 -26.83
C ILE I 177 3.19 27.43 -27.15
N GLU I 178 3.82 27.08 -28.27
CA GLU I 178 4.05 25.65 -28.65
C GLU I 178 4.86 24.95 -27.57
N ARG I 179 5.82 25.67 -26.96
CA ARG I 179 6.63 25.18 -25.80
C ARG I 179 6.53 26.21 -24.67
N ASP I 180 6.86 25.79 -23.45
CA ASP I 180 6.94 26.68 -22.26
C ASP I 180 7.74 27.93 -22.64
N TYR I 181 7.10 29.10 -22.54
CA TYR I 181 7.67 30.41 -22.93
C TYR I 181 7.75 31.28 -21.67
N PHE I 182 8.91 31.26 -21.00
CA PHE I 182 9.17 31.97 -19.72
C PHE I 182 9.63 33.41 -20.01
N MET I 183 9.20 34.36 -19.17
CA MET I 183 9.51 35.80 -19.33
C MET I 183 9.79 36.43 -17.97
N SER I 184 10.82 37.27 -17.88
CA SER I 184 11.01 38.26 -16.80
C SER I 184 9.87 39.28 -16.88
N PRO I 185 9.61 40.07 -15.82
CA PRO I 185 8.59 41.12 -15.89
C PRO I 185 8.82 42.11 -17.04
N TYR I 186 10.06 42.50 -17.32
CA TYR I 186 10.37 43.48 -18.40
C TYR I 186 10.08 42.84 -19.77
N GLU I 187 10.31 41.53 -19.92
CA GLU I 187 9.95 40.79 -21.17
C GLU I 187 8.42 40.69 -21.30
N ALA I 188 7.71 40.40 -20.21
CA ALA I 188 6.23 40.36 -20.17
C ALA I 188 5.64 41.73 -20.54
N LYS I 189 6.24 42.83 -20.06
CA LYS I 189 5.83 44.21 -20.40
C LYS I 189 6.00 44.45 -21.91
N ASP I 190 7.17 44.10 -22.47
CA ASP I 190 7.44 44.23 -23.93
C ASP I 190 6.43 43.39 -24.73
N TYR I 191 6.07 42.20 -24.24
CA TYR I 191 5.15 41.26 -24.94
C TYR I 191 3.71 41.81 -24.93
N GLY I 192 3.36 42.65 -23.95
CA GLY I 192 2.00 43.22 -23.76
C GLY I 192 1.17 42.46 -22.74
N LEU I 193 1.77 41.59 -21.93
CA LEU I 193 1.03 40.78 -20.90
C LEU I 193 0.78 41.63 -19.64
N ILE I 194 1.64 42.64 -19.39
CA ILE I 194 1.47 43.63 -18.28
C ILE I 194 1.79 45.03 -18.83
N ASP I 195 1.45 46.06 -18.06
CA ASP I 195 1.61 47.50 -18.41
C ASP I 195 2.83 48.08 -17.69
N LYS I 196 3.11 47.60 -16.48
CA LYS I 196 4.20 48.17 -15.68
C LYS I 196 4.85 47.16 -14.72
N VAL I 197 6.16 47.25 -14.58
CA VAL I 197 6.91 46.47 -13.56
C VAL I 197 6.98 47.45 -12.39
N ILE I 198 6.52 47.07 -11.20
CA ILE I 198 6.47 48.10 -10.13
C ILE I 198 7.78 48.18 -9.34
N GLU I 199 8.40 49.35 -9.42
CA GLU I 199 9.70 49.77 -8.83
C GLU I 199 9.44 50.74 -7.70
N VAL J 12 -12.54 30.28 3.37
CA VAL J 12 -13.88 30.87 3.09
C VAL J 12 -13.99 32.21 3.82
N PRO J 13 -13.83 33.37 3.12
CA PRO J 13 -13.81 34.67 3.79
C PRO J 13 -15.12 35.07 4.48
N ILE J 14 -15.03 36.04 5.39
CA ILE J 14 -16.11 36.49 6.32
C ILE J 14 -16.46 37.94 5.97
N VAL J 15 -17.73 38.32 6.16
CA VAL J 15 -18.25 39.72 6.09
C VAL J 15 -19.19 39.95 7.28
N TYR J 26 -21.25 36.59 8.46
CA TYR J 26 -21.62 36.00 7.15
C TYR J 26 -20.36 35.55 6.38
N ASP J 27 -20.25 34.26 6.06
CA ASP J 27 -19.26 33.76 5.06
C ASP J 27 -19.67 34.33 3.69
N ILE J 28 -18.76 34.35 2.72
CA ILE J 28 -18.94 35.04 1.40
C ILE J 28 -20.17 34.45 0.70
N TYR J 29 -20.37 33.14 0.77
CA TYR J 29 -21.47 32.42 0.08
C TYR J 29 -22.82 32.82 0.70
N SER J 30 -22.88 32.90 2.03
CA SER J 30 -24.06 33.34 2.81
C SER J 30 -24.41 34.79 2.45
N ARG J 31 -23.39 35.64 2.26
CA ARG J 31 -23.56 37.06 1.89
C ARG J 31 -24.16 37.15 0.49
N LEU J 32 -23.70 36.32 -0.47
CA LEU J 32 -24.26 36.30 -1.84
C LEU J 32 -25.68 35.72 -1.79
N LEU J 33 -25.95 34.80 -0.86
CA LEU J 33 -27.30 34.19 -0.70
C LEU J 33 -28.33 35.28 -0.33
N GLN J 34 -27.90 36.36 0.32
CA GLN J 34 -28.76 37.53 0.67
C GLN J 34 -29.18 38.27 -0.61
N ASP J 35 -28.36 38.22 -1.67
CA ASP J 35 -28.70 38.75 -3.02
C ASP J 35 -29.37 37.67 -3.86
N ARG J 36 -29.76 36.54 -3.25
CA ARG J 36 -30.48 35.41 -3.91
C ARG J 36 -29.57 34.79 -4.98
N ILE J 37 -28.27 34.75 -4.71
CA ILE J 37 -27.24 34.10 -5.59
C ILE J 37 -26.86 32.76 -4.96
N VAL J 38 -26.93 31.70 -5.77
CA VAL J 38 -26.55 30.30 -5.40
C VAL J 38 -25.44 29.86 -6.36
N LEU J 39 -24.34 29.33 -5.83
CA LEU J 39 -23.18 28.86 -6.64
C LEU J 39 -23.20 27.33 -6.70
N LEU J 40 -23.39 26.77 -7.89
CA LEU J 40 -23.13 25.32 -8.14
C LEU J 40 -21.79 25.23 -8.88
N GLY J 41 -20.70 25.06 -8.12
CA GLY J 41 -19.33 25.09 -8.63
C GLY J 41 -18.56 23.83 -8.32
N SER J 42 -19.20 22.66 -8.34
CA SER J 42 -18.53 21.37 -8.04
C SER J 42 -19.22 20.23 -8.78
N PRO J 43 -18.61 19.01 -8.80
CA PRO J 43 -19.32 17.80 -9.20
C PRO J 43 -20.61 17.66 -8.38
N ILE J 44 -21.67 17.13 -9.00
CA ILE J 44 -22.99 16.95 -8.32
C ILE J 44 -23.02 15.55 -7.68
N ASP J 45 -22.98 15.49 -6.36
CA ASP J 45 -23.25 14.26 -5.57
C ASP J 45 -24.42 14.58 -4.64
N ASP J 46 -24.84 13.62 -3.82
CA ASP J 46 -26.02 13.76 -2.93
C ASP J 46 -25.80 14.95 -1.97
N HIS J 47 -24.58 15.10 -1.43
CA HIS J 47 -24.20 16.20 -0.50
C HIS J 47 -24.41 17.57 -1.17
N VAL J 48 -23.89 17.74 -2.38
CA VAL J 48 -24.01 19.02 -3.14
C VAL J 48 -25.50 19.27 -3.44
N ALA J 49 -26.23 18.24 -3.88
CA ALA J 49 -27.66 18.34 -4.23
C ALA J 49 -28.46 18.85 -3.03
N ASN J 50 -28.27 18.25 -1.86
CA ASN J 50 -28.98 18.64 -0.61
C ASN J 50 -28.70 20.13 -0.33
N LEU J 51 -27.44 20.56 -0.46
CA LEU J 51 -27.01 21.97 -0.21
C LEU J 51 -27.74 22.93 -1.16
N ILE J 52 -27.77 22.61 -2.45
CA ILE J 52 -28.45 23.45 -3.48
C ILE J 52 -29.96 23.47 -3.20
N VAL J 53 -30.56 22.30 -2.96
CA VAL J 53 -32.02 22.20 -2.66
C VAL J 53 -32.35 23.05 -1.43
N ALA J 54 -31.58 22.92 -0.34
CA ALA J 54 -31.74 23.69 0.91
C ALA J 54 -31.72 25.20 0.59
N GLN J 55 -30.76 25.65 -0.21
CA GLN J 55 -30.63 27.08 -0.59
C GLN J 55 -31.86 27.52 -1.40
N LEU J 56 -32.32 26.68 -2.34
CA LEU J 56 -33.51 26.99 -3.18
C LEU J 56 -34.76 27.05 -2.29
N LEU J 57 -34.95 26.09 -1.37
CA LEU J 57 -36.12 26.06 -0.46
C LEU J 57 -36.07 27.30 0.46
N PHE J 58 -34.89 27.64 0.99
CA PHE J 58 -34.69 28.79 1.90
C PHE J 58 -35.09 30.10 1.19
N LEU J 59 -34.58 30.31 -0.04
CA LEU J 59 -34.82 31.56 -0.81
C LEU J 59 -36.33 31.67 -1.14
N GLU J 60 -36.97 30.55 -1.51
CA GLU J 60 -38.43 30.54 -1.81
C GLU J 60 -39.22 31.02 -0.59
N SER J 61 -38.85 30.56 0.61
CA SER J 61 -39.54 30.89 1.89
C SER J 61 -39.28 32.35 2.27
N GLN J 62 -38.13 32.91 1.89
CA GLN J 62 -37.78 34.34 2.13
C GLN J 62 -38.67 35.23 1.24
N ASP J 63 -38.86 34.84 -0.03
CA ASP J 63 -39.66 35.61 -1.01
C ASP J 63 -40.00 34.72 -2.20
N PRO J 64 -41.25 34.20 -2.29
CA PRO J 64 -41.61 33.28 -3.36
C PRO J 64 -41.74 33.92 -4.76
N ASP J 65 -41.61 35.25 -4.85
CA ASP J 65 -41.86 36.03 -6.10
C ASP J 65 -40.56 36.48 -6.75
N LYS J 66 -39.44 36.58 -6.02
CA LYS J 66 -38.17 37.17 -6.53
C LYS J 66 -37.31 36.09 -7.19
N ASP J 67 -36.72 36.41 -8.34
CA ASP J 67 -35.80 35.53 -9.10
C ASP J 67 -34.68 35.02 -8.19
N ILE J 68 -34.24 33.80 -8.45
CA ILE J 68 -33.00 33.22 -7.87
C ILE J 68 -31.96 33.20 -9.00
N TYR J 69 -30.70 33.47 -8.68
CA TYR J 69 -29.57 33.45 -9.64
C TYR J 69 -28.70 32.21 -9.34
N LEU J 70 -28.82 31.17 -10.17
CA LEU J 70 -28.02 29.92 -10.04
C LEU J 70 -26.86 29.97 -11.04
N TYR J 71 -25.66 30.21 -10.51
CA TYR J 71 -24.39 30.14 -11.26
C TYR J 71 -23.96 28.67 -11.33
N ILE J 72 -23.62 28.21 -12.52
CA ILE J 72 -23.27 26.78 -12.77
C ILE J 72 -21.86 26.72 -13.37
N ASN J 73 -20.93 26.15 -12.61
CA ASN J 73 -19.61 25.65 -13.09
C ASN J 73 -19.47 24.20 -12.62
N SER J 74 -19.87 23.23 -13.43
CA SER J 74 -19.97 21.80 -13.00
C SER J 74 -19.66 20.86 -14.15
N PRO J 75 -18.84 19.81 -13.93
CA PRO J 75 -18.67 18.74 -14.92
C PRO J 75 -19.82 17.71 -14.84
N GLY J 76 -20.81 17.96 -13.97
CA GLY J 76 -21.96 17.07 -13.74
C GLY J 76 -21.70 16.13 -12.57
N GLY J 77 -22.23 14.90 -12.63
CA GLY J 77 -22.10 13.90 -11.56
C GLY J 77 -23.29 12.95 -11.53
N SER J 78 -23.80 12.65 -10.33
CA SER J 78 -24.87 11.65 -10.09
C SER J 78 -26.16 12.13 -10.76
N VAL J 79 -26.79 11.26 -11.55
CA VAL J 79 -28.05 11.60 -12.27
C VAL J 79 -29.16 11.84 -11.24
N THR J 80 -29.30 10.99 -10.23
CA THR J 80 -30.41 11.13 -9.25
C THR J 80 -30.19 12.40 -8.42
N ALA J 81 -28.94 12.74 -8.08
CA ALA J 81 -28.63 13.97 -7.33
C ALA J 81 -28.99 15.19 -8.20
N GLY J 82 -28.60 15.16 -9.48
CA GLY J 82 -28.95 16.19 -10.46
C GLY J 82 -30.46 16.37 -10.60
N LEU J 83 -31.21 15.27 -10.63
CA LEU J 83 -32.68 15.31 -10.83
C LEU J 83 -33.40 15.81 -9.58
N ALA J 84 -32.82 15.63 -8.39
CA ALA J 84 -33.31 16.25 -7.14
C ALA J 84 -33.28 17.77 -7.32
N ILE J 85 -32.18 18.31 -7.84
CA ILE J 85 -32.04 19.78 -8.08
C ILE J 85 -33.05 20.19 -9.15
N TYR J 86 -33.09 19.45 -10.26
CA TYR J 86 -33.96 19.76 -11.43
C TYR J 86 -35.40 19.91 -10.94
N ASP J 87 -35.92 18.94 -10.19
CA ASP J 87 -37.33 18.94 -9.75
C ASP J 87 -37.59 20.08 -8.76
N THR J 88 -36.61 20.40 -7.91
CA THR J 88 -36.74 21.53 -6.94
C THR J 88 -36.81 22.86 -7.70
N MET J 89 -35.97 23.02 -8.73
CA MET J 89 -35.96 24.23 -9.60
C MET J 89 -37.32 24.40 -10.28
N GLN J 90 -37.95 23.29 -10.72
CA GLN J 90 -39.27 23.33 -11.41
C GLN J 90 -40.38 23.58 -10.37
N TYR J 91 -40.26 23.02 -9.16
CA TYR J 91 -41.33 22.95 -8.14
C TYR J 91 -41.52 24.29 -7.40
N ILE J 92 -40.43 24.97 -7.02
CA ILE J 92 -40.50 26.24 -6.24
C ILE J 92 -41.17 27.33 -7.09
N LYS J 93 -41.73 28.35 -6.43
CA LYS J 93 -42.46 29.46 -7.09
C LYS J 93 -41.50 30.40 -7.83
N PRO J 94 -40.37 30.83 -7.22
CA PRO J 94 -39.47 31.79 -7.88
C PRO J 94 -38.92 31.25 -9.20
N ASP J 95 -38.77 32.12 -10.20
CA ASP J 95 -37.99 31.84 -11.43
C ASP J 95 -36.54 31.61 -11.01
N VAL J 96 -35.91 30.54 -11.50
CA VAL J 96 -34.45 30.29 -11.32
C VAL J 96 -33.76 30.70 -12.62
N VAL J 97 -33.01 31.80 -12.56
CA VAL J 97 -32.09 32.28 -13.62
C VAL J 97 -30.85 31.39 -13.58
N THR J 98 -30.43 30.84 -14.72
CA THR J 98 -29.20 30.01 -14.81
C THR J 98 -28.12 30.78 -15.58
N ILE J 99 -26.91 30.77 -15.04
CA ILE J 99 -25.71 31.42 -15.64
C ILE J 99 -24.58 30.40 -15.67
N CYS J 100 -24.15 30.02 -16.87
CA CYS J 100 -22.98 29.15 -17.11
C CYS J 100 -21.70 29.98 -17.06
N MET J 101 -20.79 29.63 -16.14
CA MET J 101 -19.40 30.13 -16.10
C MET J 101 -18.44 28.93 -16.06
N GLY J 102 -17.40 28.97 -16.89
CA GLY J 102 -16.44 27.85 -17.02
C GLY J 102 -17.04 26.74 -17.85
N GLN J 103 -17.87 25.89 -17.24
CA GLN J 103 -18.57 24.82 -17.98
C GLN J 103 -19.85 24.39 -17.27
N ALA J 104 -20.81 23.94 -18.07
CA ALA J 104 -22.00 23.16 -17.64
C ALA J 104 -22.00 21.90 -18.49
N ALA J 105 -21.45 20.83 -17.93
CA ALA J 105 -21.32 19.58 -18.68
C ALA J 105 -22.22 18.53 -18.03
N SER J 106 -22.73 17.61 -18.83
CA SER J 106 -23.54 16.50 -18.41
C SER J 106 -24.77 16.98 -17.66
N MET J 107 -24.88 16.65 -16.37
CA MET J 107 -26.05 17.09 -15.55
C MET J 107 -26.02 18.62 -15.37
N GLY J 108 -24.83 19.23 -15.34
CA GLY J 108 -24.68 20.69 -15.29
C GLY J 108 -25.40 21.35 -16.46
N ALA J 109 -25.26 20.81 -17.66
CA ALA J 109 -25.93 21.36 -18.85
C ALA J 109 -27.46 21.20 -18.75
N ILE J 110 -27.91 20.08 -18.19
CA ILE J 110 -29.37 19.86 -18.00
C ILE J 110 -29.92 20.94 -17.07
N LEU J 111 -29.25 21.20 -15.96
CA LEU J 111 -29.66 22.22 -14.97
C LEU J 111 -29.64 23.62 -15.63
N LEU J 112 -28.61 23.94 -16.43
CA LEU J 112 -28.52 25.20 -17.21
C LEU J 112 -29.76 25.33 -18.11
N ALA J 113 -30.06 24.29 -18.89
CA ALA J 113 -31.21 24.26 -19.83
C ALA J 113 -32.54 24.39 -19.06
N ALA J 114 -32.57 24.02 -17.77
CA ALA J 114 -33.79 23.89 -16.94
C ALA J 114 -34.16 25.22 -16.28
N GLY J 115 -33.38 26.28 -16.50
CA GLY J 115 -33.69 27.63 -15.99
C GLY J 115 -34.99 28.15 -16.57
N ALA J 116 -35.57 29.17 -15.93
CA ALA J 116 -36.82 29.82 -16.37
C ALA J 116 -36.65 30.21 -17.84
N PRO J 117 -37.66 29.98 -18.70
CA PRO J 117 -37.57 30.37 -20.11
C PRO J 117 -37.22 31.86 -20.27
N GLY J 118 -36.26 32.17 -21.14
CA GLY J 118 -35.79 33.55 -21.42
C GLY J 118 -34.73 34.03 -20.44
N LYS J 119 -34.43 33.28 -19.38
CA LYS J 119 -33.48 33.70 -18.32
C LYS J 119 -32.36 32.66 -18.15
N ARG J 120 -31.93 32.05 -19.26
CA ARG J 120 -30.79 31.08 -19.25
C ARG J 120 -29.63 31.73 -19.99
N TYR J 121 -28.53 31.99 -19.29
CA TYR J 121 -27.38 32.77 -19.78
C TYR J 121 -26.10 31.92 -19.77
N ALA J 122 -25.18 32.22 -20.67
CA ALA J 122 -23.80 31.70 -20.66
C ALA J 122 -22.84 32.88 -20.83
N LEU J 123 -21.76 32.90 -20.05
CA LEU J 123 -20.62 33.83 -20.25
C LEU J 123 -19.86 33.36 -21.49
N PRO J 124 -19.16 34.27 -22.20
CA PRO J 124 -18.77 34.05 -23.59
C PRO J 124 -17.65 33.02 -23.82
N HIS J 125 -16.87 32.68 -22.80
CA HIS J 125 -15.78 31.68 -22.92
C HIS J 125 -16.10 30.42 -22.11
N SER J 126 -17.38 30.26 -21.72
CA SER J 126 -17.85 29.03 -21.05
C SER J 126 -18.03 27.95 -22.12
N ARG J 127 -18.20 26.71 -21.73
CA ARG J 127 -18.54 25.64 -22.69
C ARG J 127 -19.64 24.78 -22.09
N ILE J 128 -20.53 24.30 -22.96
CA ILE J 128 -21.67 23.43 -22.60
C ILE J 128 -21.44 22.08 -23.29
N MET J 129 -21.69 20.99 -22.58
CA MET J 129 -21.53 19.62 -23.12
C MET J 129 -22.69 18.74 -22.65
N ILE J 130 -23.35 18.07 -23.59
CA ILE J 130 -24.42 17.07 -23.29
C ILE J 130 -23.88 15.71 -23.71
N HIS J 131 -24.21 14.68 -22.93
CA HIS J 131 -23.93 13.26 -23.30
C HIS J 131 -24.89 12.33 -22.55
N GLN J 132 -25.01 11.12 -23.05
CA GLN J 132 -25.87 10.06 -22.45
C GLN J 132 -25.29 9.68 -21.09
N PRO J 133 -26.10 9.12 -20.18
CA PRO J 133 -25.59 8.71 -18.88
C PRO J 133 -24.64 7.52 -18.98
N LEU J 134 -23.82 7.37 -17.95
CA LEU J 134 -22.82 6.28 -17.77
C LEU J 134 -23.23 5.52 -16.52
N GLY J 135 -22.75 4.29 -16.41
CA GLY J 135 -23.14 3.38 -15.32
C GLY J 135 -22.09 2.30 -15.10
N GLY J 136 -22.25 1.59 -13.99
CA GLY J 136 -21.52 0.35 -13.66
C GLY J 136 -22.49 -0.59 -12.99
N ILE J 137 -22.48 -1.86 -13.40
CA ILE J 137 -23.28 -2.95 -12.76
C ILE J 137 -22.44 -4.23 -12.82
N GLN J 138 -22.39 -4.95 -11.71
CA GLN J 138 -21.75 -6.29 -11.58
C GLN J 138 -22.76 -7.23 -10.94
N GLY J 139 -22.76 -8.51 -11.32
CA GLY J 139 -23.55 -9.53 -10.62
C GLY J 139 -24.16 -10.54 -11.57
N GLN J 140 -25.23 -11.19 -11.11
CA GLN J 140 -25.97 -12.22 -11.90
C GLN J 140 -26.58 -11.55 -13.14
N ALA J 141 -26.66 -12.31 -14.24
CA ALA J 141 -27.23 -11.85 -15.53
C ALA J 141 -28.59 -11.21 -15.28
N THR J 142 -29.45 -11.82 -14.46
CA THR J 142 -30.81 -11.29 -14.14
C THR J 142 -30.69 -9.85 -13.60
N ASP J 143 -29.78 -9.62 -12.67
CA ASP J 143 -29.58 -8.29 -12.04
C ASP J 143 -29.02 -7.32 -13.09
N ILE J 144 -28.07 -7.77 -13.91
CA ILE J 144 -27.47 -6.92 -14.98
C ILE J 144 -28.60 -6.44 -15.92
N ILE J 145 -29.51 -7.34 -16.30
CA ILE J 145 -30.60 -6.98 -17.25
C ILE J 145 -31.56 -5.98 -16.59
N ILE J 146 -31.90 -6.18 -15.31
CA ILE J 146 -32.77 -5.26 -14.53
C ILE J 146 -32.16 -3.85 -14.52
N HIS J 147 -30.86 -3.75 -14.25
CA HIS J 147 -30.15 -2.44 -14.15
C HIS J 147 -29.98 -1.84 -15.55
N ALA J 148 -29.74 -2.66 -16.59
CA ALA J 148 -29.71 -2.20 -18.00
C ALA J 148 -31.05 -1.53 -18.34
N GLU J 149 -32.16 -2.18 -18.00
CA GLU J 149 -33.54 -1.65 -18.20
C GLU J 149 -33.67 -0.31 -17.47
N GLU J 150 -33.16 -0.21 -16.24
CA GLU J 150 -33.30 1.04 -15.43
C GLU J 150 -32.49 2.15 -16.10
N ILE J 151 -31.26 1.87 -16.56
CA ILE J 151 -30.38 2.88 -17.21
C ILE J 151 -31.05 3.33 -18.53
N LYS J 152 -31.68 2.43 -19.26
CA LYS J 152 -32.47 2.74 -20.49
C LYS J 152 -33.56 3.77 -20.12
N ARG J 153 -34.29 3.50 -19.04
CA ARG J 153 -35.43 4.37 -18.58
C ARG J 153 -34.88 5.76 -18.22
N ILE J 154 -33.76 5.83 -17.48
CA ILE J 154 -33.13 7.11 -17.05
C ILE J 154 -32.72 7.90 -18.30
N LYS J 155 -32.08 7.24 -19.27
CA LYS J 155 -31.57 7.88 -20.51
C LYS J 155 -32.75 8.50 -21.28
N GLU J 156 -33.85 7.76 -21.42
CA GLU J 156 -35.07 8.22 -22.13
C GLU J 156 -35.64 9.45 -21.40
N MET J 157 -35.58 9.46 -20.07
CA MET J 157 -36.07 10.58 -19.22
C MET J 157 -35.21 11.83 -19.47
N LEU J 158 -33.89 11.69 -19.54
CA LEU J 158 -32.95 12.82 -19.78
C LEU J 158 -33.15 13.40 -21.19
N ILE J 159 -33.41 12.55 -22.19
CA ILE J 159 -33.72 12.96 -23.60
C ILE J 159 -35.02 13.78 -23.60
N ASP J 160 -36.03 13.32 -22.86
CA ASP J 160 -37.35 14.00 -22.74
C ASP J 160 -37.16 15.39 -22.12
N ILE J 161 -36.35 15.48 -21.05
CA ILE J 161 -36.11 16.76 -20.32
C ILE J 161 -35.41 17.73 -21.28
N LEU J 162 -34.37 17.28 -21.98
CA LEU J 162 -33.62 18.13 -22.94
C LEU J 162 -34.56 18.61 -24.05
N ALA J 163 -35.38 17.72 -24.61
CA ALA J 163 -36.34 18.07 -25.70
C ALA J 163 -37.29 19.17 -25.20
N LYS J 164 -37.83 19.00 -24.00
CA LYS J 164 -38.82 19.91 -23.38
C LYS J 164 -38.22 21.31 -23.29
N HIS J 165 -36.99 21.45 -22.81
CA HIS J 165 -36.38 22.76 -22.45
C HIS J 165 -35.70 23.40 -23.66
N THR J 166 -35.25 22.62 -24.66
CA THR J 166 -34.59 23.14 -25.89
C THR J 166 -35.60 23.35 -27.03
N GLY J 167 -36.71 22.61 -27.02
CA GLY J 167 -37.66 22.56 -28.14
C GLY J 167 -37.14 21.72 -29.30
N GLN J 168 -36.01 21.04 -29.14
CA GLN J 168 -35.46 20.10 -30.15
C GLN J 168 -36.33 18.85 -30.18
N PRO J 169 -36.48 18.19 -31.36
CA PRO J 169 -37.12 16.87 -31.40
C PRO J 169 -36.29 15.78 -30.68
N LYS J 170 -36.99 14.84 -30.03
CA LYS J 170 -36.40 13.76 -29.19
C LYS J 170 -35.36 12.98 -29.98
N ASP J 171 -35.59 12.71 -31.28
CA ASP J 171 -34.68 11.85 -32.08
C ASP J 171 -33.38 12.62 -32.35
N LYS J 172 -33.44 13.95 -32.51
CA LYS J 172 -32.20 14.79 -32.65
C LYS J 172 -31.42 14.77 -31.33
N ILE J 173 -32.08 15.02 -30.19
CA ILE J 173 -31.43 14.96 -28.85
C ILE J 173 -30.75 13.59 -28.72
N ALA J 174 -31.49 12.49 -28.98
CA ALA J 174 -31.01 11.10 -28.80
C ALA J 174 -29.76 10.86 -29.66
N ASN J 175 -29.79 11.26 -30.93
CA ASN J 175 -28.61 11.11 -31.83
C ASN J 175 -27.41 11.88 -31.24
N ASP J 176 -27.62 13.12 -30.80
CA ASP J 176 -26.54 14.08 -30.42
C ASP J 176 -25.83 13.66 -29.13
N ILE J 177 -26.52 13.01 -28.19
CA ILE J 177 -25.94 12.69 -26.85
C ILE J 177 -25.25 11.31 -26.85
N GLU J 178 -25.26 10.57 -27.96
CA GLU J 178 -24.59 9.24 -28.06
C GLU J 178 -23.11 9.37 -27.72
N ARG J 179 -22.48 10.48 -28.10
CA ARG J 179 -21.08 10.81 -27.75
C ARG J 179 -21.03 12.22 -27.16
N ASP J 180 -19.94 12.55 -26.48
CA ASP J 180 -19.67 13.89 -25.90
C ASP J 180 -19.91 14.95 -26.99
N TYR J 181 -20.90 15.81 -26.77
CA TYR J 181 -21.35 16.88 -27.71
C TYR J 181 -21.01 18.23 -27.07
N PHE J 182 -19.84 18.77 -27.41
CA PHE J 182 -19.29 20.04 -26.86
C PHE J 182 -19.79 21.23 -27.68
N MET J 183 -20.14 22.32 -27.01
CA MET J 183 -20.71 23.52 -27.68
C MET J 183 -20.10 24.79 -27.08
N SER J 184 -19.77 25.76 -27.92
CA SER J 184 -19.55 27.16 -27.51
C SER J 184 -20.88 27.73 -27.00
N PRO J 185 -20.87 28.86 -26.28
CA PRO J 185 -22.12 29.51 -25.85
C PRO J 185 -23.08 29.83 -27.02
N TYR J 186 -22.54 30.23 -28.18
CA TYR J 186 -23.35 30.61 -29.37
C TYR J 186 -23.98 29.36 -30.00
N GLU J 187 -23.26 28.24 -30.00
CA GLU J 187 -23.80 26.94 -30.48
C GLU J 187 -24.92 26.49 -29.54
N ALA J 188 -24.74 26.66 -28.22
CA ALA J 188 -25.71 26.30 -27.16
C ALA J 188 -26.99 27.15 -27.31
N LYS J 189 -26.84 28.42 -27.66
CA LYS J 189 -27.98 29.35 -27.92
C LYS J 189 -28.78 28.83 -29.11
N ASP J 190 -28.11 28.55 -30.23
CA ASP J 190 -28.72 27.99 -31.46
C ASP J 190 -29.45 26.68 -31.14
N TYR J 191 -28.87 25.86 -30.26
CA TYR J 191 -29.39 24.53 -29.89
C TYR J 191 -30.64 24.65 -29.00
N GLY J 192 -30.79 25.76 -28.26
CA GLY J 192 -31.92 26.01 -27.34
C GLY J 192 -31.62 25.63 -25.90
N LEU J 193 -30.34 25.45 -25.56
CA LEU J 193 -29.87 25.12 -24.18
C LEU J 193 -29.78 26.40 -23.33
N ILE J 194 -29.49 27.54 -23.97
CA ILE J 194 -29.53 28.90 -23.31
C ILE J 194 -30.31 29.86 -24.20
N ASP J 195 -30.65 31.04 -23.67
CA ASP J 195 -31.40 32.11 -24.36
C ASP J 195 -30.43 33.21 -24.81
N LYS J 196 -29.40 33.54 -24.03
CA LYS J 196 -28.51 34.69 -24.32
C LYS J 196 -27.07 34.39 -23.86
N VAL J 197 -26.11 34.79 -24.69
CA VAL J 197 -24.67 34.92 -24.33
C VAL J 197 -24.45 36.35 -23.81
N ILE J 198 -23.88 36.49 -22.61
CA ILE J 198 -23.70 37.80 -21.90
C ILE J 198 -22.21 38.07 -21.76
N GLU J 199 -21.78 39.29 -22.11
CA GLU J 199 -20.35 39.72 -22.10
C GLU J 199 -20.15 40.71 -20.93
N LYS J 200 -20.98 41.75 -20.86
CA LYS J 200 -20.96 42.82 -19.82
C LYS J 200 -22.30 42.83 -19.08
N VAL K 12 -21.21 24.90 4.15
CA VAL K 12 -22.53 24.95 4.84
C VAL K 12 -22.87 26.41 5.16
N PRO K 13 -23.70 27.09 4.33
CA PRO K 13 -23.96 28.53 4.52
C PRO K 13 -24.65 28.93 5.83
N ILE K 14 -24.54 30.22 6.18
CA ILE K 14 -24.93 30.82 7.49
C ILE K 14 -26.02 31.87 7.27
N VAL K 15 -27.09 31.86 8.08
CA VAL K 15 -28.21 32.85 8.05
C VAL K 15 -28.29 33.50 9.44
N TYR K 26 -27.19 30.44 12.52
CA TYR K 26 -27.90 29.31 11.88
C TYR K 26 -27.19 28.93 10.58
N ASP K 27 -26.81 27.65 10.44
CA ASP K 27 -26.47 27.04 9.13
C ASP K 27 -27.78 26.77 8.37
N ILE K 28 -27.71 26.53 7.07
CA ILE K 28 -28.90 26.45 6.17
C ILE K 28 -29.86 25.34 6.67
N TYR K 29 -29.35 24.21 7.16
CA TYR K 29 -30.15 23.07 7.66
C TYR K 29 -30.83 23.45 8.96
N SER K 30 -30.12 24.14 9.86
CA SER K 30 -30.65 24.64 11.15
C SER K 30 -31.77 25.66 10.91
N ARG K 31 -31.64 26.47 9.85
CA ARG K 31 -32.67 27.46 9.47
C ARG K 31 -33.92 26.74 8.95
N LEU K 32 -33.76 25.73 8.09
CA LEU K 32 -34.92 24.94 7.57
C LEU K 32 -35.58 24.16 8.71
N LEU K 33 -34.81 23.79 9.73
CA LEU K 33 -35.33 23.00 10.90
C LEU K 33 -36.34 23.87 11.67
N GLN K 34 -36.19 25.20 11.64
CA GLN K 34 -37.16 26.16 12.25
C GLN K 34 -38.53 26.05 11.56
N ASP K 35 -38.55 25.66 10.28
CA ASP K 35 -39.80 25.44 9.49
C ASP K 35 -40.19 23.95 9.56
N ARG K 36 -39.57 23.18 10.46
CA ARG K 36 -39.91 21.75 10.73
C ARG K 36 -39.59 20.91 9.49
N ILE K 37 -38.55 21.29 8.75
CA ILE K 37 -38.01 20.57 7.56
C ILE K 37 -36.75 19.81 8.01
N VAL K 38 -36.76 18.49 7.80
CA VAL K 38 -35.63 17.56 8.08
C VAL K 38 -35.18 16.95 6.74
N LEU K 39 -33.88 17.02 6.43
CA LEU K 39 -33.27 16.43 5.21
C LEU K 39 -32.58 15.11 5.56
N LEU K 40 -33.09 13.99 5.02
CA LEU K 40 -32.35 12.71 4.95
C LEU K 40 -31.79 12.60 3.53
N GLY K 41 -30.55 13.06 3.36
CA GLY K 41 -29.89 13.21 2.05
C GLY K 41 -28.58 12.45 1.97
N SER K 42 -28.51 11.26 2.57
CA SER K 42 -27.28 10.45 2.58
C SER K 42 -27.61 8.96 2.77
N PRO K 43 -26.62 8.06 2.53
CA PRO K 43 -26.75 6.67 2.97
C PRO K 43 -27.08 6.64 4.47
N ILE K 44 -27.82 5.63 4.91
CA ILE K 44 -28.30 5.52 6.32
C ILE K 44 -27.33 4.62 7.08
N ASP K 45 -26.60 5.20 8.04
CA ASP K 45 -25.81 4.49 9.06
C ASP K 45 -26.27 4.98 10.45
N ASP K 46 -25.66 4.46 11.51
CA ASP K 46 -26.06 4.77 12.91
C ASP K 46 -25.95 6.29 13.14
N HIS K 47 -24.89 6.93 12.64
CA HIS K 47 -24.64 8.39 12.79
C HIS K 47 -25.82 9.17 12.20
N VAL K 48 -26.23 8.85 10.98
CA VAL K 48 -27.34 9.54 10.26
C VAL K 48 -28.65 9.30 11.03
N ALA K 49 -28.91 8.07 11.48
CA ALA K 49 -30.11 7.67 12.26
C ALA K 49 -30.21 8.52 13.54
N ASN K 50 -29.12 8.64 14.29
CA ASN K 50 -29.07 9.44 15.55
C ASN K 50 -29.42 10.90 15.23
N LEU K 51 -28.90 11.44 14.13
CA LEU K 51 -29.13 12.85 13.71
C LEU K 51 -30.62 13.05 13.35
N ILE K 52 -31.20 12.09 12.62
CA ILE K 52 -32.61 12.18 12.16
C ILE K 52 -33.53 12.03 13.37
N VAL K 53 -33.27 11.03 14.22
CA VAL K 53 -34.06 10.76 15.45
C VAL K 53 -34.03 12.00 16.36
N ALA K 54 -32.85 12.59 16.56
CA ALA K 54 -32.65 13.79 17.41
C ALA K 54 -33.51 14.94 16.88
N GLN K 55 -33.50 15.17 15.58
CA GLN K 55 -34.32 16.25 14.94
C GLN K 55 -35.81 15.96 15.12
N LEU K 56 -36.24 14.70 14.96
CA LEU K 56 -37.68 14.32 15.09
C LEU K 56 -38.13 14.54 16.54
N LEU K 57 -37.34 14.12 17.54
CA LEU K 57 -37.68 14.26 18.98
C LEU K 57 -37.69 15.75 19.34
N PHE K 58 -36.74 16.54 18.83
CA PHE K 58 -36.66 18.01 19.06
C PHE K 58 -37.94 18.68 18.55
N LEU K 59 -38.33 18.40 17.31
CA LEU K 59 -39.50 19.02 16.64
C LEU K 59 -40.78 18.65 17.39
N GLU K 60 -40.88 17.40 17.84
CA GLU K 60 -42.02 16.93 18.66
C GLU K 60 -42.12 17.79 19.92
N SER K 61 -41.02 17.94 20.66
CA SER K 61 -40.99 18.69 21.95
C SER K 61 -41.33 20.17 21.70
N GLN K 62 -40.93 20.75 20.56
CA GLN K 62 -41.25 22.15 20.18
C GLN K 62 -42.76 22.29 19.95
N ASP K 63 -43.40 21.33 19.27
CA ASP K 63 -44.85 21.34 19.00
C ASP K 63 -45.31 19.94 18.59
N PRO K 64 -45.99 19.19 19.50
CA PRO K 64 -46.42 17.82 19.20
C PRO K 64 -47.55 17.67 18.17
N ASP K 65 -48.13 18.78 17.71
CA ASP K 65 -49.36 18.79 16.88
C ASP K 65 -49.06 19.19 15.42
N LYS K 66 -47.93 19.85 15.14
CA LYS K 66 -47.61 20.40 13.79
C LYS K 66 -46.84 19.37 12.95
N ASP K 67 -47.14 19.31 11.65
CA ASP K 67 -46.51 18.38 10.70
C ASP K 67 -45.00 18.62 10.65
N ILE K 68 -44.24 17.55 10.47
CA ILE K 68 -42.78 17.56 10.18
C ILE K 68 -42.64 17.14 8.71
N TYR K 69 -41.76 17.80 7.98
CA TYR K 69 -41.48 17.55 6.54
C TYR K 69 -40.12 16.88 6.41
N LEU K 70 -40.12 15.58 6.10
CA LEU K 70 -38.89 14.74 5.94
C LEU K 70 -38.65 14.55 4.44
N TYR K 71 -37.66 15.27 3.89
CA TYR K 71 -37.18 15.12 2.49
C TYR K 71 -36.24 13.91 2.47
N ILE K 72 -36.45 12.99 1.53
CA ILE K 72 -35.63 11.75 1.40
C ILE K 72 -34.96 11.71 0.03
N ASN K 73 -33.63 11.77 0.03
CA ASN K 73 -32.76 11.42 -1.12
C ASN K 73 -31.69 10.45 -0.61
N SER K 74 -31.93 9.14 -0.70
CA SER K 74 -31.10 8.12 -0.02
C SER K 74 -31.13 6.80 -0.79
N PRO K 75 -29.96 6.14 -0.96
CA PRO K 75 -29.89 4.79 -1.51
C PRO K 75 -30.13 3.72 -0.43
N GLY K 76 -30.42 4.14 0.81
CA GLY K 76 -30.61 3.25 1.97
C GLY K 76 -29.31 3.05 2.72
N GLY K 77 -29.13 1.87 3.31
CA GLY K 77 -27.95 1.55 4.15
C GLY K 77 -28.31 0.53 5.20
N SER K 78 -27.93 0.78 6.45
CA SER K 78 -28.11 -0.17 7.58
C SER K 78 -29.61 -0.34 7.84
N VAL K 79 -30.08 -1.59 7.94
CA VAL K 79 -31.49 -1.94 8.26
C VAL K 79 -31.81 -1.47 9.68
N THR K 80 -30.95 -1.74 10.67
CA THR K 80 -31.24 -1.41 12.09
C THR K 80 -31.24 0.12 12.25
N ALA K 81 -30.30 0.82 11.61
CA ALA K 81 -30.30 2.31 11.59
C ALA K 81 -31.62 2.79 10.98
N GLY K 82 -32.01 2.19 9.86
CA GLY K 82 -33.26 2.54 9.17
C GLY K 82 -34.45 2.39 10.09
N LEU K 83 -34.50 1.29 10.84
CA LEU K 83 -35.67 0.95 11.71
C LEU K 83 -35.67 1.80 12.99
N ALA K 84 -34.53 2.31 13.43
CA ALA K 84 -34.48 3.35 14.48
C ALA K 84 -35.28 4.58 14.02
N ILE K 85 -35.06 5.02 12.78
CA ILE K 85 -35.79 6.20 12.20
C ILE K 85 -37.27 5.81 12.00
N TYR K 86 -37.53 4.65 11.40
CA TYR K 86 -38.91 4.16 11.14
C TYR K 86 -39.73 4.21 12.44
N ASP K 87 -39.22 3.63 13.52
CA ASP K 87 -39.98 3.50 14.79
C ASP K 87 -40.19 4.88 15.42
N THR K 88 -39.20 5.78 15.30
CA THR K 88 -39.30 7.17 15.83
C THR K 88 -40.42 7.89 15.08
N MET K 89 -40.49 7.73 13.75
CA MET K 89 -41.52 8.33 12.88
C MET K 89 -42.91 7.87 13.31
N GLN K 90 -43.07 6.60 13.68
CA GLN K 90 -44.38 6.03 14.12
C GLN K 90 -44.69 6.44 15.55
N TYR K 91 -43.67 6.62 16.39
CA TYR K 91 -43.81 6.82 17.87
C TYR K 91 -44.17 8.27 18.22
N ILE K 92 -43.57 9.26 17.56
CA ILE K 92 -43.81 10.70 17.91
C ILE K 92 -45.27 11.06 17.57
N LYS K 93 -45.78 12.15 18.17
CA LYS K 93 -47.18 12.62 17.98
C LYS K 93 -47.37 13.28 16.60
N PRO K 94 -46.44 14.16 16.13
CA PRO K 94 -46.61 14.81 14.84
C PRO K 94 -46.72 13.82 13.67
N ASP K 95 -47.54 14.16 12.66
CA ASP K 95 -47.53 13.49 11.33
C ASP K 95 -46.20 13.81 10.65
N VAL K 96 -45.51 12.80 10.16
CA VAL K 96 -44.28 13.00 9.34
C VAL K 96 -44.67 12.92 7.86
N VAL K 97 -44.63 14.06 7.18
CA VAL K 97 -44.81 14.19 5.70
C VAL K 97 -43.50 13.74 5.07
N THR K 98 -43.55 12.83 4.09
CA THR K 98 -42.35 12.32 3.38
C THR K 98 -42.37 12.86 1.94
N ILE K 99 -41.24 13.39 1.49
CA ILE K 99 -41.05 13.91 0.10
C ILE K 99 -39.81 13.25 -0.49
N CYS K 100 -39.99 12.42 -1.52
CA CYS K 100 -38.89 11.81 -2.28
C CYS K 100 -38.39 12.81 -3.33
N MET K 101 -37.11 13.17 -3.25
CA MET K 101 -36.36 13.88 -4.31
C MET K 101 -35.11 13.05 -4.66
N GLY K 102 -34.80 12.94 -5.96
CA GLY K 102 -33.68 12.13 -6.46
C GLY K 102 -34.05 10.66 -6.39
N GLN K 103 -33.88 10.03 -5.23
CA GLN K 103 -34.29 8.62 -5.06
C GLN K 103 -34.59 8.30 -3.60
N ALA K 104 -35.40 7.27 -3.43
CA ALA K 104 -35.68 6.59 -2.16
C ALA K 104 -35.56 5.09 -2.48
N ALA K 105 -34.40 4.53 -2.21
CA ALA K 105 -34.12 3.11 -2.51
C ALA K 105 -33.89 2.35 -1.21
N SER K 106 -34.17 1.05 -1.25
CA SER K 106 -33.96 0.16 -0.13
C SER K 106 -34.66 0.71 1.11
N MET K 107 -33.91 0.96 2.19
CA MET K 107 -34.46 1.50 3.46
C MET K 107 -35.03 2.92 3.26
N GLY K 108 -34.50 3.69 2.32
CA GLY K 108 -35.05 5.00 1.98
C GLY K 108 -36.49 4.89 1.50
N ALA K 109 -36.79 3.86 0.70
CA ALA K 109 -38.16 3.61 0.22
C ALA K 109 -39.09 3.21 1.37
N ILE K 110 -38.60 2.46 2.32
CA ILE K 110 -39.40 2.05 3.51
C ILE K 110 -39.75 3.30 4.33
N LEU K 111 -38.81 4.24 4.50
CA LEU K 111 -39.09 5.48 5.27
C LEU K 111 -40.05 6.38 4.48
N LEU K 112 -39.91 6.44 3.15
CA LEU K 112 -40.88 7.18 2.28
C LEU K 112 -42.29 6.61 2.47
N ALA K 113 -42.44 5.29 2.39
CA ALA K 113 -43.74 4.58 2.52
C ALA K 113 -44.29 4.72 3.94
N ALA K 114 -43.44 5.02 4.93
CA ALA K 114 -43.78 5.07 6.37
C ALA K 114 -44.33 6.45 6.79
N GLY K 115 -44.36 7.43 5.88
CA GLY K 115 -44.96 8.75 6.15
C GLY K 115 -46.44 8.65 6.52
N ALA K 116 -46.99 9.69 7.14
CA ALA K 116 -48.41 9.79 7.53
C ALA K 116 -49.30 9.44 6.34
N PRO K 117 -50.32 8.56 6.50
CA PRO K 117 -51.20 8.22 5.39
C PRO K 117 -51.74 9.49 4.70
N GLY K 118 -51.68 9.53 3.37
CA GLY K 118 -52.16 10.67 2.55
C GLY K 118 -51.12 11.77 2.42
N LYS K 119 -49.99 11.70 3.14
CA LYS K 119 -48.96 12.79 3.15
C LYS K 119 -47.59 12.24 2.71
N ARG K 120 -47.58 11.32 1.74
CA ARG K 120 -46.36 10.73 1.15
C ARG K 120 -46.30 11.19 -0.31
N TYR K 121 -45.24 11.94 -0.65
CA TYR K 121 -45.09 12.69 -1.92
C TYR K 121 -43.81 12.25 -2.61
N ALA K 122 -43.80 12.34 -3.93
CA ALA K 122 -42.57 12.19 -4.74
C ALA K 122 -42.55 13.30 -5.78
N LEU K 123 -41.38 13.86 -6.05
CA LEU K 123 -41.17 14.77 -7.21
C LEU K 123 -41.14 13.92 -8.48
N PRO K 124 -41.50 14.50 -9.65
CA PRO K 124 -41.84 13.71 -10.83
C PRO K 124 -40.72 12.94 -11.52
N HIS K 125 -39.45 13.30 -11.31
CA HIS K 125 -38.30 12.61 -11.93
C HIS K 125 -37.49 11.88 -10.85
N SER K 126 -38.05 11.70 -9.67
CA SER K 126 -37.42 10.87 -8.60
C SER K 126 -37.62 9.39 -8.97
N ARG K 127 -36.88 8.49 -8.33
CA ARG K 127 -37.13 7.05 -8.51
C ARG K 127 -37.19 6.37 -7.15
N ILE K 128 -37.99 5.31 -7.07
CA ILE K 128 -38.23 4.53 -5.83
C ILE K 128 -37.81 3.09 -6.15
N MET K 129 -37.12 2.44 -5.24
CA MET K 129 -36.69 1.04 -5.44
C MET K 129 -36.84 0.29 -4.12
N ILE K 130 -37.42 -0.90 -4.18
CA ILE K 130 -37.52 -1.81 -2.99
C ILE K 130 -36.78 -3.10 -3.34
N HIS K 131 -36.11 -3.69 -2.35
CA HIS K 131 -35.43 -5.00 -2.50
C HIS K 131 -35.22 -5.63 -1.13
N GLN K 132 -35.02 -6.95 -1.13
CA GLN K 132 -34.75 -7.73 0.10
C GLN K 132 -33.43 -7.28 0.70
N PRO K 133 -33.22 -7.52 2.01
CA PRO K 133 -31.97 -7.16 2.66
C PRO K 133 -30.79 -7.99 2.16
N LEU K 134 -29.59 -7.43 2.32
CA LEU K 134 -28.30 -8.12 2.01
C LEU K 134 -27.55 -8.30 3.32
N GLY K 135 -26.65 -9.28 3.33
CA GLY K 135 -25.86 -9.61 4.53
C GLY K 135 -24.53 -10.21 4.15
N GLY K 136 -23.69 -10.38 5.17
CA GLY K 136 -22.42 -11.12 5.11
C GLY K 136 -22.18 -11.76 6.45
N ILE K 137 -21.68 -12.99 6.46
CA ILE K 137 -21.36 -13.75 7.69
C ILE K 137 -20.17 -14.64 7.38
N GLN K 138 -19.18 -14.66 8.28
CA GLN K 138 -18.00 -15.55 8.23
C GLN K 138 -17.91 -16.26 9.57
N GLY K 139 -17.63 -17.56 9.57
CA GLY K 139 -17.33 -18.31 10.80
C GLY K 139 -17.80 -19.75 10.71
N GLN K 140 -18.08 -20.34 11.87
CA GLN K 140 -18.47 -21.76 11.99
C GLN K 140 -19.86 -21.95 11.37
N ALA K 141 -20.14 -23.14 10.83
CA ALA K 141 -21.45 -23.52 10.28
C ALA K 141 -22.58 -23.07 11.23
N THR K 142 -22.44 -23.34 12.53
CA THR K 142 -23.46 -23.00 13.56
C THR K 142 -23.75 -21.50 13.51
N ASP K 143 -22.70 -20.66 13.47
CA ASP K 143 -22.83 -19.18 13.42
C ASP K 143 -23.49 -18.76 12.09
N ILE K 144 -23.11 -19.38 10.97
CA ILE K 144 -23.68 -19.02 9.63
C ILE K 144 -25.19 -19.28 9.65
N ILE K 145 -25.61 -20.39 10.26
CA ILE K 145 -27.04 -20.81 10.32
C ILE K 145 -27.83 -19.83 11.20
N ILE K 146 -27.30 -19.47 12.37
CA ILE K 146 -27.94 -18.50 13.29
C ILE K 146 -28.17 -17.16 12.56
N HIS K 147 -27.16 -16.68 11.82
CA HIS K 147 -27.23 -15.37 11.13
C HIS K 147 -28.16 -15.48 9.91
N ALA K 148 -28.26 -16.66 9.29
CA ALA K 148 -29.23 -16.95 8.20
C ALA K 148 -30.65 -16.84 8.75
N GLU K 149 -30.87 -17.35 9.96
CA GLU K 149 -32.18 -17.29 10.68
C GLU K 149 -32.51 -15.81 10.94
N GLU K 150 -31.52 -15.04 11.35
CA GLU K 150 -31.73 -13.62 11.74
C GLU K 150 -32.05 -12.79 10.49
N ILE K 151 -31.36 -13.01 9.37
CA ILE K 151 -31.66 -12.23 8.13
C ILE K 151 -33.04 -12.64 7.59
N LYS K 152 -33.41 -13.92 7.74
CA LYS K 152 -34.78 -14.42 7.43
C LYS K 152 -35.82 -13.63 8.24
N ARG K 153 -35.63 -13.50 9.55
CA ARG K 153 -36.52 -12.75 10.49
C ARG K 153 -36.59 -11.27 10.07
N ILE K 154 -35.45 -10.67 9.72
CA ILE K 154 -35.38 -9.23 9.30
C ILE K 154 -36.11 -9.06 7.97
N LYS K 155 -35.90 -9.98 7.03
CA LYS K 155 -36.59 -9.95 5.71
C LYS K 155 -38.11 -9.96 5.93
N GLU K 156 -38.60 -10.85 6.79
CA GLU K 156 -40.07 -11.02 7.05
C GLU K 156 -40.63 -9.73 7.68
N MET K 157 -39.88 -9.11 8.59
CA MET K 157 -40.27 -7.83 9.25
C MET K 157 -40.38 -6.71 8.21
N LEU K 158 -39.45 -6.64 7.24
CA LEU K 158 -39.48 -5.57 6.21
C LEU K 158 -40.67 -5.79 5.29
N ILE K 159 -40.96 -7.05 4.95
CA ILE K 159 -42.18 -7.45 4.19
C ILE K 159 -43.42 -6.95 4.94
N ASP K 160 -43.51 -7.20 6.25
CA ASP K 160 -44.67 -6.79 7.11
C ASP K 160 -44.79 -5.27 7.11
N ILE K 161 -43.68 -4.54 7.26
CA ILE K 161 -43.73 -3.05 7.26
C ILE K 161 -44.27 -2.58 5.89
N LEU K 162 -43.75 -3.10 4.79
CA LEU K 162 -44.19 -2.65 3.44
C LEU K 162 -45.67 -2.99 3.23
N ALA K 163 -46.14 -4.17 3.67
CA ALA K 163 -47.55 -4.61 3.53
C ALA K 163 -48.47 -3.65 4.27
N LYS K 164 -48.12 -3.33 5.51
CA LYS K 164 -48.90 -2.42 6.39
C LYS K 164 -49.02 -1.03 5.73
N HIS K 165 -47.94 -0.43 5.23
CA HIS K 165 -47.97 0.96 4.70
C HIS K 165 -48.50 1.04 3.25
N THR K 166 -48.35 -0.01 2.43
CA THR K 166 -48.81 -0.01 1.01
C THR K 166 -50.24 -0.53 0.89
N GLY K 167 -50.67 -1.39 1.80
CA GLY K 167 -51.96 -2.10 1.72
C GLY K 167 -51.88 -3.33 0.84
N GLN K 168 -50.72 -3.63 0.27
CA GLN K 168 -50.49 -4.82 -0.59
C GLN K 168 -50.36 -6.06 0.28
N PRO K 169 -50.77 -7.25 -0.20
CA PRO K 169 -50.60 -8.47 0.56
C PRO K 169 -49.11 -8.87 0.68
N LYS K 170 -48.75 -9.52 1.79
CA LYS K 170 -47.37 -9.96 2.11
C LYS K 170 -46.78 -10.77 0.95
N ASP K 171 -47.54 -11.73 0.38
CA ASP K 171 -47.02 -12.63 -0.69
C ASP K 171 -46.66 -11.79 -1.94
N LYS K 172 -47.37 -10.70 -2.24
CA LYS K 172 -47.02 -9.82 -3.38
C LYS K 172 -45.72 -9.07 -3.06
N ILE K 173 -45.62 -8.46 -1.88
CA ILE K 173 -44.38 -7.77 -1.42
C ILE K 173 -43.20 -8.75 -1.54
N ALA K 174 -43.33 -9.95 -0.97
CA ALA K 174 -42.27 -10.99 -0.92
C ALA K 174 -41.78 -11.28 -2.34
N ASN K 175 -42.71 -11.53 -3.26
CA ASN K 175 -42.40 -11.80 -4.68
C ASN K 175 -41.63 -10.60 -5.26
N ASP K 176 -42.08 -9.37 -5.04
CA ASP K 176 -41.56 -8.17 -5.75
C ASP K 176 -40.15 -7.80 -5.28
N ILE K 177 -39.79 -8.04 -4.01
CA ILE K 177 -38.47 -7.59 -3.45
C ILE K 177 -37.37 -8.64 -3.69
N GLU K 178 -37.65 -9.78 -4.33
CA GLU K 178 -36.63 -10.85 -4.55
C GLU K 178 -35.45 -10.27 -5.35
N ARG K 179 -35.73 -9.38 -6.31
CA ARG K 179 -34.73 -8.64 -7.10
C ARG K 179 -35.05 -7.14 -7.05
N ASP K 180 -34.09 -6.30 -7.40
CA ASP K 180 -34.24 -4.82 -7.41
C ASP K 180 -35.50 -4.48 -8.22
N TYR K 181 -36.46 -3.81 -7.58
CA TYR K 181 -37.77 -3.43 -8.16
C TYR K 181 -37.83 -1.90 -8.24
N PHE K 182 -37.43 -1.35 -9.40
CA PHE K 182 -37.36 0.10 -9.69
C PHE K 182 -38.75 0.60 -10.13
N MET K 183 -39.17 1.76 -9.62
CA MET K 183 -40.48 2.38 -9.93
C MET K 183 -40.30 3.87 -10.20
N SER K 184 -40.98 4.37 -11.23
CA SER K 184 -41.28 5.82 -11.41
C SER K 184 -42.20 6.24 -10.28
N PRO K 185 -42.32 7.56 -10.00
CA PRO K 185 -43.24 8.04 -8.97
C PRO K 185 -44.71 7.57 -9.18
N TYR K 186 -45.19 7.52 -10.42
CA TYR K 186 -46.58 7.09 -10.75
C TYR K 186 -46.72 5.58 -10.47
N GLU K 187 -45.71 4.77 -10.77
CA GLU K 187 -45.73 3.32 -10.43
C GLU K 187 -45.74 3.16 -8.91
N ALA K 188 -44.94 3.95 -8.18
CA ALA K 188 -44.89 3.96 -6.71
C ALA K 188 -46.27 4.31 -6.12
N LYS K 189 -46.98 5.26 -6.73
CA LYS K 189 -48.34 5.67 -6.31
C LYS K 189 -49.32 4.51 -6.56
N ASP K 190 -49.26 3.87 -7.73
CA ASP K 190 -50.10 2.68 -8.07
C ASP K 190 -49.83 1.56 -7.04
N TYR K 191 -48.59 1.41 -6.57
CA TYR K 191 -48.16 0.32 -5.66
C TYR K 191 -48.67 0.60 -4.24
N GLY K 192 -48.75 1.87 -3.86
CA GLY K 192 -49.15 2.32 -2.52
C GLY K 192 -47.97 2.78 -1.68
N LEU K 193 -46.80 3.02 -2.27
CA LEU K 193 -45.59 3.51 -1.53
C LEU K 193 -45.70 5.02 -1.29
N ILE K 194 -46.41 5.74 -2.16
CA ILE K 194 -46.69 7.20 -2.00
C ILE K 194 -48.18 7.46 -2.29
N ASP K 195 -48.64 8.67 -1.96
CA ASP K 195 -50.05 9.09 -2.12
C ASP K 195 -50.16 10.00 -3.35
N LYS K 196 -49.15 10.83 -3.58
CA LYS K 196 -49.21 11.93 -4.59
C LYS K 196 -47.85 12.13 -5.25
N VAL K 197 -47.87 12.38 -6.56
CA VAL K 197 -46.74 12.93 -7.35
C VAL K 197 -46.95 14.43 -7.46
N ILE K 198 -46.00 15.25 -6.99
CA ILE K 198 -46.11 16.74 -6.95
C ILE K 198 -45.13 17.32 -7.97
N GLU K 199 -45.59 18.27 -8.77
CA GLU K 199 -44.84 18.85 -9.93
C GLU K 199 -44.52 20.33 -9.66
N LYS K 200 -45.50 21.11 -9.21
CA LYS K 200 -45.43 22.59 -9.01
C LYS K 200 -45.73 22.93 -7.56
N VAL L 12 -24.56 18.50 12.07
CA VAL L 12 -25.34 18.51 13.34
C VAL L 12 -25.99 19.89 13.50
N PRO L 13 -27.33 20.01 13.41
CA PRO L 13 -28.03 21.28 13.49
C PRO L 13 -27.97 22.02 14.83
N ILE L 14 -28.13 23.33 14.75
CA ILE L 14 -28.05 24.23 15.92
C ILE L 14 -29.43 24.80 16.25
N VAL L 15 -29.60 25.28 17.48
CA VAL L 15 -30.86 25.94 17.95
C VAL L 15 -30.47 27.13 18.85
N TYR L 26 -26.80 26.11 20.82
CA TYR L 26 -27.09 24.71 21.22
C TYR L 26 -27.18 23.81 19.98
N ASP L 27 -26.26 22.84 19.85
CA ASP L 27 -26.42 21.72 18.89
C ASP L 27 -27.64 20.87 19.35
N ILE L 28 -28.19 20.06 18.45
CA ILE L 28 -29.46 19.30 18.67
C ILE L 28 -29.33 18.40 19.90
N TYR L 29 -28.16 17.78 20.13
CA TYR L 29 -27.93 16.81 21.23
C TYR L 29 -27.94 17.56 22.57
N SER L 30 -27.24 18.68 22.64
CA SER L 30 -27.21 19.61 23.80
C SER L 30 -28.62 20.04 24.17
N ARG L 31 -29.44 20.34 23.16
CA ARG L 31 -30.86 20.77 23.33
C ARG L 31 -31.66 19.63 23.95
N LEU L 32 -31.47 18.38 23.49
CA LEU L 32 -32.19 17.21 24.07
C LEU L 32 -31.68 16.94 25.49
N LEU L 33 -30.41 17.23 25.78
CA LEU L 33 -29.80 17.02 27.12
C LEU L 33 -30.54 17.88 28.16
N GLN L 34 -31.06 19.04 27.77
CA GLN L 34 -31.89 19.93 28.63
C GLN L 34 -33.15 19.20 29.11
N ASP L 35 -33.69 18.28 28.29
CA ASP L 35 -34.86 17.42 28.63
C ASP L 35 -34.38 16.08 29.24
N ARG L 36 -33.11 15.98 29.64
CA ARG L 36 -32.53 14.80 30.34
C ARG L 36 -32.53 13.58 29.40
N ILE L 37 -32.40 13.83 28.10
CA ILE L 37 -32.26 12.79 27.04
C ILE L 37 -30.78 12.64 26.70
N VAL L 38 -30.26 11.41 26.78
CA VAL L 38 -28.88 11.01 26.44
C VAL L 38 -28.97 9.96 25.33
N LEU L 39 -28.19 10.14 24.26
CA LEU L 39 -28.15 9.23 23.08
C LEU L 39 -26.86 8.42 23.16
N LEU L 40 -26.98 7.10 23.34
CA LEU L 40 -25.89 6.13 23.08
C LEU L 40 -26.19 5.47 21.73
N GLY L 41 -25.61 6.03 20.66
CA GLY L 41 -25.91 5.67 19.26
C GLY L 41 -24.68 5.31 18.47
N SER L 42 -23.68 4.70 19.11
CA SER L 42 -22.43 4.27 18.44
C SER L 42 -21.85 3.02 19.10
N PRO L 43 -20.87 2.35 18.47
CA PRO L 43 -20.11 1.31 19.17
C PRO L 43 -19.54 1.92 20.45
N ILE L 44 -19.40 1.11 21.51
CA ILE L 44 -18.94 1.57 22.85
C ILE L 44 -17.42 1.39 22.92
N ASP L 45 -16.66 2.50 22.89
CA ASP L 45 -15.22 2.53 23.23
C ASP L 45 -15.05 3.45 24.45
N ASP L 46 -13.82 3.63 24.92
CA ASP L 46 -13.51 4.46 26.11
C ASP L 46 -14.03 5.90 25.91
N HIS L 47 -13.83 6.49 24.71
CA HIS L 47 -14.30 7.87 24.37
C HIS L 47 -15.81 7.99 24.55
N VAL L 48 -16.59 7.03 24.05
CA VAL L 48 -18.08 7.04 24.13
C VAL L 48 -18.49 6.90 25.59
N ALA L 49 -17.87 5.96 26.32
CA ALA L 49 -18.11 5.70 27.76
C ALA L 49 -17.94 7.00 28.55
N ASN L 50 -16.83 7.70 28.34
CA ASN L 50 -16.51 8.95 29.07
C ASN L 50 -17.60 9.99 28.78
N LEU L 51 -18.10 10.04 27.55
CA LEU L 51 -19.12 11.04 27.14
C LEU L 51 -20.46 10.68 27.78
N ILE L 52 -20.84 9.41 27.83
CA ILE L 52 -22.11 8.97 28.48
C ILE L 52 -22.01 9.20 29.98
N VAL L 53 -20.91 8.79 30.62
CA VAL L 53 -20.68 8.95 32.09
C VAL L 53 -20.77 10.43 32.44
N ALA L 54 -20.05 11.28 31.70
CA ALA L 54 -20.07 12.75 31.88
C ALA L 54 -21.52 13.26 31.85
N GLN L 55 -22.32 12.82 30.87
CA GLN L 55 -23.74 13.28 30.73
C GLN L 55 -24.57 12.81 31.93
N LEU L 56 -24.38 11.57 32.39
CA LEU L 56 -25.11 10.99 33.56
C LEU L 56 -24.74 11.76 34.84
N LEU L 57 -23.45 12.04 35.06
CA LEU L 57 -22.96 12.78 36.26
C LEU L 57 -23.52 14.21 36.24
N PHE L 58 -23.48 14.87 35.08
CA PHE L 58 -24.01 16.25 34.89
C PHE L 58 -25.52 16.28 35.24
N LEU L 59 -26.33 15.38 34.67
CA LEU L 59 -27.80 15.38 34.86
C LEU L 59 -28.13 15.09 36.34
N GLU L 60 -27.40 14.19 36.99
CA GLU L 60 -27.56 13.90 38.44
C GLU L 60 -27.33 15.19 39.25
N SER L 61 -26.27 15.95 38.95
CA SER L 61 -25.90 17.20 39.66
C SER L 61 -26.95 18.28 39.41
N GLN L 62 -27.55 18.32 38.22
CA GLN L 62 -28.67 19.25 37.87
C GLN L 62 -29.90 18.92 38.72
N ASP L 63 -30.27 17.65 38.80
CA ASP L 63 -31.45 17.18 39.58
C ASP L 63 -31.26 15.70 39.91
N PRO L 64 -30.92 15.34 41.16
CA PRO L 64 -30.71 13.94 41.53
C PRO L 64 -31.99 13.09 41.62
N ASP L 65 -33.18 13.69 41.44
CA ASP L 65 -34.49 13.02 41.68
C ASP L 65 -35.23 12.74 40.36
N LYS L 66 -34.99 13.51 39.30
CA LYS L 66 -35.70 13.34 38.00
C LYS L 66 -35.07 12.22 37.18
N ASP L 67 -35.90 11.46 36.47
CA ASP L 67 -35.47 10.31 35.60
C ASP L 67 -34.55 10.83 34.49
N ILE L 68 -33.65 9.97 34.02
CA ILE L 68 -32.80 10.20 32.83
C ILE L 68 -33.27 9.23 31.74
N TYR L 69 -33.35 9.71 30.49
CA TYR L 69 -33.81 8.92 29.32
C TYR L 69 -32.58 8.59 28.46
N LEU L 70 -32.13 7.33 28.51
CA LEU L 70 -30.98 6.80 27.75
C LEU L 70 -31.51 5.98 26.57
N TYR L 71 -31.48 6.57 25.38
CA TYR L 71 -31.80 5.89 24.09
C TYR L 71 -30.57 5.08 23.67
N ILE L 72 -30.77 3.80 23.31
CA ILE L 72 -29.66 2.87 22.98
C ILE L 72 -29.86 2.34 21.56
N ASN L 73 -28.96 2.74 20.66
CA ASN L 73 -28.77 2.12 19.33
C ASN L 73 -27.27 1.83 19.18
N SER L 74 -26.83 0.61 19.55
CA SER L 74 -25.40 0.24 19.66
C SER L 74 -25.21 -1.25 19.34
N PRO L 75 -24.18 -1.61 18.55
CA PRO L 75 -23.81 -3.02 18.36
C PRO L 75 -22.96 -3.58 19.51
N GLY L 76 -22.64 -2.75 20.50
CA GLY L 76 -21.74 -3.09 21.62
C GLY L 76 -20.36 -2.48 21.41
N GLY L 77 -19.33 -3.13 21.96
CA GLY L 77 -17.93 -2.70 21.87
C GLY L 77 -17.13 -3.20 23.05
N SER L 78 -16.34 -2.33 23.67
CA SER L 78 -15.39 -2.72 24.75
C SER L 78 -16.18 -3.08 26.02
N VAL L 79 -15.86 -4.23 26.61
CA VAL L 79 -16.52 -4.69 27.87
C VAL L 79 -16.21 -3.69 28.99
N THR L 80 -14.96 -3.28 29.17
CA THR L 80 -14.58 -2.40 30.31
C THR L 80 -15.25 -1.03 30.13
N ALA L 81 -15.33 -0.50 28.91
CA ALA L 81 -16.03 0.78 28.59
C ALA L 81 -17.51 0.64 28.95
N GLY L 82 -18.14 -0.46 28.51
CA GLY L 82 -19.56 -0.77 28.82
C GLY L 82 -19.82 -0.83 30.31
N LEU L 83 -18.88 -1.40 31.08
CA LEU L 83 -19.03 -1.56 32.55
C LEU L 83 -18.79 -0.24 33.27
N ALA L 84 -18.01 0.69 32.71
CA ALA L 84 -17.92 2.08 33.22
C ALA L 84 -19.32 2.71 33.21
N ILE L 85 -20.05 2.55 32.10
CA ILE L 85 -21.42 3.12 31.93
C ILE L 85 -22.36 2.38 32.88
N TYR L 86 -22.27 1.04 32.91
CA TYR L 86 -23.15 0.17 33.72
C TYR L 86 -23.10 0.65 35.18
N ASP L 87 -21.89 0.72 35.73
CA ASP L 87 -21.66 1.02 37.17
C ASP L 87 -22.13 2.45 37.45
N THR L 88 -21.94 3.38 36.52
CA THR L 88 -22.39 4.80 36.68
C THR L 88 -23.93 4.82 36.71
N MET L 89 -24.59 4.07 35.83
CA MET L 89 -26.08 3.95 35.78
C MET L 89 -26.61 3.43 37.12
N GLN L 90 -25.93 2.47 37.76
CA GLN L 90 -26.37 1.89 39.07
C GLN L 90 -26.04 2.87 40.21
N TYR L 91 -24.94 3.62 40.11
CA TYR L 91 -24.36 4.42 41.22
C TYR L 91 -25.13 5.73 41.42
N ILE L 92 -25.53 6.41 40.35
CA ILE L 92 -26.18 7.76 40.42
C ILE L 92 -27.56 7.60 41.07
N LYS L 93 -28.10 8.69 41.63
CA LYS L 93 -29.41 8.69 42.32
C LYS L 93 -30.55 8.54 41.31
N PRO L 94 -30.60 9.32 40.20
CA PRO L 94 -31.72 9.25 39.27
C PRO L 94 -31.96 7.84 38.69
N ASP L 95 -33.23 7.47 38.50
CA ASP L 95 -33.63 6.31 37.65
C ASP L 95 -33.17 6.59 36.22
N VAL L 96 -32.49 5.62 35.60
CA VAL L 96 -32.13 5.65 34.16
C VAL L 96 -33.15 4.79 33.41
N VAL L 97 -34.06 5.47 32.71
CA VAL L 97 -35.00 4.84 31.74
C VAL L 97 -34.19 4.47 30.50
N THR L 98 -34.23 3.21 30.07
CA THR L 98 -33.53 2.74 28.84
C THR L 98 -34.56 2.50 27.74
N ILE L 99 -34.28 2.97 26.52
CA ILE L 99 -35.16 2.79 25.33
C ILE L 99 -34.30 2.29 24.17
N CYS L 100 -34.57 1.06 23.73
CA CYS L 100 -33.92 0.42 22.55
C CYS L 100 -34.57 0.91 21.26
N MET L 101 -33.77 1.55 20.39
CA MET L 101 -34.13 1.88 18.98
C MET L 101 -33.04 1.32 18.05
N GLY L 102 -33.47 0.70 16.94
CA GLY L 102 -32.57 0.00 16.01
C GLY L 102 -32.11 -1.30 16.62
N GLN L 103 -31.06 -1.26 17.45
CA GLN L 103 -30.56 -2.49 18.13
C GLN L 103 -29.86 -2.12 19.43
N ALA L 104 -29.95 -3.04 20.39
CA ALA L 104 -29.06 -3.13 21.57
C ALA L 104 -28.44 -4.54 21.55
N ALA L 105 -27.20 -4.62 21.08
CA ALA L 105 -26.49 -5.91 20.95
C ALA L 105 -25.27 -5.92 21.87
N SER L 106 -24.90 -7.10 22.34
CA SER L 106 -23.74 -7.34 23.20
C SER L 106 -23.79 -6.44 24.42
N MET L 107 -22.83 -5.54 24.56
CA MET L 107 -22.82 -4.60 25.71
C MET L 107 -24.02 -3.66 25.66
N GLY L 108 -24.53 -3.29 24.49
CA GLY L 108 -25.72 -2.45 24.39
C GLY L 108 -26.92 -3.11 25.05
N ALA L 109 -27.08 -4.41 24.88
CA ALA L 109 -28.18 -5.18 25.50
C ALA L 109 -28.02 -5.21 27.02
N ILE L 110 -26.81 -5.35 27.53
CA ILE L 110 -26.53 -5.32 29.00
C ILE L 110 -26.98 -3.96 29.55
N LEU L 111 -26.65 -2.86 28.86
CA LEU L 111 -26.99 -1.49 29.35
C LEU L 111 -28.51 -1.29 29.28
N LEU L 112 -29.18 -1.81 28.25
CA LEU L 112 -30.66 -1.77 28.12
C LEU L 112 -31.27 -2.50 29.33
N ALA L 113 -30.78 -3.68 29.66
CA ALA L 113 -31.31 -4.54 30.74
C ALA L 113 -31.03 -3.91 32.11
N ALA L 114 -30.05 -3.00 32.20
CA ALA L 114 -29.55 -2.42 33.47
C ALA L 114 -30.33 -1.15 33.85
N GLY L 115 -31.30 -0.74 33.04
CA GLY L 115 -32.18 0.40 33.35
C GLY L 115 -32.99 0.16 34.62
N ALA L 116 -33.57 1.24 35.16
CA ALA L 116 -34.44 1.20 36.35
C ALA L 116 -35.50 0.11 36.16
N PRO L 117 -35.68 -0.78 37.17
CA PRO L 117 -36.76 -1.77 37.12
C PRO L 117 -38.08 -1.13 36.73
N GLY L 118 -38.76 -1.67 35.72
CA GLY L 118 -40.07 -1.19 35.22
C GLY L 118 -39.95 -0.14 34.13
N LYS L 119 -38.76 0.42 33.91
CA LYS L 119 -38.52 1.55 32.98
C LYS L 119 -37.50 1.13 31.93
N ARG L 120 -37.60 -0.11 31.43
CA ARG L 120 -36.77 -0.61 30.30
C ARG L 120 -37.70 -0.90 29.11
N TYR L 121 -37.52 -0.16 28.01
CA TYR L 121 -38.45 -0.09 26.86
C TYR L 121 -37.69 -0.44 25.58
N ALA L 122 -38.40 -1.06 24.63
CA ALA L 122 -37.93 -1.27 23.24
C ALA L 122 -39.01 -0.75 22.29
N LEU L 123 -38.60 -0.06 21.23
CA LEU L 123 -39.48 0.27 20.09
C LEU L 123 -39.70 -1.03 19.31
N PRO L 124 -40.84 -1.17 18.60
CA PRO L 124 -41.33 -2.50 18.21
C PRO L 124 -40.53 -3.20 17.08
N HIS L 125 -39.73 -2.46 16.29
CA HIS L 125 -38.91 -3.05 15.21
C HIS L 125 -37.43 -2.97 15.55
N SER L 126 -37.10 -2.73 16.81
CA SER L 126 -35.72 -2.83 17.33
C SER L 126 -35.35 -4.32 17.46
N ARG L 127 -34.08 -4.63 17.61
CA ARG L 127 -33.67 -6.02 17.95
C ARG L 127 -32.66 -5.98 19.09
N ILE L 128 -32.69 -7.02 19.90
CA ILE L 128 -31.80 -7.19 21.08
C ILE L 128 -30.99 -8.46 20.84
N MET L 129 -29.70 -8.40 21.12
CA MET L 129 -28.83 -9.59 20.98
C MET L 129 -27.86 -9.63 22.15
N ILE L 130 -27.70 -10.80 22.75
CA ILE L 130 -26.72 -11.08 23.84
C ILE L 130 -25.78 -12.17 23.33
N HIS L 131 -24.50 -12.09 23.68
CA HIS L 131 -23.48 -13.14 23.37
C HIS L 131 -22.31 -13.01 24.35
N GLN L 132 -21.53 -14.08 24.46
CA GLN L 132 -20.33 -14.15 25.34
C GLN L 132 -19.27 -13.19 24.80
N PRO L 133 -18.34 -12.73 25.66
CA PRO L 133 -17.31 -11.80 25.21
C PRO L 133 -16.33 -12.48 24.25
N LEU L 134 -15.64 -11.67 23.45
CA LEU L 134 -14.55 -12.08 22.54
C LEU L 134 -13.25 -11.44 23.02
N GLY L 135 -12.12 -12.00 22.59
CA GLY L 135 -10.79 -11.54 23.02
C GLY L 135 -9.74 -11.87 21.98
N GLY L 136 -8.54 -11.36 22.21
CA GLY L 136 -7.32 -11.72 21.47
C GLY L 136 -6.16 -11.76 22.42
N ILE L 137 -5.33 -12.78 22.35
CA ILE L 137 -4.08 -12.87 23.16
C ILE L 137 -3.02 -13.58 22.32
N GLN L 138 -1.83 -12.99 22.27
CA GLN L 138 -0.60 -13.58 21.69
C GLN L 138 0.46 -13.58 22.77
N GLY L 139 1.33 -14.59 22.78
CA GLY L 139 2.56 -14.57 23.58
C GLY L 139 2.81 -15.92 24.21
N GLN L 140 3.56 -15.94 25.31
CA GLN L 140 4.01 -17.18 25.99
C GLN L 140 2.79 -17.90 26.57
N ALA L 141 2.86 -19.24 26.65
CA ALA L 141 1.80 -20.09 27.21
C ALA L 141 1.35 -19.52 28.57
N THR L 142 2.29 -19.10 29.43
CA THR L 142 1.96 -18.56 30.78
C THR L 142 1.02 -17.35 30.62
N ASP L 143 1.30 -16.44 29.69
CA ASP L 143 0.50 -15.19 29.52
C ASP L 143 -0.87 -15.54 28.93
N ILE L 144 -0.92 -16.50 28.00
CA ILE L 144 -2.19 -16.93 27.36
C ILE L 144 -3.14 -17.45 28.44
N ILE L 145 -2.61 -18.27 29.35
CA ILE L 145 -3.39 -18.91 30.45
C ILE L 145 -3.90 -17.82 31.41
N ILE L 146 -3.06 -16.84 31.75
CA ILE L 146 -3.45 -15.69 32.64
C ILE L 146 -4.60 -14.91 31.98
N HIS L 147 -4.52 -14.65 30.67
CA HIS L 147 -5.57 -13.89 29.94
C HIS L 147 -6.83 -14.75 29.73
N ALA L 148 -6.67 -16.07 29.50
CA ALA L 148 -7.81 -17.02 29.46
C ALA L 148 -8.58 -16.97 30.79
N GLU L 149 -7.84 -16.98 31.91
CA GLU L 149 -8.39 -16.91 33.28
C GLU L 149 -9.19 -15.62 33.44
N GLU L 150 -8.70 -14.50 32.90
CA GLU L 150 -9.33 -13.17 33.02
C GLU L 150 -10.61 -13.12 32.16
N ILE L 151 -10.58 -13.62 30.92
CA ILE L 151 -11.79 -13.57 30.04
C ILE L 151 -12.87 -14.48 30.64
N LYS L 152 -12.48 -15.61 31.23
CA LYS L 152 -13.38 -16.49 32.01
C LYS L 152 -14.08 -15.68 33.10
N ARG L 153 -13.30 -14.95 33.93
CA ARG L 153 -13.82 -14.14 35.06
C ARG L 153 -14.79 -13.07 34.52
N ILE L 154 -14.47 -12.42 33.39
CA ILE L 154 -15.31 -11.35 32.78
C ILE L 154 -16.62 -11.96 32.26
N LYS L 155 -16.54 -13.09 31.56
CA LYS L 155 -17.73 -13.83 31.03
C LYS L 155 -18.67 -14.16 32.20
N GLU L 156 -18.13 -14.66 33.31
CA GLU L 156 -18.93 -15.04 34.50
C GLU L 156 -19.59 -13.79 35.10
N MET L 157 -18.88 -12.66 35.15
CA MET L 157 -19.41 -11.37 35.67
C MET L 157 -20.57 -10.89 34.79
N LEU L 158 -20.47 -11.02 33.47
CA LEU L 158 -21.55 -10.61 32.53
C LEU L 158 -22.77 -11.51 32.71
N ILE L 159 -22.58 -12.82 32.92
CA ILE L 159 -23.67 -13.77 33.23
C ILE L 159 -24.37 -13.30 34.52
N ASP L 160 -23.58 -12.97 35.56
CA ASP L 160 -24.11 -12.52 36.87
C ASP L 160 -24.97 -11.27 36.67
N ILE L 161 -24.49 -10.28 35.91
CA ILE L 161 -25.23 -9.01 35.66
C ILE L 161 -26.54 -9.33 34.93
N LEU L 162 -26.49 -10.16 33.88
CA LEU L 162 -27.70 -10.52 33.10
C LEU L 162 -28.70 -11.27 33.99
N ALA L 163 -28.23 -12.17 34.86
CA ALA L 163 -29.09 -12.97 35.78
C ALA L 163 -29.82 -12.02 36.73
N LYS L 164 -29.09 -11.06 37.30
CA LYS L 164 -29.58 -10.06 38.28
C LYS L 164 -30.71 -9.21 37.67
N HIS L 165 -30.59 -8.77 36.42
CA HIS L 165 -31.54 -7.80 35.80
C HIS L 165 -32.70 -8.53 35.11
N THR L 166 -32.49 -9.76 34.64
CA THR L 166 -33.51 -10.56 33.90
C THR L 166 -34.31 -11.46 34.84
N GLY L 167 -33.72 -11.90 35.96
CA GLY L 167 -34.30 -12.95 36.82
C GLY L 167 -34.09 -14.35 36.24
N GLN L 168 -33.40 -14.49 35.11
CA GLN L 168 -33.10 -15.80 34.49
C GLN L 168 -32.04 -16.53 35.30
N PRO L 169 -32.11 -17.88 35.38
CA PRO L 169 -31.02 -18.66 35.98
C PRO L 169 -29.69 -18.50 35.21
N LYS L 170 -28.57 -18.47 35.94
CA LYS L 170 -27.22 -18.21 35.38
C LYS L 170 -26.88 -19.25 34.31
N ASP L 171 -27.29 -20.50 34.51
CA ASP L 171 -26.98 -21.63 33.58
C ASP L 171 -27.81 -21.47 32.28
N LYS L 172 -29.01 -20.88 32.35
CA LYS L 172 -29.80 -20.59 31.12
C LYS L 172 -29.11 -19.45 30.34
N ILE L 173 -28.71 -18.37 31.02
CA ILE L 173 -27.93 -17.26 30.41
C ILE L 173 -26.67 -17.85 29.74
N ALA L 174 -25.88 -18.63 30.48
CA ALA L 174 -24.58 -19.18 30.02
C ALA L 174 -24.79 -19.95 28.71
N ASN L 175 -25.80 -20.82 28.68
CA ASN L 175 -26.14 -21.66 27.51
C ASN L 175 -26.52 -20.77 26.32
N ASP L 176 -27.33 -19.74 26.55
CA ASP L 176 -27.90 -18.88 25.48
C ASP L 176 -26.80 -17.99 24.85
N ILE L 177 -25.83 -17.49 25.63
CA ILE L 177 -24.83 -16.50 25.13
C ILE L 177 -23.63 -17.22 24.47
N GLU L 178 -23.60 -18.56 24.46
CA GLU L 178 -22.51 -19.34 23.81
C GLU L 178 -22.39 -18.91 22.35
N ARG L 179 -23.53 -18.64 21.69
CA ARG L 179 -23.61 -18.11 20.31
C ARG L 179 -24.49 -16.86 20.31
N ASP L 180 -24.48 -16.10 19.21
CA ASP L 180 -25.30 -14.87 19.06
C ASP L 180 -26.77 -15.24 19.24
N TYR L 181 -27.41 -14.64 20.25
CA TYR L 181 -28.81 -14.92 20.64
C TYR L 181 -29.63 -13.67 20.34
N PHE L 182 -30.28 -13.65 19.17
CA PHE L 182 -31.07 -12.51 18.65
C PHE L 182 -32.51 -12.64 19.13
N MET L 183 -33.11 -11.54 19.56
CA MET L 183 -34.51 -11.50 20.04
C MET L 183 -35.23 -10.32 19.41
N SER L 184 -36.50 -10.52 19.06
CA SER L 184 -37.50 -9.44 18.83
C SER L 184 -37.74 -8.74 20.16
N PRO L 185 -38.29 -7.51 20.17
CA PRO L 185 -38.66 -6.83 21.41
C PRO L 185 -39.58 -7.68 22.33
N TYR L 186 -40.52 -8.44 21.77
CA TYR L 186 -41.48 -9.27 22.55
C TYR L 186 -40.73 -10.48 23.14
N GLU L 187 -39.73 -11.01 22.44
CA GLU L 187 -38.86 -12.09 22.96
C GLU L 187 -38.00 -11.54 24.12
N ALA L 188 -37.49 -10.31 23.97
CA ALA L 188 -36.65 -9.62 24.98
C ALA L 188 -37.49 -9.33 26.24
N LYS L 189 -38.75 -8.94 26.07
CA LYS L 189 -39.68 -8.72 27.21
C LYS L 189 -39.87 -10.04 27.98
N ASP L 190 -40.19 -11.13 27.29
CA ASP L 190 -40.38 -12.48 27.88
C ASP L 190 -39.08 -12.94 28.56
N TYR L 191 -37.92 -12.52 28.06
CA TYR L 191 -36.59 -12.91 28.60
C TYR L 191 -36.31 -12.14 29.90
N GLY L 192 -36.91 -10.97 30.07
CA GLY L 192 -36.69 -10.09 31.23
C GLY L 192 -35.62 -9.03 30.97
N LEU L 193 -35.23 -8.83 29.70
CA LEU L 193 -34.24 -7.80 29.31
C LEU L 193 -34.92 -6.41 29.23
N ILE L 194 -36.22 -6.36 28.93
CA ILE L 194 -37.05 -5.11 28.94
C ILE L 194 -38.35 -5.40 29.68
N ASP L 195 -39.08 -4.34 30.03
CA ASP L 195 -40.35 -4.40 30.79
C ASP L 195 -41.54 -4.17 29.84
N LYS L 196 -41.37 -3.36 28.78
CA LYS L 196 -42.47 -2.95 27.88
C LYS L 196 -41.95 -2.75 26.45
N VAL L 197 -42.73 -3.20 25.48
CA VAL L 197 -42.62 -2.80 24.04
C VAL L 197 -43.56 -1.61 23.81
N ILE L 198 -43.02 -0.45 23.43
CA ILE L 198 -43.78 0.83 23.23
C ILE L 198 -43.90 1.13 21.73
N GLU L 199 -45.11 1.47 21.27
CA GLU L 199 -45.45 1.65 19.84
C GLU L 199 -45.74 3.14 19.54
N LYS L 200 -46.56 3.79 20.38
CA LYS L 200 -47.13 5.13 20.12
C LYS L 200 -46.62 6.13 21.17
N VAL M 12 -19.42 16.34 21.34
CA VAL M 12 -19.09 16.87 22.70
C VAL M 12 -20.14 17.94 23.07
N PRO M 13 -21.18 17.58 23.86
CA PRO M 13 -22.31 18.48 24.09
C PRO M 13 -21.99 19.79 24.85
N ILE M 14 -22.92 20.75 24.76
CA ILE M 14 -22.76 22.15 25.25
C ILE M 14 -23.75 22.39 26.41
N VAL M 15 -23.37 23.20 27.40
CA VAL M 15 -24.22 23.65 28.54
C VAL M 15 -23.99 25.16 28.73
N TYR M 26 -20.17 26.25 27.62
CA TYR M 26 -19.40 25.15 28.26
C TYR M 26 -19.73 23.82 27.60
N ASP M 27 -18.71 23.11 27.09
CA ASP M 27 -18.80 21.66 26.75
C ASP M 27 -18.95 20.87 28.06
N ILE M 28 -19.38 19.61 27.98
CA ILE M 28 -19.75 18.78 29.18
C ILE M 28 -18.53 18.61 30.10
N TYR M 29 -17.34 18.40 29.55
CA TYR M 29 -16.08 18.20 30.34
C TYR M 29 -15.73 19.49 31.08
N SER M 30 -15.82 20.63 30.39
CA SER M 30 -15.56 21.97 30.96
C SER M 30 -16.54 22.25 32.11
N ARG M 31 -17.80 21.83 31.96
CA ARG M 31 -18.85 22.03 32.99
C ARG M 31 -18.51 21.19 34.24
N LEU M 32 -18.10 19.94 34.05
CA LEU M 32 -17.71 19.04 35.18
C LEU M 32 -16.41 19.57 35.82
N LEU M 33 -15.54 20.21 35.05
CA LEU M 33 -14.28 20.81 35.56
C LEU M 33 -14.62 21.92 36.58
N GLN M 34 -15.75 22.60 36.43
CA GLN M 34 -16.21 23.65 37.40
C GLN M 34 -16.56 23.02 38.76
N ASP M 35 -16.91 21.72 38.80
CA ASP M 35 -17.16 20.94 40.05
C ASP M 35 -15.90 20.17 40.46
N ARG M 36 -14.76 20.50 39.86
CA ARG M 36 -13.41 19.96 40.21
C ARG M 36 -13.35 18.47 39.85
N ILE M 37 -14.04 18.08 38.77
CA ILE M 37 -14.02 16.70 38.21
C ILE M 37 -13.13 16.69 36.98
N VAL M 38 -12.13 15.81 36.98
CA VAL M 38 -11.18 15.57 35.87
C VAL M 38 -11.36 14.13 35.40
N LEU M 39 -11.48 13.91 34.10
CA LEU M 39 -11.62 12.57 33.48
C LEU M 39 -10.28 12.19 32.83
N LEU M 40 -9.64 11.13 33.33
CA LEU M 40 -8.56 10.40 32.62
C LEU M 40 -9.21 9.15 32.02
N GLY M 41 -9.72 9.27 30.79
CA GLY M 41 -10.50 8.23 30.11
C GLY M 41 -9.89 7.84 28.78
N SER M 42 -8.57 7.69 28.70
CA SER M 42 -7.87 7.29 27.46
C SER M 42 -6.52 6.66 27.80
N PRO M 43 -5.81 6.06 26.81
CA PRO M 43 -4.41 5.67 27.00
C PRO M 43 -3.57 6.90 27.35
N ILE M 44 -2.55 6.73 28.17
CA ILE M 44 -1.69 7.84 28.68
C ILE M 44 -0.51 8.04 27.71
N ASP M 45 -0.49 9.17 27.00
CA ASP M 45 0.68 9.68 26.25
C ASP M 45 0.95 11.11 26.72
N ASP M 46 1.97 11.77 26.15
CA ASP M 46 2.41 13.12 26.57
C ASP M 46 1.25 14.13 26.42
N HIS M 47 0.45 14.02 25.37
CA HIS M 47 -0.68 14.95 25.10
C HIS M 47 -1.71 14.84 26.23
N VAL M 48 -2.04 13.62 26.64
CA VAL M 48 -3.05 13.34 27.70
C VAL M 48 -2.46 13.84 29.02
N ALA M 49 -1.20 13.53 29.33
CA ALA M 49 -0.50 14.02 30.54
C ALA M 49 -0.56 15.55 30.60
N ASN M 50 -0.27 16.24 29.50
CA ASN M 50 -0.32 17.72 29.44
C ASN M 50 -1.69 18.21 29.87
N LEU M 51 -2.74 17.61 29.30
CA LEU M 51 -4.15 17.99 29.54
C LEU M 51 -4.50 17.78 31.02
N ILE M 52 -4.10 16.64 31.59
CA ILE M 52 -4.41 16.28 33.01
C ILE M 52 -3.64 17.22 33.93
N VAL M 53 -2.35 17.46 33.65
CA VAL M 53 -1.49 18.33 34.49
C VAL M 53 -2.08 19.74 34.49
N ALA M 54 -2.45 20.26 33.31
CA ALA M 54 -3.05 21.60 33.12
C ALA M 54 -4.32 21.73 33.98
N GLN M 55 -5.18 20.69 34.00
CA GLN M 55 -6.44 20.72 34.78
C GLN M 55 -6.12 20.73 36.28
N LEU M 56 -5.17 19.91 36.73
CA LEU M 56 -4.79 19.84 38.18
C LEU M 56 -4.23 21.20 38.62
N LEU M 57 -3.27 21.75 37.87
CA LEU M 57 -2.67 23.08 38.17
C LEU M 57 -3.77 24.16 38.19
N PHE M 58 -4.66 24.17 37.19
CA PHE M 58 -5.80 25.14 37.13
C PHE M 58 -6.62 25.03 38.41
N LEU M 59 -7.03 23.80 38.77
CA LEU M 59 -7.95 23.58 39.92
C LEU M 59 -7.26 24.04 41.21
N GLU M 60 -5.95 23.78 41.36
CA GLU M 60 -5.16 24.20 42.54
C GLU M 60 -5.19 25.73 42.67
N SER M 61 -5.00 26.44 41.55
CA SER M 61 -4.99 27.93 41.51
C SER M 61 -6.39 28.49 41.84
N GLN M 62 -7.46 27.81 41.43
CA GLN M 62 -8.86 28.21 41.77
C GLN M 62 -9.07 28.09 43.28
N ASP M 63 -8.70 26.96 43.89
CA ASP M 63 -8.84 26.73 45.35
C ASP M 63 -7.86 25.66 45.81
N PRO M 64 -6.74 26.04 46.46
CA PRO M 64 -5.74 25.06 46.91
C PRO M 64 -6.20 24.08 48.00
N ASP M 65 -7.39 24.31 48.60
CA ASP M 65 -7.89 23.56 49.77
C ASP M 65 -8.90 22.48 49.38
N LYS M 66 -9.66 22.67 48.30
CA LYS M 66 -10.79 21.78 47.92
C LYS M 66 -10.26 20.56 47.15
N ASP M 67 -10.81 19.39 47.48
CA ASP M 67 -10.52 18.09 46.83
C ASP M 67 -10.76 18.22 45.32
N ILE M 68 -9.92 17.55 44.54
CA ILE M 68 -10.12 17.31 43.09
C ILE M 68 -10.54 15.84 42.93
N TYR M 69 -11.45 15.59 41.99
CA TYR M 69 -12.02 14.25 41.71
C TYR M 69 -11.47 13.77 40.35
N LEU M 70 -10.55 12.81 40.38
CA LEU M 70 -9.91 12.22 39.18
C LEU M 70 -10.56 10.86 38.89
N TYR M 71 -11.39 10.79 37.86
CA TYR M 71 -12.01 9.54 37.35
C TYR M 71 -11.00 8.87 36.42
N ILE M 72 -10.73 7.58 36.63
CA ILE M 72 -9.71 6.84 35.85
C ILE M 72 -10.38 5.67 35.13
N ASN M 73 -10.36 5.73 33.80
CA ASN M 73 -10.66 4.61 32.88
C ASN M 73 -9.54 4.57 31.84
N SER M 74 -8.45 3.86 32.12
CA SER M 74 -7.21 3.88 31.30
C SER M 74 -6.54 2.50 31.30
N PRO M 75 -6.10 2.02 30.11
CA PRO M 75 -5.28 0.80 30.02
C PRO M 75 -3.80 1.08 30.30
N GLY M 76 -3.49 2.34 30.59
CA GLY M 76 -2.12 2.83 30.86
C GLY M 76 -1.54 3.46 29.62
N GLY M 77 -0.22 3.36 29.45
CA GLY M 77 0.51 3.94 28.31
C GLY M 77 1.93 4.28 28.70
N SER M 78 2.39 5.46 28.34
CA SER M 78 3.80 5.91 28.53
C SER M 78 4.09 6.04 30.04
N VAL M 79 5.19 5.43 30.49
CA VAL M 79 5.62 5.51 31.91
C VAL M 79 5.94 6.99 32.23
N THR M 80 6.69 7.68 31.38
CA THR M 80 7.17 9.06 31.71
C THR M 80 5.95 10.01 31.74
N ALA M 81 4.98 9.81 30.84
CA ALA M 81 3.74 10.62 30.80
C ALA M 81 2.93 10.34 32.07
N GLY M 82 2.83 9.06 32.45
CA GLY M 82 2.23 8.62 33.71
C GLY M 82 2.87 9.27 34.92
N LEU M 83 4.20 9.37 34.96
CA LEU M 83 4.93 9.91 36.15
C LEU M 83 4.83 11.43 36.19
N ALA M 84 4.63 12.10 35.06
CA ALA M 84 4.29 13.54 34.99
C ALA M 84 3.01 13.77 35.79
N ILE M 85 1.96 12.98 35.52
CA ILE M 85 0.67 13.07 36.25
C ILE M 85 0.91 12.71 37.72
N TYR M 86 1.58 11.59 38.00
CA TYR M 86 1.83 11.08 39.38
C TYR M 86 2.46 12.17 40.26
N ASP M 87 3.56 12.77 39.80
CA ASP M 87 4.32 13.78 40.58
C ASP M 87 3.43 15.03 40.77
N THR M 88 2.66 15.42 39.76
CA THR M 88 1.77 16.61 39.84
C THR M 88 0.72 16.34 40.93
N MET M 89 0.11 15.14 40.93
CA MET M 89 -0.89 14.71 41.95
C MET M 89 -0.29 14.83 43.35
N GLN M 90 0.96 14.41 43.54
CA GLN M 90 1.64 14.50 44.87
C GLN M 90 1.99 15.96 45.20
N TYR M 91 2.42 16.74 44.20
CA TYR M 91 3.02 18.09 44.37
C TYR M 91 1.96 19.14 44.76
N ILE M 92 0.79 19.14 44.11
CA ILE M 92 -0.27 20.17 44.32
C ILE M 92 -0.82 20.06 45.75
N LYS M 93 -1.42 21.14 46.27
CA LYS M 93 -1.94 21.23 47.67
C LYS M 93 -3.24 20.43 47.81
N PRO M 94 -4.22 20.53 46.89
CA PRO M 94 -5.47 19.77 47.04
C PRO M 94 -5.25 18.26 47.10
N ASP M 95 -6.03 17.57 47.94
CA ASP M 95 -6.19 16.09 47.88
C ASP M 95 -6.78 15.73 46.52
N VAL M 96 -6.17 14.75 45.84
CA VAL M 96 -6.74 14.14 44.61
C VAL M 96 -7.44 12.84 45.01
N VAL M 97 -8.78 12.86 44.96
CA VAL M 97 -9.65 11.66 45.07
C VAL M 97 -9.54 10.91 43.74
N THR M 98 -9.32 9.60 43.77
CA THR M 98 -9.26 8.75 42.55
C THR M 98 -10.47 7.81 42.54
N ILE M 99 -11.16 7.72 41.39
CA ILE M 99 -12.32 6.81 41.17
C ILE M 99 -12.06 5.99 39.91
N CYS M 100 -11.88 4.68 40.09
CA CYS M 100 -11.74 3.69 38.99
C CYS M 100 -13.14 3.31 38.47
N MET M 101 -13.38 3.59 37.19
CA MET M 101 -14.55 3.10 36.41
C MET M 101 -14.02 2.39 35.15
N GLY M 102 -14.60 1.24 34.81
CA GLY M 102 -14.13 0.43 33.68
C GLY M 102 -12.86 -0.30 34.04
N GLN M 103 -11.70 0.34 33.89
CA GLN M 103 -10.41 -0.28 34.31
C GLN M 103 -9.36 0.76 34.68
N ALA M 104 -8.46 0.37 35.55
CA ALA M 104 -7.18 1.04 35.85
C ALA M 104 -6.09 -0.02 35.72
N ALA M 105 -5.46 -0.04 34.56
CA ALA M 105 -4.42 -1.03 34.25
C ALA M 105 -3.08 -0.33 34.07
N SER M 106 -2.00 -1.02 34.41
CA SER M 106 -0.65 -0.57 34.25
C SER M 106 -0.46 0.79 34.94
N MET M 107 -0.15 1.86 34.18
CA MET M 107 0.05 3.21 34.75
C MET M 107 -1.26 3.76 35.33
N GLY M 108 -2.40 3.39 34.75
CA GLY M 108 -3.71 3.79 35.29
C GLY M 108 -3.87 3.29 36.72
N ALA M 109 -3.46 2.06 37.00
CA ALA M 109 -3.48 1.46 38.34
C ALA M 109 -2.58 2.24 39.30
N ILE M 110 -1.38 2.62 38.87
CA ILE M 110 -0.44 3.40 39.72
C ILE M 110 -1.11 4.73 40.10
N LEU M 111 -1.78 5.39 39.16
CA LEU M 111 -2.40 6.72 39.41
C LEU M 111 -3.60 6.56 40.37
N LEU M 112 -4.40 5.50 40.20
CA LEU M 112 -5.50 5.13 41.13
C LEU M 112 -4.93 4.99 42.54
N ALA M 113 -3.86 4.18 42.69
CA ALA M 113 -3.19 3.88 43.98
C ALA M 113 -2.56 5.14 44.59
N ALA M 114 -2.25 6.15 43.77
CA ALA M 114 -1.52 7.38 44.16
C ALA M 114 -2.47 8.46 44.70
N GLY M 115 -3.79 8.22 44.70
CA GLY M 115 -4.78 9.14 45.29
C GLY M 115 -4.50 9.40 46.77
N ALA M 116 -5.10 10.47 47.33
CA ALA M 116 -4.99 10.84 48.75
C ALA M 116 -5.38 9.64 49.61
N PRO M 117 -4.62 9.32 50.69
CA PRO M 117 -4.96 8.19 51.55
C PRO M 117 -6.40 8.27 52.08
N GLY M 118 -7.15 7.18 51.97
CA GLY M 118 -8.56 7.08 52.40
C GLY M 118 -9.55 7.58 51.34
N LYS M 119 -9.08 8.11 50.20
CA LYS M 119 -9.95 8.68 49.14
C LYS M 119 -9.64 8.04 47.79
N ARG M 120 -9.40 6.73 47.76
CA ARG M 120 -9.17 5.95 46.53
C ARG M 120 -10.30 4.94 46.37
N TYR M 121 -11.11 5.11 45.32
CA TYR M 121 -12.38 4.39 45.12
C TYR M 121 -12.34 3.61 43.81
N ALA M 122 -13.04 2.48 43.78
CA ALA M 122 -13.35 1.71 42.56
C ALA M 122 -14.84 1.41 42.53
N LEU M 123 -15.45 1.43 41.35
CA LEU M 123 -16.85 0.96 41.16
C LEU M 123 -16.81 -0.57 41.11
N PRO M 124 -17.93 -1.26 41.42
CA PRO M 124 -17.89 -2.69 41.74
C PRO M 124 -17.56 -3.64 40.58
N HIS M 125 -17.71 -3.23 39.33
CA HIS M 125 -17.45 -4.09 38.13
C HIS M 125 -16.25 -3.56 37.35
N SER M 126 -15.48 -2.65 37.95
CA SER M 126 -14.21 -2.14 37.38
C SER M 126 -13.14 -3.23 37.57
N ARG M 127 -12.04 -3.17 36.84
CA ARG M 127 -10.92 -4.11 37.09
C ARG M 127 -9.61 -3.34 37.15
N ILE M 128 -8.72 -3.79 38.01
CA ILE M 128 -7.40 -3.15 38.27
C ILE M 128 -6.35 -4.18 37.87
N MET M 129 -5.32 -3.74 37.16
CA MET M 129 -4.24 -4.65 36.70
C MET M 129 -2.90 -3.94 36.87
N ILE M 130 -1.95 -4.62 37.51
CA ILE M 130 -0.54 -4.15 37.65
C ILE M 130 0.37 -5.13 36.91
N HIS M 131 1.41 -4.60 36.28
CA HIS M 131 2.46 -5.38 35.58
C HIS M 131 3.72 -4.53 35.43
N GLN M 132 4.87 -5.20 35.28
CA GLN M 132 6.19 -4.58 35.05
C GLN M 132 6.17 -3.84 33.73
N PRO M 133 7.03 -2.81 33.55
CA PRO M 133 7.06 -2.06 32.31
C PRO M 133 7.57 -2.90 31.13
N LEU M 134 7.20 -2.47 29.93
CA LEU M 134 7.67 -3.02 28.63
C LEU M 134 8.50 -1.93 27.94
N GLY M 135 9.39 -2.35 27.04
CA GLY M 135 10.27 -1.45 26.29
C GLY M 135 10.59 -2.02 24.92
N GLY M 136 11.29 -1.23 24.12
CA GLY M 136 11.83 -1.63 22.81
C GLY M 136 13.14 -0.91 22.59
N ILE M 137 14.18 -1.65 22.22
CA ILE M 137 15.53 -1.07 21.98
C ILE M 137 16.18 -1.84 20.83
N GLN M 138 16.69 -1.11 19.85
CA GLN M 138 17.46 -1.63 18.69
C GLN M 138 18.78 -0.86 18.64
N GLY M 139 19.86 -1.51 18.20
CA GLY M 139 21.12 -0.81 17.91
C GLY M 139 22.31 -1.57 18.44
N GLN M 140 23.43 -0.86 18.64
CA GLN M 140 24.70 -1.46 19.12
C GLN M 140 24.47 -2.09 20.49
N ALA M 141 25.16 -3.19 20.78
CA ALA M 141 25.15 -3.88 22.09
C ALA M 141 25.36 -2.85 23.21
N THR M 142 26.29 -1.91 23.05
CA THR M 142 26.55 -0.87 24.09
C THR M 142 25.25 -0.12 24.41
N ASP M 143 24.47 0.28 23.40
CA ASP M 143 23.24 1.10 23.59
C ASP M 143 22.13 0.21 24.18
N ILE M 144 21.98 -1.02 23.68
CA ILE M 144 21.02 -2.01 24.26
C ILE M 144 21.25 -2.13 25.77
N ILE M 145 22.51 -2.25 26.22
CA ILE M 145 22.85 -2.45 27.66
C ILE M 145 22.53 -1.17 28.45
N ILE M 146 22.84 0.00 27.89
CA ILE M 146 22.50 1.31 28.54
C ILE M 146 21.00 1.39 28.77
N HIS M 147 20.20 1.01 27.78
CA HIS M 147 18.71 1.10 27.84
C HIS M 147 18.16 -0.01 28.76
N ALA M 148 18.80 -1.20 28.79
CA ALA M 148 18.44 -2.30 29.71
C ALA M 148 18.62 -1.83 31.17
N GLU M 149 19.71 -1.11 31.44
CA GLU M 149 19.99 -0.51 32.77
C GLU M 149 18.87 0.51 33.10
N GLU M 150 18.46 1.32 32.13
CA GLU M 150 17.46 2.39 32.35
C GLU M 150 16.09 1.76 32.63
N ILE M 151 15.68 0.71 31.89
CA ILE M 151 14.35 0.07 32.13
C ILE M 151 14.37 -0.63 33.49
N LYS M 152 15.52 -1.18 33.89
CA LYS M 152 15.71 -1.79 35.24
C LYS M 152 15.42 -0.72 36.31
N ARG M 153 16.03 0.46 36.17
CA ARG M 153 15.87 1.60 37.11
C ARG M 153 14.40 2.03 37.19
N ILE M 154 13.72 2.16 36.03
CA ILE M 154 12.29 2.55 35.92
C ILE M 154 11.42 1.49 36.62
N LYS M 155 11.71 0.22 36.38
CA LYS M 155 10.98 -0.91 37.02
C LYS M 155 11.10 -0.82 38.55
N GLU M 156 12.33 -0.64 39.06
CA GLU M 156 12.60 -0.53 40.53
C GLU M 156 11.80 0.65 41.10
N MET M 157 11.75 1.77 40.38
CA MET M 157 11.02 3.01 40.78
C MET M 157 9.52 2.73 40.87
N LEU M 158 8.93 2.01 39.90
CA LEU M 158 7.47 1.69 39.92
C LEU M 158 7.17 0.75 41.09
N ILE M 159 8.06 -0.19 41.39
CA ILE M 159 7.93 -1.13 42.55
C ILE M 159 7.92 -0.29 43.84
N ASP M 160 8.80 0.70 43.95
CA ASP M 160 8.89 1.59 45.14
C ASP M 160 7.59 2.39 45.28
N ILE M 161 7.03 2.91 44.19
CA ILE M 161 5.80 3.75 44.23
C ILE M 161 4.62 2.88 44.70
N LEU M 162 4.49 1.67 44.16
CA LEU M 162 3.39 0.74 44.54
C LEU M 162 3.54 0.35 46.02
N ALA M 163 4.76 0.02 46.46
CA ALA M 163 5.06 -0.38 47.87
C ALA M 163 4.63 0.74 48.82
N LYS M 164 5.05 1.97 48.53
CA LYS M 164 4.70 3.20 49.31
C LYS M 164 3.18 3.30 49.45
N HIS M 165 2.42 3.28 48.35
CA HIS M 165 0.97 3.61 48.35
C HIS M 165 0.11 2.43 48.81
N THR M 166 0.57 1.18 48.67
CA THR M 166 -0.20 -0.05 49.05
C THR M 166 0.13 -0.52 50.47
N GLY M 167 1.35 -0.25 50.96
CA GLY M 167 1.82 -0.76 52.26
C GLY M 167 2.37 -2.17 52.12
N GLN M 168 2.39 -2.72 50.90
CA GLN M 168 2.95 -4.07 50.62
C GLN M 168 4.48 -4.00 50.66
N PRO M 169 5.16 -5.09 51.05
CA PRO M 169 6.62 -5.17 50.95
C PRO M 169 7.06 -5.24 49.48
N LYS M 170 8.24 -4.66 49.19
CA LYS M 170 8.79 -4.47 47.82
C LYS M 170 8.93 -5.83 47.12
N ASP M 171 9.45 -6.86 47.80
CA ASP M 171 9.68 -8.19 47.18
C ASP M 171 8.33 -8.80 46.75
N LYS M 172 7.23 -8.49 47.45
CA LYS M 172 5.89 -9.02 47.08
C LYS M 172 5.39 -8.28 45.83
N ILE M 173 5.52 -6.96 45.79
CA ILE M 173 5.20 -6.15 44.58
C ILE M 173 6.01 -6.71 43.41
N ALA M 174 7.32 -6.91 43.58
CA ALA M 174 8.25 -7.36 42.51
C ALA M 174 7.78 -8.72 41.98
N ASN M 175 7.48 -9.66 42.87
CA ASN M 175 7.00 -11.02 42.47
C ASN M 175 5.69 -10.90 41.69
N ASP M 176 4.75 -10.08 42.15
CA ASP M 176 3.36 -10.01 41.62
C ASP M 176 3.34 -9.36 40.23
N ILE M 177 4.17 -8.36 39.95
CA ILE M 177 4.11 -7.60 38.66
C ILE M 177 4.92 -8.29 37.55
N GLU M 178 5.57 -9.44 37.79
CA GLU M 178 6.38 -10.12 36.75
C GLU M 178 5.46 -10.49 35.56
N ARG M 179 4.20 -10.84 35.83
CA ARG M 179 3.17 -11.13 34.79
C ARG M 179 1.93 -10.28 35.09
N ASP M 180 1.01 -10.19 34.13
CA ASP M 180 -0.26 -9.43 34.28
C ASP M 180 -1.02 -9.97 35.50
N TYR M 181 -1.24 -9.10 36.49
CA TYR M 181 -1.92 -9.40 37.77
C TYR M 181 -3.26 -8.65 37.79
N PHE M 182 -4.33 -9.30 37.34
CA PHE M 182 -5.72 -8.76 37.29
C PHE M 182 -6.37 -8.93 38.66
N MET M 183 -7.13 -7.92 39.10
CA MET M 183 -7.84 -7.92 40.40
C MET M 183 -9.24 -7.31 40.23
N SER M 184 -10.23 -7.93 40.86
CA SER M 184 -11.56 -7.31 41.13
C SER M 184 -11.36 -6.13 42.08
N PRO M 185 -12.34 -5.22 42.20
CA PRO M 185 -12.25 -4.11 43.14
C PRO M 185 -11.99 -4.55 44.59
N TYR M 186 -12.56 -5.68 45.00
CA TYR M 186 -12.43 -6.22 46.38
C TYR M 186 -11.01 -6.75 46.59
N GLU M 187 -10.41 -7.38 45.58
CA GLU M 187 -9.01 -7.88 45.65
C GLU M 187 -8.06 -6.67 45.71
N ALA M 188 -8.34 -5.64 44.91
CA ALA M 188 -7.58 -4.37 44.86
C ALA M 188 -7.61 -3.67 46.22
N LYS M 189 -8.74 -3.74 46.93
CA LYS M 189 -8.89 -3.13 48.28
C LYS M 189 -8.03 -3.90 49.29
N ASP M 190 -8.08 -5.24 49.25
CA ASP M 190 -7.26 -6.14 50.12
C ASP M 190 -5.77 -5.93 49.78
N TYR M 191 -5.44 -5.63 48.53
CA TYR M 191 -4.03 -5.42 48.10
C TYR M 191 -3.51 -4.05 48.57
N GLY M 192 -4.41 -3.08 48.77
CA GLY M 192 -4.07 -1.72 49.25
C GLY M 192 -4.00 -0.70 48.12
N LEU M 193 -4.45 -1.06 46.92
CA LEU M 193 -4.47 -0.15 45.74
C LEU M 193 -5.61 0.86 45.85
N ILE M 194 -6.69 0.49 46.53
CA ILE M 194 -7.87 1.37 46.78
C ILE M 194 -8.28 1.23 48.25
N ASP M 195 -9.11 2.15 48.73
CA ASP M 195 -9.60 2.18 50.13
C ASP M 195 -11.03 1.63 50.17
N LYS M 196 -11.87 1.92 49.17
CA LYS M 196 -13.31 1.59 49.23
C LYS M 196 -13.84 1.17 47.84
N VAL M 197 -14.66 0.13 47.82
CA VAL M 197 -15.53 -0.26 46.67
C VAL M 197 -16.87 0.45 46.89
N ILE M 198 -17.22 1.39 45.99
CA ILE M 198 -18.49 2.18 46.07
C ILE M 198 -19.49 1.61 45.06
N GLU M 199 -20.73 1.39 45.50
CA GLU M 199 -21.82 0.73 44.73
C GLU M 199 -22.92 1.76 44.41
N LYS M 200 -23.49 2.38 45.44
CA LYS M 200 -24.59 3.39 45.34
C LYS M 200 -24.15 4.68 46.02
N ARG M 201 -24.50 5.84 45.44
CA ARG M 201 -24.18 7.20 45.94
C ARG M 201 -24.30 7.23 47.47
N VAL N 12 -10.06 19.85 24.51
CA VAL N 12 -9.32 20.91 25.29
C VAL N 12 -10.34 21.74 26.05
N PRO N 13 -10.45 21.59 27.40
CA PRO N 13 -11.50 22.26 28.17
C PRO N 13 -11.41 23.79 28.17
N ILE N 14 -12.54 24.44 28.50
CA ILE N 14 -12.80 25.90 28.39
C ILE N 14 -13.06 26.46 29.80
N VAL N 15 -12.65 27.72 30.05
CA VAL N 15 -13.03 28.52 31.26
C VAL N 15 -13.56 29.88 30.78
N TYR N 26 -11.75 31.21 27.35
CA TYR N 26 -10.34 30.75 27.49
C TYR N 26 -10.27 29.22 27.52
N ASP N 27 -9.52 28.61 26.62
CA ASP N 27 -9.08 27.19 26.76
C ASP N 27 -8.12 27.11 27.95
N ILE N 28 -7.90 25.92 28.50
CA ILE N 28 -7.16 25.69 29.79
C ILE N 28 -5.72 26.22 29.65
N TYR N 29 -5.08 26.07 28.50
CA TYR N 29 -3.68 26.49 28.25
C TYR N 29 -3.61 28.02 28.24
N SER N 30 -4.58 28.68 27.62
CA SER N 30 -4.73 30.16 27.59
C SER N 30 -4.93 30.68 29.02
N ARG N 31 -5.67 29.95 29.83
CA ARG N 31 -5.95 30.32 31.24
C ARG N 31 -4.63 30.24 32.04
N LEU N 32 -3.82 29.20 31.82
CA LEU N 32 -2.53 29.05 32.53
C LEU N 32 -1.55 30.10 32.00
N LEU N 33 -1.68 30.51 30.74
CA LEU N 33 -0.82 31.56 30.11
C LEU N 33 -1.04 32.89 30.84
N GLN N 34 -2.24 33.15 31.37
CA GLN N 34 -2.53 34.35 32.20
C GLN N 34 -1.68 34.37 33.48
N ASP N 35 -1.36 33.19 34.04
CA ASP N 35 -0.45 33.05 35.21
C ASP N 35 1.00 32.87 34.75
N ARG N 36 1.28 33.12 33.46
CA ARG N 36 2.65 33.13 32.87
C ARG N 36 3.24 31.71 32.90
N ILE N 37 2.37 30.70 32.75
CA ILE N 37 2.74 29.26 32.62
C ILE N 37 2.69 28.87 31.14
N VAL N 38 3.79 28.29 30.64
CA VAL N 38 3.95 27.71 29.28
C VAL N 38 4.21 26.21 29.41
N LEU N 39 3.53 25.39 28.62
CA LEU N 39 3.69 23.91 28.64
C LEU N 39 4.44 23.48 27.38
N LEU N 40 5.66 22.97 27.53
CA LEU N 40 6.38 22.27 26.43
C LEU N 40 6.23 20.77 26.69
N GLY N 41 5.23 20.16 26.04
CA GLY N 41 4.73 18.82 26.37
C GLY N 41 4.69 17.91 25.17
N SER N 42 5.61 18.08 24.23
CA SER N 42 5.62 17.31 22.96
C SER N 42 7.04 17.24 22.40
N PRO N 43 7.28 16.37 21.40
CA PRO N 43 8.51 16.43 20.63
C PRO N 43 8.66 17.84 20.03
N ILE N 44 9.89 18.31 19.88
CA ILE N 44 10.18 19.69 19.38
C ILE N 44 10.35 19.62 17.86
N ASP N 45 9.42 20.21 17.11
CA ASP N 45 9.58 20.51 15.66
C ASP N 45 9.38 22.03 15.48
N ASP N 46 9.49 22.51 14.25
CA ASP N 46 9.37 23.96 13.93
C ASP N 46 8.02 24.48 14.44
N HIS N 47 6.93 23.72 14.27
CA HIS N 47 5.55 24.11 14.69
C HIS N 47 5.54 24.37 16.21
N VAL N 48 6.08 23.44 16.99
CA VAL N 48 6.14 23.52 18.48
C VAL N 48 7.04 24.69 18.88
N ALA N 49 8.22 24.83 18.25
CA ALA N 49 9.17 25.95 18.49
C ALA N 49 8.45 27.28 18.28
N ASN N 50 7.78 27.45 17.14
CA ASN N 50 7.05 28.71 16.81
C ASN N 50 6.06 29.05 17.92
N LEU N 51 5.30 28.07 18.41
CA LEU N 51 4.28 28.25 19.47
C LEU N 51 4.96 28.65 20.79
N ILE N 52 6.07 27.99 21.16
CA ILE N 52 6.77 28.28 22.45
C ILE N 52 7.38 29.68 22.36
N VAL N 53 8.00 30.00 21.22
CA VAL N 53 8.60 31.35 20.97
C VAL N 53 7.50 32.41 21.06
N ALA N 54 6.37 32.20 20.39
CA ALA N 54 5.24 33.16 20.40
C ALA N 54 4.79 33.42 21.85
N GLN N 55 4.67 32.38 22.65
CA GLN N 55 4.19 32.52 24.06
C GLN N 55 5.23 33.29 24.89
N LEU N 56 6.52 33.03 24.68
CA LEU N 56 7.62 33.73 25.41
C LEU N 56 7.61 35.22 25.05
N LEU N 57 7.58 35.54 23.74
CA LEU N 57 7.52 36.95 23.24
C LEU N 57 6.26 37.63 23.77
N PHE N 58 5.11 36.93 23.75
CA PHE N 58 3.84 37.47 24.26
C PHE N 58 3.99 37.81 25.75
N LEU N 59 4.49 36.88 26.56
CA LEU N 59 4.60 37.09 28.03
C LEU N 59 5.58 38.25 28.32
N GLU N 60 6.67 38.35 27.57
CA GLU N 60 7.63 39.49 27.71
C GLU N 60 6.90 40.82 27.46
N SER N 61 6.11 40.93 26.40
CA SER N 61 5.40 42.19 26.02
C SER N 61 4.32 42.50 27.07
N GLN N 62 3.75 41.50 27.74
CA GLN N 62 2.71 41.70 28.79
C GLN N 62 3.39 42.23 30.06
N ASP N 63 4.54 41.68 30.43
CA ASP N 63 5.33 42.11 31.61
C ASP N 63 6.77 41.62 31.45
N PRO N 64 7.72 42.52 31.13
CA PRO N 64 9.12 42.10 30.95
C PRO N 64 9.87 41.74 32.24
N ASP N 65 9.28 42.01 33.41
CA ASP N 65 9.96 41.89 34.72
C ASP N 65 9.58 40.57 35.42
N LYS N 66 8.34 40.11 35.30
CA LYS N 66 7.84 38.91 36.04
C LYS N 66 8.36 37.62 35.41
N ASP N 67 8.69 36.64 36.27
CA ASP N 67 9.15 35.28 35.89
C ASP N 67 8.10 34.63 34.96
N ILE N 68 8.58 33.79 34.04
CA ILE N 68 7.79 32.86 33.20
C ILE N 68 8.07 31.43 33.71
N TYR N 69 7.04 30.58 33.78
CA TYR N 69 7.16 29.17 34.24
C TYR N 69 7.00 28.26 33.02
N LEU N 70 8.11 27.62 32.60
CA LEU N 70 8.16 26.70 31.45
C LEU N 70 8.25 25.27 31.98
N TYR N 71 7.14 24.53 31.93
CA TYR N 71 7.07 23.09 32.27
C TYR N 71 7.56 22.32 31.06
N ILE N 72 8.50 21.39 31.28
CA ILE N 72 9.10 20.59 30.17
C ILE N 72 8.80 19.12 30.40
N ASN N 73 8.10 18.53 29.44
CA ASN N 73 7.94 17.07 29.27
C ASN N 73 8.16 16.78 27.78
N SER N 74 9.41 16.49 27.38
CA SER N 74 9.79 16.36 25.96
C SER N 74 10.94 15.36 25.80
N PRO N 75 10.85 14.46 24.78
CA PRO N 75 11.97 13.61 24.39
C PRO N 75 12.96 14.33 23.44
N GLY N 76 12.69 15.61 23.16
CA GLY N 76 13.49 16.45 22.27
C GLY N 76 12.93 16.44 20.85
N GLY N 77 13.80 16.51 19.84
CA GLY N 77 13.41 16.62 18.42
C GLY N 77 14.44 17.40 17.63
N SER N 78 14.00 18.31 16.77
CA SER N 78 14.86 19.09 15.85
C SER N 78 15.81 20.00 16.64
N VAL N 79 17.11 19.91 16.36
CA VAL N 79 18.15 20.75 17.02
C VAL N 79 17.85 22.23 16.74
N THR N 80 17.59 22.60 15.48
CA THR N 80 17.42 24.03 15.10
C THR N 80 16.14 24.58 15.75
N ALA N 81 15.05 23.80 15.81
CA ALA N 81 13.81 24.17 16.51
C ALA N 81 14.13 24.40 17.99
N GLY N 82 14.85 23.47 18.62
CA GLY N 82 15.26 23.58 20.03
C GLY N 82 16.09 24.83 20.29
N LEU N 83 17.00 25.18 19.39
CA LEU N 83 17.90 26.36 19.55
C LEU N 83 17.12 27.66 19.28
N ALA N 84 16.04 27.64 18.49
CA ALA N 84 15.12 28.80 18.38
C ALA N 84 14.54 29.11 19.76
N ILE N 85 14.04 28.08 20.45
CA ILE N 85 13.48 28.23 21.84
C ILE N 85 14.61 28.69 22.76
N TYR N 86 15.77 28.02 22.71
CA TYR N 86 16.91 28.29 23.60
C TYR N 86 17.29 29.78 23.49
N ASP N 87 17.49 30.29 22.27
CA ASP N 87 17.97 31.68 22.08
C ASP N 87 16.88 32.66 22.52
N THR N 88 15.60 32.34 22.34
CA THR N 88 14.47 33.20 22.78
C THR N 88 14.47 33.27 24.31
N MET N 89 14.62 32.13 25.00
CA MET N 89 14.67 32.06 26.49
C MET N 89 15.79 32.98 27.02
N GLN N 90 16.93 33.05 26.32
CA GLN N 90 18.11 33.85 26.76
C GLN N 90 17.90 35.31 26.36
N TYR N 91 17.19 35.57 25.26
CA TYR N 91 17.02 36.93 24.66
C TYR N 91 16.01 37.76 25.44
N ILE N 92 14.88 37.17 25.87
CA ILE N 92 13.78 37.94 26.54
C ILE N 92 14.26 38.42 27.91
N LYS N 93 13.67 39.51 28.43
CA LYS N 93 14.04 40.13 29.73
C LYS N 93 13.64 39.23 30.90
N PRO N 94 12.41 38.65 30.94
CA PRO N 94 12.00 37.82 32.06
C PRO N 94 12.94 36.64 32.32
N ASP N 95 13.15 36.31 33.59
CA ASP N 95 13.72 35.00 34.03
C ASP N 95 12.75 33.90 33.58
N VAL N 96 13.28 32.84 32.97
CA VAL N 96 12.46 31.65 32.61
C VAL N 96 12.79 30.56 33.61
N VAL N 97 11.85 30.30 34.51
CA VAL N 97 11.87 29.15 35.45
C VAL N 97 11.58 27.89 34.63
N THR N 98 12.40 26.86 34.74
CA THR N 98 12.17 25.56 34.05
C THR N 98 11.76 24.50 35.08
N ILE N 99 10.73 23.71 34.77
CA ILE N 99 10.27 22.58 35.63
C ILE N 99 10.17 21.32 34.77
N CYS N 100 10.97 20.31 35.09
CA CYS N 100 10.92 18.97 34.46
C CYS N 100 9.84 18.12 35.13
N MET N 101 8.88 17.64 34.34
CA MET N 101 7.89 16.60 34.73
C MET N 101 7.88 15.48 33.66
N GLY N 102 7.88 14.22 34.07
CA GLY N 102 7.98 13.08 33.15
C GLY N 102 9.41 12.93 32.65
N GLN N 103 9.82 13.70 31.64
CA GLN N 103 11.24 13.67 31.18
C GLN N 103 11.65 14.95 30.47
N ALA N 104 12.95 15.24 30.51
CA ALA N 104 13.63 16.23 29.67
C ALA N 104 14.82 15.53 29.04
N ALA N 105 14.65 15.08 27.80
CA ALA N 105 15.71 14.32 27.11
C ALA N 105 16.15 15.06 25.86
N SER N 106 17.39 14.82 25.46
CA SER N 106 18.01 15.42 24.29
C SER N 106 17.87 16.92 24.39
N MET N 107 17.22 17.54 23.41
CA MET N 107 17.00 19.01 23.40
C MET N 107 16.15 19.45 24.60
N GLY N 108 15.21 18.63 25.07
CA GLY N 108 14.44 18.92 26.28
C GLY N 108 15.35 19.18 27.47
N ALA N 109 16.39 18.35 27.65
CA ALA N 109 17.36 18.52 28.74
C ALA N 109 18.13 19.84 28.58
N ILE N 110 18.46 20.20 27.35
CA ILE N 110 19.19 21.48 27.13
C ILE N 110 18.32 22.66 27.55
N LEU N 111 17.04 22.66 27.17
CA LEU N 111 16.10 23.76 27.52
C LEU N 111 15.91 23.81 29.05
N LEU N 112 15.81 22.67 29.71
CA LEU N 112 15.68 22.57 31.20
C LEU N 112 16.90 23.22 31.86
N ALA N 113 18.10 22.89 31.36
CA ALA N 113 19.40 23.40 31.88
C ALA N 113 19.55 24.89 31.59
N ALA N 114 18.79 25.44 30.65
CA ALA N 114 18.94 26.83 30.14
C ALA N 114 18.04 27.79 30.93
N GLY N 115 17.29 27.30 31.91
CA GLY N 115 16.50 28.14 32.83
C GLY N 115 17.37 29.13 33.59
N ALA N 116 16.76 30.16 34.15
CA ALA N 116 17.44 31.20 34.96
C ALA N 116 18.25 30.51 36.06
N PRO N 117 19.48 30.98 36.33
CA PRO N 117 20.30 30.38 37.39
C PRO N 117 19.50 30.29 38.71
N GLY N 118 19.54 29.14 39.37
CA GLY N 118 18.86 28.90 40.66
C GLY N 118 17.37 28.60 40.51
N LYS N 119 16.81 28.67 39.30
CA LYS N 119 15.35 28.51 39.07
C LYS N 119 15.09 27.36 38.08
N ARG N 120 15.90 26.30 38.17
CA ARG N 120 15.72 25.08 37.35
C ARG N 120 15.34 23.94 38.29
N TYR N 121 14.14 23.38 38.11
CA TYR N 121 13.51 22.40 39.02
C TYR N 121 13.18 21.11 38.26
N ALA N 122 13.16 20.00 38.98
CA ALA N 122 12.68 18.69 38.49
C ALA N 122 11.79 18.04 39.55
N LEU N 123 10.66 17.48 39.16
CA LEU N 123 9.82 16.65 40.05
C LEU N 123 10.56 15.34 40.32
N PRO N 124 10.31 14.65 41.46
CA PRO N 124 11.20 13.61 41.94
C PRO N 124 11.26 12.32 41.10
N HIS N 125 10.27 12.04 40.26
CA HIS N 125 10.23 10.79 39.46
C HIS N 125 10.41 11.11 37.98
N SER N 126 10.83 12.34 37.66
CA SER N 126 11.16 12.75 36.29
C SER N 126 12.52 12.15 35.93
N ARG N 127 12.86 12.07 34.65
CA ARG N 127 14.22 11.68 34.24
C ARG N 127 14.75 12.67 33.22
N ILE N 128 16.06 12.85 33.25
CA ILE N 128 16.82 13.78 32.39
C ILE N 128 17.81 12.93 31.61
N MET N 129 17.94 13.17 30.30
CA MET N 129 18.90 12.43 29.45
C MET N 129 19.59 13.41 28.50
N ILE N 130 20.91 13.33 28.41
CA ILE N 130 21.68 14.12 27.41
C ILE N 130 22.35 13.12 26.46
N HIS N 131 22.45 13.49 25.18
CA HIS N 131 23.20 12.73 24.16
C HIS N 131 23.56 13.64 22.98
N GLN N 132 24.56 13.21 22.21
CA GLN N 132 25.03 13.91 20.99
C GLN N 132 23.92 13.88 19.95
N PRO N 133 23.91 14.85 19.01
CA PRO N 133 22.91 14.88 17.95
C PRO N 133 23.05 13.72 16.97
N LEU N 134 21.94 13.44 16.28
CA LEU N 134 21.83 12.44 15.20
C LEU N 134 21.55 13.19 13.90
N GLY N 135 21.85 12.54 12.77
CA GLY N 135 21.67 13.12 11.44
C GLY N 135 21.55 12.05 10.38
N GLY N 136 21.42 12.51 9.14
CA GLY N 136 21.22 11.68 7.94
C GLY N 136 21.55 12.52 6.74
N ILE N 137 22.48 12.06 5.92
CA ILE N 137 22.94 12.79 4.70
C ILE N 137 23.10 11.77 3.58
N GLN N 138 22.58 12.10 2.40
CA GLN N 138 22.72 11.30 1.16
C GLN N 138 23.22 12.24 0.05
N GLY N 139 24.08 11.73 -0.83
CA GLY N 139 24.48 12.44 -2.06
C GLY N 139 25.93 12.21 -2.37
N GLN N 140 26.52 13.14 -3.13
CA GLN N 140 27.94 13.12 -3.55
C GLN N 140 28.84 13.17 -2.31
N ALA N 141 30.01 12.53 -2.37
CA ALA N 141 31.02 12.57 -1.28
C ALA N 141 31.26 14.02 -0.84
N THR N 142 31.43 14.96 -1.78
CA THR N 142 31.68 16.40 -1.44
C THR N 142 30.56 16.89 -0.50
N ASP N 143 29.30 16.61 -0.81
CA ASP N 143 28.13 17.08 0.00
C ASP N 143 28.13 16.38 1.37
N ILE N 144 28.41 15.07 1.40
CA ILE N 144 28.49 14.28 2.67
C ILE N 144 29.52 14.93 3.60
N ILE N 145 30.69 15.28 3.07
CA ILE N 145 31.79 15.86 3.88
C ILE N 145 31.36 17.24 4.40
N ILE N 146 30.74 18.07 3.56
CA ILE N 146 30.21 19.41 3.96
C ILE N 146 29.21 19.25 5.10
N HIS N 147 28.29 18.29 5.01
CA HIS N 147 27.22 18.10 6.04
C HIS N 147 27.82 17.46 7.30
N ALA N 148 28.86 16.64 7.18
CA ALA N 148 29.59 16.06 8.34
C ALA N 148 30.27 17.19 9.13
N GLU N 149 30.87 18.16 8.43
CA GLU N 149 31.49 19.37 9.04
C GLU N 149 30.42 20.15 9.81
N GLU N 150 29.23 20.32 9.23
CA GLU N 150 28.13 21.12 9.85
C GLU N 150 27.61 20.37 11.09
N ILE N 151 27.47 19.03 11.06
CA ILE N 151 26.97 18.30 12.25
C ILE N 151 28.03 18.41 13.36
N LYS N 152 29.31 18.37 13.00
CA LYS N 152 30.44 18.60 13.94
C LYS N 152 30.30 19.99 14.59
N ARG N 153 30.03 21.03 13.79
CA ARG N 153 29.88 22.43 14.29
C ARG N 153 28.67 22.51 15.24
N ILE N 154 27.56 21.84 14.91
CA ILE N 154 26.29 21.84 15.71
C ILE N 154 26.51 21.08 17.03
N LYS N 155 27.20 19.94 16.96
CA LYS N 155 27.56 19.14 18.17
C LYS N 155 28.42 20.00 19.12
N GLU N 156 29.44 20.69 18.60
CA GLU N 156 30.33 21.56 19.43
C GLU N 156 29.49 22.67 20.10
N MET N 157 28.54 23.25 19.37
CA MET N 157 27.62 24.30 19.88
C MET N 157 26.80 23.76 21.06
N LEU N 158 26.27 22.53 20.97
CA LEU N 158 25.43 21.92 22.04
C LEU N 158 26.30 21.63 23.26
N ILE N 159 27.56 21.22 23.04
CA ILE N 159 28.53 20.96 24.13
C ILE N 159 28.79 22.30 24.84
N ASP N 160 29.02 23.37 24.08
CA ASP N 160 29.27 24.74 24.60
C ASP N 160 28.10 25.17 25.49
N ILE N 161 26.86 24.97 25.05
CA ILE N 161 25.64 25.39 25.80
C ILE N 161 25.55 24.59 27.11
N LEU N 162 25.70 23.27 27.04
CA LEU N 162 25.61 22.40 28.25
C LEU N 162 26.71 22.78 29.27
N ALA N 163 27.94 23.02 28.81
CA ALA N 163 29.08 23.42 29.65
C ALA N 163 28.77 24.73 30.38
N LYS N 164 28.28 25.73 29.65
CA LYS N 164 27.95 27.09 30.15
C LYS N 164 26.92 26.99 31.29
N HIS N 165 25.84 26.23 31.10
CA HIS N 165 24.69 26.19 32.04
C HIS N 165 24.96 25.22 33.19
N THR N 166 25.77 24.18 32.99
CA THR N 166 26.07 23.16 34.04
C THR N 166 27.29 23.54 34.87
N GLY N 167 28.23 24.30 34.32
CA GLY N 167 29.51 24.60 34.99
C GLY N 167 30.51 23.47 34.78
N GLN N 168 30.15 22.43 34.01
CA GLN N 168 31.08 21.33 33.65
C GLN N 168 32.02 21.83 32.56
N PRO N 169 33.27 21.32 32.48
CA PRO N 169 34.15 21.63 31.37
C PRO N 169 33.63 20.98 30.07
N LYS N 170 33.87 21.61 28.92
CA LYS N 170 33.42 21.13 27.57
C LYS N 170 33.88 19.69 27.34
N ASP N 171 35.13 19.35 27.71
CA ASP N 171 35.71 18.00 27.43
C ASP N 171 34.97 16.92 28.22
N LYS N 172 34.49 17.22 29.42
CA LYS N 172 33.68 16.25 30.22
C LYS N 172 32.31 16.09 29.55
N ILE N 173 31.65 17.18 29.17
CA ILE N 173 30.34 17.14 28.47
C ILE N 173 30.52 16.30 27.20
N ALA N 174 31.57 16.58 26.42
CA ALA N 174 31.82 15.90 25.13
C ALA N 174 31.86 14.38 25.34
N ASN N 175 32.59 13.92 26.36
CA ASN N 175 32.76 12.48 26.66
C ASN N 175 31.42 11.91 27.14
N ASP N 176 30.67 12.64 27.97
CA ASP N 176 29.43 12.15 28.61
C ASP N 176 28.28 11.99 27.59
N ILE N 177 28.25 12.76 26.49
CA ILE N 177 27.10 12.71 25.53
C ILE N 177 27.39 11.75 24.37
N GLU N 178 28.53 11.05 24.33
CA GLU N 178 28.84 10.11 23.22
C GLU N 178 27.74 9.04 23.15
N ARG N 179 27.25 8.57 24.31
CA ARG N 179 26.11 7.62 24.38
C ARG N 179 25.01 8.23 25.24
N ASP N 180 23.80 7.70 25.15
CA ASP N 180 22.65 8.11 25.99
C ASP N 180 23.08 8.13 27.46
N TYR N 181 22.99 9.29 28.11
CA TYR N 181 23.36 9.50 29.53
C TYR N 181 22.08 9.84 30.32
N PHE N 182 21.43 8.82 30.88
CA PHE N 182 20.20 8.93 31.72
C PHE N 182 20.57 9.30 33.15
N MET N 183 19.83 10.22 33.76
CA MET N 183 20.02 10.66 35.16
C MET N 183 18.67 10.77 35.87
N SER N 184 18.62 10.36 37.14
CA SER N 184 17.57 10.71 38.11
C SER N 184 17.67 12.20 38.39
N PRO N 185 16.63 12.85 38.95
CA PRO N 185 16.70 14.27 39.30
C PRO N 185 17.87 14.65 40.23
N TYR N 186 18.24 13.80 41.20
CA TYR N 186 19.33 14.11 42.16
C TYR N 186 20.68 14.04 41.45
N GLU N 187 20.85 13.13 40.49
CA GLU N 187 22.07 13.03 39.65
C GLU N 187 22.17 14.26 38.75
N ALA N 188 21.06 14.71 38.16
CA ALA N 188 21.01 15.91 37.27
C ALA N 188 21.36 17.15 38.09
N LYS N 189 20.90 17.22 39.35
CA LYS N 189 21.27 18.32 40.28
C LYS N 189 22.78 18.29 40.51
N ASP N 190 23.33 17.11 40.81
CA ASP N 190 24.79 16.93 41.03
C ASP N 190 25.55 17.32 39.76
N TYR N 191 24.97 17.04 38.57
CA TYR N 191 25.60 17.33 37.26
C TYR N 191 25.55 18.84 36.97
N GLY N 192 24.58 19.57 37.54
CA GLY N 192 24.40 21.02 37.30
C GLY N 192 23.34 21.32 36.25
N LEU N 193 22.55 20.33 35.83
CA LEU N 193 21.47 20.51 34.81
C LEU N 193 20.24 21.16 35.46
N ILE N 194 20.03 20.96 36.76
CA ILE N 194 18.95 21.62 37.56
C ILE N 194 19.53 22.11 38.89
N ASP N 195 18.78 22.96 39.59
CA ASP N 195 19.19 23.56 40.88
C ASP N 195 18.49 22.84 42.03
N LYS N 196 17.28 22.35 41.84
CA LYS N 196 16.47 21.80 42.96
C LYS N 196 15.57 20.66 42.48
N VAL N 197 15.47 19.59 43.28
CA VAL N 197 14.41 18.56 43.16
C VAL N 197 13.27 18.99 44.09
N ILE N 198 12.08 19.21 43.55
CA ILE N 198 10.89 19.66 44.33
C ILE N 198 9.94 18.48 44.48
N GLU N 199 9.40 18.29 45.68
CA GLU N 199 8.55 17.13 46.06
C GLU N 199 7.12 17.61 46.33
N LYS N 200 6.95 18.62 47.18
CA LYS N 200 5.62 19.12 47.65
C LYS N 200 5.46 20.59 47.26
C9 VSZ O . 26.61 -8.49 12.76
C4 VSZ O . 27.04 -7.31 11.96
C5 VSZ O . 26.01 -6.77 10.98
O12 VSZ O . 25.48 -7.48 14.63
C11 VSZ O . 25.41 -8.21 13.67
O10 VSZ O . 27.73 -8.89 13.51
C6 VSZ O . 24.73 -6.36 11.63
C7 VSZ O . 26.61 -5.50 10.38
C1 VSZ O . 28.25 -7.80 11.16
O3 VSZ O . 28.20 -8.81 10.48
N13 VSZ O . 24.30 -8.78 13.30
C14 VSZ O . 23.12 -8.66 14.09
C18 VSZ O . 22.81 -10.00 14.74
O19 VSZ O . 22.90 -11.04 14.14
C15 VSZ O . 21.93 -8.15 13.30
C17 VSZ O . 21.87 -8.84 12.00
C16 VSZ O . 20.65 -8.49 14.06
N20 VSZ O . 22.38 -9.89 15.96
C21 VSZ O . 21.90 -10.97 16.78
C25 VSZ O . 20.37 -10.89 16.81
O26 VSZ O . 19.82 -9.92 17.37
C22 VSZ O . 22.45 -10.80 18.17
C23 VSZ O . 23.92 -10.49 18.01
C24 VSZ O . 22.30 -12.09 18.94
C42 VSZ O . 24.40 -9.74 19.23
O27 VSZ O . 19.80 -11.76 16.19
C9 VSZ P . 8.08 -22.81 19.40
C4 VSZ P . 9.21 -21.82 19.64
C5 VSZ P . 9.40 -20.65 18.67
O12 VSZ P . 6.15 -21.99 20.57
C11 VSZ P . 6.65 -22.22 19.49
O10 VSZ P . 8.29 -23.89 20.31
C6 VSZ P . 8.21 -20.37 17.81
C7 VSZ P . 9.76 -19.45 19.47
C1 VSZ P . 10.45 -22.64 19.42
O3 VSZ P . 10.68 -23.20 18.38
N13 VSZ P . 6.04 -22.04 18.32
C14 VSZ P . 4.67 -21.55 18.17
C18 VSZ P . 3.66 -22.67 17.94
O19 VSZ P . 3.93 -23.64 17.27
C15 VSZ P . 4.57 -20.67 16.96
C17 VSZ P . 3.19 -20.06 17.01
C16 VSZ P . 5.58 -19.57 17.06
N20 VSZ P . 2.48 -22.46 18.49
C21 VSZ P . 1.29 -23.32 18.36
C25 VSZ P . 0.05 -22.48 17.93
O26 VSZ P . -0.43 -21.69 18.74
C22 VSZ P . 0.98 -23.94 19.71
C23 VSZ P . 2.20 -24.55 20.34
C24 VSZ P . 0.01 -25.04 19.50
C42 VSZ P . 1.84 -24.95 21.76
O27 VSZ P . -0.45 -22.69 16.81
C9 VSZ Q . -12.40 -27.26 7.01
C4 VSZ Q . -11.65 -26.99 8.27
C5 VSZ Q . -10.96 -25.64 8.24
O12 VSZ Q . -14.29 -25.80 7.15
C11 VSZ Q . -13.26 -26.07 6.57
O10 VSZ Q . -13.15 -28.45 7.26
C6 VSZ Q . -10.52 -25.28 9.64
C7 VSZ Q . -9.74 -25.66 7.38
C1 VSZ Q . -10.71 -28.19 8.48
O3 VSZ Q . -10.06 -28.66 7.57
N13 VSZ Q . -12.84 -25.43 5.50
C14 VSZ Q . -13.56 -24.32 4.92
C18 VSZ Q . -14.36 -24.79 3.71
O19 VSZ Q . -13.88 -25.51 2.87
C15 VSZ Q . -12.66 -23.15 4.49
C17 VSZ Q . -12.46 -22.18 5.63
C16 VSZ Q . -11.29 -23.65 4.09
N20 VSZ Q . -15.57 -24.33 3.63
C21 VSZ Q . -16.44 -24.65 2.50
C25 VSZ Q . -16.49 -23.51 1.47
O26 VSZ Q . -16.79 -22.38 1.86
C22 VSZ Q . -17.85 -24.89 2.99
C23 VSZ Q . -17.85 -26.10 3.87
C24 VSZ Q . -18.76 -25.11 1.81
C42 VSZ Q . -19.05 -26.02 4.78
O27 VSZ Q . -16.24 -23.81 0.28
C9 VSZ R . -19.30 -18.64 -14.58
C4 VSZ R . -19.62 -19.03 -13.17
C5 VSZ R . -18.87 -18.14 -12.17
O12 VSZ R . -20.45 -16.55 -14.84
C11 VSZ R . -19.39 -17.11 -14.81
O10 VSZ R . -20.24 -19.33 -15.35
C6 VSZ R . -19.30 -18.45 -10.76
C7 VSZ R . -17.39 -18.35 -12.24
C1 VSZ R . -19.35 -20.54 -13.04
O3 VSZ R . -18.36 -21.06 -13.48
N13 VSZ R . -18.25 -16.50 -15.06
C14 VSZ R . -18.19 -15.10 -15.33
C18 VSZ R . -17.94 -14.86 -16.81
O19 VSZ R . -17.19 -15.52 -17.45
C15 VSZ R . -17.16 -14.38 -14.48
C17 VSZ R . -17.26 -14.78 -13.04
C16 VSZ R . -15.77 -14.75 -14.90
N20 VSZ R . -18.62 -13.86 -17.29
C21 VSZ R . -18.50 -13.38 -18.66
C25 VSZ R . -17.79 -12.01 -18.68
O26 VSZ R . -18.00 -11.22 -17.75
C22 VSZ R . -19.88 -13.15 -19.15
C23 VSZ R . -20.56 -14.47 -19.34
C24 VSZ R . -19.79 -12.41 -20.45
C42 VSZ R . -22.05 -14.20 -19.43
O27 VSZ R . -17.10 -11.74 -19.66
C9 VSZ S . -7.41 -3.54 -29.65
C4 VSZ S . -8.66 -4.04 -28.99
C5 VSZ S . -8.65 -3.92 -27.47
O12 VSZ S . -7.61 -1.16 -29.39
C11 VSZ S . -6.99 -2.16 -29.13
O10 VSZ S . -7.64 -3.55 -31.03
C6 VSZ S . -9.92 -4.51 -26.91
C7 VSZ S . -7.53 -4.69 -26.85
C1 VSZ S . -8.80 -5.48 -29.46
O3 VSZ S . -7.85 -6.20 -29.56
N13 VSZ S . -5.90 -2.17 -28.42
C14 VSZ S . -5.31 -0.99 -27.83
C18 VSZ S . -4.10 -0.55 -28.62
O19 VSZ S . -3.25 -1.31 -28.97
C15 VSZ S . -4.83 -1.29 -26.42
C17 VSZ S . -4.17 -0.03 -25.87
C16 VSZ S . -6.00 -1.64 -25.52
N20 VSZ S . -4.02 0.72 -28.84
C21 VSZ S . -2.91 1.30 -29.55
C25 VSZ S . -1.91 1.88 -28.56
O26 VSZ S . -2.35 2.47 -27.56
C22 VSZ S . -3.53 2.36 -30.38
C23 VSZ S . -4.36 1.57 -31.32
C24 VSZ S . -2.51 3.17 -31.13
C42 VSZ S . -4.53 2.32 -32.60
O27 VSZ S . -0.71 1.69 -28.83
C9 VSZ T . 14.40 7.04 -26.79
C4 VSZ T . 12.98 7.02 -27.16
C5 VSZ T . 12.09 6.74 -25.98
O12 VSZ T . 14.55 9.06 -25.49
C11 VSZ T . 14.58 7.86 -25.51
O10 VSZ T . 15.11 7.55 -27.91
C6 VSZ T . 10.68 7.19 -26.32
C7 VSZ T . 12.00 5.26 -25.70
C1 VSZ T . 12.88 5.95 -28.23
O3 VSZ T . 13.37 4.85 -28.10
N13 VSZ T . 14.78 7.12 -24.42
C14 VSZ T . 15.05 7.71 -23.11
C18 VSZ T . 16.53 7.67 -22.79
O19 VSZ T . 17.21 6.68 -22.95
C15 VSZ T . 14.28 7.01 -21.98
C17 VSZ T . 12.82 7.30 -22.09
C16 VSZ T . 14.44 5.49 -22.02
N20 VSZ T . 16.99 8.76 -22.28
C21 VSZ T . 18.34 8.89 -21.77
C25 VSZ T . 18.25 9.23 -20.28
O26 VSZ T . 17.47 10.14 -19.93
C22 VSZ T . 19.01 9.99 -22.54
C23 VSZ T . 19.89 9.31 -23.55
C24 VSZ T . 19.88 10.81 -21.60
C42 VSZ T . 21.19 10.09 -23.77
O27 VSZ T . 18.92 8.56 -19.49
C9 VSZ U . 29.35 4.55 -7.71
C4 VSZ U . 28.74 5.39 -8.76
C5 VSZ U . 27.24 5.37 -8.60
O12 VSZ U . 29.08 5.99 -5.80
C11 VSZ U . 28.84 4.93 -6.30
O10 VSZ U . 30.73 4.72 -7.89
C6 VSZ U . 26.60 6.42 -9.49
C7 VSZ U . 26.69 4.04 -9.01
C1 VSZ U . 29.28 4.81 -10.09
O3 VSZ U . 29.32 3.61 -10.31
N13 VSZ U . 28.14 4.00 -5.70
C14 VSZ U . 27.60 4.09 -4.36
C18 VSZ U . 28.49 3.31 -3.40
O19 VSZ U . 28.79 2.16 -3.61
C15 VSZ U . 26.23 3.48 -4.29
C17 VSZ U . 25.81 3.42 -2.84
C16 VSZ U . 25.27 4.33 -5.06
N20 VSZ U . 28.84 3.94 -2.32
C21 VSZ U . 29.62 3.32 -1.26
C25 VSZ U . 28.66 2.68 -0.27
O26 VSZ U . 28.44 3.28 0.80
C22 VSZ U . 30.45 4.38 -0.59
C23 VSZ U . 31.42 4.81 -1.63
C24 VSZ U . 31.22 3.78 0.57
C42 VSZ U . 32.14 6.06 -1.18
O27 VSZ U . 28.13 1.63 -0.62
C9 VSZ V . 15.26 26.52 -3.03
C4 VSZ V . 16.07 25.85 -1.94
C5 VSZ V . 15.40 24.70 -1.24
O12 VSZ V . 15.87 25.48 -5.12
C11 VSZ V . 15.02 25.67 -4.29
O10 VSZ V . 15.88 27.78 -3.34
C6 VSZ V . 14.70 23.79 -2.16
C7 VSZ V . 16.49 23.91 -0.55
C1 VSZ V . 16.16 26.88 -0.87
O3 VSZ V . 15.15 27.41 -0.44
N13 VSZ V . 13.81 25.22 -4.41
C14 VSZ V . 13.39 24.49 -5.56
C18 VSZ V . 12.61 25.40 -6.49
O19 VSZ V . 11.81 26.21 -6.09
C15 VSZ V . 12.47 23.37 -5.10
C17 VSZ V . 12.02 22.59 -6.32
C16 VSZ V . 13.25 22.43 -4.21
N20 VSZ V . 12.82 25.22 -7.77
C21 VSZ V . 12.11 25.93 -8.80
C25 VSZ V . 11.05 25.03 -9.32
O26 VSZ V . 11.41 23.89 -9.68
C22 VSZ V . 13.10 26.23 -9.86
C23 VSZ V . 14.01 27.18 -9.18
C24 VSZ V . 12.43 26.90 -11.03
C42 VSZ V . 14.96 27.76 -10.20
O27 VSZ V . 9.90 25.46 -9.30
C9 VSZ W . -3.46 24.65 -18.29
C4 VSZ W . -1.99 24.78 -18.02
C5 VSZ W . -1.45 23.94 -16.88
O12 VSZ W . -3.64 22.94 -19.94
C11 VSZ W . -3.88 23.28 -18.82
O10 VSZ W . -3.79 25.67 -19.22
C6 VSZ W . -2.45 22.97 -16.36
C7 VSZ W . -0.20 23.21 -17.30
C1 VSZ W . -1.89 26.19 -17.47
O3 VSZ W . -2.65 26.59 -16.62
N13 VSZ W . -4.62 22.56 -17.96
C14 VSZ W . -5.13 21.24 -18.30
C18 VSZ W . -6.57 21.34 -18.66
O19 VSZ W . -7.35 22.02 -18.02
C15 VSZ W . -4.99 20.29 -17.11
C17 VSZ W . -3.54 20.05 -16.85
C16 VSZ W . -5.57 20.93 -15.87
N20 VSZ W . -6.93 20.61 -19.68
C21 VSZ W . -8.31 20.58 -20.13
C25 VSZ W . -9.03 19.30 -19.69
O26 VSZ W . -10.07 19.44 -19.04
C22 VSZ W . -8.28 20.63 -21.63
C23 VSZ W . -7.82 22.01 -22.06
C24 VSZ W . -9.66 20.37 -22.18
C42 VSZ W . -7.45 21.97 -23.53
O27 VSZ W . -8.56 18.21 -20.03
C9 VSZ X . -23.97 11.78 -15.63
C4 VSZ X . -22.80 12.33 -16.41
C5 VSZ X . -21.43 12.37 -15.78
O12 VSZ X . -24.10 9.44 -16.18
C11 VSZ X . -23.85 10.26 -15.35
O10 VSZ X . -25.16 12.12 -16.34
C6 VSZ X . -21.30 11.53 -14.55
C7 VSZ X . -20.40 11.97 -16.83
C1 VSZ X . -23.10 13.80 -16.43
O3 VSZ X . -23.38 14.38 -15.40
N13 VSZ X . -23.51 9.98 -14.12
C14 VSZ X . -23.39 8.64 -13.63
C18 VSZ X . -24.68 8.25 -12.92
O19 VSZ X . -25.17 8.91 -12.05
C15 VSZ X . -22.26 8.52 -12.62
C17 VSZ X . -22.15 7.06 -12.23
C16 VSZ X . -20.96 8.90 -13.24
N20 VSZ X . -25.16 7.10 -13.28
C21 VSZ X . -26.32 6.51 -12.67
C25 VSZ X . -25.83 5.51 -11.62
O26 VSZ X . -26.20 5.68 -10.45
C22 VSZ X . -27.10 5.78 -13.75
C23 VSZ X . -28.02 6.75 -14.41
C24 VSZ X . -27.96 4.76 -13.06
C42 VSZ X . -28.39 6.25 -15.77
O27 VSZ X . -25.07 4.59 -11.97
C9 VSZ Y . -30.58 -2.60 3.16
C4 VSZ Y . -30.41 -2.34 1.69
C5 VSZ Y . -28.96 -2.31 1.29
O12 VSZ Y . -29.81 -4.85 3.16
C11 VSZ Y . -29.63 -3.73 3.55
O10 VSZ Y . -31.93 -2.95 3.36
C6 VSZ Y . -28.85 -2.30 -0.21
C7 VSZ Y . -28.26 -1.06 1.78
C1 VSZ Y . -31.17 -1.04 1.45
O3 VSZ Y . -31.05 -0.08 2.18
N13 VSZ Y . -28.64 -3.38 4.34
C14 VSZ Y . -27.66 -4.32 4.82
C18 VSZ Y . -27.80 -4.52 6.33
O19 VSZ Y . -28.00 -3.61 7.09
C15 VSZ Y . -26.24 -3.96 4.40
C17 VSZ Y . -25.78 -2.65 4.99
C16 VSZ Y . -25.31 -5.03 4.92
N20 VSZ Y . -27.73 -5.76 6.70
C21 VSZ Y . -27.75 -6.21 8.08
C25 VSZ Y . -26.34 -6.37 8.50
O26 VSZ Y . -25.92 -5.58 9.34
C22 VSZ Y . -28.40 -7.55 8.11
C23 VSZ Y . -29.69 -7.37 7.39
C24 VSZ Y . -28.68 -7.92 9.54
C42 VSZ Y . -30.33 -8.73 7.18
O27 VSZ Y . -25.69 -7.28 7.97
C9 VSZ Z . -18.25 -7.36 23.74
C4 VSZ Z . -19.09 -7.79 22.58
C5 VSZ Z . -18.39 -7.62 21.27
O12 VSZ Z . -16.56 -9.07 23.74
C11 VSZ Z . -16.82 -7.91 23.61
O10 VSZ Z . -18.91 -7.82 24.90
C6 VSZ Z . -19.33 -8.15 20.21
C7 VSZ Z . -18.10 -6.16 20.96
C1 VSZ Z . -20.37 -6.98 22.68
O3 VSZ Z . -20.36 -5.79 22.92
N13 VSZ Z . -15.92 -7.00 23.38
C14 VSZ Z . -14.53 -7.35 23.28
C18 VSZ Z . -13.78 -6.92 24.55
O19 VSZ Z . -13.94 -5.87 25.09
C15 VSZ Z . -13.91 -6.80 22.00
C17 VSZ Z . -14.16 -5.32 21.86
C16 VSZ Z . -12.41 -6.99 22.01
N20 VSZ Z . -12.94 -7.81 24.96
C21 VSZ Z . -12.01 -7.62 26.06
C25 VSZ Z . -10.59 -7.50 25.50
O26 VSZ Z . -10.11 -6.38 25.29
C22 VSZ Z . -12.06 -8.85 26.90
C23 VSZ Z . -13.39 -8.89 27.51
C24 VSZ Z . -10.99 -8.74 27.96
C42 VSZ Z . -13.31 -9.67 28.80
O27 VSZ Z . -9.98 -8.57 25.30
C9 VSZ AA . 3.48 0.89 30.88
C4 VSZ AA . 2.48 -0.19 30.73
C5 VSZ AA . 2.23 -0.52 29.27
O12 VSZ AA . 5.46 -0.30 30.17
C11 VSZ AA . 4.68 0.60 29.95
O10 VSZ AA . 3.82 0.92 32.25
C6 VSZ AA . 1.60 -1.90 29.16
C7 VSZ AA . 1.29 0.48 28.65
C1 VSZ AA . 1.25 0.24 31.55
O3 VSZ AA . 0.84 1.37 31.56
N13 VSZ AA . 4.77 1.42 28.92
C14 VSZ AA . 5.85 1.33 27.96
C18 VSZ AA . 6.83 2.48 28.20
O19 VSZ AA . 6.49 3.62 28.39
C15 VSZ AA . 5.30 1.29 26.55
C17 VSZ AA . 4.40 2.46 26.26
C16 VSZ AA . 6.46 1.33 25.59
N20 VSZ AA . 8.10 2.13 28.14
C21 VSZ AA . 9.13 3.12 28.34
C25 VSZ AA . 9.64 3.78 27.06
O26 VSZ AA . 9.70 5.02 27.09
C22 VSZ AA . 10.20 2.43 29.11
C23 VSZ AA . 9.50 1.98 30.35
C24 VSZ AA . 11.28 3.45 29.44
C42 VSZ AA . 10.46 1.47 31.40
O27 VSZ AA . 9.96 3.08 26.08
C9 VSZ BA . 18.33 15.87 18.77
C4 VSZ BA . 18.18 14.68 19.66
C5 VSZ BA . 17.36 13.61 18.98
O12 VSZ BA . 19.88 15.03 17.13
C11 VSZ BA . 18.77 15.45 17.35
O10 VSZ BA . 19.22 16.75 19.40
C6 VSZ BA . 17.17 12.42 19.89
C7 VSZ BA . 16.00 14.15 18.67
C1 VSZ BA . 17.53 15.22 20.93
O3 VSZ BA . 16.61 16.01 20.90
N13 VSZ BA . 17.85 15.65 16.42
C14 VSZ BA . 18.12 15.36 15.03
C18 VSZ BA . 18.44 16.64 14.30
O19 VSZ BA . 17.85 17.66 14.50
C15 VSZ BA . 17.02 14.57 14.29
C17 VSZ BA . 15.64 15.12 14.49
C16 VSZ BA . 17.28 14.61 12.80
N20 VSZ BA . 19.41 16.51 13.45
C21 VSZ BA . 19.85 17.53 12.53
C25 VSZ BA . 19.51 17.06 11.12
O26 VSZ BA . 19.71 15.88 10.79
C22 VSZ BA . 21.33 17.67 12.63
C23 VSZ BA . 21.65 18.01 14.05
C24 VSZ BA . 21.77 18.83 11.75
C42 VSZ BA . 23.16 18.01 14.21
O27 VSZ BA . 19.06 17.92 10.36
#